data_6JBS
#
_entry.id   6JBS
#
_cell.length_a   131.913
_cell.length_b   131.913
_cell.length_c   385.937
_cell.angle_alpha   90.00
_cell.angle_beta   90.00
_cell.angle_gamma   90.00
#
_symmetry.space_group_name_H-M   'P 43 21 2'
#
loop_
_entity.id
_entity.type
_entity.pdbx_description
1 polymer Beta-D-xylosidase/beta-D-glucosidase
2 branched beta-D-mannopyranose-(1-4)-2-acetamido-2-deoxy-beta-D-glucopyranose-(1-4)-2-acetamido-2-deoxy-beta-D-glucopyranose
3 branched alpha-D-mannopyranose-(1-2)-beta-D-mannopyranose-(1-3)-[alpha-D-mannopyranose-(1-3)-alpha-D-mannopyranose-(1-6)]beta-D-mannopyranose-(1-4)-2-acetamido-2-deoxy-beta-D-glucopyranose-(1-4)-2-acetamido-2-deoxy-beta-D-glucopyranose
4 branched alpha-D-mannopyranose-(1-2)-alpha-D-mannopyranose-(1-2)-alpha-D-mannopyranose-(1-3)-alpha-D-mannopyranose-(1-4)-2-acetamido-2-deoxy-beta-D-glucopyranose-(1-4)-2-acetamido-2-deoxy-beta-D-glucopyranose
5 branched alpha-D-mannopyranose-(1-4)-2-acetamido-2-deoxy-beta-D-glucopyranose-(1-4)-2-acetamido-2-deoxy-beta-D-glucopyranose
6 branched alpha-D-mannopyranose-(1-2)-alpha-D-mannopyranose-(1-3)-[alpha-D-mannopyranose-(1-3)-alpha-D-mannopyranose-(1-6)]beta-D-mannopyranose-(1-4)-2-acetamido-2-deoxy-beta-D-glucopyranose-(1-4)-2-acetamido-2-deoxy-beta-D-glucopyranose
7 branched 2-acetamido-2-deoxy-beta-D-glucopyranose-(1-4)-2-acetamido-2-deoxy-beta-D-glucopyranose
8 branched beta-D-mannopyranose-(1-3)-[alpha-D-mannopyranose-(1-6)]alpha-D-mannopyranose-(1-4)-2-acetamido-2-deoxy-beta-D-glucopyranose-(1-4)-2-acetamido-2-deoxy-beta-D-glucopyranose
9 branched alpha-D-mannopyranose-(1-2)-alpha-D-mannopyranose-(1-2)-[alpha-D-mannopyranose-(1-6)]alpha-D-mannopyranose-(1-3)-alpha-D-mannopyranose-(1-4)-2-acetamido-2-deoxy-beta-D-glucopyranose-(1-4)-2-acetamido-2-deoxy-beta-D-glucopyranose
10 non-polymer 2-acetamido-2-deoxy-beta-D-glucopyranose
11 non-polymer 2-AMINO-2-HYDROXYMETHYL-PROPANE-1,3-DIOL
12 water water
#
_entity_poly.entity_id   1
_entity_poly.type   'polypeptide(L)'
_entity_poly.pdbx_seq_one_letter_code
;MFPARLSLAVLFSVSPALAYFSGLGLGSERSIFRRDLNSTGDESNSTQWPAPLANGGKSWASAFKKAKATVTEMTVEELA
NITSGVIGLCSGVTGAVTRLGIPEFCLQDGPIGPRGVHGSSQFPAGLTVAATWDRTLMYARARGMGQEFHDQGVHLALAP
VTGGPLGRTPLNGRGWEGTFADPYACGEASYLSVKGLTDAGVATVSKHWIAYEQETSRNLYIDIDGVSQADIQLPISSNV
DDLTMHELYMWSFAEAVRAGTNHIMCSYNRINNTHSCSNAKGLNQLLKTELNFQGGVVSDWGGQWDSVPAAENGLDVAMP
GKGFLGALGDFWGATLVELINNGTVSEDLVRDKAVRILTGYYYLGQDTNPPPPFVYNTIGAPTLNATSGYRNVRKPGTAE
LIKEIGSASVTLLKNTGSLPLKHPQRIAVLGNDATYNVLGPNACGLANSACDIDNLNGTLTTGGGSGSALSPYTITPLEA
LQKRAIEDNAEIAAVVANSNTTTGAEDAIAALLPDADVTFVFLNRYSEEGADAPDFSLGGDGDNLMDLAVTYSSNVVVVI
HTTGVVDIEKWADNPNVTAILVAYLPGQEAGNSLVPVLYGDVAPSGKLPWTWGKSIDDYVPNGVVYTDAYSPQSNFTEGV
FIDYRWFDKMGITPRYEFGFGLSYTTFTYSNLIVDHGRWAKDYSSVMETAEPFAEWDGTNSLYDVIFTVFATITNTGNLT
GSEVAQLYISIPGDNQPVRQLRGFDKIKDLPVGDSAVVTFPIRRKDVSSWSVVDQLWYVPNGDFLISVGGSSRDLPLNTT
WTPHHHHHH
;
_entity_poly.pdbx_strand_id   A,B,C,D
#
# COMPACT_ATOMS: atom_id res chain seq x y z
N GLU A 43 -13.23 -62.18 42.98
CA GLU A 43 -13.35 -63.40 42.21
C GLU A 43 -12.32 -63.54 41.10
N SER A 44 -12.50 -62.73 40.06
CA SER A 44 -11.66 -62.67 38.87
C SER A 44 -10.97 -61.31 38.78
N ASN A 45 -10.64 -60.78 39.94
CA ASN A 45 -10.01 -59.51 40.05
C ASN A 45 -8.53 -59.55 39.76
N SER A 46 -8.21 -59.42 38.50
CA SER A 46 -6.87 -59.47 37.98
C SER A 46 -6.06 -58.23 38.13
N THR A 47 -6.72 -57.09 38.21
CA THR A 47 -5.98 -55.84 38.38
C THR A 47 -6.02 -55.37 39.83
N GLN A 48 -4.92 -54.77 40.26
CA GLN A 48 -4.82 -54.11 41.56
C GLN A 48 -5.60 -52.80 41.59
N TRP A 49 -5.64 -52.11 40.44
CA TRP A 49 -6.37 -50.86 40.30
C TRP A 49 -7.50 -51.03 39.29
N PRO A 50 -8.74 -51.10 39.79
CA PRO A 50 -9.86 -51.31 38.88
C PRO A 50 -10.15 -50.06 38.04
N ALA A 51 -10.71 -50.28 36.86
CA ALA A 51 -11.13 -49.19 35.98
C ALA A 51 -12.32 -48.42 36.57
N PRO A 52 -12.10 -47.18 37.04
CA PRO A 52 -13.25 -46.46 37.60
C PRO A 52 -14.20 -45.98 36.51
N LEU A 53 -15.51 -46.06 36.77
CA LEU A 53 -16.52 -45.71 35.78
C LEU A 53 -16.55 -44.20 35.52
N ALA A 54 -16.69 -43.81 34.26
CA ALA A 54 -16.90 -42.40 33.90
C ALA A 54 -18.18 -41.91 34.55
N ASN A 55 -18.18 -40.66 34.98
CA ASN A 55 -19.40 -40.01 35.46
C ASN A 55 -19.68 -38.61 34.88
N GLY A 56 -18.86 -38.16 33.93
CA GLY A 56 -19.00 -36.80 33.36
C GLY A 56 -18.22 -35.68 34.05
N GLY A 57 -17.84 -35.85 35.31
CA GLY A 57 -17.12 -34.80 36.04
C GLY A 57 -17.88 -33.49 36.11
N LYS A 58 -17.18 -32.39 35.88
CA LYS A 58 -17.74 -31.05 36.07
C LYS A 58 -18.54 -30.58 34.85
N SER A 59 -17.85 -30.32 33.74
CA SER A 59 -18.49 -29.66 32.60
C SER A 59 -19.25 -30.59 31.68
N TRP A 60 -18.94 -31.90 31.69
CA TRP A 60 -19.52 -32.84 30.72
C TRP A 60 -20.73 -33.60 31.24
N ALA A 61 -21.39 -33.07 32.27
CA ALA A 61 -22.45 -33.81 32.96
C ALA A 61 -23.58 -34.20 32.02
N SER A 62 -24.07 -33.24 31.25
CA SER A 62 -25.17 -33.51 30.31
C SER A 62 -24.73 -34.38 29.15
N ALA A 63 -23.48 -34.22 28.72
CA ALA A 63 -22.92 -35.01 27.61
C ALA A 63 -22.72 -36.46 28.06
N PHE A 64 -22.23 -36.62 29.28
CA PHE A 64 -22.16 -37.95 29.90
C PHE A 64 -23.53 -38.63 29.92
N LYS A 65 -24.56 -37.90 30.34
CA LYS A 65 -25.90 -38.48 30.42
C LYS A 65 -26.39 -38.99 29.06
N LYS A 66 -26.13 -38.23 27.98
CA LYS A 66 -26.50 -38.64 26.62
C LYS A 66 -25.69 -39.84 26.19
N ALA A 67 -24.37 -39.72 26.34
CA ALA A 67 -23.43 -40.81 26.03
C ALA A 67 -23.85 -42.13 26.68
N LYS A 68 -24.07 -42.09 27.98
CA LYS A 68 -24.55 -43.25 28.75
C LYS A 68 -25.88 -43.77 28.22
N ALA A 69 -26.80 -42.87 27.84
CA ALA A 69 -28.10 -43.25 27.28
C ALA A 69 -27.95 -44.01 25.95
N THR A 70 -27.18 -43.44 25.01
CA THR A 70 -26.88 -44.09 23.73
C THR A 70 -26.18 -45.44 23.92
N VAL A 71 -25.14 -45.48 24.75
CA VAL A 71 -24.37 -46.72 24.99
C VAL A 71 -25.24 -47.85 25.58
N THR A 72 -26.17 -47.53 26.47
CA THR A 72 -27.10 -48.52 27.03
C THR A 72 -27.87 -49.27 25.92
N GLU A 73 -28.17 -48.58 24.81
CA GLU A 73 -28.82 -49.21 23.65
C GLU A 73 -27.95 -50.11 22.80
N MET A 74 -26.63 -49.98 22.93
CA MET A 74 -25.70 -50.65 22.02
C MET A 74 -25.60 -52.16 22.24
N THR A 75 -25.60 -52.90 21.15
CA THR A 75 -25.30 -54.33 21.17
C THR A 75 -23.79 -54.52 21.37
N VAL A 76 -23.39 -55.75 21.70
CA VAL A 76 -21.98 -56.09 21.82
C VAL A 76 -21.24 -55.79 20.52
N GLU A 77 -21.83 -56.16 19.39
CA GLU A 77 -21.22 -55.89 18.08
C GLU A 77 -20.91 -54.39 17.90
N GLU A 78 -21.87 -53.55 18.28
CA GLU A 78 -21.76 -52.10 18.16
C GLU A 78 -20.71 -51.50 19.09
N LEU A 79 -20.65 -52.02 20.33
CA LEU A 79 -19.61 -51.64 21.29
C LEU A 79 -18.21 -51.84 20.71
N ALA A 80 -18.00 -52.98 20.04
CA ALA A 80 -16.71 -53.30 19.45
C ALA A 80 -16.42 -52.48 18.21
N ASN A 81 -17.46 -51.98 17.56
CA ASN A 81 -17.33 -51.18 16.34
C ASN A 81 -16.75 -49.81 16.67
N ILE A 82 -17.31 -49.14 17.68
CA ILE A 82 -16.88 -47.79 18.03
C ILE A 82 -15.52 -47.76 18.73
N THR A 83 -15.16 -48.85 19.40
CA THR A 83 -13.90 -48.92 20.12
C THR A 83 -12.73 -49.41 19.29
N SER A 84 -12.91 -49.64 18.00
CA SER A 84 -11.80 -50.10 17.15
C SER A 84 -11.84 -49.38 15.84
N GLY A 85 -10.66 -49.11 15.29
CA GLY A 85 -10.51 -48.35 14.07
C GLY A 85 -10.96 -49.08 12.82
N VAL A 86 -11.46 -48.33 11.85
CA VAL A 86 -11.87 -48.86 10.55
C VAL A 86 -11.14 -48.06 9.47
N ILE A 87 -11.24 -48.52 8.23
CA ILE A 87 -10.52 -47.92 7.10
C ILE A 87 -11.17 -46.59 6.75
N GLY A 88 -10.33 -45.60 6.49
CA GLY A 88 -10.83 -44.30 6.10
C GLY A 88 -9.73 -43.32 5.75
N LEU A 89 -10.20 -42.11 5.43
CA LEU A 89 -9.36 -41.07 4.83
C LEU A 89 -8.50 -40.37 5.89
N CYS A 90 -8.95 -40.42 7.13
CA CYS A 90 -8.27 -39.76 8.23
C CYS A 90 -7.26 -40.71 8.83
N SER A 91 -6.31 -40.15 9.58
CA SER A 91 -5.29 -40.91 10.32
C SER A 91 -5.91 -42.12 11.02
N GLY A 92 -7.01 -41.89 11.72
CA GLY A 92 -7.79 -42.94 12.38
C GLY A 92 -9.27 -42.67 12.22
N VAL A 93 -10.07 -43.73 12.23
CA VAL A 93 -11.53 -43.63 12.13
C VAL A 93 -12.18 -44.65 13.04
N THR A 94 -13.05 -44.20 13.94
CA THR A 94 -13.86 -45.13 14.75
C THR A 94 -14.96 -45.68 13.87
N GLY A 95 -15.36 -46.93 14.10
CA GLY A 95 -16.48 -47.52 13.41
C GLY A 95 -17.76 -46.81 13.82
N ALA A 96 -18.69 -46.73 12.89
CA ALA A 96 -19.99 -46.11 13.16
C ALA A 96 -20.84 -46.99 14.07
N VAL A 97 -21.92 -46.43 14.58
CA VAL A 97 -23.00 -47.20 15.18
C VAL A 97 -24.21 -46.76 14.37
N THR A 98 -24.44 -47.41 13.23
CA THR A 98 -25.30 -46.79 12.22
C THR A 98 -26.79 -46.85 12.60
N ARG A 99 -27.15 -47.82 13.41
CA ARG A 99 -28.51 -47.96 13.93
C ARG A 99 -28.92 -46.83 14.88
N LEU A 100 -27.96 -46.28 15.63
CA LEU A 100 -28.23 -45.15 16.53
C LEU A 100 -27.84 -43.78 15.97
N GLY A 101 -27.50 -43.71 14.68
CA GLY A 101 -27.13 -42.46 14.04
C GLY A 101 -25.78 -41.89 14.45
N ILE A 102 -24.91 -42.74 15.01
CA ILE A 102 -23.58 -42.31 15.41
C ILE A 102 -22.68 -42.49 14.19
N PRO A 103 -22.10 -41.40 13.68
CA PRO A 103 -21.26 -41.51 12.50
C PRO A 103 -19.88 -42.03 12.87
N GLU A 104 -19.10 -42.35 11.84
CA GLU A 104 -17.67 -42.56 11.99
C GLU A 104 -17.06 -41.26 12.52
N PHE A 105 -16.07 -41.36 13.40
CA PHE A 105 -15.28 -40.19 13.80
C PHE A 105 -13.94 -40.18 13.09
N CYS A 106 -13.63 -39.02 12.52
CA CYS A 106 -12.34 -38.72 11.91
C CYS A 106 -11.38 -38.26 13.00
N LEU A 107 -10.40 -39.13 13.32
CA LEU A 107 -9.28 -38.75 14.19
C LEU A 107 -8.14 -38.34 13.27
N GLN A 108 -7.66 -37.10 13.41
CA GLN A 108 -6.67 -36.57 12.47
C GLN A 108 -5.48 -35.90 13.13
N ASP A 109 -4.28 -36.24 12.67
CA ASP A 109 -3.07 -35.51 13.06
C ASP A 109 -3.18 -34.10 12.51
N GLY A 110 -2.44 -33.13 13.07
CA GLY A 110 -1.52 -33.29 14.19
C GLY A 110 -1.37 -31.99 14.95
N PRO A 111 -0.33 -31.90 15.79
CA PRO A 111 -0.27 -30.73 16.69
C PRO A 111 0.11 -29.37 16.11
N ILE A 112 0.32 -29.25 14.79
CA ILE A 112 0.33 -27.93 14.13
C ILE A 112 -0.90 -27.65 13.26
N GLY A 113 -1.87 -28.55 13.26
CA GLY A 113 -3.06 -28.44 12.42
C GLY A 113 -3.28 -29.70 11.60
N PRO A 114 -4.39 -29.75 10.83
CA PRO A 114 -4.70 -30.93 10.04
C PRO A 114 -3.63 -31.26 9.01
N ARG A 115 -3.11 -32.48 9.08
CA ARG A 115 -2.00 -32.94 8.23
C ARG A 115 -2.50 -33.68 6.99
N GLY A 116 -1.76 -33.56 5.89
CA GLY A 116 -2.05 -34.28 4.63
C GLY A 116 -3.19 -33.68 3.84
N VAL A 117 -3.43 -32.40 4.10
CA VAL A 117 -4.66 -31.71 3.73
C VAL A 117 -4.22 -30.46 2.94
N HIS A 118 -4.83 -30.22 1.77
CA HIS A 118 -4.64 -28.96 1.06
C HIS A 118 -5.67 -27.95 1.54
N GLY A 119 -5.45 -26.67 1.21
CA GLY A 119 -6.37 -25.60 1.54
C GLY A 119 -6.33 -25.16 2.99
N SER A 120 -5.23 -25.48 3.67
CA SER A 120 -5.02 -25.11 5.06
C SER A 120 -3.75 -24.29 5.16
N SER A 121 -3.47 -23.81 6.38
CA SER A 121 -2.27 -23.01 6.68
C SER A 121 -1.27 -23.88 7.44
N GLN A 122 0.03 -23.67 7.22
CA GLN A 122 1.07 -24.32 8.05
C GLN A 122 1.43 -23.46 9.28
N PHE A 123 0.91 -23.86 10.44
CA PHE A 123 1.13 -23.12 11.67
C PHE A 123 2.56 -23.37 12.23
N PRO A 124 3.05 -22.47 13.09
CA PRO A 124 4.32 -22.76 13.76
C PRO A 124 4.14 -23.87 14.75
N ALA A 125 5.22 -24.60 14.99
CA ALA A 125 5.24 -25.74 15.90
C ALA A 125 5.12 -25.31 17.36
N GLY A 126 4.72 -26.23 18.22
CA GLY A 126 4.60 -25.96 19.67
C GLY A 126 5.83 -25.29 20.26
N LEU A 127 7.00 -25.80 19.87
CA LEU A 127 8.30 -25.21 20.22
C LEU A 127 8.36 -23.70 19.99
N THR A 128 7.84 -23.30 18.84
CA THR A 128 7.81 -21.92 18.44
C THR A 128 6.85 -21.07 19.29
N VAL A 129 5.60 -21.50 19.57
CA VAL A 129 4.74 -20.70 20.49
C VAL A 129 5.28 -20.66 21.90
N ALA A 130 5.91 -21.75 22.35
CA ALA A 130 6.56 -21.78 23.67
C ALA A 130 7.52 -20.59 23.81
N ALA A 131 8.31 -20.37 22.77
CA ALA A 131 9.32 -19.32 22.80
C ALA A 131 8.74 -17.91 22.82
N THR A 132 7.46 -17.75 22.50
CA THR A 132 6.79 -16.45 22.72
C THR A 132 6.59 -16.12 24.17
N TRP A 133 6.46 -17.14 25.02
CA TRP A 133 6.02 -16.97 26.42
C TRP A 133 4.74 -16.11 26.53
N ASP A 134 3.89 -16.19 25.50
CA ASP A 134 2.71 -15.36 25.35
C ASP A 134 1.47 -16.25 25.33
N ARG A 135 0.81 -16.35 26.50
CA ARG A 135 -0.44 -17.09 26.67
C ARG A 135 -1.52 -16.75 25.63
N THR A 136 -1.70 -15.47 25.31
CA THR A 136 -2.64 -15.03 24.25
C THR A 136 -2.37 -15.73 22.92
N LEU A 137 -1.11 -15.80 22.52
CA LEU A 137 -0.70 -16.47 21.25
C LEU A 137 -0.83 -17.98 21.36
N MET A 138 -0.43 -18.54 22.50
CA MET A 138 -0.65 -19.96 22.76
C MET A 138 -2.11 -20.36 22.50
N TYR A 139 -3.04 -19.57 23.02
CA TYR A 139 -4.46 -19.85 22.85
C TYR A 139 -4.92 -19.64 21.40
N ALA A 140 -4.53 -18.50 20.80
CA ALA A 140 -5.05 -18.11 19.48
C ALA A 140 -4.56 -19.04 18.38
N ARG A 141 -3.33 -19.51 18.51
CA ARG A 141 -2.76 -20.53 17.65
C ARG A 141 -3.63 -21.77 17.62
N ALA A 142 -3.94 -22.27 18.81
CA ALA A 142 -4.75 -23.47 18.97
C ALA A 142 -6.20 -23.28 18.48
N ARG A 143 -6.78 -22.11 18.75
CA ARG A 143 -8.12 -21.75 18.25
C ARG A 143 -8.18 -21.72 16.72
N GLY A 144 -7.14 -21.22 16.08
CA GLY A 144 -7.07 -21.19 14.62
C GLY A 144 -6.82 -22.56 14.01
N MET A 145 -5.89 -23.31 14.59
CA MET A 145 -5.76 -24.74 14.26
C MET A 145 -7.12 -25.46 14.38
N GLY A 146 -7.85 -25.16 15.45
CA GLY A 146 -9.17 -25.73 15.72
C GLY A 146 -10.22 -25.41 14.69
N GLN A 147 -10.28 -24.13 14.30
CA GLN A 147 -11.11 -23.69 13.17
C GLN A 147 -10.78 -24.48 11.90
N GLU A 148 -9.50 -24.61 11.55
CA GLU A 148 -9.14 -25.36 10.33
C GLU A 148 -9.40 -26.87 10.45
N PHE A 149 -9.13 -27.46 11.62
CA PHE A 149 -9.54 -28.83 11.93
C PHE A 149 -11.03 -29.07 11.68
N HIS A 150 -11.89 -28.32 12.37
CA HIS A 150 -13.33 -28.48 12.24
C HIS A 150 -13.76 -28.34 10.80
N ASP A 151 -13.30 -27.28 10.13
CA ASP A 151 -13.72 -26.99 8.76
C ASP A 151 -13.22 -28.00 7.76
N GLN A 152 -12.16 -28.73 8.08
CA GLN A 152 -11.77 -29.89 7.28
C GLN A 152 -12.57 -31.18 7.55
N GLY A 153 -13.37 -31.22 8.60
CA GLY A 153 -14.17 -32.40 8.93
C GLY A 153 -13.65 -33.26 10.07
N VAL A 154 -12.76 -32.73 10.90
CA VAL A 154 -12.13 -33.54 11.94
C VAL A 154 -12.97 -33.50 13.21
N HIS A 155 -13.29 -34.67 13.75
CA HIS A 155 -13.98 -34.81 15.05
C HIS A 155 -12.97 -34.73 16.19
N LEU A 156 -11.89 -35.51 16.07
CA LEU A 156 -10.83 -35.60 17.09
C LEU A 156 -9.46 -35.21 16.52
N ALA A 157 -8.87 -34.14 17.05
CA ALA A 157 -7.51 -33.75 16.70
C ALA A 157 -6.48 -34.54 17.52
N LEU A 158 -5.49 -35.14 16.86
CA LEU A 158 -4.42 -35.87 17.55
C LEU A 158 -3.36 -34.87 17.98
N ALA A 159 -3.74 -34.12 19.03
CA ALA A 159 -3.08 -32.91 19.43
C ALA A 159 -3.77 -32.40 20.71
N PRO A 160 -3.08 -31.61 21.53
CA PRO A 160 -1.67 -31.24 21.38
C PRO A 160 -0.71 -32.25 22.03
N VAL A 161 0.60 -31.98 21.95
CA VAL A 161 1.57 -32.70 22.74
C VAL A 161 1.68 -31.97 24.08
N THR A 162 1.22 -32.64 25.15
CA THR A 162 1.09 -32.04 26.47
C THR A 162 1.97 -32.76 27.49
N GLY A 163 3.25 -32.86 27.18
CA GLY A 163 4.26 -33.42 28.12
C GLY A 163 4.79 -34.82 27.86
N GLY A 164 4.72 -35.27 26.60
CA GLY A 164 5.27 -36.55 26.20
C GLY A 164 5.55 -36.52 24.70
N PRO A 165 6.79 -36.20 24.28
CA PRO A 165 7.93 -35.95 25.15
C PRO A 165 7.91 -34.59 25.81
N LEU A 166 8.37 -34.54 27.06
CA LEU A 166 8.55 -33.29 27.80
C LEU A 166 9.90 -32.63 27.53
N GLY A 167 10.98 -33.41 27.55
CA GLY A 167 12.34 -32.87 27.36
C GLY A 167 13.48 -33.48 28.16
N ARG A 168 13.41 -34.77 28.47
CA ARG A 168 14.47 -35.49 29.17
C ARG A 168 15.76 -35.49 28.34
N THR A 169 15.64 -35.64 27.01
CA THR A 169 16.79 -35.54 26.10
C THR A 169 16.57 -34.44 25.08
N PRO A 170 17.57 -33.56 24.87
CA PRO A 170 17.49 -32.50 23.85
C PRO A 170 17.72 -33.01 22.41
N LEU A 171 18.00 -34.30 22.27
CA LEU A 171 18.13 -34.98 20.99
C LEU A 171 16.83 -35.62 20.48
N ASN A 172 15.73 -35.52 21.24
CA ASN A 172 14.47 -36.18 20.89
C ASN A 172 14.03 -35.66 19.53
N GLY A 173 13.81 -36.58 18.60
CA GLY A 173 13.45 -36.22 17.24
C GLY A 173 12.14 -35.45 17.08
N ARG A 174 11.24 -35.62 18.03
CA ARG A 174 9.96 -34.93 18.02
C ARG A 174 9.69 -34.03 19.25
N GLY A 175 10.75 -33.65 19.97
CA GLY A 175 10.64 -32.68 21.07
C GLY A 175 10.01 -31.38 20.61
N TRP A 176 10.28 -31.02 19.34
CA TRP A 176 9.69 -29.84 18.69
C TRP A 176 8.17 -29.74 18.75
N GLU A 177 7.49 -30.89 18.67
CA GLU A 177 6.02 -30.94 18.77
C GLU A 177 5.42 -30.47 20.11
N GLY A 178 6.21 -30.57 21.18
CA GLY A 178 5.83 -30.09 22.50
C GLY A 178 6.13 -28.62 22.65
N THR A 179 6.23 -28.14 23.89
CA THR A 179 6.45 -26.72 24.13
C THR A 179 7.74 -26.50 24.91
N PHE A 180 7.65 -26.45 26.24
CA PHE A 180 8.77 -26.13 27.10
C PHE A 180 9.31 -27.43 27.68
N ALA A 181 10.61 -27.44 27.98
CA ALA A 181 11.22 -28.56 28.69
C ALA A 181 11.15 -28.29 30.18
N ASP A 182 9.92 -28.11 30.65
CA ASP A 182 9.66 -27.64 32.01
C ASP A 182 8.21 -27.96 32.31
N PRO A 183 7.92 -28.63 33.45
CA PRO A 183 6.52 -29.01 33.71
C PRO A 183 5.55 -27.84 33.86
N TYR A 184 5.94 -26.80 34.60
CA TYR A 184 5.05 -25.65 34.81
C TYR A 184 4.60 -24.93 33.53
N ALA A 185 5.58 -24.54 32.71
CA ALA A 185 5.30 -23.82 31.46
C ALA A 185 4.65 -24.71 30.41
N CYS A 186 5.14 -25.94 30.26
CA CYS A 186 4.48 -26.95 29.42
C CYS A 186 3.03 -27.12 29.88
N GLY A 187 2.83 -27.12 31.19
CA GLY A 187 1.50 -27.23 31.78
C GLY A 187 0.56 -26.13 31.35
N GLU A 188 1.03 -24.89 31.48
CA GLU A 188 0.24 -23.71 31.09
C GLU A 188 -0.02 -23.69 29.57
N ALA A 189 1.02 -23.96 28.79
CA ALA A 189 0.88 -24.05 27.33
C ALA A 189 -0.09 -25.16 26.89
N SER A 190 -0.04 -26.29 27.59
CA SER A 190 -0.92 -27.42 27.29
C SER A 190 -2.38 -27.09 27.59
N TYR A 191 -2.62 -26.43 28.73
CA TYR A 191 -3.96 -25.98 29.11
C TYR A 191 -4.57 -25.17 27.97
N LEU A 192 -3.83 -24.17 27.50
CA LEU A 192 -4.31 -23.22 26.54
C LEU A 192 -4.45 -23.80 25.13
N SER A 193 -3.54 -24.69 24.77
CA SER A 193 -3.58 -25.40 23.49
C SER A 193 -4.81 -26.32 23.40
N VAL A 194 -5.10 -27.04 24.48
CA VAL A 194 -6.32 -27.85 24.55
C VAL A 194 -7.57 -26.95 24.46
N LYS A 195 -7.59 -25.92 25.29
CA LYS A 195 -8.73 -25.00 25.37
C LYS A 195 -9.09 -24.37 24.02
N GLY A 196 -8.09 -23.89 23.29
CA GLY A 196 -8.30 -23.35 21.95
C GLY A 196 -8.89 -24.35 20.97
N LEU A 197 -8.43 -25.60 21.05
CA LEU A 197 -8.94 -26.65 20.18
C LEU A 197 -10.39 -27.02 20.49
N THR A 198 -10.70 -27.26 21.77
CA THR A 198 -12.07 -27.64 22.15
C THR A 198 -13.05 -26.50 21.90
N ASP A 199 -12.61 -25.24 22.09
CA ASP A 199 -13.43 -24.05 21.81
C ASP A 199 -13.86 -23.94 20.34
N ALA A 200 -13.10 -24.58 19.44
CA ALA A 200 -13.46 -24.64 18.02
C ALA A 200 -14.37 -25.82 17.69
N GLY A 201 -14.76 -26.60 18.67
CA GLY A 201 -15.60 -27.78 18.46
C GLY A 201 -14.90 -29.08 18.12
N VAL A 202 -13.57 -29.13 18.19
CA VAL A 202 -12.82 -30.37 17.89
C VAL A 202 -12.32 -30.97 19.21
N ALA A 203 -12.59 -32.25 19.39
CA ALA A 203 -12.14 -32.97 20.57
C ALA A 203 -10.64 -33.12 20.48
N THR A 204 -9.97 -33.05 21.62
CA THR A 204 -8.54 -33.21 21.71
C THR A 204 -8.18 -34.63 22.15
N VAL A 205 -7.07 -35.11 21.61
CA VAL A 205 -6.42 -36.32 22.07
C VAL A 205 -5.01 -35.90 22.52
N SER A 206 -4.90 -35.43 23.75
CA SER A 206 -3.63 -34.95 24.28
C SER A 206 -2.68 -36.12 24.36
N LYS A 207 -1.43 -35.90 24.01
CA LYS A 207 -0.50 -37.01 23.86
C LYS A 207 0.95 -36.66 24.25
N HIS A 208 1.82 -37.66 24.52
CA HIS A 208 1.53 -39.09 24.62
C HIS A 208 1.76 -39.50 26.07
N TRP A 209 0.73 -40.08 26.71
CA TRP A 209 0.83 -40.52 28.10
C TRP A 209 1.62 -41.84 28.15
N ILE A 210 2.82 -41.91 28.74
CA ILE A 210 3.52 -40.89 29.53
C ILE A 210 4.97 -41.41 29.74
N ALA A 211 5.92 -40.52 30.05
CA ALA A 211 7.38 -40.84 30.04
C ALA A 211 7.84 -41.40 28.69
N TYR A 212 7.29 -40.79 27.64
CA TYR A 212 7.62 -41.10 26.27
C TYR A 212 8.74 -40.14 25.88
N GLU A 213 9.98 -40.49 26.27
CA GLU A 213 11.13 -39.56 26.22
C GLU A 213 12.26 -39.91 25.25
N GLN A 214 12.07 -40.93 24.42
CA GLN A 214 12.96 -41.14 23.28
C GLN A 214 12.23 -41.83 22.17
N GLU A 215 12.64 -41.54 20.94
CA GLU A 215 12.10 -42.23 19.77
C GLU A 215 12.73 -43.58 19.58
N THR A 216 14.01 -43.69 19.91
CA THR A 216 14.79 -44.89 19.62
C THR A 216 14.21 -46.06 20.38
N SER A 217 14.03 -47.18 19.68
CA SER A 217 13.42 -48.37 20.24
C SER A 217 12.01 -48.15 20.83
N ARG A 218 11.27 -47.15 20.33
CA ARG A 218 9.86 -47.00 20.68
C ARG A 218 9.07 -48.21 20.21
N ASN A 219 9.52 -48.81 19.10
CA ASN A 219 9.10 -50.12 18.65
C ASN A 219 7.58 -50.26 18.66
N LEU A 220 6.94 -49.53 17.77
CA LEU A 220 5.50 -49.69 17.58
C LEU A 220 5.23 -51.14 17.14
N TYR A 221 4.11 -51.70 17.58
CA TYR A 221 3.74 -53.06 17.25
C TYR A 221 3.42 -53.16 15.76
N ILE A 222 4.13 -54.05 15.05
CA ILE A 222 3.81 -54.47 13.68
C ILE A 222 3.86 -56.00 13.63
N ASP A 223 2.92 -56.58 12.89
CA ASP A 223 2.84 -58.03 12.65
C ASP A 223 2.44 -58.20 11.18
N ILE A 224 3.43 -58.45 10.32
CA ILE A 224 3.18 -58.57 8.87
C ILE A 224 4.23 -59.48 8.18
N ASP A 225 3.74 -60.34 7.28
CA ASP A 225 4.57 -61.36 6.60
C ASP A 225 5.23 -62.31 7.60
N GLY A 226 4.49 -62.69 8.65
CA GLY A 226 5.00 -63.57 9.72
C GLY A 226 5.76 -62.87 10.85
N VAL A 227 6.59 -61.88 10.49
CA VAL A 227 7.51 -61.19 11.44
C VAL A 227 6.83 -60.15 12.38
N SER A 228 6.55 -60.57 13.62
CA SER A 228 6.07 -59.66 14.67
C SER A 228 7.24 -58.86 15.28
N GLN A 229 6.98 -57.62 15.70
CA GLN A 229 7.94 -56.83 16.48
C GLN A 229 8.21 -57.50 17.83
N ALA A 230 7.22 -58.21 18.37
CA ALA A 230 7.36 -59.02 19.59
C ALA A 230 8.44 -60.10 19.52
N ASP A 231 8.75 -60.56 18.31
CA ASP A 231 9.84 -61.51 18.05
C ASP A 231 11.21 -60.83 17.84
N ILE A 232 11.27 -59.50 17.93
CA ILE A 232 12.52 -58.77 17.66
C ILE A 232 13.01 -58.01 18.90
N GLN A 233 12.19 -57.05 19.36
CA GLN A 233 12.53 -56.20 20.48
C GLN A 233 11.30 -55.50 21.05
N LEU A 234 11.08 -55.65 22.36
CA LEU A 234 10.04 -54.92 23.06
C LEU A 234 10.34 -53.41 23.13
N PRO A 235 9.31 -52.58 23.38
CA PRO A 235 9.55 -51.13 23.47
C PRO A 235 10.44 -50.76 24.65
N ILE A 236 11.24 -49.72 24.47
CA ILE A 236 12.00 -49.13 25.56
C ILE A 236 11.11 -48.93 26.81
N SER A 237 11.60 -49.38 27.98
CA SER A 237 10.88 -49.24 29.24
C SER A 237 11.45 -48.05 29.98
N SER A 238 10.63 -47.03 30.14
CA SER A 238 10.96 -45.91 30.99
C SER A 238 10.71 -46.36 32.43
N ASN A 239 11.76 -46.35 33.24
CA ASN A 239 11.65 -46.79 34.65
C ASN A 239 11.67 -45.55 35.55
N VAL A 240 10.50 -45.23 36.09
CA VAL A 240 10.22 -43.93 36.65
C VAL A 240 9.77 -44.09 38.10
N ASP A 241 10.47 -43.42 39.01
CA ASP A 241 10.06 -43.47 40.41
C ASP A 241 8.78 -42.65 40.62
N ASP A 242 8.11 -42.89 41.74
CA ASP A 242 6.79 -42.32 41.97
C ASP A 242 6.84 -40.80 42.15
N LEU A 243 7.89 -40.27 42.78
CA LEU A 243 8.03 -38.82 42.94
C LEU A 243 8.21 -38.09 41.61
N THR A 244 9.09 -38.61 40.76
CA THR A 244 9.33 -38.09 39.41
C THR A 244 8.07 -38.13 38.55
N MET A 245 7.35 -39.24 38.61
CA MET A 245 6.13 -39.37 37.81
C MET A 245 5.11 -38.28 38.17
N HIS A 246 4.97 -37.99 39.46
CA HIS A 246 4.02 -36.96 39.94
C HIS A 246 4.45 -35.52 39.71
N GLU A 247 5.72 -35.24 39.98
CA GLU A 247 6.21 -33.87 40.00
C GLU A 247 6.69 -33.39 38.66
N LEU A 248 7.19 -34.28 37.84
CA LEU A 248 7.67 -33.92 36.53
C LEU A 248 6.65 -34.30 35.46
N TYR A 249 6.47 -35.60 35.21
CA TYR A 249 5.80 -36.04 33.98
C TYR A 249 4.29 -35.85 33.97
N MET A 250 3.62 -36.17 35.07
CA MET A 250 2.15 -35.99 35.17
C MET A 250 1.67 -34.54 35.17
N TRP A 251 2.54 -33.61 35.56
CA TRP A 251 2.15 -32.19 35.79
C TRP A 251 1.39 -31.64 34.62
N SER A 252 2.02 -31.72 33.44
CA SER A 252 1.43 -31.16 32.21
C SER A 252 0.12 -31.86 31.84
N PHE A 253 0.04 -33.17 32.06
CA PHE A 253 -1.19 -33.91 31.76
C PHE A 253 -2.32 -33.56 32.70
N ALA A 254 -1.98 -33.20 33.95
CA ALA A 254 -3.00 -32.71 34.90
C ALA A 254 -3.68 -31.43 34.36
N GLU A 255 -2.87 -30.55 33.77
CA GLU A 255 -3.36 -29.28 33.22
C GLU A 255 -4.22 -29.52 31.97
N ALA A 256 -3.77 -30.43 31.10
CA ALA A 256 -4.58 -30.85 29.94
C ALA A 256 -5.94 -31.44 30.36
N VAL A 257 -5.93 -32.24 31.43
CA VAL A 257 -7.17 -32.82 31.98
C VAL A 257 -8.08 -31.71 32.48
N ARG A 258 -7.51 -30.74 33.21
CA ARG A 258 -8.26 -29.60 33.76
C ARG A 258 -8.84 -28.65 32.70
N ALA A 259 -8.13 -28.49 31.58
CA ALA A 259 -8.60 -27.73 30.42
C ALA A 259 -9.75 -28.40 29.70
N GLY A 260 -9.94 -29.70 29.94
CA GLY A 260 -11.03 -30.46 29.40
C GLY A 260 -10.64 -31.29 28.20
N THR A 261 -9.41 -31.81 28.17
CA THR A 261 -9.01 -32.65 27.07
C THR A 261 -9.99 -33.81 27.06
N ASN A 262 -10.57 -34.09 25.90
CA ASN A 262 -11.63 -35.08 25.82
C ASN A 262 -11.05 -36.48 25.77
N HIS A 263 -9.79 -36.58 25.33
CA HIS A 263 -9.09 -37.84 25.18
C HIS A 263 -7.60 -37.69 25.48
N ILE A 264 -6.96 -38.83 25.73
CA ILE A 264 -5.53 -38.95 26.02
C ILE A 264 -5.01 -40.10 25.17
N MET A 265 -3.85 -39.93 24.53
CA MET A 265 -3.24 -41.03 23.78
C MET A 265 -2.19 -41.70 24.66
N CYS A 266 -2.27 -43.01 24.82
CA CYS A 266 -1.23 -43.75 25.52
C CYS A 266 -0.07 -44.02 24.59
N SER A 267 1.13 -43.95 25.15
CA SER A 267 2.38 -43.93 24.41
C SER A 267 2.88 -45.31 23.97
N TYR A 268 3.93 -45.29 23.16
CA TYR A 268 4.60 -46.49 22.67
C TYR A 268 5.53 -47.18 23.67
N ASN A 269 6.22 -46.40 24.51
CA ASN A 269 7.14 -46.97 25.51
C ASN A 269 6.39 -47.81 26.51
N ARG A 270 7.16 -48.60 27.23
CA ARG A 270 6.72 -49.35 28.39
C ARG A 270 7.10 -48.52 29.64
N ILE A 271 6.39 -48.75 30.73
CA ILE A 271 6.72 -48.08 31.99
C ILE A 271 6.90 -49.21 33.00
N ASN A 272 8.07 -49.26 33.63
CA ASN A 272 8.42 -50.39 34.48
C ASN A 272 8.13 -51.75 33.79
N ASN A 273 8.54 -51.88 32.54
CA ASN A 273 8.34 -53.09 31.72
C ASN A 273 6.90 -53.52 31.37
N THR A 274 5.94 -52.60 31.55
CA THR A 274 4.55 -52.80 31.16
C THR A 274 4.13 -51.73 30.14
N HIS A 275 3.51 -52.16 29.04
CA HIS A 275 3.09 -51.25 27.96
C HIS A 275 2.19 -50.12 28.48
N SER A 276 2.44 -48.88 28.06
CA SER A 276 1.68 -47.73 28.57
C SER A 276 0.19 -48.00 28.31
N CYS A 277 -0.12 -48.51 27.13
CA CYS A 277 -1.49 -48.77 26.70
C CYS A 277 -2.19 -49.92 27.41
N SER A 278 -1.48 -50.74 28.17
CA SER A 278 -2.12 -51.68 29.07
C SER A 278 -1.49 -51.65 30.45
N ASN A 279 -1.14 -50.45 30.90
CA ASN A 279 -0.53 -50.22 32.20
C ASN A 279 -1.60 -49.71 33.18
N ALA A 280 -1.98 -50.56 34.13
CA ALA A 280 -3.11 -50.27 35.01
C ALA A 280 -2.80 -49.18 36.03
N LYS A 281 -1.59 -49.18 36.56
CA LYS A 281 -1.15 -48.09 37.44
C LYS A 281 -1.21 -46.76 36.67
N GLY A 282 -0.81 -46.78 35.41
CA GLY A 282 -0.78 -45.58 34.58
C GLY A 282 -2.14 -45.05 34.22
N LEU A 283 -2.96 -45.89 33.58
CA LEU A 283 -4.23 -45.46 33.03
C LEU A 283 -5.35 -45.50 34.05
N ASN A 284 -5.49 -46.61 34.77
CA ASN A 284 -6.63 -46.75 35.69
C ASN A 284 -6.46 -45.93 36.98
N GLN A 285 -5.27 -45.94 37.57
CA GLN A 285 -5.10 -45.25 38.85
C GLN A 285 -4.48 -43.84 38.69
N LEU A 286 -3.32 -43.71 38.09
CA LEU A 286 -2.74 -42.38 37.93
C LEU A 286 -3.66 -41.45 37.12
N LEU A 287 -4.06 -41.89 35.93
CA LEU A 287 -4.86 -41.05 35.03
C LEU A 287 -6.34 -41.03 35.45
N LYS A 288 -6.97 -42.20 35.50
CA LYS A 288 -8.42 -42.22 35.65
C LYS A 288 -8.93 -42.06 37.09
N THR A 289 -8.10 -42.34 38.09
CA THR A 289 -8.51 -42.17 39.49
C THR A 289 -7.95 -40.86 40.01
N GLU A 290 -6.63 -40.69 39.98
CA GLU A 290 -6.00 -39.53 40.61
C GLU A 290 -6.24 -38.24 39.83
N LEU A 291 -6.00 -38.26 38.53
CA LEU A 291 -6.39 -37.12 37.69
C LEU A 291 -7.88 -37.09 37.35
N ASN A 292 -8.60 -38.17 37.70
CA ASN A 292 -10.08 -38.24 37.62
C ASN A 292 -10.53 -38.06 36.19
N PHE A 293 -9.70 -38.53 35.27
CA PHE A 293 -9.89 -38.31 33.86
C PHE A 293 -11.15 -39.02 33.39
N GLN A 294 -12.05 -38.24 32.80
CA GLN A 294 -13.39 -38.70 32.40
C GLN A 294 -13.51 -39.09 30.93
N GLY A 295 -12.40 -39.02 30.19
CA GLY A 295 -12.41 -39.18 28.74
C GLY A 295 -11.87 -40.52 28.29
N GLY A 296 -11.70 -40.64 26.98
CA GLY A 296 -11.17 -41.87 26.35
C GLY A 296 -9.66 -41.88 26.33
N VAL A 297 -9.06 -43.05 26.59
CA VAL A 297 -7.67 -43.29 26.24
C VAL A 297 -7.66 -43.97 24.87
N VAL A 298 -6.95 -43.38 23.93
CA VAL A 298 -6.81 -43.89 22.57
C VAL A 298 -5.40 -44.44 22.43
N SER A 299 -5.24 -45.59 21.79
CA SER A 299 -3.90 -46.14 21.60
C SER A 299 -3.16 -45.33 20.55
N ASP A 300 -1.85 -45.19 20.70
CA ASP A 300 -1.01 -44.75 19.58
C ASP A 300 -1.10 -45.89 18.56
N TRP A 301 -0.65 -45.63 17.33
CA TRP A 301 -0.89 -46.52 16.23
C TRP A 301 0.13 -47.64 16.35
N GLY A 302 -0.31 -48.79 16.82
CA GLY A 302 0.60 -49.88 17.21
C GLY A 302 1.03 -49.82 18.66
N GLY A 303 0.34 -49.00 19.45
CA GLY A 303 0.61 -48.88 20.87
C GLY A 303 -0.03 -49.97 21.69
N GLN A 304 -1.08 -50.61 21.14
CA GLN A 304 -1.72 -51.74 21.79
C GLN A 304 -1.03 -53.04 21.37
N TRP A 305 -0.55 -53.79 22.35
CA TRP A 305 0.20 -55.05 22.15
C TRP A 305 -0.57 -56.33 22.53
N ASP A 306 -1.78 -56.19 23.05
CA ASP A 306 -2.55 -57.35 23.51
C ASP A 306 -4.04 -56.99 23.56
N SER A 307 -4.91 -58.00 23.69
CA SER A 307 -6.36 -57.79 23.69
C SER A 307 -6.90 -57.59 25.09
N VAL A 308 -6.72 -58.58 25.96
CA VAL A 308 -7.38 -58.60 27.28
C VAL A 308 -6.76 -57.63 28.31
N PRO A 309 -5.41 -57.62 28.46
CA PRO A 309 -4.83 -56.67 29.42
C PRO A 309 -5.19 -55.23 29.12
N ALA A 310 -5.08 -54.81 27.85
CA ALA A 310 -5.56 -53.50 27.40
C ALA A 310 -7.00 -53.22 27.81
N ALA A 311 -7.88 -54.19 27.61
CA ALA A 311 -9.30 -54.03 27.95
C ALA A 311 -9.49 -53.81 29.45
N GLU A 312 -8.68 -54.49 30.26
CA GLU A 312 -8.81 -54.42 31.72
C GLU A 312 -8.06 -53.24 32.34
N ASN A 313 -7.01 -52.75 31.67
CA ASN A 313 -6.05 -51.83 32.30
C ASN A 313 -6.17 -50.36 31.87
N GLY A 314 -7.24 -50.00 31.16
CA GLY A 314 -7.52 -48.58 30.88
C GLY A 314 -7.70 -48.16 29.44
N LEU A 315 -7.35 -48.99 28.46
CA LEU A 315 -7.49 -48.57 27.07
C LEU A 315 -8.97 -48.52 26.67
N ASP A 316 -9.36 -47.47 25.93
CA ASP A 316 -10.72 -47.27 25.45
C ASP A 316 -10.92 -47.41 23.93
N VAL A 317 -9.89 -47.09 23.14
CA VAL A 317 -9.97 -47.14 21.67
C VAL A 317 -8.72 -47.80 21.07
N ALA A 318 -8.93 -48.76 20.17
CA ALA A 318 -7.87 -49.41 19.43
C ALA A 318 -7.67 -48.70 18.09
N MET A 319 -6.51 -48.10 17.90
CA MET A 319 -6.18 -47.49 16.60
C MET A 319 -4.88 -48.10 16.09
N PRO A 320 -4.71 -48.23 14.77
CA PRO A 320 -5.70 -47.87 13.75
C PRO A 320 -6.76 -48.94 13.42
N GLY A 321 -6.73 -50.06 14.15
CA GLY A 321 -7.64 -51.17 13.89
C GLY A 321 -7.44 -51.77 12.51
N LYS A 322 -8.50 -51.73 11.69
CA LYS A 322 -8.48 -52.24 10.31
C LYS A 322 -7.68 -51.35 9.34
N GLY A 323 -7.39 -50.11 9.72
CA GLY A 323 -6.55 -49.23 8.92
C GLY A 323 -5.10 -49.70 8.88
N PHE A 324 -4.36 -49.19 7.90
CA PHE A 324 -2.96 -49.58 7.67
C PHE A 324 -2.79 -51.09 7.42
N LEU A 325 -3.76 -51.68 6.68
CA LEU A 325 -3.78 -53.12 6.33
C LEU A 325 -3.95 -54.08 7.53
N GLY A 326 -4.30 -53.56 8.70
CA GLY A 326 -4.30 -54.35 9.93
C GLY A 326 -2.92 -54.72 10.46
N ALA A 327 -1.88 -54.07 9.94
CA ALA A 327 -0.50 -54.49 10.18
C ALA A 327 0.02 -54.02 11.54
N LEU A 328 -0.65 -53.05 12.16
CA LEU A 328 -0.20 -52.51 13.45
C LEU A 328 -0.93 -53.17 14.62
N GLY A 329 -1.34 -54.42 14.44
CA GLY A 329 -2.13 -55.10 15.42
C GLY A 329 -3.59 -54.74 15.25
N ASP A 330 -4.43 -55.63 15.73
CA ASP A 330 -5.86 -55.52 15.52
C ASP A 330 -6.50 -56.45 16.56
N PHE A 331 -6.19 -56.11 17.81
CA PHE A 331 -6.40 -56.98 18.95
C PHE A 331 -7.86 -56.98 19.43
N TRP A 332 -8.65 -55.99 18.99
CA TRP A 332 -10.07 -55.87 19.33
C TRP A 332 -10.94 -56.14 18.07
N GLY A 333 -12.03 -55.39 17.88
CA GLY A 333 -12.96 -55.62 16.76
C GLY A 333 -13.76 -56.90 16.99
N ALA A 334 -13.75 -57.78 15.99
CA ALA A 334 -14.37 -59.10 16.14
C ALA A 334 -13.76 -59.89 17.31
N THR A 335 -12.47 -59.71 17.56
CA THR A 335 -11.81 -60.37 18.69
C THR A 335 -12.41 -59.92 20.02
N LEU A 336 -12.79 -58.64 20.14
CA LEU A 336 -13.41 -58.12 21.36
C LEU A 336 -14.86 -58.57 21.53
N VAL A 337 -15.57 -58.77 20.41
CA VAL A 337 -16.89 -59.41 20.45
C VAL A 337 -16.73 -60.83 21.04
N GLU A 338 -15.76 -61.58 20.51
CA GLU A 338 -15.52 -62.95 20.96
C GLU A 338 -15.15 -62.99 22.43
N LEU A 339 -14.27 -62.09 22.85
CA LEU A 339 -13.88 -62.00 24.26
C LEU A 339 -15.03 -61.67 25.22
N ILE A 340 -15.94 -60.78 24.81
CA ILE A 340 -17.12 -60.42 25.61
C ILE A 340 -18.15 -61.57 25.67
N ASN A 341 -18.44 -62.18 24.52
CA ASN A 341 -19.45 -63.25 24.43
C ASN A 341 -19.04 -64.51 25.20
N ASN A 342 -17.76 -64.91 25.12
CA ASN A 342 -17.29 -66.10 25.87
C ASN A 342 -16.86 -65.84 27.35
N GLY A 343 -17.07 -64.62 27.83
CA GLY A 343 -16.93 -64.30 29.26
C GLY A 343 -15.60 -63.79 29.81
N THR A 344 -14.55 -63.71 29.00
CA THR A 344 -13.22 -63.29 29.53
C THR A 344 -13.06 -61.76 29.76
N VAL A 345 -13.88 -60.94 29.12
CA VAL A 345 -13.85 -59.47 29.27
C VAL A 345 -15.25 -58.98 29.67
N SER A 346 -15.32 -58.19 30.76
CA SER A 346 -16.59 -57.63 31.24
C SER A 346 -17.29 -56.77 30.18
N GLU A 347 -18.57 -57.04 29.94
CA GLU A 347 -19.37 -56.26 29.00
C GLU A 347 -19.55 -54.81 29.51
N ASP A 348 -19.84 -54.66 30.80
CA ASP A 348 -19.94 -53.33 31.46
C ASP A 348 -18.65 -52.50 31.37
N LEU A 349 -17.50 -53.18 31.36
CA LEU A 349 -16.22 -52.50 31.17
C LEU A 349 -16.18 -51.83 29.81
N VAL A 350 -16.61 -52.55 28.79
CA VAL A 350 -16.56 -52.05 27.42
C VAL A 350 -17.64 -50.99 27.20
N ARG A 351 -18.76 -51.09 27.91
CA ARG A 351 -19.74 -50.01 27.91
C ARG A 351 -19.13 -48.67 28.35
N ASP A 352 -18.36 -48.69 29.44
CA ASP A 352 -17.64 -47.51 29.91
C ASP A 352 -16.67 -46.94 28.87
N LYS A 353 -16.04 -47.79 28.07
CA LYS A 353 -15.16 -47.32 26.99
C LYS A 353 -15.95 -46.52 25.97
N ALA A 354 -17.11 -47.04 25.57
CA ALA A 354 -17.96 -46.39 24.58
C ALA A 354 -18.56 -45.11 25.12
N VAL A 355 -18.87 -45.08 26.41
CA VAL A 355 -19.34 -43.87 27.09
C VAL A 355 -18.29 -42.77 27.03
N ARG A 356 -17.04 -43.13 27.27
CA ARG A 356 -15.93 -42.17 27.23
C ARG A 356 -15.73 -41.57 25.83
N ILE A 357 -15.81 -42.41 24.80
CA ILE A 357 -15.69 -41.96 23.42
C ILE A 357 -16.78 -40.92 23.09
N LEU A 358 -18.03 -41.27 23.41
CA LEU A 358 -19.16 -40.44 23.06
C LEU A 358 -19.32 -39.19 23.90
N THR A 359 -18.77 -39.16 25.12
CA THR A 359 -18.92 -37.95 25.92
C THR A 359 -18.46 -36.70 25.14
N GLY A 360 -17.32 -36.80 24.46
CA GLY A 360 -16.78 -35.68 23.67
C GLY A 360 -17.68 -35.28 22.51
N TYR A 361 -18.18 -36.29 21.81
CA TYR A 361 -19.13 -36.10 20.72
C TYR A 361 -20.27 -35.19 21.14
N TYR A 362 -20.86 -35.50 22.29
CA TYR A 362 -22.01 -34.77 22.81
C TYR A 362 -21.62 -33.50 23.52
N TYR A 363 -20.48 -33.45 24.20
CA TYR A 363 -20.08 -32.23 24.91
C TYR A 363 -19.78 -31.08 23.95
N LEU A 364 -19.07 -31.38 22.86
CA LEU A 364 -18.73 -30.37 21.84
C LEU A 364 -19.80 -30.12 20.77
N GLY A 365 -21.01 -30.64 20.97
CA GLY A 365 -22.11 -30.38 20.04
C GLY A 365 -21.96 -30.92 18.62
N GLN A 366 -21.17 -31.97 18.45
CA GLN A 366 -20.94 -32.58 17.13
C GLN A 366 -22.16 -33.35 16.58
N ASP A 367 -23.13 -33.69 17.43
CA ASP A 367 -24.39 -34.30 16.94
C ASP A 367 -25.32 -33.29 16.23
N THR A 368 -25.44 -32.09 16.81
CA THR A 368 -26.33 -31.03 16.28
C THR A 368 -25.61 -29.98 15.44
N ASN A 369 -24.28 -29.92 15.52
CA ASN A 369 -23.44 -29.14 14.61
C ASN A 369 -22.33 -30.04 14.06
N PRO A 370 -22.69 -31.03 13.20
CA PRO A 370 -21.70 -31.99 12.75
C PRO A 370 -20.68 -31.33 11.85
N PRO A 371 -19.41 -31.75 11.94
CA PRO A 371 -18.47 -31.22 10.98
C PRO A 371 -18.82 -31.71 9.56
N PRO A 372 -18.37 -30.98 8.53
CA PRO A 372 -18.61 -31.40 7.16
C PRO A 372 -17.74 -32.61 6.80
N PRO A 373 -17.97 -33.22 5.63
CA PRO A 373 -17.19 -34.43 5.33
C PRO A 373 -15.70 -34.11 5.21
N PHE A 374 -14.86 -35.07 5.58
CA PHE A 374 -13.41 -34.98 5.40
C PHE A 374 -13.11 -35.52 4.04
N VAL A 375 -12.23 -34.83 3.32
CA VAL A 375 -12.20 -34.93 1.85
C VAL A 375 -10.87 -35.47 1.23
N TYR A 376 -9.79 -35.47 2.01
CA TYR A 376 -8.44 -35.76 1.50
C TYR A 376 -8.00 -37.14 1.95
N ASN A 377 -7.33 -37.87 1.05
CA ASN A 377 -6.66 -39.11 1.38
C ASN A 377 -5.33 -38.75 2.09
N THR A 378 -5.32 -38.79 3.43
CA THR A 378 -4.11 -38.46 4.23
C THR A 378 -3.28 -39.70 4.65
N ILE A 379 -3.75 -40.90 4.27
CA ILE A 379 -3.04 -42.16 4.50
C ILE A 379 -2.01 -42.36 3.38
N GLY A 380 -2.45 -42.30 2.13
CA GLY A 380 -1.58 -42.36 0.95
C GLY A 380 -1.54 -43.76 0.34
N ALA A 381 -1.48 -43.82 -0.99
CA ALA A 381 -1.35 -45.09 -1.72
C ALA A 381 0.08 -45.63 -1.57
N PRO A 382 0.33 -46.96 -1.56
CA PRO A 382 -0.67 -48.04 -1.76
C PRO A 382 -1.43 -48.53 -0.52
N THR A 383 -1.15 -47.98 0.66
CA THR A 383 -1.89 -48.33 1.87
C THR A 383 -3.39 -48.06 1.72
N LEU A 384 -3.71 -46.88 1.18
CA LEU A 384 -5.08 -46.57 0.80
C LEU A 384 -5.12 -45.93 -0.59
N ASN A 385 -5.80 -46.62 -1.50
CA ASN A 385 -6.13 -46.11 -2.81
C ASN A 385 -7.49 -45.46 -2.70
N ALA A 386 -7.52 -44.17 -3.00
CA ALA A 386 -8.72 -43.34 -2.85
C ALA A 386 -8.39 -41.95 -3.37
N THR A 387 -9.34 -41.36 -4.08
CA THR A 387 -9.21 -40.01 -4.57
C THR A 387 -9.35 -39.00 -3.43
N SER A 388 -8.77 -37.82 -3.64
CA SER A 388 -8.92 -36.67 -2.78
C SER A 388 -9.84 -35.65 -3.45
N GLY A 389 -10.69 -34.97 -2.66
CA GLY A 389 -11.39 -33.78 -3.13
C GLY A 389 -10.58 -32.54 -2.79
N TYR A 390 -11.25 -31.39 -2.74
CA TYR A 390 -10.62 -30.12 -2.42
C TYR A 390 -11.51 -29.20 -1.57
N ARG A 391 -10.89 -28.56 -0.60
CA ARG A 391 -11.56 -27.55 0.19
C ARG A 391 -10.54 -26.55 0.69
N ASN A 392 -10.94 -25.28 0.70
CA ASN A 392 -10.12 -24.17 1.18
C ASN A 392 -10.80 -23.64 2.45
N VAL A 393 -10.08 -23.74 3.58
CA VAL A 393 -10.56 -23.29 4.90
C VAL A 393 -9.66 -22.21 5.52
N ARG A 394 -8.74 -21.61 4.76
CA ARG A 394 -7.94 -20.48 5.24
C ARG A 394 -8.77 -19.22 5.36
N LYS A 395 -8.82 -18.67 6.57
CA LYS A 395 -9.62 -17.50 6.86
C LYS A 395 -8.71 -16.26 6.95
N PRO A 396 -9.28 -15.07 6.67
CA PRO A 396 -8.60 -13.79 6.95
C PRO A 396 -8.15 -13.70 8.40
N GLY A 397 -6.91 -13.23 8.62
CA GLY A 397 -6.33 -13.15 9.96
C GLY A 397 -5.38 -14.28 10.37
N THR A 398 -5.44 -15.44 9.72
CA THR A 398 -4.65 -16.61 10.10
C THR A 398 -3.17 -16.48 9.68
N ALA A 399 -2.92 -16.02 8.45
CA ALA A 399 -1.56 -15.67 8.03
C ALA A 399 -0.90 -14.64 8.96
N GLU A 400 -1.65 -13.62 9.34
CA GLU A 400 -1.16 -12.55 10.23
C GLU A 400 -0.87 -13.07 11.65
N LEU A 401 -1.71 -13.98 12.16
CA LEU A 401 -1.44 -14.65 13.43
C LEU A 401 -0.13 -15.44 13.38
N ILE A 402 0.08 -16.20 12.31
CA ILE A 402 1.27 -17.04 12.17
C ILE A 402 2.55 -16.19 12.09
N LYS A 403 2.47 -15.11 11.35
CA LYS A 403 3.55 -14.13 11.28
C LYS A 403 3.87 -13.66 12.70
N GLU A 404 2.84 -13.22 13.44
CA GLU A 404 3.04 -12.63 14.75
C GLU A 404 3.61 -13.65 15.77
N ILE A 405 3.22 -14.92 15.67
CA ILE A 405 3.86 -15.97 16.48
C ILE A 405 5.35 -16.01 16.17
N GLY A 406 5.70 -15.93 14.89
CA GLY A 406 7.10 -15.85 14.46
C GLY A 406 7.86 -14.65 15.04
N SER A 407 7.31 -13.44 14.89
CA SER A 407 7.93 -12.22 15.40
C SER A 407 8.07 -12.18 16.92
N ALA A 408 7.11 -12.79 17.61
CA ALA A 408 7.09 -12.84 19.07
C ALA A 408 8.02 -13.90 19.68
N SER A 409 8.46 -14.87 18.86
CA SER A 409 9.24 -16.04 19.31
C SER A 409 10.70 -16.01 18.89
N VAL A 410 11.01 -15.42 17.73
CA VAL A 410 12.38 -15.36 17.25
C VAL A 410 13.29 -14.80 18.35
N THR A 411 14.31 -15.58 18.72
CA THR A 411 15.04 -15.35 19.97
C THR A 411 16.47 -14.88 19.69
N LEU A 412 16.79 -13.67 20.16
CA LEU A 412 18.12 -13.07 19.97
C LEU A 412 19.05 -13.63 21.02
N LEU A 413 20.06 -14.36 20.57
CA LEU A 413 20.98 -15.05 21.49
C LEU A 413 22.30 -14.29 21.71
N LYS A 414 22.78 -13.65 20.64
CA LYS A 414 23.99 -12.82 20.65
C LYS A 414 23.76 -11.58 19.81
N ASN A 415 24.32 -10.45 20.24
CA ASN A 415 24.28 -9.20 19.48
C ASN A 415 25.39 -8.27 19.98
N THR A 416 26.43 -8.07 19.17
CA THR A 416 27.50 -7.12 19.50
C THR A 416 27.24 -5.67 19.03
N GLY A 417 26.08 -5.41 18.42
CA GLY A 417 25.70 -4.06 17.94
C GLY A 417 25.36 -3.99 16.45
N SER A 418 25.50 -5.10 15.73
CA SER A 418 25.09 -5.21 14.33
C SER A 418 23.58 -5.13 14.10
N LEU A 419 22.78 -5.50 15.10
CA LEU A 419 21.29 -5.41 15.02
C LEU A 419 20.72 -4.34 15.97
N PRO A 420 19.57 -3.73 15.64
CA PRO A 420 18.88 -3.92 14.38
C PRO A 420 19.67 -3.32 13.23
N LEU A 421 19.34 -3.77 12.02
CA LEU A 421 19.88 -3.16 10.82
C LEU A 421 19.28 -1.78 10.60
N LYS A 422 20.08 -0.91 10.01
CA LYS A 422 19.66 0.43 9.62
C LYS A 422 19.19 0.33 8.17
N HIS A 423 20.07 0.70 7.22
CA HIS A 423 19.74 0.76 5.80
C HIS A 423 20.92 0.23 4.99
N PRO A 424 21.42 -0.98 5.34
CA PRO A 424 22.60 -1.49 4.64
C PRO A 424 22.38 -1.61 3.13
N GLN A 425 23.43 -1.31 2.36
CA GLN A 425 23.34 -1.13 0.92
C GLN A 425 23.80 -2.37 0.10
N ARG A 426 24.58 -3.26 0.72
CA ARG A 426 25.10 -4.46 0.05
C ARG A 426 24.96 -5.63 1.00
N ILE A 427 24.04 -6.54 0.67
CA ILE A 427 23.58 -7.58 1.57
C ILE A 427 23.88 -8.94 0.94
N ALA A 428 24.59 -9.79 1.69
CA ALA A 428 24.88 -11.15 1.27
C ALA A 428 24.06 -12.15 2.11
N VAL A 429 23.57 -13.20 1.45
CA VAL A 429 22.82 -14.28 2.10
C VAL A 429 23.47 -15.64 1.76
N LEU A 430 23.52 -16.55 2.73
CA LEU A 430 24.08 -17.89 2.56
C LEU A 430 23.10 -18.94 3.10
N GLY A 431 23.00 -20.07 2.39
CA GLY A 431 22.33 -21.28 2.90
C GLY A 431 21.02 -21.57 2.20
N ASN A 432 20.81 -22.83 1.86
CA ASN A 432 19.58 -23.22 1.19
C ASN A 432 18.33 -22.93 2.05
N ASP A 433 18.50 -22.91 3.37
CA ASP A 433 17.43 -22.53 4.32
C ASP A 433 16.78 -21.16 4.06
N ALA A 434 17.50 -20.26 3.40
CA ALA A 434 16.99 -18.93 3.03
C ALA A 434 15.97 -18.94 1.90
N THR A 435 15.87 -20.05 1.16
CA THR A 435 14.97 -20.11 0.00
C THR A 435 14.10 -21.38 0.00
N TYR A 436 13.38 -21.61 -1.09
CA TYR A 436 12.46 -22.77 -1.20
C TYR A 436 13.17 -24.13 -1.23
N ASN A 437 12.44 -25.15 -0.78
CA ASN A 437 12.74 -26.55 -1.11
C ASN A 437 12.83 -26.59 -2.63
N VAL A 438 13.92 -27.13 -3.18
CA VAL A 438 14.07 -27.12 -4.65
C VAL A 438 13.08 -28.04 -5.38
N LEU A 439 12.44 -28.95 -4.65
CA LEU A 439 11.41 -29.82 -5.24
C LEU A 439 9.99 -29.35 -4.95
N GLY A 440 9.86 -28.27 -4.19
CA GLY A 440 8.58 -27.67 -3.81
C GLY A 440 8.36 -27.79 -2.31
N PRO A 441 7.57 -26.87 -1.71
CA PRO A 441 7.40 -26.93 -0.24
C PRO A 441 6.82 -28.22 0.33
N ASN A 442 5.98 -28.93 -0.44
CA ASN A 442 5.34 -30.20 -0.02
C ASN A 442 5.94 -31.47 -0.68
N ALA A 443 7.12 -31.33 -1.30
CA ALA A 443 7.78 -32.44 -2.00
C ALA A 443 8.13 -33.64 -1.11
N CYS A 444 8.42 -33.38 0.16
CA CYS A 444 8.75 -34.43 1.09
C CYS A 444 7.55 -35.29 1.56
N GLY A 445 6.34 -34.96 1.13
CA GLY A 445 5.20 -35.87 1.27
C GLY A 445 4.35 -35.59 2.49
N LEU A 446 3.41 -36.49 2.75
CA LEU A 446 2.35 -36.30 3.76
C LEU A 446 2.87 -36.09 5.19
N ALA A 447 4.07 -36.58 5.46
CA ALA A 447 4.68 -36.52 6.77
C ALA A 447 5.94 -35.66 6.78
N ASN A 448 6.18 -34.91 5.69
CA ASN A 448 7.39 -34.08 5.55
C ASN A 448 8.66 -34.87 5.87
N SER A 449 8.76 -36.10 5.37
CA SER A 449 9.90 -36.97 5.71
C SER A 449 10.40 -37.92 4.62
N ALA A 450 9.98 -37.72 3.37
CA ALA A 450 10.28 -38.67 2.29
C ALA A 450 11.20 -38.10 1.21
N CYS A 451 11.76 -36.91 1.40
CA CYS A 451 12.81 -36.40 0.51
C CYS A 451 14.12 -37.12 0.82
N ASP A 452 14.92 -37.29 -0.23
CA ASP A 452 16.27 -37.87 -0.14
C ASP A 452 17.14 -37.15 0.91
N ILE A 453 18.00 -37.92 1.57
CA ILE A 453 18.92 -37.46 2.63
C ILE A 453 19.70 -36.16 2.35
N ASP A 454 20.10 -35.94 1.09
CA ASP A 454 20.88 -34.72 0.73
C ASP A 454 20.04 -33.62 0.09
N ASN A 455 18.72 -33.77 0.04
CA ASN A 455 17.90 -32.81 -0.70
C ASN A 455 17.92 -31.47 0.00
N LEU A 456 17.98 -30.41 -0.81
CA LEU A 456 17.92 -29.06 -0.28
C LEU A 456 16.45 -28.74 0.03
N ASN A 457 16.08 -28.93 1.29
CA ASN A 457 14.67 -28.79 1.71
C ASN A 457 14.20 -27.34 1.93
N GLY A 458 15.10 -26.37 1.79
CA GLY A 458 14.75 -24.96 1.98
C GLY A 458 14.55 -24.60 3.43
N THR A 459 13.73 -23.59 3.66
CA THR A 459 13.41 -23.12 4.99
C THR A 459 12.76 -24.24 5.80
N LEU A 460 13.33 -24.52 6.98
CA LEU A 460 12.74 -25.48 7.91
C LEU A 460 11.63 -24.78 8.70
N THR A 461 10.43 -24.82 8.15
CA THR A 461 9.27 -24.19 8.73
C THR A 461 8.54 -25.16 9.68
N THR A 462 8.75 -26.47 9.46
CA THR A 462 8.28 -27.48 10.39
C THR A 462 9.15 -28.74 10.36
N GLY A 463 8.93 -29.64 11.30
CA GLY A 463 9.73 -30.84 11.43
C GLY A 463 9.15 -32.01 10.66
N GLY A 464 9.72 -33.19 10.90
CA GLY A 464 9.39 -34.40 10.15
C GLY A 464 8.47 -35.29 10.95
N GLY A 465 7.49 -35.88 10.29
CA GLY A 465 6.65 -36.90 10.89
C GLY A 465 5.19 -36.49 10.97
N SER A 466 4.48 -37.13 11.88
CA SER A 466 3.04 -36.99 11.95
C SER A 466 2.56 -35.63 12.45
N GLY A 467 3.44 -34.87 13.09
CA GLY A 467 3.10 -33.51 13.53
C GLY A 467 3.48 -32.38 12.58
N SER A 468 3.79 -32.72 11.33
CA SER A 468 4.02 -31.72 10.30
C SER A 468 2.68 -31.37 9.63
N ALA A 469 2.75 -30.59 8.57
CA ALA A 469 1.60 -30.35 7.71
C ALA A 469 2.05 -29.74 6.42
N LEU A 470 1.19 -29.79 5.43
CA LEU A 470 1.45 -29.13 4.15
C LEU A 470 1.38 -27.61 4.29
N SER A 471 1.82 -26.95 3.24
CA SER A 471 2.08 -25.53 3.22
C SER A 471 1.54 -24.99 1.89
N PRO A 472 0.69 -23.95 1.92
CA PRO A 472 0.21 -23.34 0.68
C PRO A 472 1.29 -22.51 -0.05
N TYR A 473 2.32 -22.12 0.69
CA TYR A 473 3.49 -21.47 0.13
C TYR A 473 4.50 -21.39 1.26
N THR A 474 5.71 -20.95 0.96
CA THR A 474 6.62 -20.50 2.01
C THR A 474 7.11 -19.11 1.64
N ILE A 475 7.04 -18.22 2.64
CA ILE A 475 7.58 -16.91 2.53
C ILE A 475 8.99 -17.06 3.05
N THR A 476 9.95 -17.12 2.12
CA THR A 476 11.31 -17.44 2.43
C THR A 476 11.98 -16.22 3.05
N PRO A 477 13.00 -16.44 3.88
CA PRO A 477 13.80 -15.31 4.31
C PRO A 477 14.37 -14.44 3.17
N LEU A 478 14.80 -15.07 2.07
CA LEU A 478 15.43 -14.31 0.97
C LEU A 478 14.44 -13.33 0.37
N GLU A 479 13.20 -13.77 0.16
CA GLU A 479 12.14 -12.94 -0.42
C GLU A 479 11.91 -11.69 0.41
N ALA A 480 11.68 -11.93 1.70
CA ALA A 480 11.44 -10.89 2.68
C ALA A 480 12.65 -9.95 2.85
N LEU A 481 13.87 -10.51 2.84
CA LEU A 481 15.09 -9.68 2.89
C LEU A 481 15.20 -8.83 1.63
N GLN A 482 14.92 -9.42 0.47
CA GLN A 482 15.03 -8.69 -0.80
C GLN A 482 14.03 -7.54 -0.87
N LYS A 483 12.79 -7.77 -0.43
CA LYS A 483 11.76 -6.74 -0.41
C LYS A 483 12.24 -5.49 0.34
N ARG A 484 12.77 -5.71 1.54
CA ARG A 484 13.31 -4.63 2.34
C ARG A 484 14.55 -3.98 1.69
N ALA A 485 15.42 -4.79 1.08
CA ALA A 485 16.60 -4.26 0.37
C ALA A 485 16.20 -3.28 -0.73
N ILE A 486 15.15 -3.63 -1.48
CA ILE A 486 14.61 -2.81 -2.56
C ILE A 486 14.01 -1.50 -2.03
N GLU A 487 13.37 -1.52 -0.87
CA GLU A 487 12.90 -0.30 -0.21
C GLU A 487 14.08 0.64 0.16
N ASP A 488 15.25 0.10 0.48
CA ASP A 488 16.43 0.94 0.79
C ASP A 488 17.32 1.26 -0.43
N ASN A 489 16.90 0.81 -1.62
CA ASN A 489 17.65 1.02 -2.87
C ASN A 489 18.98 0.26 -2.84
N ALA A 490 18.96 -0.92 -2.22
CA ALA A 490 20.17 -1.70 -1.95
C ALA A 490 20.30 -2.87 -2.93
N GLU A 491 21.44 -3.56 -2.87
CA GLU A 491 21.67 -4.83 -3.60
C GLU A 491 21.73 -6.03 -2.64
N ILE A 492 21.19 -7.16 -3.09
CA ILE A 492 21.12 -8.40 -2.31
C ILE A 492 21.40 -9.61 -3.20
N ALA A 493 22.20 -10.54 -2.69
CA ALA A 493 22.57 -11.74 -3.41
C ALA A 493 22.70 -12.88 -2.44
N ALA A 494 22.24 -14.05 -2.87
CA ALA A 494 22.21 -15.26 -2.05
C ALA A 494 22.96 -16.40 -2.72
N VAL A 495 23.85 -17.05 -1.97
CA VAL A 495 24.37 -18.37 -2.36
C VAL A 495 23.56 -19.45 -1.60
N VAL A 496 22.72 -20.18 -2.33
CA VAL A 496 21.73 -21.10 -1.73
C VAL A 496 21.93 -22.55 -2.15
N ALA A 497 23.03 -22.86 -2.83
CA ALA A 497 23.31 -24.21 -3.24
C ALA A 497 23.93 -24.93 -2.06
N ASN A 498 24.29 -26.19 -2.27
CA ASN A 498 25.11 -26.90 -1.30
C ASN A 498 26.56 -26.44 -1.50
N SER A 499 27.12 -25.79 -0.47
CA SER A 499 28.46 -25.21 -0.54
C SER A 499 29.61 -26.22 -0.69
N ASN A 500 29.39 -27.48 -0.32
CA ASN A 500 30.40 -28.54 -0.50
C ASN A 500 30.34 -29.17 -1.90
N THR A 501 29.15 -29.52 -2.39
CA THR A 501 29.01 -30.40 -3.57
C THR A 501 28.67 -29.71 -4.89
N THR A 502 28.38 -28.41 -4.87
CA THR A 502 28.02 -27.65 -6.07
C THR A 502 29.26 -26.94 -6.63
N THR A 503 29.61 -27.22 -7.88
CA THR A 503 30.78 -26.61 -8.53
C THR A 503 30.72 -25.08 -8.47
N GLY A 504 31.82 -24.44 -8.08
CA GLY A 504 31.91 -22.98 -8.03
C GLY A 504 31.31 -22.28 -6.81
N ALA A 505 30.70 -23.03 -5.88
CA ALA A 505 29.96 -22.45 -4.74
C ALA A 505 30.87 -21.79 -3.72
N GLU A 506 31.98 -22.44 -3.38
CA GLU A 506 32.99 -21.83 -2.49
C GLU A 506 33.55 -20.51 -3.07
N ASP A 507 34.00 -20.57 -4.32
CA ASP A 507 34.53 -19.39 -5.03
C ASP A 507 33.49 -18.26 -5.09
N ALA A 508 32.24 -18.60 -5.40
CA ALA A 508 31.13 -17.60 -5.42
C ALA A 508 30.95 -16.91 -4.07
N ILE A 509 31.04 -17.69 -2.99
CA ILE A 509 30.97 -17.16 -1.63
C ILE A 509 32.17 -16.27 -1.32
N ALA A 510 33.36 -16.72 -1.70
CA ALA A 510 34.60 -15.95 -1.50
C ALA A 510 34.54 -14.59 -2.19
N ALA A 511 33.94 -14.56 -3.37
CA ALA A 511 33.88 -13.34 -4.18
C ALA A 511 32.76 -12.39 -3.71
N LEU A 512 31.71 -12.96 -3.12
CA LEU A 512 30.54 -12.18 -2.72
C LEU A 512 30.71 -11.44 -1.38
N LEU A 513 31.15 -12.18 -0.36
CA LEU A 513 31.08 -11.72 1.03
C LEU A 513 31.93 -10.52 1.44
N PRO A 514 33.16 -10.37 0.89
CA PRO A 514 34.03 -9.28 1.34
C PRO A 514 33.46 -7.86 1.24
N ASP A 515 32.67 -7.58 0.22
CA ASP A 515 32.13 -6.22 0.00
C ASP A 515 30.76 -5.99 0.62
N ALA A 516 30.12 -7.05 1.12
CA ALA A 516 28.81 -6.92 1.74
C ALA A 516 28.94 -6.22 3.07
N ASP A 517 27.98 -5.36 3.37
CA ASP A 517 27.90 -4.62 4.65
C ASP A 517 27.43 -5.55 5.76
N VAL A 518 26.60 -6.52 5.40
CA VAL A 518 26.16 -7.57 6.30
C VAL A 518 26.01 -8.85 5.50
N THR A 519 26.29 -9.98 6.14
CA THR A 519 26.03 -11.28 5.53
C THR A 519 25.23 -12.15 6.50
N PHE A 520 24.14 -12.71 5.99
CA PHE A 520 23.21 -13.52 6.75
C PHE A 520 23.49 -14.96 6.39
N VAL A 521 23.64 -15.81 7.39
CA VAL A 521 23.73 -17.23 7.13
C VAL A 521 22.55 -17.90 7.76
N PHE A 522 21.80 -18.62 6.93
CA PHE A 522 20.63 -19.34 7.38
C PHE A 522 21.00 -20.81 7.53
N LEU A 523 20.87 -21.31 8.74
CA LEU A 523 21.18 -22.69 9.08
C LEU A 523 19.91 -23.43 9.47
N ASN A 524 19.91 -24.75 9.33
CA ASN A 524 18.82 -25.54 9.87
C ASN A 524 19.28 -26.89 10.37
N ARG A 525 18.37 -27.57 11.06
CA ARG A 525 18.58 -28.90 11.57
C ARG A 525 17.24 -29.63 11.62
N TYR A 526 16.95 -30.34 10.55
CA TYR A 526 15.82 -31.25 10.48
C TYR A 526 15.97 -32.43 11.44
N SER A 527 14.88 -32.75 12.13
CA SER A 527 14.76 -34.00 12.89
C SER A 527 13.31 -34.49 12.76
N GLU A 528 13.02 -35.71 13.19
CA GLU A 528 11.73 -36.33 12.91
C GLU A 528 11.29 -37.34 13.96
N GLU A 529 10.01 -37.66 13.90
CA GLU A 529 9.43 -38.78 14.61
C GLU A 529 10.08 -40.07 14.12
N GLY A 530 10.28 -41.01 15.03
CA GLY A 530 10.79 -42.32 14.68
C GLY A 530 12.30 -42.45 14.72
N ALA A 531 13.01 -41.35 15.01
CA ALA A 531 14.45 -41.38 15.21
C ALA A 531 14.86 -40.22 16.11
N ASP A 532 15.95 -40.41 16.84
CA ASP A 532 16.55 -39.32 17.59
C ASP A 532 17.73 -38.75 16.82
N ALA A 533 18.03 -37.48 17.05
CA ALA A 533 19.21 -36.87 16.50
C ALA A 533 20.44 -37.58 17.08
N PRO A 534 21.45 -37.92 16.25
CA PRO A 534 22.69 -38.56 16.77
C PRO A 534 23.57 -37.65 17.65
N ASP A 535 23.48 -36.35 17.39
CA ASP A 535 24.30 -35.33 18.05
C ASP A 535 23.65 -33.95 17.76
N PHE A 536 24.37 -32.89 18.11
CA PHE A 536 23.90 -31.52 17.92
C PHE A 536 24.35 -30.89 16.60
N SER A 537 24.90 -31.70 15.70
CA SER A 537 25.50 -31.16 14.50
C SER A 537 24.42 -30.55 13.60
N LEU A 538 24.78 -29.45 12.96
CA LEU A 538 23.91 -28.77 12.02
C LEU A 538 23.59 -29.66 10.84
N GLY A 539 22.42 -29.42 10.25
CA GLY A 539 21.98 -30.16 9.08
C GLY A 539 22.68 -29.69 7.82
N GLY A 540 22.72 -30.57 6.83
CA GLY A 540 23.29 -30.25 5.51
C GLY A 540 24.69 -29.69 5.63
N ASP A 541 24.95 -28.61 4.91
CA ASP A 541 26.30 -28.02 4.83
C ASP A 541 26.50 -26.86 5.81
N GLY A 542 25.73 -26.85 6.91
CA GLY A 542 25.75 -25.74 7.84
C GLY A 542 27.11 -25.46 8.43
N ASP A 543 27.82 -26.52 8.81
CA ASP A 543 29.17 -26.37 9.37
C ASP A 543 30.05 -25.62 8.37
N ASN A 544 30.01 -26.05 7.10
CA ASN A 544 30.85 -25.48 6.07
C ASN A 544 30.43 -24.04 5.69
N LEU A 545 29.13 -23.75 5.68
CA LEU A 545 28.66 -22.38 5.45
C LEU A 545 29.24 -21.40 6.48
N MET A 546 29.20 -21.80 7.74
CA MET A 546 29.74 -20.98 8.83
C MET A 546 31.24 -20.75 8.73
N ASP A 547 31.97 -21.84 8.47
CA ASP A 547 33.43 -21.78 8.25
C ASP A 547 33.80 -20.79 7.15
N LEU A 548 33.09 -20.85 6.02
CA LEU A 548 33.30 -19.94 4.91
C LEU A 548 32.86 -18.52 5.25
N ALA A 549 31.70 -18.38 5.88
CA ALA A 549 31.17 -17.06 6.24
C ALA A 549 32.14 -16.28 7.11
N VAL A 550 32.65 -16.89 8.18
CA VAL A 550 33.60 -16.18 9.06
C VAL A 550 34.98 -15.93 8.43
N THR A 551 35.35 -16.73 7.43
CA THR A 551 36.58 -16.51 6.66
C THR A 551 36.51 -15.24 5.81
N TYR A 552 35.35 -14.97 5.19
CA TYR A 552 35.24 -13.90 4.19
C TYR A 552 34.43 -12.66 4.60
N SER A 553 33.90 -12.64 5.83
CA SER A 553 33.12 -11.50 6.32
C SER A 553 33.27 -11.26 7.80
N SER A 554 33.18 -9.98 8.17
CA SER A 554 33.29 -9.51 9.56
C SER A 554 31.98 -9.03 10.18
N ASN A 555 30.87 -9.23 9.47
CA ASN A 555 29.56 -8.89 9.99
C ASN A 555 28.55 -10.00 9.66
N VAL A 556 28.75 -11.15 10.27
CA VAL A 556 27.96 -12.36 10.02
C VAL A 556 26.83 -12.40 11.03
N VAL A 557 25.59 -12.48 10.53
CA VAL A 557 24.38 -12.60 11.34
C VAL A 557 23.80 -13.97 11.08
N VAL A 558 23.68 -14.77 12.13
CA VAL A 558 23.29 -16.18 11.98
C VAL A 558 21.85 -16.31 12.37
N VAL A 559 21.08 -17.04 11.55
CA VAL A 559 19.69 -17.39 11.88
C VAL A 559 19.51 -18.89 11.73
N ILE A 560 18.94 -19.51 12.76
CA ILE A 560 18.80 -20.95 12.83
C ILE A 560 17.31 -21.34 12.87
N HIS A 561 16.87 -22.06 11.85
CA HIS A 561 15.57 -22.75 11.84
C HIS A 561 15.82 -24.18 12.26
N THR A 562 15.24 -24.60 13.38
CA THR A 562 15.63 -25.88 13.98
C THR A 562 14.57 -26.49 14.84
N THR A 563 14.62 -27.82 14.93
CA THR A 563 13.77 -28.59 15.83
C THR A 563 14.34 -28.67 17.27
N GLY A 564 15.56 -28.19 17.48
CA GLY A 564 16.15 -28.27 18.81
C GLY A 564 17.53 -27.64 18.88
N VAL A 565 18.21 -27.85 19.99
CA VAL A 565 19.53 -27.27 20.22
C VAL A 565 20.54 -27.84 19.21
N VAL A 566 21.41 -26.96 18.72
CA VAL A 566 22.45 -27.32 17.77
C VAL A 566 23.82 -26.87 18.27
N ASP A 567 24.87 -27.36 17.60
CA ASP A 567 26.24 -27.11 17.98
C ASP A 567 26.80 -25.97 17.16
N ILE A 568 26.89 -24.80 17.78
CA ILE A 568 27.53 -23.63 17.14
C ILE A 568 28.81 -23.20 17.91
N GLU A 569 29.44 -24.15 18.60
CA GLU A 569 30.56 -23.86 19.49
C GLU A 569 31.78 -23.39 18.71
N LYS A 570 31.91 -23.85 17.48
CA LYS A 570 33.03 -23.48 16.61
C LYS A 570 33.02 -21.99 16.19
N TRP A 571 31.83 -21.34 16.24
CA TRP A 571 31.63 -19.98 15.73
C TRP A 571 30.98 -18.97 16.65
N ALA A 572 30.30 -19.39 17.71
CA ALA A 572 29.54 -18.46 18.56
C ALA A 572 30.40 -17.41 19.29
N ASP A 573 31.67 -17.75 19.51
CA ASP A 573 32.66 -16.82 20.06
C ASP A 573 33.62 -16.23 19.01
N ASN A 574 33.28 -16.38 17.73
CA ASN A 574 34.07 -15.82 16.65
C ASN A 574 33.75 -14.33 16.60
N PRO A 575 34.79 -13.48 16.62
CA PRO A 575 34.54 -12.03 16.55
C PRO A 575 33.80 -11.54 15.29
N ASN A 576 33.79 -12.36 14.24
CA ASN A 576 33.06 -12.05 12.99
C ASN A 576 31.57 -12.40 13.01
N VAL A 577 31.14 -13.19 13.98
CA VAL A 577 29.71 -13.46 14.19
C VAL A 577 29.18 -12.37 15.11
N THR A 578 28.55 -11.35 14.53
CA THR A 578 28.08 -10.19 15.30
C THR A 578 26.69 -10.39 15.93
N ALA A 579 25.90 -11.34 15.42
CA ALA A 579 24.58 -11.64 15.98
C ALA A 579 24.16 -13.06 15.67
N ILE A 580 23.38 -13.63 16.59
CA ILE A 580 22.83 -14.98 16.43
C ILE A 580 21.37 -14.99 16.87
N LEU A 581 20.51 -15.65 16.10
CA LEU A 581 19.13 -15.86 16.49
C LEU A 581 18.68 -17.28 16.21
N VAL A 582 17.70 -17.72 17.00
CA VAL A 582 17.03 -18.97 16.74
C VAL A 582 15.55 -18.66 16.48
N ALA A 583 15.06 -19.12 15.34
CA ALA A 583 13.70 -18.87 14.88
C ALA A 583 12.85 -20.13 14.91
N TYR A 584 13.42 -21.23 15.39
CA TYR A 584 12.67 -22.45 15.63
C TYR A 584 11.97 -22.94 14.35
N LEU A 585 10.65 -23.20 14.41
CA LEU A 585 9.89 -23.77 13.29
C LEU A 585 8.70 -22.85 13.02
N PRO A 586 8.92 -21.79 12.22
CA PRO A 586 7.94 -20.69 12.17
C PRO A 586 6.72 -20.86 11.25
N GLY A 587 6.59 -22.00 10.60
CA GLY A 587 5.49 -22.20 9.66
C GLY A 587 5.62 -21.32 8.43
N GLN A 588 4.52 -21.16 7.70
CA GLN A 588 4.56 -20.63 6.34
C GLN A 588 5.06 -19.17 6.23
N GLU A 589 4.89 -18.36 7.29
CA GLU A 589 5.28 -16.96 7.27
C GLU A 589 6.70 -16.76 7.81
N ALA A 590 7.66 -17.48 7.25
CA ALA A 590 9.02 -17.55 7.82
C ALA A 590 9.81 -16.25 7.66
N GLY A 591 9.85 -15.73 6.44
CA GLY A 591 10.63 -14.54 6.12
C GLY A 591 10.04 -13.25 6.68
N ASN A 592 8.74 -13.08 6.46
CA ASN A 592 8.06 -11.85 6.87
C ASN A 592 7.89 -11.73 8.40
N SER A 593 7.96 -12.83 9.15
CA SER A 593 7.97 -12.75 10.61
C SER A 593 9.36 -12.35 11.15
N LEU A 594 10.40 -12.70 10.41
CA LEU A 594 11.78 -12.53 10.83
C LEU A 594 12.33 -11.14 10.52
N VAL A 595 12.14 -10.70 9.28
CA VAL A 595 12.78 -9.49 8.77
C VAL A 595 12.45 -8.20 9.58
N PRO A 596 11.18 -8.00 9.99
CA PRO A 596 10.85 -6.85 10.85
C PRO A 596 11.62 -6.78 12.15
N VAL A 597 12.04 -7.93 12.68
CA VAL A 597 12.87 -7.97 13.89
C VAL A 597 14.31 -7.60 13.52
N LEU A 598 14.82 -8.16 12.43
CA LEU A 598 16.17 -7.86 11.96
C LEU A 598 16.40 -6.37 11.70
N TYR A 599 15.39 -5.71 11.12
CA TYR A 599 15.46 -4.30 10.78
C TYR A 599 14.95 -3.37 11.88
N GLY A 600 14.53 -3.93 13.01
CA GLY A 600 14.16 -3.13 14.18
C GLY A 600 12.77 -2.52 14.20
N ASP A 601 11.85 -3.06 13.39
CA ASP A 601 10.47 -2.58 13.42
C ASP A 601 9.83 -3.02 14.73
N VAL A 602 10.18 -4.24 15.16
CA VAL A 602 9.80 -4.77 16.47
C VAL A 602 11.06 -5.33 17.09
N ALA A 603 11.22 -5.11 18.38
CA ALA A 603 12.36 -5.68 19.12
C ALA A 603 12.08 -7.17 19.34
N PRO A 604 13.12 -8.02 19.20
CA PRO A 604 12.90 -9.43 19.52
C PRO A 604 12.53 -9.54 20.98
N SER A 605 11.63 -10.48 21.29
CA SER A 605 11.16 -10.73 22.67
C SER A 605 11.02 -12.21 23.03
N GLY A 606 11.39 -13.11 22.13
CA GLY A 606 11.32 -14.54 22.42
C GLY A 606 12.45 -14.93 23.37
N LYS A 607 12.23 -16.00 24.13
CA LYS A 607 13.26 -16.54 25.01
C LYS A 607 13.23 -18.06 24.96
N LEU A 608 14.38 -18.68 25.23
CA LEU A 608 14.53 -20.12 25.06
C LEU A 608 13.56 -20.92 25.97
N PRO A 609 12.86 -21.90 25.38
CA PRO A 609 11.99 -22.79 26.15
C PRO A 609 12.69 -24.06 26.66
N TRP A 610 13.97 -24.21 26.38
CA TRP A 610 14.84 -25.24 26.96
C TRP A 610 16.26 -24.67 27.11
N THR A 611 17.17 -25.47 27.63
CA THR A 611 18.54 -25.07 27.88
C THR A 611 19.43 -25.37 26.65
N TRP A 612 20.33 -24.43 26.37
CA TRP A 612 21.31 -24.52 25.29
C TRP A 612 22.71 -24.73 25.89
N GLY A 613 23.06 -26.00 26.09
CA GLY A 613 24.34 -26.38 26.65
C GLY A 613 25.46 -26.33 25.63
N LYS A 614 26.68 -26.21 26.13
CA LYS A 614 27.87 -26.15 25.28
C LYS A 614 28.17 -27.51 24.64
N SER A 615 27.69 -28.58 25.27
CA SER A 615 27.94 -29.92 24.81
C SER A 615 26.78 -30.84 25.18
N ILE A 616 26.56 -31.85 24.34
CA ILE A 616 25.65 -32.94 24.69
C ILE A 616 26.00 -33.63 26.03
N ASP A 617 27.29 -33.70 26.38
CA ASP A 617 27.74 -34.35 27.62
C ASP A 617 27.27 -33.61 28.89
N ASP A 618 26.90 -32.34 28.73
CA ASP A 618 26.37 -31.52 29.81
C ASP A 618 24.92 -31.84 30.21
N TYR A 619 24.17 -32.57 29.39
CA TYR A 619 22.76 -32.87 29.72
C TYR A 619 22.62 -34.12 30.59
N VAL A 620 21.38 -34.44 30.96
CA VAL A 620 21.03 -35.68 31.67
C VAL A 620 21.68 -36.86 30.97
N PRO A 621 22.42 -37.73 31.72
CA PRO A 621 23.06 -38.89 31.07
C PRO A 621 22.09 -39.99 30.65
N ASN A 622 22.50 -40.77 29.66
CA ASN A 622 21.69 -41.82 29.07
C ASN A 622 20.33 -41.31 28.59
N GLY A 623 20.35 -40.12 27.99
CA GLY A 623 19.17 -39.50 27.40
C GLY A 623 18.51 -40.31 26.30
N VAL A 624 19.31 -41.05 25.54
CA VAL A 624 18.77 -42.02 24.59
C VAL A 624 19.57 -43.31 24.64
N VAL A 625 18.92 -44.40 25.05
CA VAL A 625 19.61 -45.68 25.17
C VAL A 625 19.54 -46.36 23.80
N TYR A 626 20.72 -46.77 23.33
CA TYR A 626 20.90 -47.53 22.09
C TYR A 626 21.32 -48.94 22.46
N THR A 627 20.45 -49.91 22.17
CA THR A 627 20.74 -51.31 22.46
C THR A 627 19.95 -52.26 21.54
N ASP A 628 20.49 -53.47 21.38
CA ASP A 628 19.83 -54.57 20.67
C ASP A 628 19.23 -55.57 21.64
N ALA A 629 19.31 -55.27 22.94
CA ALA A 629 18.73 -56.12 23.95
C ALA A 629 17.24 -56.24 23.72
N TYR A 630 16.71 -57.43 23.96
CA TYR A 630 15.31 -57.74 23.71
C TYR A 630 14.38 -56.86 24.51
N SER A 631 14.74 -56.59 25.76
CA SER A 631 13.96 -55.80 26.70
C SER A 631 14.80 -54.55 27.04
N PRO A 632 14.78 -53.54 26.14
CA PRO A 632 15.56 -52.29 26.39
C PRO A 632 15.04 -51.50 27.58
N GLN A 633 15.96 -50.98 28.39
CA GLN A 633 15.64 -50.26 29.63
C GLN A 633 16.20 -48.83 29.60
N SER A 634 15.46 -47.90 30.17
CA SER A 634 15.95 -46.54 30.40
C SER A 634 15.58 -46.20 31.84
N ASN A 635 16.58 -46.20 32.73
CA ASN A 635 16.35 -45.90 34.15
C ASN A 635 16.38 -44.40 34.30
N PHE A 636 15.31 -43.82 34.83
CA PHE A 636 15.22 -42.36 34.99
C PHE A 636 15.82 -42.00 36.35
N THR A 637 17.09 -42.35 36.55
CA THR A 637 17.74 -42.18 37.84
C THR A 637 17.98 -40.70 38.16
N GLU A 638 18.03 -39.85 37.13
CA GLU A 638 18.07 -38.39 37.32
C GLU A 638 16.88 -37.79 38.09
N GLY A 639 15.76 -38.51 38.14
CA GLY A 639 14.58 -38.06 38.87
C GLY A 639 13.91 -36.89 38.19
N VAL A 640 13.50 -35.89 38.99
CA VAL A 640 12.95 -34.64 38.45
C VAL A 640 13.99 -33.74 37.75
N PHE A 641 15.27 -34.08 37.80
CA PHE A 641 16.32 -33.19 37.34
C PHE A 641 16.60 -33.31 35.82
N ILE A 642 15.72 -32.72 35.01
CA ILE A 642 15.92 -32.63 33.56
C ILE A 642 16.10 -31.19 33.10
N ASP A 643 16.64 -31.02 31.89
CA ASP A 643 16.90 -29.68 31.34
C ASP A 643 17.59 -28.77 32.39
N TYR A 644 17.05 -27.59 32.69
CA TYR A 644 17.77 -26.61 33.51
C TYR A 644 17.94 -27.06 34.95
N ARG A 645 17.07 -27.96 35.41
CA ARG A 645 17.23 -28.43 36.75
C ARG A 645 18.45 -29.32 36.92
N TRP A 646 18.81 -30.07 35.91
CA TRP A 646 20.08 -30.78 35.89
C TRP A 646 21.24 -29.77 35.88
N PHE A 647 21.18 -28.82 34.96
CA PHE A 647 22.27 -27.86 34.82
C PHE A 647 22.52 -27.11 36.13
N ASP A 648 21.44 -26.64 36.74
CA ASP A 648 21.51 -25.90 38.00
C ASP A 648 22.07 -26.79 39.15
N LYS A 649 21.48 -27.97 39.34
CA LYS A 649 21.91 -28.92 40.38
C LYS A 649 23.38 -29.32 40.26
N MET A 650 23.85 -29.55 39.04
CA MET A 650 25.23 -30.00 38.82
C MET A 650 26.22 -28.87 38.75
N GLY A 651 25.73 -27.62 38.76
CA GLY A 651 26.57 -26.44 38.67
C GLY A 651 27.23 -26.31 37.31
N ILE A 652 26.54 -26.76 36.26
CA ILE A 652 27.04 -26.63 34.89
C ILE A 652 26.44 -25.36 34.32
N THR A 653 27.27 -24.54 33.67
CA THR A 653 26.85 -23.29 33.06
C THR A 653 26.51 -23.57 31.58
N PRO A 654 25.25 -23.33 31.16
CA PRO A 654 24.95 -23.43 29.74
C PRO A 654 25.48 -22.23 29.00
N ARG A 655 25.58 -22.33 27.69
CA ARG A 655 25.87 -21.17 26.87
C ARG A 655 24.71 -20.16 26.97
N TYR A 656 23.50 -20.64 26.68
CA TYR A 656 22.27 -19.86 26.82
C TYR A 656 21.30 -20.65 27.69
N GLU A 657 20.91 -20.05 28.82
CA GLU A 657 20.09 -20.69 29.83
C GLU A 657 18.63 -20.75 29.41
N PHE A 658 17.88 -21.66 30.02
CA PHE A 658 16.40 -21.68 29.95
C PHE A 658 15.82 -20.31 30.31
N GLY A 659 14.91 -19.81 29.47
CA GLY A 659 14.30 -18.50 29.67
C GLY A 659 15.15 -17.29 29.28
N PHE A 660 16.15 -17.49 28.42
CA PHE A 660 17.04 -16.41 28.00
C PHE A 660 16.68 -15.95 26.60
N GLY A 661 16.70 -14.63 26.42
CA GLY A 661 16.60 -14.01 25.10
C GLY A 661 16.86 -12.52 25.22
N LEU A 662 17.64 -11.95 24.30
CA LEU A 662 17.96 -10.52 24.35
C LEU A 662 16.83 -9.74 23.70
N SER A 663 16.77 -8.45 24.04
CA SER A 663 15.94 -7.47 23.37
C SER A 663 16.89 -6.45 22.70
N TYR A 664 16.36 -5.38 22.15
CA TYR A 664 17.19 -4.25 21.71
C TYR A 664 17.23 -3.13 22.78
N THR A 665 16.68 -3.43 23.95
CA THR A 665 16.74 -2.55 25.11
C THR A 665 16.99 -3.42 26.33
N THR A 666 17.14 -2.79 27.50
CA THR A 666 17.31 -3.51 28.77
C THR A 666 16.19 -3.19 29.75
N PHE A 667 15.98 -4.10 30.70
CA PHE A 667 14.92 -3.96 31.70
C PHE A 667 15.50 -4.10 33.10
N THR A 668 15.03 -3.24 34.00
CA THR A 668 15.46 -3.25 35.39
C THR A 668 14.27 -3.66 36.25
N TYR A 669 14.51 -4.64 37.11
CA TYR A 669 13.51 -5.23 38.00
C TYR A 669 13.60 -4.56 39.38
N SER A 670 12.44 -4.32 39.99
CA SER A 670 12.38 -3.68 41.32
C SER A 670 11.11 -4.07 42.10
N ASN A 671 11.11 -3.76 43.39
CA ASN A 671 9.90 -3.76 44.24
C ASN A 671 9.15 -5.10 44.21
N LEU A 672 9.84 -6.14 44.68
CA LEU A 672 9.25 -7.47 44.80
C LEU A 672 8.25 -7.47 45.95
N ILE A 673 7.00 -7.85 45.66
CA ILE A 673 5.92 -7.90 46.66
C ILE A 673 5.31 -9.27 46.64
N VAL A 674 5.10 -9.84 47.83
CA VAL A 674 4.34 -11.09 47.96
C VAL A 674 3.09 -10.74 48.74
N ASP A 675 1.93 -10.88 48.09
CA ASP A 675 0.66 -10.51 48.68
C ASP A 675 -0.08 -11.77 49.13
N HIS A 676 0.01 -12.10 50.42
CA HIS A 676 -0.71 -13.26 50.98
C HIS A 676 -2.19 -13.01 51.12
N GLY A 677 -2.61 -11.74 51.01
CA GLY A 677 -4.01 -11.37 50.96
C GLY A 677 -4.71 -11.65 49.65
N ARG A 678 -3.95 -11.78 48.55
CA ARG A 678 -4.52 -12.00 47.23
C ARG A 678 -4.56 -13.48 46.87
N TRP A 679 -5.58 -14.13 47.39
CA TRP A 679 -5.88 -15.53 47.14
C TRP A 679 -7.25 -15.61 46.49
N ALA A 680 -7.57 -16.79 45.95
CA ALA A 680 -8.83 -17.01 45.25
C ALA A 680 -9.11 -18.49 45.06
N LYS A 681 -10.37 -18.86 45.29
CA LYS A 681 -10.84 -20.20 45.08
C LYS A 681 -10.79 -20.46 43.58
N ASP A 682 -10.46 -21.69 43.21
CA ASP A 682 -10.40 -22.11 41.81
C ASP A 682 -11.81 -22.45 41.29
N TYR A 683 -12.34 -21.59 40.42
CA TYR A 683 -13.66 -21.81 39.79
C TYR A 683 -13.58 -22.13 38.29
N SER A 684 -12.49 -21.71 37.64
CA SER A 684 -12.47 -21.53 36.19
C SER A 684 -11.88 -22.71 35.37
N SER A 685 -11.58 -23.85 36.00
CA SER A 685 -11.19 -25.06 35.25
C SER A 685 -12.42 -25.71 34.60
N VAL A 686 -12.20 -26.37 33.48
CA VAL A 686 -13.27 -27.11 32.79
C VAL A 686 -13.58 -28.43 33.51
N MET A 687 -12.54 -29.17 33.89
CA MET A 687 -12.69 -30.42 34.65
C MET A 687 -11.80 -30.42 35.89
N GLU A 688 -12.14 -31.28 36.85
CA GLU A 688 -11.42 -31.35 38.12
C GLU A 688 -10.73 -32.69 38.32
N THR A 689 -9.53 -32.64 38.89
CA THR A 689 -8.79 -33.83 39.27
C THR A 689 -9.27 -34.31 40.65
N ALA A 690 -8.78 -35.47 41.09
CA ALA A 690 -8.95 -35.94 42.48
C ALA A 690 -7.57 -36.15 43.12
N GLU A 691 -6.68 -35.19 42.91
CA GLU A 691 -5.34 -35.28 43.46
C GLU A 691 -5.40 -35.09 44.99
N PRO A 692 -5.00 -36.12 45.76
CA PRO A 692 -5.01 -35.95 47.21
C PRO A 692 -3.98 -34.94 47.68
N PHE A 693 -4.35 -34.16 48.68
CA PHE A 693 -3.44 -33.19 49.28
C PHE A 693 -3.79 -32.96 50.75
N ALA A 694 -2.73 -32.77 51.54
CA ALA A 694 -2.82 -32.76 52.99
C ALA A 694 -3.78 -31.70 53.55
N GLU A 695 -3.86 -30.55 52.87
CA GLU A 695 -4.62 -29.40 53.34
C GLU A 695 -6.12 -29.48 52.95
N TRP A 696 -6.56 -30.57 52.33
CA TRP A 696 -7.95 -30.73 51.92
C TRP A 696 -8.90 -30.69 53.11
N ASP A 697 -9.92 -29.83 53.03
CA ASP A 697 -10.92 -29.64 54.09
C ASP A 697 -12.36 -29.86 53.60
N GLY A 698 -12.53 -30.51 52.45
CA GLY A 698 -13.85 -30.77 51.88
C GLY A 698 -14.38 -29.72 50.91
N THR A 699 -13.85 -28.50 50.99
CA THR A 699 -14.24 -27.37 50.12
C THR A 699 -13.14 -26.91 49.14
N ASN A 700 -11.94 -26.66 49.69
CA ASN A 700 -10.77 -26.13 48.95
C ASN A 700 -10.14 -27.09 47.88
N SER A 701 -9.02 -26.68 47.26
CA SER A 701 -8.44 -27.41 46.14
C SER A 701 -6.94 -27.18 45.98
N LEU A 702 -6.29 -28.13 45.33
CA LEU A 702 -4.88 -28.03 44.93
C LEU A 702 -4.58 -26.83 44.04
N TYR A 703 -5.57 -26.35 43.31
CA TYR A 703 -5.38 -25.28 42.34
C TYR A 703 -5.93 -23.90 42.77
N ASP A 704 -6.37 -23.78 44.03
CA ASP A 704 -6.69 -22.46 44.58
C ASP A 704 -5.42 -21.65 44.56
N VAL A 705 -5.53 -20.35 44.32
CA VAL A 705 -4.34 -19.49 44.45
C VAL A 705 -4.33 -19.06 45.91
N ILE A 706 -3.15 -19.24 46.53
CA ILE A 706 -2.97 -18.94 47.96
C ILE A 706 -2.23 -17.64 48.20
N PHE A 707 -1.48 -17.16 47.20
CA PHE A 707 -0.94 -15.82 47.23
C PHE A 707 -0.52 -15.40 45.83
N THR A 708 -0.34 -14.10 45.66
CA THR A 708 0.07 -13.57 44.36
C THR A 708 1.33 -12.75 44.57
N VAL A 709 2.26 -12.83 43.62
CA VAL A 709 3.51 -12.04 43.72
C VAL A 709 3.62 -11.07 42.55
N PHE A 710 4.14 -9.88 42.87
CA PHE A 710 4.25 -8.76 41.97
C PHE A 710 5.69 -8.24 41.96
N ALA A 711 6.04 -7.61 40.86
CA ALA A 711 7.33 -6.96 40.71
C ALA A 711 7.15 -5.87 39.66
N THR A 712 8.11 -4.98 39.57
CA THR A 712 8.02 -3.85 38.65
C THR A 712 9.22 -3.93 37.73
N ILE A 713 8.97 -3.83 36.42
CA ILE A 713 10.05 -3.71 35.41
C ILE A 713 10.04 -2.31 34.83
N THR A 714 11.22 -1.80 34.53
CA THR A 714 11.38 -0.47 33.95
C THR A 714 12.23 -0.61 32.68
N ASN A 715 11.78 -0.03 31.57
CA ASN A 715 12.57 -0.01 30.34
C ASN A 715 13.67 1.01 30.55
N THR A 716 14.88 0.50 30.61
CA THR A 716 16.02 1.23 31.13
C THR A 716 17.07 1.44 30.00
N GLY A 717 16.66 1.26 28.74
CA GLY A 717 17.52 1.49 27.55
C GLY A 717 16.98 2.55 26.59
N ASN A 718 17.35 2.44 25.32
CA ASN A 718 17.07 3.50 24.32
C ASN A 718 15.96 3.12 23.32
N LEU A 719 15.29 1.98 23.52
CA LEU A 719 14.26 1.52 22.60
C LEU A 719 13.06 0.87 23.30
N THR A 720 11.88 1.02 22.71
CA THR A 720 10.70 0.27 23.13
C THR A 720 11.02 -1.21 22.98
N GLY A 721 10.49 -2.02 23.91
CA GLY A 721 10.70 -3.46 23.88
C GLY A 721 9.72 -4.19 24.76
N SER A 722 9.35 -5.41 24.35
CA SER A 722 8.60 -6.33 25.21
C SER A 722 9.53 -7.17 26.06
N GLU A 723 9.03 -7.67 27.19
CA GLU A 723 9.83 -8.42 28.16
C GLU A 723 9.03 -9.53 28.83
N VAL A 724 9.58 -10.74 28.79
CA VAL A 724 9.04 -11.88 29.51
C VAL A 724 9.68 -11.95 30.91
N ALA A 725 8.89 -11.64 31.93
CA ALA A 725 9.31 -11.74 33.33
C ALA A 725 9.00 -13.13 33.80
N GLN A 726 9.90 -13.70 34.60
CA GLN A 726 9.79 -15.09 35.06
C GLN A 726 9.93 -15.14 36.57
N LEU A 727 9.19 -16.05 37.21
CA LEU A 727 9.27 -16.25 38.65
C LEU A 727 9.69 -17.68 38.93
N TYR A 728 10.66 -17.87 39.83
CA TYR A 728 11.16 -19.20 40.18
C TYR A 728 11.00 -19.39 41.69
N ILE A 729 10.67 -20.60 42.12
CA ILE A 729 10.56 -20.94 43.54
C ILE A 729 11.51 -22.07 43.89
N SER A 730 12.27 -21.89 44.96
CA SER A 730 13.06 -22.95 45.55
C SER A 730 12.22 -23.58 46.67
N ILE A 731 11.62 -24.72 46.36
CA ILE A 731 10.85 -25.47 47.35
C ILE A 731 11.83 -26.19 48.29
N PRO A 732 11.66 -26.04 49.61
CA PRO A 732 12.61 -26.65 50.54
C PRO A 732 12.44 -28.17 50.65
N GLY A 733 13.53 -28.87 50.97
CA GLY A 733 13.50 -30.33 51.11
C GLY A 733 14.80 -30.99 50.73
N ASP A 734 14.78 -32.32 50.80
CA ASP A 734 15.90 -33.16 50.37
C ASP A 734 15.86 -33.30 48.87
N ASN A 735 17.02 -33.16 48.24
CA ASN A 735 17.18 -33.45 46.83
C ASN A 735 16.17 -32.69 45.96
N GLN A 736 16.04 -31.40 46.27
CA GLN A 736 15.06 -30.51 45.65
C GLN A 736 15.78 -29.68 44.60
N PRO A 737 15.12 -29.41 43.45
CA PRO A 737 15.74 -28.49 42.48
C PRO A 737 16.06 -27.15 43.09
N VAL A 738 17.17 -26.57 42.64
CA VAL A 738 17.64 -25.28 43.12
C VAL A 738 16.52 -24.25 42.94
N ARG A 739 15.86 -24.30 41.79
CA ARG A 739 14.67 -23.52 41.54
C ARG A 739 13.81 -24.09 40.42
N GLN A 740 12.52 -23.79 40.50
CA GLN A 740 11.51 -24.30 39.57
C GLN A 740 10.67 -23.13 39.08
N LEU A 741 10.49 -23.00 37.77
CA LEU A 741 9.64 -21.95 37.21
C LEU A 741 8.23 -22.09 37.76
N ARG A 742 7.68 -21.00 38.28
CA ARG A 742 6.30 -20.95 38.75
C ARG A 742 5.48 -19.72 38.30
N GLY A 743 6.01 -18.98 37.34
CA GLY A 743 5.31 -17.84 36.82
C GLY A 743 6.00 -17.29 35.60
N PHE A 744 5.19 -16.77 34.67
CA PHE A 744 5.67 -15.86 33.64
C PHE A 744 4.59 -14.86 33.22
N ASP A 745 5.03 -13.68 32.81
CA ASP A 745 4.16 -12.58 32.44
C ASP A 745 4.93 -11.74 31.43
N LYS A 746 4.36 -11.58 30.24
CA LYS A 746 5.00 -10.82 29.16
C LYS A 746 4.41 -9.44 29.05
N ILE A 747 5.22 -8.41 29.32
CA ILE A 747 4.82 -7.03 29.11
C ILE A 747 5.12 -6.69 27.65
N LYS A 748 4.12 -6.16 26.97
CA LYS A 748 4.19 -5.79 25.55
C LYS A 748 4.57 -4.32 25.36
N ASP A 749 5.52 -4.06 24.47
CA ASP A 749 5.81 -2.71 23.96
C ASP A 749 5.92 -1.62 25.01
N LEU A 750 6.77 -1.88 25.99
CA LEU A 750 7.02 -0.99 27.11
C LEU A 750 7.95 0.13 26.63
N PRO A 751 7.47 1.40 26.62
CA PRO A 751 8.32 2.48 26.14
C PRO A 751 9.47 2.82 27.07
N VAL A 752 10.50 3.47 26.51
CA VAL A 752 11.69 3.93 27.23
C VAL A 752 11.30 4.72 28.47
N GLY A 753 11.84 4.32 29.63
CA GLY A 753 11.62 5.01 30.91
C GLY A 753 10.32 4.74 31.63
N ASP A 754 9.39 4.02 31.00
CA ASP A 754 8.13 3.62 31.62
C ASP A 754 8.29 2.33 32.41
N SER A 755 7.35 2.11 33.32
CA SER A 755 7.33 0.94 34.19
C SER A 755 6.03 0.17 34.00
N ALA A 756 6.09 -1.11 34.29
CA ALA A 756 4.91 -1.95 34.34
C ALA A 756 4.99 -2.91 35.54
N VAL A 757 3.83 -3.20 36.11
CA VAL A 757 3.71 -4.22 37.14
C VAL A 757 3.52 -5.57 36.48
N VAL A 758 4.28 -6.54 36.95
CA VAL A 758 4.28 -7.87 36.42
C VAL A 758 3.62 -8.73 37.51
N THR A 759 2.69 -9.64 37.17
CA THR A 759 1.98 -10.41 38.23
C THR A 759 1.95 -11.94 38.07
N PHE A 760 2.06 -12.63 39.21
CA PHE A 760 2.32 -14.05 39.29
C PHE A 760 1.42 -14.71 40.35
N PRO A 761 0.25 -15.22 39.95
CA PRO A 761 -0.58 -15.99 40.88
C PRO A 761 0.09 -17.31 41.21
N ILE A 762 0.09 -17.69 42.49
CA ILE A 762 0.75 -18.93 42.98
C ILE A 762 -0.32 -19.85 43.61
N ARG A 763 -0.46 -21.04 43.03
CA ARG A 763 -1.39 -22.04 43.53
C ARG A 763 -0.77 -22.86 44.63
N ARG A 764 -1.60 -23.52 45.41
CA ARG A 764 -1.15 -24.47 46.40
C ARG A 764 -0.23 -25.52 45.78
N LYS A 765 -0.60 -26.06 44.62
CA LYS A 765 0.24 -27.07 43.95
C LYS A 765 1.62 -26.53 43.61
N ASP A 766 1.69 -25.25 43.26
CA ASP A 766 2.94 -24.60 42.84
C ASP A 766 4.01 -24.55 43.90
N VAL A 767 3.59 -24.74 45.14
CA VAL A 767 4.46 -24.63 46.28
C VAL A 767 4.48 -25.98 47.05
N SER A 768 3.97 -27.06 46.42
CA SER A 768 3.83 -28.36 47.06
C SER A 768 4.88 -29.37 46.58
N SER A 769 4.93 -30.49 47.29
CA SER A 769 5.73 -31.68 46.93
C SER A 769 4.87 -32.91 47.06
N TRP A 770 5.28 -33.98 46.39
CA TRP A 770 4.59 -35.26 46.47
C TRP A 770 5.23 -36.08 47.58
N SER A 771 4.43 -36.55 48.54
CA SER A 771 4.91 -37.49 49.56
C SER A 771 4.68 -38.89 49.06
N VAL A 772 5.77 -39.62 48.87
CA VAL A 772 5.70 -40.99 48.43
C VAL A 772 5.06 -41.84 49.53
N VAL A 773 5.41 -41.55 50.79
CA VAL A 773 4.98 -42.37 51.93
C VAL A 773 3.48 -42.21 52.18
N ASP A 774 3.02 -40.96 52.23
CA ASP A 774 1.60 -40.67 52.48
C ASP A 774 0.77 -40.67 51.20
N GLN A 775 1.43 -40.65 50.03
CA GLN A 775 0.74 -40.70 48.73
C GLN A 775 -0.21 -39.53 48.56
N LEU A 776 0.32 -38.33 48.78
CA LEU A 776 -0.41 -37.08 48.57
C LEU A 776 0.51 -35.89 48.42
N TRP A 777 -0.07 -34.80 47.95
CA TRP A 777 0.63 -33.54 47.82
C TRP A 777 0.58 -32.79 49.16
N TYR A 778 1.64 -32.08 49.49
CA TYR A 778 1.66 -31.25 50.70
C TYR A 778 2.61 -30.08 50.53
N VAL A 779 2.38 -29.03 51.30
CA VAL A 779 3.22 -27.83 51.31
C VAL A 779 4.31 -28.09 52.36
N PRO A 780 5.56 -28.34 51.94
CA PRO A 780 6.55 -28.66 52.98
C PRO A 780 6.89 -27.47 53.90
N ASN A 781 7.56 -27.76 55.00
CA ASN A 781 8.00 -26.74 55.97
C ASN A 781 9.37 -26.28 55.60
N GLY A 782 9.69 -25.05 55.97
CA GLY A 782 11.00 -24.48 55.71
C GLY A 782 10.90 -23.16 54.96
N ASP A 783 12.04 -22.71 54.48
CA ASP A 783 12.14 -21.44 53.76
C ASP A 783 12.08 -21.66 52.25
N PHE A 784 11.11 -21.00 51.61
CA PHE A 784 10.96 -20.98 50.17
C PHE A 784 11.64 -19.72 49.65
N LEU A 785 12.56 -19.87 48.70
CA LEU A 785 13.12 -18.71 48.01
C LEU A 785 12.27 -18.43 46.76
N ILE A 786 11.65 -17.25 46.69
CA ILE A 786 10.92 -16.79 45.51
C ILE A 786 11.81 -15.79 44.78
N SER A 787 12.10 -16.05 43.49
CA SER A 787 12.95 -15.18 42.69
CA SER A 787 12.97 -15.19 42.68
C SER A 787 12.24 -14.75 41.41
N VAL A 788 12.57 -13.53 40.95
CA VAL A 788 11.96 -12.92 39.76
C VAL A 788 13.06 -12.26 38.91
N GLY A 789 12.95 -12.38 37.60
CA GLY A 789 13.87 -11.71 36.69
C GLY A 789 13.67 -12.12 35.24
N GLY A 790 14.69 -11.87 34.42
CA GLY A 790 14.61 -12.06 32.97
C GLY A 790 15.00 -13.41 32.39
N SER A 791 15.52 -14.30 33.24
CA SER A 791 15.86 -15.67 32.82
C SER A 791 16.06 -16.57 34.05
N SER A 792 16.30 -17.86 33.80
CA SER A 792 16.62 -18.79 34.89
C SER A 792 17.91 -18.47 35.65
N ARG A 793 18.80 -17.65 35.08
CA ARG A 793 20.04 -17.23 35.76
C ARG A 793 20.27 -15.73 35.81
N ASP A 794 19.22 -14.95 35.60
CA ASP A 794 19.26 -13.50 35.72
C ASP A 794 18.02 -13.18 36.55
N LEU A 795 18.24 -13.13 37.86
CA LEU A 795 17.17 -13.08 38.84
C LEU A 795 17.52 -12.05 39.91
N PRO A 796 17.42 -10.73 39.57
CA PRO A 796 17.80 -9.65 40.50
C PRO A 796 16.96 -9.53 41.77
N LEU A 797 15.73 -10.03 41.76
CA LEU A 797 14.84 -9.93 42.90
C LEU A 797 14.66 -11.30 43.59
N ASN A 798 14.82 -11.32 44.90
CA ASN A 798 14.61 -12.55 45.69
C ASN A 798 14.04 -12.16 47.08
N THR A 799 13.21 -13.05 47.61
CA THR A 799 12.67 -12.88 48.97
C THR A 799 12.34 -14.26 49.51
N THR A 800 11.89 -14.29 50.76
CA THR A 800 11.71 -15.53 51.49
C THR A 800 10.27 -15.64 51.94
N TRP A 801 9.73 -16.86 51.88
CA TRP A 801 8.41 -17.14 52.44
C TRP A 801 8.51 -18.36 53.31
N THR A 802 8.06 -18.24 54.56
CA THR A 802 8.09 -19.35 55.54
C THR A 802 6.67 -19.60 56.06
N PRO A 803 5.99 -20.66 55.57
CA PRO A 803 4.54 -20.92 55.77
C PRO A 803 3.87 -20.61 57.12
N HIS A 804 4.24 -21.31 58.20
CA HIS A 804 3.51 -21.23 59.49
C HIS A 804 4.32 -20.47 60.57
N SER B 44 42.16 -2.19 -48.70
CA SER B 44 43.66 -2.26 -48.81
C SER B 44 44.27 -1.03 -49.51
N ASN B 45 43.64 -0.58 -50.61
CA ASN B 45 44.16 0.52 -51.44
C ASN B 45 43.69 1.92 -50.94
N SER B 46 44.49 2.55 -50.07
CA SER B 46 44.19 3.90 -49.55
C SER B 46 44.67 5.08 -50.43
N THR B 47 45.22 4.78 -51.61
CA THR B 47 45.37 5.77 -52.70
C THR B 47 44.03 5.88 -53.45
N GLN B 48 43.46 4.72 -53.79
CA GLN B 48 42.08 4.61 -54.33
C GLN B 48 41.02 5.16 -53.34
N TRP B 49 41.19 4.87 -52.06
CA TRP B 49 40.22 5.22 -51.02
C TRP B 49 40.90 6.07 -49.94
N PRO B 50 41.14 7.37 -50.24
CA PRO B 50 41.88 8.24 -49.30
C PRO B 50 41.05 8.67 -48.10
N ALA B 51 41.75 9.02 -47.00
CA ALA B 51 41.10 9.44 -45.75
C ALA B 51 40.73 10.94 -45.79
N PRO B 52 39.42 11.29 -45.90
CA PRO B 52 39.06 12.72 -45.81
C PRO B 52 39.17 13.25 -44.38
N LEU B 53 39.42 14.54 -44.25
CA LEU B 53 39.66 15.16 -42.95
C LEU B 53 38.34 15.44 -42.23
N ALA B 54 38.32 15.20 -40.93
CA ALA B 54 37.24 15.71 -40.10
C ALA B 54 37.09 17.21 -40.35
N ASN B 55 35.85 17.65 -40.50
CA ASN B 55 35.51 19.08 -40.49
C ASN B 55 34.50 19.48 -39.40
N GLY B 56 33.87 18.49 -38.74
CA GLY B 56 32.89 18.75 -37.69
C GLY B 56 31.44 18.65 -38.13
N GLY B 57 31.19 18.56 -39.43
CA GLY B 57 29.82 18.37 -39.96
C GLY B 57 28.81 19.40 -39.47
N LYS B 58 27.57 18.95 -39.24
CA LYS B 58 26.44 19.83 -38.91
C LYS B 58 26.48 20.35 -37.47
N SER B 59 26.35 19.43 -36.50
CA SER B 59 26.16 19.79 -35.09
C SER B 59 27.44 19.95 -34.26
N TRP B 60 28.56 19.40 -34.72
CA TRP B 60 29.80 19.43 -33.93
C TRP B 60 30.82 20.49 -34.41
N ALA B 61 30.35 21.60 -34.99
CA ALA B 61 31.25 22.58 -35.61
C ALA B 61 32.17 23.30 -34.58
N SER B 62 31.56 23.77 -33.48
CA SER B 62 32.29 24.39 -32.39
C SER B 62 33.20 23.39 -31.70
N ALA B 63 32.73 22.15 -31.61
CA ALA B 63 33.51 21.06 -31.01
C ALA B 63 34.75 20.71 -31.85
N PHE B 64 34.56 20.61 -33.16
CA PHE B 64 35.70 20.40 -34.07
C PHE B 64 36.72 21.52 -33.95
N LYS B 65 36.22 22.77 -33.90
CA LYS B 65 37.08 23.94 -33.81
C LYS B 65 37.94 23.88 -32.57
N LYS B 66 37.34 23.53 -31.44
CA LYS B 66 38.10 23.28 -30.19
C LYS B 66 39.10 22.12 -30.35
N ALA B 67 38.65 21.04 -30.98
CA ALA B 67 39.49 19.87 -31.22
C ALA B 67 40.73 20.17 -32.08
N LYS B 68 40.55 20.85 -33.22
CA LYS B 68 41.69 21.34 -34.01
C LYS B 68 42.73 22.05 -33.12
N ALA B 69 42.26 23.10 -32.46
CA ALA B 69 43.10 23.96 -31.60
C ALA B 69 43.93 23.18 -30.58
N THR B 70 43.30 22.26 -29.88
CA THR B 70 43.99 21.46 -28.87
C THR B 70 44.97 20.48 -29.53
N VAL B 71 44.57 19.89 -30.65
CA VAL B 71 45.40 18.91 -31.36
C VAL B 71 46.62 19.59 -32.00
N THR B 72 46.41 20.78 -32.58
CA THR B 72 47.47 21.59 -33.19
C THR B 72 48.65 21.87 -32.22
N GLU B 73 48.36 21.98 -30.92
CA GLU B 73 49.37 22.21 -29.89
C GLU B 73 50.05 20.95 -29.33
N MET B 74 49.63 19.76 -29.75
CA MET B 74 50.12 18.51 -29.15
C MET B 74 51.45 18.09 -29.78
N THR B 75 52.35 17.57 -28.95
CA THR B 75 53.56 16.88 -29.45
C THR B 75 53.17 15.51 -30.03
N VAL B 76 54.13 14.88 -30.69
CA VAL B 76 53.99 13.51 -31.23
C VAL B 76 53.77 12.50 -30.10
N GLU B 77 54.60 12.59 -29.07
CA GLU B 77 54.42 11.89 -27.80
C GLU B 77 52.92 11.88 -27.42
N GLU B 78 52.31 13.06 -27.44
CA GLU B 78 50.92 13.27 -27.02
C GLU B 78 49.87 12.72 -27.98
N LEU B 79 50.08 12.88 -29.28
CA LEU B 79 49.21 12.25 -30.29
C LEU B 79 49.13 10.72 -30.10
N ALA B 80 50.28 10.10 -29.86
CA ALA B 80 50.33 8.66 -29.63
C ALA B 80 49.72 8.24 -28.29
N ASN B 81 49.68 9.16 -27.33
CA ASN B 81 49.14 8.87 -26.00
C ASN B 81 47.59 8.70 -26.02
N ILE B 82 46.90 9.61 -26.72
CA ILE B 82 45.43 9.65 -26.78
C ILE B 82 44.85 8.67 -27.82
N THR B 83 45.67 8.34 -28.82
CA THR B 83 45.31 7.48 -29.94
C THR B 83 45.49 5.97 -29.61
N SER B 84 45.97 5.64 -28.40
CA SER B 84 46.17 4.26 -28.01
C SER B 84 45.78 4.08 -26.55
N GLY B 85 45.36 2.87 -26.20
CA GLY B 85 44.84 2.59 -24.88
C GLY B 85 45.91 2.46 -23.83
N VAL B 86 45.52 2.65 -22.56
CA VAL B 86 46.41 2.51 -21.40
C VAL B 86 45.69 1.80 -20.26
N ILE B 87 46.46 1.48 -19.22
CA ILE B 87 45.95 0.68 -18.11
C ILE B 87 45.02 1.51 -17.24
N GLY B 88 43.84 0.97 -17.01
CA GLY B 88 42.83 1.62 -16.19
C GLY B 88 41.72 0.68 -15.78
N LEU B 89 40.80 1.20 -14.98
CA LEU B 89 39.72 0.42 -14.40
C LEU B 89 38.59 0.15 -15.39
N CYS B 90 38.47 1.00 -16.43
CA CYS B 90 37.42 0.84 -17.44
C CYS B 90 37.84 -0.16 -18.50
N SER B 91 36.86 -0.63 -19.28
CA SER B 91 37.10 -1.62 -20.36
C SER B 91 38.26 -1.19 -21.21
N GLY B 92 38.29 0.11 -21.48
CA GLY B 92 39.39 0.76 -22.15
C GLY B 92 39.60 2.16 -21.61
N VAL B 93 40.83 2.65 -21.68
CA VAL B 93 41.15 4.01 -21.27
C VAL B 93 42.13 4.63 -22.27
N THR B 94 41.81 5.82 -22.77
CA THR B 94 42.76 6.58 -23.60
C THR B 94 43.80 7.27 -22.72
N GLY B 95 44.98 7.52 -23.27
CA GLY B 95 46.01 8.23 -22.53
C GLY B 95 45.64 9.69 -22.41
N ALA B 96 45.95 10.30 -21.27
CA ALA B 96 45.69 11.72 -21.08
C ALA B 96 46.65 12.56 -21.94
N VAL B 97 46.28 13.81 -22.22
CA VAL B 97 47.22 14.78 -22.74
C VAL B 97 47.36 15.79 -21.62
N THR B 98 48.14 15.42 -20.60
CA THR B 98 48.04 16.08 -19.28
C THR B 98 48.69 17.46 -19.19
N ARG B 99 49.64 17.76 -20.09
CA ARG B 99 50.12 19.15 -20.26
C ARG B 99 48.97 20.08 -20.63
N LEU B 100 48.11 19.62 -21.55
CA LEU B 100 46.99 20.40 -22.05
C LEU B 100 45.67 20.25 -21.26
N GLY B 101 45.70 19.61 -20.09
CA GLY B 101 44.50 19.44 -19.23
C GLY B 101 43.49 18.39 -19.66
N ILE B 102 43.84 17.60 -20.68
CA ILE B 102 42.94 16.62 -21.29
C ILE B 102 43.06 15.31 -20.53
N PRO B 103 42.00 14.90 -19.80
CA PRO B 103 42.14 13.69 -18.98
C PRO B 103 42.01 12.38 -19.78
N GLU B 104 42.20 11.29 -19.06
CA GLU B 104 41.94 9.94 -19.57
C GLU B 104 40.43 9.76 -19.83
N PHE B 105 40.05 9.28 -21.01
CA PHE B 105 38.66 8.88 -21.25
C PHE B 105 38.44 7.42 -20.87
N CYS B 106 37.51 7.20 -19.94
CA CYS B 106 36.90 5.89 -19.67
C CYS B 106 35.99 5.39 -20.81
N LEU B 107 36.39 4.28 -21.43
CA LEU B 107 35.60 3.60 -22.48
C LEU B 107 35.00 2.38 -21.81
N GLN B 108 33.68 2.33 -21.69
CA GLN B 108 33.02 1.30 -20.88
C GLN B 108 31.89 0.55 -21.61
N ASP B 109 31.93 -0.78 -21.52
CA ASP B 109 30.82 -1.64 -21.93
C ASP B 109 29.59 -1.38 -21.06
N GLY B 110 28.37 -1.67 -21.53
CA GLY B 110 28.10 -2.19 -22.86
C GLY B 110 26.68 -1.83 -23.24
N PRO B 111 26.10 -2.51 -24.24
CA PRO B 111 24.78 -2.09 -24.77
C PRO B 111 23.53 -2.24 -23.92
N ILE B 112 23.62 -2.78 -22.70
CA ILE B 112 22.53 -2.69 -21.71
C ILE B 112 22.85 -1.78 -20.52
N GLY B 113 24.02 -1.14 -20.52
CA GLY B 113 24.42 -0.25 -19.44
C GLY B 113 25.83 -0.57 -18.99
N PRO B 114 26.38 0.25 -18.08
CA PRO B 114 27.75 0.04 -17.60
C PRO B 114 27.93 -1.35 -16.98
N ARG B 115 28.90 -2.10 -17.50
CA ARG B 115 29.19 -3.47 -17.06
C ARG B 115 30.25 -3.51 -15.92
N GLY B 116 30.19 -4.56 -15.10
CA GLY B 116 31.17 -4.79 -14.03
C GLY B 116 31.08 -3.82 -12.86
N VAL B 117 29.93 -3.19 -12.74
CA VAL B 117 29.73 -2.04 -11.88
C VAL B 117 28.64 -2.42 -10.88
N HIS B 118 28.86 -2.10 -9.61
CA HIS B 118 27.81 -2.14 -8.60
C HIS B 118 27.10 -0.76 -8.51
N GLY B 119 25.95 -0.76 -7.87
CA GLY B 119 25.13 0.45 -7.74
C GLY B 119 24.40 0.90 -8.99
N SER B 120 24.17 -0.02 -9.94
CA SER B 120 23.42 0.27 -11.17
C SER B 120 22.22 -0.70 -11.33
N SER B 121 21.49 -0.52 -12.42
CA SER B 121 20.36 -1.33 -12.79
C SER B 121 20.74 -2.25 -13.93
N GLN B 122 20.13 -3.43 -13.98
CA GLN B 122 20.29 -4.33 -15.13
C GLN B 122 19.12 -4.09 -16.09
N PHE B 123 19.39 -3.43 -17.20
CA PHE B 123 18.35 -3.12 -18.17
C PHE B 123 18.03 -4.33 -19.03
N PRO B 124 16.83 -4.34 -19.65
CA PRO B 124 16.56 -5.34 -20.69
C PRO B 124 17.47 -5.18 -21.89
N ALA B 125 17.81 -6.28 -22.55
CA ALA B 125 18.65 -6.24 -23.74
C ALA B 125 17.95 -5.61 -24.94
N GLY B 126 18.74 -5.34 -25.97
CA GLY B 126 18.26 -4.68 -27.18
C GLY B 126 17.17 -5.49 -27.86
N LEU B 127 17.36 -6.80 -27.91
CA LEU B 127 16.34 -7.74 -28.39
C LEU B 127 14.97 -7.50 -27.74
N THR B 128 14.98 -7.27 -26.42
CA THR B 128 13.75 -7.02 -25.66
C THR B 128 13.07 -5.67 -25.95
N VAL B 129 13.83 -4.55 -26.04
CA VAL B 129 13.20 -3.28 -26.50
C VAL B 129 12.70 -3.38 -27.91
N ALA B 130 13.38 -4.16 -28.75
CA ALA B 130 12.95 -4.34 -30.13
C ALA B 130 11.55 -4.91 -30.16
N ALA B 131 11.32 -5.90 -29.31
CA ALA B 131 10.04 -6.58 -29.22
C ALA B 131 8.91 -5.68 -28.74
N THR B 132 9.22 -4.54 -28.09
CA THR B 132 8.16 -3.56 -27.74
C THR B 132 7.59 -2.84 -28.94
N TRP B 133 8.40 -2.70 -30.00
CA TRP B 133 8.06 -1.88 -31.17
C TRP B 133 7.64 -0.43 -30.79
N ASP B 134 8.25 0.07 -29.70
CA ASP B 134 7.82 1.29 -29.04
C ASP B 134 9.02 2.24 -28.99
N ARG B 135 9.01 3.23 -29.88
CA ARG B 135 10.08 4.24 -29.99
C ARG B 135 10.29 5.04 -28.70
N THR B 136 9.22 5.28 -27.95
CA THR B 136 9.30 5.96 -26.67
C THR B 136 10.15 5.15 -25.67
N LEU B 137 9.92 3.83 -25.63
CA LEU B 137 10.70 2.92 -24.78
C LEU B 137 12.16 2.72 -25.25
N MET B 138 12.38 2.67 -26.55
CA MET B 138 13.74 2.61 -27.10
C MET B 138 14.58 3.82 -26.64
N TYR B 139 13.99 5.02 -26.69
CA TYR B 139 14.70 6.24 -26.30
C TYR B 139 14.90 6.29 -24.78
N ALA B 140 13.81 6.15 -24.04
CA ALA B 140 13.87 6.20 -22.58
C ALA B 140 14.86 5.18 -22.00
N ARG B 141 14.84 3.96 -22.55
CA ARG B 141 15.80 2.90 -22.16
C ARG B 141 17.25 3.38 -22.25
N ALA B 142 17.63 3.90 -23.41
CA ALA B 142 18.98 4.42 -23.65
C ALA B 142 19.31 5.67 -22.84
N ARG B 143 18.35 6.58 -22.72
CA ARG B 143 18.49 7.76 -21.85
C ARG B 143 18.77 7.38 -20.39
N GLY B 144 18.12 6.30 -19.91
CA GLY B 144 18.35 5.79 -18.56
C GLY B 144 19.71 5.11 -18.41
N MET B 145 20.08 4.29 -19.38
CA MET B 145 21.42 3.71 -19.41
C MET B 145 22.45 4.83 -19.38
N GLY B 146 22.23 5.80 -20.27
CA GLY B 146 23.01 7.02 -20.33
C GLY B 146 23.30 7.71 -19.00
N GLN B 147 22.26 7.92 -18.17
CA GLN B 147 22.48 8.59 -16.88
C GLN B 147 23.30 7.75 -15.96
N GLU B 148 23.09 6.43 -15.98
CA GLU B 148 23.91 5.52 -15.18
C GLU B 148 25.37 5.42 -15.65
N PHE B 149 25.57 5.49 -16.96
CA PHE B 149 26.93 5.59 -17.55
C PHE B 149 27.67 6.86 -17.07
N HIS B 150 27.05 8.02 -17.31
CA HIS B 150 27.64 9.29 -16.92
C HIS B 150 27.91 9.36 -15.40
N ASP B 151 26.93 8.97 -14.60
CA ASP B 151 27.03 9.06 -13.15
C ASP B 151 27.99 8.02 -12.54
N GLN B 152 28.34 6.98 -13.30
CA GLN B 152 29.42 6.08 -12.91
C GLN B 152 30.81 6.55 -13.34
N GLY B 153 30.89 7.63 -14.12
CA GLY B 153 32.15 8.24 -14.53
C GLY B 153 32.64 7.87 -15.92
N VAL B 154 31.72 7.46 -16.80
CA VAL B 154 32.07 6.96 -18.13
C VAL B 154 31.98 8.08 -19.18
N HIS B 155 33.04 8.25 -19.97
CA HIS B 155 33.10 9.21 -21.08
C HIS B 155 32.52 8.59 -22.36
N LEU B 156 32.90 7.36 -22.64
CA LEU B 156 32.52 6.66 -23.87
C LEU B 156 31.88 5.32 -23.53
N ALA B 157 30.62 5.16 -23.96
CA ALA B 157 29.89 3.91 -23.81
C ALA B 157 30.10 3.06 -25.05
N LEU B 158 30.51 1.82 -24.86
CA LEU B 158 30.75 0.90 -25.96
C LEU B 158 29.40 0.28 -26.36
N ALA B 159 28.62 1.10 -27.06
CA ALA B 159 27.18 0.89 -27.28
C ALA B 159 26.65 2.01 -28.19
N PRO B 160 25.55 1.79 -28.92
CA PRO B 160 24.80 0.54 -28.96
C PRO B 160 25.36 -0.43 -29.99
N VAL B 161 24.75 -1.61 -30.05
CA VAL B 161 24.93 -2.48 -31.20
C VAL B 161 23.91 -2.03 -32.26
N THR B 162 24.43 -1.50 -33.36
CA THR B 162 23.65 -0.78 -34.34
C THR B 162 23.79 -1.42 -35.72
N GLY B 163 23.53 -2.72 -35.79
CA GLY B 163 23.51 -3.45 -37.05
C GLY B 163 24.69 -4.38 -37.34
N GLY B 164 25.46 -4.70 -36.31
CA GLY B 164 26.54 -5.69 -36.40
C GLY B 164 26.78 -6.42 -35.07
N PRO B 165 26.21 -7.62 -34.88
CA PRO B 165 25.39 -8.36 -35.86
C PRO B 165 23.99 -7.82 -36.04
N LEU B 166 23.42 -8.08 -37.22
CA LEU B 166 22.09 -7.61 -37.60
C LEU B 166 20.86 -8.52 -37.29
N GLY B 167 20.80 -9.81 -37.59
CA GLY B 167 21.83 -10.58 -38.23
C GLY B 167 21.41 -11.77 -39.09
N ARG B 168 22.43 -12.26 -39.79
CA ARG B 168 22.34 -13.20 -40.88
C ARG B 168 21.96 -14.60 -40.43
N THR B 169 22.38 -14.97 -39.22
CA THR B 169 22.06 -16.25 -38.60
C THR B 169 21.32 -16.06 -37.26
N PRO B 170 20.27 -16.86 -37.00
CA PRO B 170 19.58 -16.83 -35.74
C PRO B 170 20.30 -17.63 -34.63
N LEU B 171 21.44 -18.25 -34.95
CA LEU B 171 22.30 -18.89 -33.98
C LEU B 171 23.37 -17.97 -33.38
N ASN B 172 23.44 -16.71 -33.83
CA ASN B 172 24.52 -15.80 -33.43
C ASN B 172 24.54 -15.65 -31.90
N GLY B 173 25.68 -15.90 -31.30
CA GLY B 173 25.83 -15.89 -29.85
C GLY B 173 25.37 -14.62 -29.17
N ARG B 174 25.63 -13.48 -29.83
CA ARG B 174 25.35 -12.15 -29.34
C ARG B 174 24.33 -11.35 -30.19
N GLY B 175 23.49 -12.04 -30.96
CA GLY B 175 22.45 -11.35 -31.75
C GLY B 175 21.52 -10.53 -30.87
N TRP B 176 21.24 -11.09 -29.70
CA TRP B 176 20.47 -10.44 -28.63
C TRP B 176 20.89 -9.01 -28.24
N GLU B 177 22.16 -8.68 -28.42
CA GLU B 177 22.67 -7.33 -28.11
C GLU B 177 22.10 -6.29 -29.06
N GLY B 178 21.79 -6.72 -30.29
CA GLY B 178 21.18 -5.87 -31.29
C GLY B 178 19.71 -5.71 -31.01
N THR B 179 18.91 -5.49 -32.04
CA THR B 179 17.51 -5.24 -31.87
C THR B 179 16.75 -6.13 -32.83
N PHE B 180 16.40 -5.60 -34.01
CA PHE B 180 15.62 -6.31 -35.02
C PHE B 180 16.54 -6.95 -36.07
N ALA B 181 16.08 -8.03 -36.70
CA ALA B 181 16.79 -8.64 -37.84
C ALA B 181 16.27 -8.02 -39.13
N ASP B 182 16.32 -6.69 -39.20
CA ASP B 182 15.69 -5.94 -40.28
C ASP B 182 16.36 -4.57 -40.34
N PRO B 183 16.78 -4.16 -41.55
CA PRO B 183 17.55 -2.91 -41.64
C PRO B 183 16.77 -1.66 -41.19
N TYR B 184 15.48 -1.61 -41.50
CA TYR B 184 14.69 -0.43 -41.21
C TYR B 184 14.44 -0.29 -39.71
N ALA B 185 13.88 -1.34 -39.11
CA ALA B 185 13.54 -1.32 -37.69
C ALA B 185 14.81 -1.23 -36.84
N CYS B 186 15.87 -1.93 -37.23
CA CYS B 186 17.16 -1.77 -36.55
C CYS B 186 17.64 -0.33 -36.66
N GLY B 187 17.46 0.27 -37.84
CA GLY B 187 17.79 1.64 -38.08
C GLY B 187 17.08 2.58 -37.13
N GLU B 188 15.78 2.39 -36.96
CA GLU B 188 15.01 3.29 -36.11
C GLU B 188 15.46 3.16 -34.65
N ALA B 189 15.53 1.93 -34.15
CA ALA B 189 15.96 1.70 -32.76
C ALA B 189 17.43 2.12 -32.53
N SER B 190 18.29 1.94 -33.54
CA SER B 190 19.68 2.43 -33.48
C SER B 190 19.74 3.95 -33.28
N TYR B 191 18.92 4.68 -34.04
CA TYR B 191 18.90 6.15 -33.97
C TYR B 191 18.54 6.58 -32.56
N LEU B 192 17.44 6.05 -32.05
CA LEU B 192 16.92 6.43 -30.74
C LEU B 192 17.80 5.99 -29.58
N SER B 193 18.56 4.91 -29.76
CA SER B 193 19.49 4.42 -28.75
C SER B 193 20.72 5.35 -28.59
N VAL B 194 21.29 5.74 -29.73
CA VAL B 194 22.38 6.71 -29.78
C VAL B 194 21.91 8.06 -29.25
N LYS B 195 20.73 8.47 -29.66
CA LYS B 195 20.14 9.72 -29.20
C LYS B 195 19.96 9.76 -27.66
N GLY B 196 19.46 8.68 -27.08
CA GLY B 196 19.33 8.59 -25.63
C GLY B 196 20.63 8.70 -24.87
N LEU B 197 21.64 7.96 -25.34
CA LEU B 197 22.96 7.99 -24.73
C LEU B 197 23.64 9.35 -24.86
N THR B 198 23.59 9.95 -26.06
CA THR B 198 24.20 11.29 -26.24
C THR B 198 23.49 12.38 -25.44
N ASP B 199 22.16 12.27 -25.32
CA ASP B 199 21.37 13.21 -24.52
C ASP B 199 21.67 13.18 -23.03
N ALA B 200 22.23 12.06 -22.55
CA ALA B 200 22.72 11.94 -21.17
C ALA B 200 24.14 12.46 -20.96
N GLY B 201 24.82 12.90 -22.01
CA GLY B 201 26.19 13.41 -21.91
C GLY B 201 27.28 12.36 -22.03
N VAL B 202 26.92 11.16 -22.49
CA VAL B 202 27.89 10.11 -22.69
C VAL B 202 28.03 9.91 -24.20
N ALA B 203 29.28 9.87 -24.66
CA ALA B 203 29.59 9.62 -26.07
C ALA B 203 29.39 8.15 -26.38
N THR B 204 28.87 7.87 -27.57
CA THR B 204 28.60 6.50 -28.00
C THR B 204 29.65 6.00 -28.98
N VAL B 205 29.95 4.71 -28.88
CA VAL B 205 30.76 3.99 -29.84
C VAL B 205 29.87 2.89 -30.41
N SER B 206 29.20 3.21 -31.52
CA SER B 206 28.26 2.30 -32.14
C SER B 206 29.02 1.16 -32.80
N LYS B 207 28.56 -0.05 -32.59
CA LYS B 207 29.32 -1.24 -32.98
C LYS B 207 28.40 -2.30 -33.59
N HIS B 208 28.94 -3.28 -34.33
CA HIS B 208 30.34 -3.38 -34.76
C HIS B 208 30.33 -3.22 -36.28
N TRP B 209 31.06 -2.23 -36.78
CA TRP B 209 31.20 -1.98 -38.23
C TRP B 209 32.23 -3.00 -38.79
N ILE B 210 31.86 -3.93 -39.68
CA ILE B 210 30.52 -4.12 -40.27
C ILE B 210 30.47 -5.54 -40.85
N ALA B 211 29.28 -6.07 -41.09
CA ALA B 211 29.09 -7.44 -41.57
C ALA B 211 29.70 -8.44 -40.59
N TYR B 212 29.51 -8.14 -39.30
CA TYR B 212 29.97 -8.95 -38.18
C TYR B 212 28.83 -9.91 -37.84
N GLU B 213 28.72 -10.98 -38.63
CA GLU B 213 27.55 -11.85 -38.59
C GLU B 213 27.78 -13.28 -38.07
N GLN B 214 28.97 -13.54 -37.51
CA GLN B 214 29.18 -14.75 -36.71
C GLN B 214 30.29 -14.59 -35.66
N GLU B 215 30.15 -15.28 -34.53
CA GLU B 215 31.15 -15.32 -33.46
C GLU B 215 32.24 -16.37 -33.65
N THR B 216 31.88 -17.45 -34.33
CA THR B 216 32.84 -18.50 -34.69
C THR B 216 33.93 -17.96 -35.63
N SER B 217 35.19 -18.22 -35.26
CA SER B 217 36.37 -17.77 -36.01
C SER B 217 36.45 -16.25 -36.20
N ARG B 218 35.84 -15.50 -35.29
CA ARG B 218 36.02 -14.06 -35.29
C ARG B 218 37.47 -13.73 -34.95
N ASN B 219 38.08 -14.61 -34.15
CA ASN B 219 39.53 -14.67 -33.95
C ASN B 219 40.13 -13.31 -33.67
N LEU B 220 39.84 -12.78 -32.50
CA LEU B 220 40.48 -11.55 -32.06
C LEU B 220 41.99 -11.80 -31.99
N TYR B 221 42.80 -10.78 -32.28
CA TYR B 221 44.26 -10.89 -32.23
C TYR B 221 44.71 -11.05 -30.77
N ILE B 222 45.38 -12.16 -30.48
CA ILE B 222 46.08 -12.40 -29.20
C ILE B 222 47.50 -12.82 -29.53
N ASP B 223 48.47 -12.36 -28.74
CA ASP B 223 49.87 -12.72 -28.91
C ASP B 223 50.55 -12.70 -27.54
N ILE B 224 50.40 -13.80 -26.81
CA ILE B 224 50.98 -13.96 -25.47
C ILE B 224 52.04 -15.06 -25.55
N ASP B 225 53.16 -14.86 -24.86
CA ASP B 225 54.41 -15.66 -24.99
C ASP B 225 54.73 -16.12 -26.46
N GLY B 226 54.48 -17.39 -26.78
CA GLY B 226 54.67 -17.91 -28.13
C GLY B 226 53.43 -17.74 -28.98
N VAL B 227 52.34 -18.40 -28.54
CA VAL B 227 51.04 -18.46 -29.28
C VAL B 227 50.48 -17.10 -29.78
N SER B 228 50.46 -16.93 -31.11
CA SER B 228 49.83 -15.78 -31.78
C SER B 228 48.65 -16.27 -32.62
N GLN B 229 47.57 -15.50 -32.66
CA GLN B 229 46.40 -15.82 -33.51
C GLN B 229 46.75 -15.73 -34.99
N ALA B 230 47.71 -14.87 -35.34
CA ALA B 230 48.28 -14.81 -36.70
C ALA B 230 48.83 -16.15 -37.18
N ASP B 231 49.34 -16.97 -36.26
CA ASP B 231 49.89 -18.30 -36.58
C ASP B 231 48.85 -19.41 -36.72
N ILE B 232 47.62 -19.22 -36.23
CA ILE B 232 46.61 -20.30 -36.17
C ILE B 232 45.52 -20.15 -37.24
N GLN B 233 44.86 -19.00 -37.25
CA GLN B 233 43.72 -18.77 -38.16
C GLN B 233 43.38 -17.27 -38.23
N LEU B 234 43.27 -16.74 -39.44
CA LEU B 234 42.78 -15.37 -39.65
C LEU B 234 41.28 -15.30 -39.34
N PRO B 235 40.75 -14.09 -39.09
CA PRO B 235 39.30 -13.98 -38.81
C PRO B 235 38.43 -14.34 -40.01
N ILE B 236 37.27 -14.94 -39.75
CA ILE B 236 36.26 -15.13 -40.80
C ILE B 236 36.19 -13.88 -41.72
N SER B 237 36.18 -14.10 -43.04
CA SER B 237 36.03 -13.02 -44.02
C SER B 237 34.60 -12.98 -44.56
N SER B 238 33.88 -11.92 -44.22
CA SER B 238 32.55 -11.67 -44.74
C SER B 238 32.74 -11.08 -46.13
N ASN B 239 32.29 -11.81 -47.15
CA ASN B 239 32.53 -11.40 -48.54
C ASN B 239 31.21 -10.90 -49.12
N VAL B 240 31.06 -9.57 -49.19
CA VAL B 240 29.76 -8.91 -49.35
C VAL B 240 29.72 -8.07 -50.64
N ASP B 241 28.70 -8.25 -51.46
CA ASP B 241 28.59 -7.44 -52.68
C ASP B 241 28.19 -5.98 -52.35
N ASP B 242 28.34 -5.09 -53.34
CA ASP B 242 28.15 -3.66 -53.12
C ASP B 242 26.71 -3.34 -52.72
N LEU B 243 25.76 -4.03 -53.34
CA LEU B 243 24.34 -3.80 -53.10
C LEU B 243 23.93 -4.20 -51.67
N THR B 244 24.35 -5.40 -51.27
CA THR B 244 24.01 -5.95 -49.96
C THR B 244 24.51 -5.01 -48.87
N MET B 245 25.80 -4.67 -48.96
CA MET B 245 26.45 -3.70 -48.07
C MET B 245 25.68 -2.40 -47.94
N HIS B 246 25.17 -1.91 -49.08
CA HIS B 246 24.40 -0.66 -49.11
C HIS B 246 22.97 -0.79 -48.60
N GLU B 247 22.20 -1.76 -49.11
CA GLU B 247 20.77 -1.91 -48.76
C GLU B 247 20.51 -2.65 -47.42
N LEU B 248 21.48 -3.41 -46.92
CA LEU B 248 21.29 -4.22 -45.72
C LEU B 248 22.12 -3.75 -44.55
N TYR B 249 23.42 -3.87 -44.65
CA TYR B 249 24.30 -3.67 -43.50
C TYR B 249 24.62 -2.21 -43.14
N MET B 250 24.72 -1.33 -44.12
CA MET B 250 25.02 0.09 -43.87
C MET B 250 23.82 0.87 -43.31
N TRP B 251 22.60 0.43 -43.65
CA TRP B 251 21.36 1.13 -43.31
C TRP B 251 21.33 1.57 -41.85
N SER B 252 21.56 0.63 -40.93
CA SER B 252 21.54 0.95 -39.50
C SER B 252 22.67 1.88 -39.10
N PHE B 253 23.88 1.66 -39.60
CA PHE B 253 25.00 2.58 -39.29
C PHE B 253 24.75 4.00 -39.83
N ALA B 254 24.04 4.11 -40.95
CA ALA B 254 23.69 5.41 -41.51
C ALA B 254 22.78 6.21 -40.55
N GLU B 255 21.84 5.51 -39.91
CA GLU B 255 20.98 6.10 -38.90
C GLU B 255 21.75 6.48 -37.63
N ALA B 256 22.70 5.65 -37.24
CA ALA B 256 23.54 5.93 -36.07
C ALA B 256 24.35 7.17 -36.30
N VAL B 257 24.91 7.31 -37.51
CA VAL B 257 25.69 8.49 -37.87
C VAL B 257 24.78 9.71 -37.82
N ARG B 258 23.60 9.59 -38.40
CA ARG B 258 22.60 10.69 -38.39
C ARG B 258 22.12 11.10 -36.99
N ALA B 259 21.99 10.14 -36.07
CA ALA B 259 21.68 10.45 -34.65
C ALA B 259 22.84 11.12 -33.93
N GLY B 260 24.01 11.05 -34.53
CA GLY B 260 25.20 11.70 -34.04
C GLY B 260 26.09 10.81 -33.20
N THR B 261 26.23 9.54 -33.55
CA THR B 261 27.24 8.73 -32.87
C THR B 261 28.52 9.50 -32.91
N ASN B 262 29.18 9.57 -31.77
CA ASN B 262 30.49 10.22 -31.68
C ASN B 262 31.59 9.33 -32.25
N HIS B 263 31.47 8.01 -32.06
CA HIS B 263 32.48 7.05 -32.53
C HIS B 263 31.80 5.79 -33.11
N ILE B 264 32.60 4.97 -33.78
CA ILE B 264 32.14 3.69 -34.35
C ILE B 264 33.23 2.68 -34.03
N MET B 265 32.84 1.47 -33.67
CA MET B 265 33.81 0.39 -33.45
C MET B 265 33.94 -0.43 -34.72
N CYS B 266 35.17 -0.64 -35.19
CA CYS B 266 35.38 -1.58 -36.29
C CYS B 266 35.46 -3.01 -35.72
N SER B 267 34.95 -3.96 -36.51
CA SER B 267 34.65 -5.32 -36.06
C SER B 267 35.80 -6.29 -36.22
N TYR B 268 35.66 -7.47 -35.61
CA TYR B 268 36.70 -8.49 -35.61
C TYR B 268 36.90 -9.19 -36.95
N ASN B 269 35.80 -9.35 -37.69
CA ASN B 269 35.83 -10.00 -39.01
C ASN B 269 36.58 -9.21 -40.07
N ARG B 270 37.11 -9.94 -41.04
CA ARG B 270 37.63 -9.34 -42.27
C ARG B 270 36.43 -9.16 -43.19
N ILE B 271 36.60 -8.28 -44.16
CA ILE B 271 35.63 -8.07 -45.23
C ILE B 271 36.41 -8.19 -46.54
N ASN B 272 35.95 -9.04 -47.45
CA ASN B 272 36.72 -9.33 -48.69
C ASN B 272 38.20 -9.64 -48.40
N ASN B 273 38.46 -10.37 -47.33
CA ASN B 273 39.81 -10.77 -46.90
C ASN B 273 40.76 -9.68 -46.36
N THR B 274 40.21 -8.50 -46.07
CA THR B 274 40.93 -7.42 -45.39
C THR B 274 40.23 -7.10 -44.06
N HIS B 275 40.99 -7.01 -42.97
CA HIS B 275 40.47 -6.69 -41.64
C HIS B 275 39.58 -5.42 -41.71
N SER B 276 38.43 -5.45 -41.03
CA SER B 276 37.53 -4.27 -40.96
C SER B 276 38.21 -3.02 -40.40
N CYS B 277 39.08 -3.21 -39.42
CA CYS B 277 39.82 -2.12 -38.78
C CYS B 277 40.94 -1.51 -39.64
N SER B 278 41.27 -2.17 -40.75
CA SER B 278 42.21 -1.64 -41.73
C SER B 278 41.68 -1.86 -43.13
N ASN B 279 40.35 -1.80 -43.30
CA ASN B 279 39.71 -1.82 -44.61
C ASN B 279 39.45 -0.38 -45.06
N ALA B 280 40.14 0.03 -46.13
CA ALA B 280 40.09 1.40 -46.63
C ALA B 280 38.79 1.68 -47.34
N LYS B 281 38.32 0.73 -48.15
CA LYS B 281 37.00 0.82 -48.75
C LYS B 281 35.93 1.01 -47.66
N GLY B 282 36.07 0.29 -46.54
CA GLY B 282 35.10 0.30 -45.46
C GLY B 282 35.14 1.56 -44.63
N LEU B 283 36.29 1.82 -44.01
CA LEU B 283 36.42 2.96 -43.09
C LEU B 283 36.57 4.28 -43.84
N ASN B 284 37.56 4.39 -44.72
CA ASN B 284 37.84 5.67 -45.40
C ASN B 284 36.76 6.11 -46.36
N GLN B 285 36.28 5.21 -47.21
CA GLN B 285 35.28 5.55 -48.24
C GLN B 285 33.85 5.41 -47.69
N LEU B 286 33.40 4.18 -47.43
CA LEU B 286 31.97 3.95 -47.10
C LEU B 286 31.50 4.72 -45.85
N LEU B 287 32.26 4.62 -44.76
CA LEU B 287 31.91 5.30 -43.51
C LEU B 287 32.30 6.77 -43.53
N LYS B 288 33.58 7.05 -43.82
CA LYS B 288 34.10 8.42 -43.65
C LYS B 288 33.85 9.38 -44.80
N THR B 289 33.49 8.86 -45.98
CA THR B 289 33.20 9.70 -47.14
C THR B 289 31.71 9.68 -47.47
N GLU B 290 31.17 8.50 -47.80
CA GLU B 290 29.76 8.39 -48.17
C GLU B 290 28.80 8.64 -46.99
N LEU B 291 29.07 8.04 -45.84
CA LEU B 291 28.33 8.34 -44.61
C LEU B 291 28.80 9.62 -43.91
N ASN B 292 29.87 10.24 -44.42
CA ASN B 292 30.38 11.54 -43.95
C ASN B 292 30.63 11.56 -42.43
N PHE B 293 31.17 10.45 -41.94
CA PHE B 293 31.30 10.24 -40.51
C PHE B 293 32.44 11.11 -40.00
N GLN B 294 32.11 11.98 -39.04
CA GLN B 294 33.02 12.99 -38.50
C GLN B 294 33.69 12.57 -37.17
N GLY B 295 33.35 11.37 -36.70
CA GLY B 295 33.88 10.86 -35.44
C GLY B 295 35.00 9.88 -35.63
N GLY B 296 35.38 9.24 -34.52
CA GLY B 296 36.50 8.30 -34.49
C GLY B 296 36.13 6.84 -34.65
N VAL B 297 36.94 6.09 -35.38
CA VAL B 297 36.85 4.64 -35.43
C VAL B 297 37.73 4.04 -34.34
N VAL B 298 37.11 3.29 -33.43
CA VAL B 298 37.80 2.63 -32.32
C VAL B 298 37.92 1.15 -32.66
N SER B 299 39.11 0.60 -32.49
CA SER B 299 39.33 -0.83 -32.74
C SER B 299 38.54 -1.63 -31.71
N ASP B 300 37.98 -2.76 -32.14
CA ASP B 300 37.55 -3.76 -31.18
C ASP B 300 38.84 -4.24 -30.50
N TRP B 301 38.67 -4.92 -29.36
CA TRP B 301 39.80 -5.25 -28.51
C TRP B 301 40.48 -6.46 -29.16
N GLY B 302 41.53 -6.18 -29.94
CA GLY B 302 42.18 -7.18 -30.76
C GLY B 302 41.69 -7.15 -32.20
N GLY B 303 41.03 -6.07 -32.60
CA GLY B 303 40.58 -5.87 -33.97
C GLY B 303 41.67 -5.28 -34.87
N GLN B 304 42.66 -4.65 -34.25
CA GLN B 304 43.83 -4.14 -34.97
C GLN B 304 44.91 -5.23 -35.03
N TRP B 305 45.32 -5.53 -36.26
CA TRP B 305 46.37 -6.53 -36.58
C TRP B 305 47.66 -5.91 -37.17
N ASP B 306 47.54 -4.75 -37.81
CA ASP B 306 48.65 -4.06 -38.44
C ASP B 306 48.99 -2.83 -37.61
N SER B 307 50.12 -2.22 -37.92
CA SER B 307 50.43 -0.86 -37.46
C SER B 307 50.11 0.15 -38.56
N VAL B 308 50.73 -0.05 -39.72
CA VAL B 308 50.74 0.96 -40.78
C VAL B 308 49.47 0.97 -41.65
N PRO B 309 49.02 -0.21 -42.16
CA PRO B 309 47.72 -0.23 -42.87
C PRO B 309 46.56 0.39 -42.06
N ALA B 310 46.43 0.02 -40.79
CA ALA B 310 45.41 0.61 -39.91
C ALA B 310 45.51 2.14 -39.89
N ALA B 311 46.72 2.66 -39.66
CA ALA B 311 46.95 4.11 -39.60
C ALA B 311 46.51 4.82 -40.87
N GLU B 312 46.69 4.18 -42.01
CA GLU B 312 46.36 4.78 -43.30
C GLU B 312 44.91 4.57 -43.71
N ASN B 313 44.30 3.46 -43.28
CA ASN B 313 43.06 2.95 -43.88
C ASN B 313 41.76 3.28 -43.10
N GLY B 314 41.89 4.00 -41.98
CA GLY B 314 40.72 4.59 -41.31
C GLY B 314 40.61 4.47 -39.80
N LEU B 315 41.45 3.64 -39.17
CA LEU B 315 41.40 3.47 -37.73
C LEU B 315 41.88 4.75 -37.04
N ASP B 316 41.19 5.13 -35.96
CA ASP B 316 41.52 6.32 -35.19
C ASP B 316 41.98 6.04 -33.76
N VAL B 317 41.49 4.96 -33.12
CA VAL B 317 41.90 4.62 -31.74
C VAL B 317 42.30 3.14 -31.58
N ALA B 318 43.44 2.88 -30.94
CA ALA B 318 43.92 1.52 -30.69
C ALA B 318 43.53 1.10 -29.29
N MET B 319 42.68 0.08 -29.17
CA MET B 319 42.27 -0.47 -27.88
C MET B 319 42.50 -1.97 -27.91
N PRO B 320 42.90 -2.58 -26.80
CA PRO B 320 43.02 -1.94 -25.49
C PRO B 320 44.37 -1.23 -25.22
N GLY B 321 45.34 -1.35 -26.13
CA GLY B 321 46.69 -0.83 -25.88
C GLY B 321 47.41 -1.57 -24.76
N LYS B 322 47.86 -0.84 -23.74
CA LYS B 322 48.60 -1.43 -22.61
C LYS B 322 47.70 -2.22 -21.66
N GLY B 323 46.39 -2.02 -21.76
CA GLY B 323 45.41 -2.85 -21.06
C GLY B 323 45.50 -4.30 -21.47
N PHE B 324 44.96 -5.17 -20.62
CA PHE B 324 44.99 -6.62 -20.86
C PHE B 324 46.42 -7.18 -21.08
N LEU B 325 47.39 -6.62 -20.34
CA LEU B 325 48.81 -7.04 -20.36
C LEU B 325 49.52 -6.82 -21.70
N GLY B 326 48.99 -5.89 -22.51
CA GLY B 326 49.40 -5.73 -23.90
C GLY B 326 49.16 -6.94 -24.81
N ALA B 327 48.33 -7.88 -24.36
CA ALA B 327 48.24 -9.19 -24.99
C ALA B 327 47.50 -9.18 -26.33
N LEU B 328 46.59 -8.21 -26.50
CA LEU B 328 45.75 -8.15 -27.69
C LEU B 328 46.35 -7.28 -28.80
N GLY B 329 47.68 -7.08 -28.76
CA GLY B 329 48.33 -6.15 -29.67
C GLY B 329 48.47 -4.77 -29.03
N ASP B 330 49.62 -4.15 -29.31
CA ASP B 330 50.02 -2.84 -28.81
C ASP B 330 50.71 -2.15 -30.01
N PHE B 331 49.97 -2.10 -31.11
CA PHE B 331 50.52 -1.76 -32.43
C PHE B 331 50.83 -0.27 -32.66
N TRP B 332 50.19 0.62 -31.90
CA TRP B 332 50.52 2.04 -31.88
C TRP B 332 51.32 2.37 -30.59
N GLY B 333 50.94 3.42 -29.83
CA GLY B 333 51.77 3.85 -28.69
C GLY B 333 53.15 4.30 -29.14
N ALA B 334 54.18 3.81 -28.45
CA ALA B 334 55.58 4.14 -28.82
C ALA B 334 55.98 3.69 -30.23
N THR B 335 55.31 2.65 -30.75
CA THR B 335 55.55 2.21 -32.13
C THR B 335 55.07 3.24 -33.16
N LEU B 336 53.96 3.93 -32.85
CA LEU B 336 53.45 5.02 -33.69
C LEU B 336 54.29 6.29 -33.51
N VAL B 337 54.83 6.50 -32.31
CA VAL B 337 55.84 7.54 -32.07
C VAL B 337 57.01 7.37 -33.05
N GLU B 338 57.50 6.12 -33.18
CA GLU B 338 58.62 5.80 -34.08
C GLU B 338 58.25 5.89 -35.55
N LEU B 339 57.07 5.36 -35.90
CA LEU B 339 56.57 5.35 -37.29
C LEU B 339 56.33 6.75 -37.86
N ILE B 340 56.04 7.72 -37.00
CA ILE B 340 55.75 9.08 -37.45
C ILE B 340 57.05 9.86 -37.66
N ASN B 341 57.96 9.88 -36.68
CA ASN B 341 59.22 10.64 -36.85
C ASN B 341 60.37 9.85 -37.54
N ASN B 342 60.06 8.70 -38.17
CA ASN B 342 60.92 8.13 -39.22
C ASN B 342 60.30 8.14 -40.65
N GLY B 343 59.11 8.72 -40.81
CA GLY B 343 58.56 9.08 -42.14
C GLY B 343 57.57 8.14 -42.82
N THR B 344 57.21 7.04 -42.15
CA THR B 344 56.29 6.05 -42.72
C THR B 344 54.81 6.52 -42.64
N VAL B 345 54.42 7.00 -41.46
CA VAL B 345 53.04 7.45 -41.19
C VAL B 345 53.03 8.99 -41.06
N SER B 346 52.30 9.66 -41.96
CA SER B 346 52.11 11.13 -41.96
C SER B 346 51.70 11.70 -40.58
N GLU B 347 52.26 12.85 -40.19
CA GLU B 347 51.90 13.51 -38.92
C GLU B 347 50.46 14.02 -38.91
N ASP B 348 50.09 14.72 -39.98
CA ASP B 348 48.72 15.25 -40.16
C ASP B 348 47.66 14.14 -40.06
N LEU B 349 47.90 13.03 -40.76
CA LEU B 349 46.99 11.87 -40.70
C LEU B 349 46.67 11.53 -39.24
N VAL B 350 47.72 11.40 -38.41
CA VAL B 350 47.55 11.05 -37.00
C VAL B 350 46.92 12.20 -36.18
N ARG B 351 47.11 13.45 -36.61
CA ARG B 351 46.42 14.61 -35.99
C ARG B 351 44.90 14.56 -36.23
N ASP B 352 44.49 14.11 -37.41
CA ASP B 352 43.06 13.94 -37.72
C ASP B 352 42.39 12.88 -36.83
N LYS B 353 43.16 11.85 -36.48
CA LYS B 353 42.70 10.82 -35.54
C LYS B 353 42.38 11.43 -34.17
N ALA B 354 43.30 12.25 -33.64
CA ALA B 354 43.12 12.88 -32.32
C ALA B 354 42.03 13.93 -32.32
N VAL B 355 41.85 14.62 -33.44
CA VAL B 355 40.73 15.55 -33.63
C VAL B 355 39.39 14.80 -33.50
N ARG B 356 39.27 13.68 -34.20
CA ARG B 356 38.05 12.87 -34.14
C ARG B 356 37.74 12.42 -32.72
N ILE B 357 38.76 12.00 -31.98
CA ILE B 357 38.60 11.61 -30.58
C ILE B 357 38.10 12.78 -29.72
N LEU B 358 38.75 13.92 -29.86
CA LEU B 358 38.45 15.10 -29.03
C LEU B 358 37.14 15.81 -29.40
N THR B 359 36.61 15.59 -30.60
CA THR B 359 35.36 16.26 -30.98
C THR B 359 34.22 15.91 -30.03
N GLY B 360 34.08 14.62 -29.73
CA GLY B 360 33.06 14.15 -28.81
C GLY B 360 33.19 14.73 -27.42
N TYR B 361 34.42 14.79 -26.93
CA TYR B 361 34.76 15.41 -25.64
C TYR B 361 34.20 16.82 -25.50
N TYR B 362 34.42 17.64 -26.52
CA TYR B 362 33.98 19.04 -26.47
C TYR B 362 32.50 19.19 -26.80
N TYR B 363 31.99 18.39 -27.75
CA TYR B 363 30.58 18.47 -28.13
C TYR B 363 29.62 18.17 -26.96
N LEU B 364 29.97 17.18 -26.15
CA LEU B 364 29.15 16.78 -25.01
C LEU B 364 29.47 17.53 -23.70
N GLY B 365 30.40 18.47 -23.76
CA GLY B 365 30.66 19.36 -22.65
C GLY B 365 31.37 18.67 -21.51
N GLN B 366 32.20 17.70 -21.87
CA GLN B 366 32.93 16.92 -20.86
C GLN B 366 34.11 17.73 -20.31
N ASP B 367 34.54 18.76 -21.04
CA ASP B 367 35.57 19.70 -20.55
C ASP B 367 35.08 20.58 -19.39
N THR B 368 33.88 21.15 -19.56
CA THR B 368 33.28 22.09 -18.59
C THR B 368 32.30 21.42 -17.63
N ASN B 369 31.84 20.20 -17.96
CA ASN B 369 31.04 19.37 -17.04
C ASN B 369 31.60 17.96 -17.07
N PRO B 370 32.78 17.77 -16.43
CA PRO B 370 33.41 16.46 -16.47
C PRO B 370 32.61 15.40 -15.72
N PRO B 371 32.62 14.16 -16.21
CA PRO B 371 32.00 13.10 -15.43
C PRO B 371 32.84 12.79 -14.19
N PRO B 372 32.22 12.25 -13.13
CA PRO B 372 32.98 11.94 -11.91
C PRO B 372 34.04 10.84 -12.10
N PRO B 373 34.87 10.58 -11.07
CA PRO B 373 35.80 9.46 -11.18
C PRO B 373 35.05 8.11 -11.31
N PHE B 374 35.56 7.24 -12.19
CA PHE B 374 35.09 5.85 -12.30
C PHE B 374 35.81 5.06 -11.22
N VAL B 375 35.05 4.37 -10.37
CA VAL B 375 35.60 3.82 -9.13
C VAL B 375 35.64 2.26 -9.05
N TYR B 376 35.16 1.56 -10.07
CA TYR B 376 35.10 0.09 -10.04
C TYR B 376 36.17 -0.54 -10.91
N ASN B 377 36.78 -1.62 -10.43
CA ASN B 377 37.68 -2.42 -11.24
C ASN B 377 36.79 -3.37 -12.07
N THR B 378 36.60 -3.06 -13.36
CA THR B 378 35.77 -3.87 -14.27
C THR B 378 36.54 -4.86 -15.14
N ILE B 379 37.87 -4.84 -15.04
CA ILE B 379 38.74 -5.76 -15.79
C ILE B 379 38.81 -7.14 -15.10
N GLY B 380 39.02 -7.10 -13.79
CA GLY B 380 39.19 -8.31 -12.97
C GLY B 380 40.63 -8.74 -12.75
N ALA B 381 40.96 -9.05 -11.51
CA ALA B 381 42.18 -9.80 -11.19
C ALA B 381 42.07 -11.22 -11.79
N PRO B 382 43.17 -11.83 -12.23
CA PRO B 382 44.55 -11.31 -12.09
C PRO B 382 45.04 -10.32 -13.19
N THR B 383 44.24 -10.08 -14.23
CA THR B 383 44.61 -9.14 -15.31
C THR B 383 44.87 -7.69 -14.83
N LEU B 384 44.08 -7.25 -13.84
CA LEU B 384 44.32 -5.98 -13.16
C LEU B 384 44.08 -6.16 -11.67
N ASN B 385 45.14 -5.93 -10.89
CA ASN B 385 45.04 -5.94 -9.43
C ASN B 385 44.80 -4.51 -9.02
N ALA B 386 43.57 -4.22 -8.60
CA ALA B 386 43.17 -2.88 -8.16
C ALA B 386 41.85 -2.98 -7.40
N THR B 387 41.72 -2.18 -6.34
CA THR B 387 40.53 -2.24 -5.49
C THR B 387 39.34 -1.50 -6.12
N SER B 388 38.18 -1.63 -5.51
CA SER B 388 36.99 -0.88 -5.91
C SER B 388 36.43 -0.03 -4.78
N GLY B 389 35.95 1.15 -5.13
CA GLY B 389 35.07 1.92 -4.27
C GLY B 389 33.63 1.53 -4.58
N TYR B 390 32.70 2.42 -4.24
CA TYR B 390 31.29 2.15 -4.36
C TYR B 390 30.51 3.43 -4.62
N ARG B 391 29.50 3.33 -5.49
CA ARG B 391 28.63 4.44 -5.81
C ARG B 391 27.27 3.92 -6.27
N ASN B 392 26.21 4.41 -5.64
CA ASN B 392 24.85 4.03 -6.01
C ASN B 392 24.28 5.06 -6.98
N VAL B 393 23.95 4.58 -8.16
CA VAL B 393 23.58 5.40 -9.29
C VAL B 393 22.11 5.19 -9.71
N ARG B 394 21.40 4.27 -9.05
CA ARG B 394 20.00 3.98 -9.38
C ARG B 394 19.08 5.16 -9.01
N LYS B 395 18.43 5.74 -10.02
CA LYS B 395 17.49 6.83 -9.82
C LYS B 395 16.08 6.28 -9.66
N PRO B 396 15.21 7.02 -8.94
CA PRO B 396 13.79 6.67 -8.96
C PRO B 396 13.23 6.78 -10.39
N GLY B 397 12.41 5.82 -10.77
CA GLY B 397 11.87 5.75 -12.12
C GLY B 397 12.51 4.67 -12.97
N THR B 398 13.74 4.27 -12.67
CA THR B 398 14.45 3.32 -13.53
C THR B 398 13.87 1.92 -13.45
N ALA B 399 13.76 1.41 -12.23
CA ALA B 399 13.08 0.13 -11.97
C ALA B 399 11.71 0.01 -12.65
N GLU B 400 10.93 1.07 -12.59
CA GLU B 400 9.57 1.10 -13.17
C GLU B 400 9.57 1.10 -14.71
N LEU B 401 10.54 1.80 -15.30
CA LEU B 401 10.81 1.79 -16.75
C LEU B 401 11.19 0.41 -17.25
N ILE B 402 12.06 -0.26 -16.52
CA ILE B 402 12.55 -1.59 -16.90
C ILE B 402 11.39 -2.57 -16.82
N LYS B 403 10.58 -2.44 -15.78
CA LYS B 403 9.37 -3.23 -15.66
C LYS B 403 8.50 -3.00 -16.88
N GLU B 404 8.27 -1.73 -17.20
CA GLU B 404 7.43 -1.36 -18.32
C GLU B 404 7.94 -1.93 -19.64
N ILE B 405 9.25 -1.92 -19.85
CA ILE B 405 9.81 -2.51 -21.08
C ILE B 405 9.48 -3.99 -21.17
N GLY B 406 9.62 -4.70 -20.05
CA GLY B 406 9.26 -6.12 -19.98
C GLY B 406 7.80 -6.38 -20.34
N SER B 407 6.89 -5.59 -19.76
CA SER B 407 5.45 -5.73 -19.97
C SER B 407 5.03 -5.32 -21.38
N ALA B 408 5.81 -4.41 -21.98
CA ALA B 408 5.56 -3.95 -23.36
C ALA B 408 6.15 -4.89 -24.41
N SER B 409 7.09 -5.75 -24.01
CA SER B 409 7.81 -6.66 -24.91
C SER B 409 7.37 -8.12 -24.87
N VAL B 410 6.91 -8.63 -23.72
CA VAL B 410 6.60 -10.06 -23.62
C VAL B 410 5.56 -10.42 -24.71
N THR B 411 5.88 -11.45 -25.50
CA THR B 411 5.19 -11.75 -26.76
C THR B 411 4.40 -13.06 -26.69
N LEU B 412 3.08 -12.95 -26.76
CA LEU B 412 2.19 -14.09 -26.74
C LEU B 412 2.19 -14.77 -28.11
N LEU B 413 2.71 -15.99 -28.16
CA LEU B 413 2.80 -16.79 -29.41
C LEU B 413 1.66 -17.80 -29.59
N LYS B 414 1.13 -18.34 -28.48
CA LYS B 414 0.02 -19.29 -28.52
C LYS B 414 -0.94 -18.99 -27.37
N ASN B 415 -2.23 -18.98 -27.69
CA ASN B 415 -3.26 -18.88 -26.68
C ASN B 415 -4.51 -19.64 -27.14
N THR B 416 -4.77 -20.78 -26.49
CA THR B 416 -5.98 -21.57 -26.71
C THR B 416 -7.11 -21.13 -25.78
N GLY B 417 -6.87 -20.13 -24.95
CA GLY B 417 -7.92 -19.55 -24.08
C GLY B 417 -7.66 -19.68 -22.59
N SER B 418 -6.50 -20.19 -22.20
CA SER B 418 -6.10 -20.23 -20.80
C SER B 418 -5.68 -18.86 -20.27
N LEU B 419 -5.20 -17.99 -21.16
CA LEU B 419 -4.84 -16.60 -20.78
C LEU B 419 -5.86 -15.58 -21.33
N PRO B 420 -6.15 -14.52 -20.58
CA PRO B 420 -5.56 -14.23 -19.26
C PRO B 420 -6.10 -15.16 -18.17
N LEU B 421 -5.32 -15.33 -17.11
CA LEU B 421 -5.73 -16.11 -15.96
C LEU B 421 -6.81 -15.35 -15.22
N LYS B 422 -7.65 -16.10 -14.49
CA LYS B 422 -8.65 -15.49 -13.65
C LYS B 422 -8.14 -15.45 -12.20
N HIS B 423 -8.43 -16.49 -11.40
CA HIS B 423 -7.98 -16.55 -10.01
C HIS B 423 -7.69 -18.02 -9.64
N PRO B 424 -6.71 -18.63 -10.34
CA PRO B 424 -6.42 -20.05 -10.14
C PRO B 424 -5.99 -20.34 -8.70
N GLN B 425 -6.50 -21.43 -8.15
CA GLN B 425 -6.33 -21.76 -6.72
C GLN B 425 -5.18 -22.71 -6.42
N ARG B 426 -4.75 -23.49 -7.40
CA ARG B 426 -3.64 -24.42 -7.25
C ARG B 426 -2.72 -24.24 -8.43
N ILE B 427 -1.50 -23.79 -8.16
CA ILE B 427 -0.57 -23.35 -9.20
C ILE B 427 0.71 -24.16 -9.07
N ALA B 428 1.16 -24.75 -10.18
CA ALA B 428 2.44 -25.45 -10.22
C ALA B 428 3.40 -24.68 -11.11
N VAL B 429 4.68 -24.65 -10.74
CA VAL B 429 5.73 -23.96 -11.49
C VAL B 429 6.92 -24.91 -11.71
N LEU B 430 7.37 -24.97 -12.96
CA LEU B 430 8.50 -25.81 -13.36
C LEU B 430 9.63 -24.95 -13.92
N GLY B 431 10.85 -25.23 -13.48
CA GLY B 431 12.03 -24.70 -14.13
C GLY B 431 12.85 -23.83 -13.21
N ASN B 432 14.15 -24.11 -13.19
CA ASN B 432 15.11 -23.28 -12.50
C ASN B 432 15.06 -21.80 -12.97
N ASP B 433 14.71 -21.58 -14.22
CA ASP B 433 14.46 -20.23 -14.74
C ASP B 433 13.39 -19.42 -13.99
N ALA B 434 12.52 -20.11 -13.23
CA ALA B 434 11.50 -19.45 -12.42
C ALA B 434 12.06 -18.82 -11.17
N THR B 435 13.29 -19.14 -10.78
CA THR B 435 13.88 -18.64 -9.52
C THR B 435 15.33 -18.15 -9.70
N TYR B 436 16.05 -17.97 -8.60
CA TYR B 436 17.39 -17.40 -8.63
C TYR B 436 18.43 -18.34 -9.20
N ASN B 437 19.53 -17.74 -9.65
CA ASN B 437 20.82 -18.42 -9.81
C ASN B 437 21.19 -18.94 -8.43
N VAL B 438 21.44 -20.25 -8.31
CA VAL B 438 21.71 -20.86 -7.00
C VAL B 438 23.00 -20.37 -6.30
N LEU B 439 23.86 -19.69 -7.08
CA LEU B 439 25.09 -19.09 -6.56
C LEU B 439 25.00 -17.57 -6.45
N GLY B 440 23.85 -17.00 -6.79
CA GLY B 440 23.61 -15.55 -6.75
C GLY B 440 23.51 -14.94 -8.14
N PRO B 441 22.75 -13.83 -8.30
CA PRO B 441 22.51 -13.20 -9.62
C PRO B 441 23.77 -12.90 -10.44
N ASN B 442 24.83 -12.47 -9.75
CA ASN B 442 26.07 -12.09 -10.40
C ASN B 442 27.17 -13.16 -10.29
N ALA B 443 26.81 -14.40 -9.92
CA ALA B 443 27.79 -15.47 -9.65
C ALA B 443 28.68 -15.73 -10.83
N CYS B 444 28.14 -15.56 -12.03
CA CYS B 444 28.85 -15.87 -13.26
C CYS B 444 29.89 -14.81 -13.68
N GLY B 445 30.06 -13.77 -12.87
CA GLY B 445 31.22 -12.87 -12.96
C GLY B 445 30.94 -11.61 -13.76
N LEU B 446 32.03 -10.90 -14.10
CA LEU B 446 31.95 -9.58 -14.75
C LEU B 446 31.33 -9.59 -16.16
N ALA B 447 31.31 -10.75 -16.81
CA ALA B 447 30.71 -10.90 -18.14
C ALA B 447 29.59 -11.95 -18.19
N ASN B 448 29.03 -12.31 -17.01
CA ASN B 448 27.95 -13.27 -16.91
C ASN B 448 28.23 -14.61 -17.65
N SER B 449 29.49 -15.06 -17.66
CA SER B 449 29.89 -16.22 -18.48
C SER B 449 30.83 -17.25 -17.82
N ALA B 450 31.17 -17.07 -16.55
CA ALA B 450 32.15 -17.93 -15.86
C ALA B 450 31.52 -19.01 -14.96
N CYS B 451 30.19 -19.13 -14.94
CA CYS B 451 29.53 -20.23 -14.22
C CYS B 451 29.74 -21.53 -14.98
N ASP B 452 29.83 -22.62 -14.23
CA ASP B 452 29.98 -23.98 -14.77
C ASP B 452 28.86 -24.32 -15.77
N ILE B 453 29.22 -25.05 -16.84
CA ILE B 453 28.26 -25.46 -17.88
C ILE B 453 26.91 -26.00 -17.37
N ASP B 454 26.92 -26.72 -16.24
CA ASP B 454 25.67 -27.27 -15.67
C ASP B 454 25.03 -26.47 -14.53
N ASN B 455 25.61 -25.32 -14.14
CA ASN B 455 25.06 -24.52 -13.08
C ASN B 455 23.64 -24.03 -13.39
N LEU B 456 22.79 -24.05 -12.37
CA LEU B 456 21.42 -23.58 -12.49
C LEU B 456 21.44 -22.06 -12.34
N ASN B 457 21.50 -21.33 -13.46
CA ASN B 457 21.68 -19.86 -13.49
C ASN B 457 20.42 -19.02 -13.20
N GLY B 458 19.33 -19.68 -12.84
CA GLY B 458 18.06 -19.00 -12.64
C GLY B 458 17.47 -18.35 -13.88
N THR B 459 16.71 -17.28 -13.66
CA THR B 459 16.08 -16.50 -14.71
C THR B 459 17.13 -15.91 -15.61
N LEU B 460 17.03 -16.17 -16.91
CA LEU B 460 17.95 -15.59 -17.87
C LEU B 460 17.46 -14.19 -18.15
N THR B 461 17.95 -13.24 -17.35
CA THR B 461 17.59 -11.83 -17.45
C THR B 461 18.48 -11.04 -18.41
N THR B 462 19.66 -11.57 -18.72
CA THR B 462 20.52 -11.01 -19.75
C THR B 462 21.36 -12.13 -20.35
N GLY B 463 22.12 -11.83 -21.38
CA GLY B 463 22.95 -12.84 -22.05
C GLY B 463 24.38 -12.86 -21.53
N GLY B 464 25.20 -13.67 -22.16
CA GLY B 464 26.60 -13.80 -21.74
C GLY B 464 27.52 -12.91 -22.56
N GLY B 465 28.52 -12.33 -21.89
CA GLY B 465 29.60 -11.62 -22.55
C GLY B 465 29.72 -10.18 -22.11
N SER B 466 30.38 -9.39 -22.96
CA SER B 466 30.62 -7.97 -22.67
C SER B 466 29.38 -7.10 -22.70
N GLY B 467 28.32 -7.59 -23.36
CA GLY B 467 27.01 -6.94 -23.34
C GLY B 467 26.16 -7.16 -22.10
N SER B 468 26.64 -7.97 -21.16
CA SER B 468 25.92 -8.23 -19.90
C SER B 468 26.02 -7.03 -18.97
N ALA B 469 25.49 -7.20 -17.76
CA ALA B 469 25.72 -6.27 -16.67
C ALA B 469 25.33 -6.97 -15.36
N LEU B 470 25.93 -6.51 -14.27
CA LEU B 470 25.54 -6.95 -12.94
C LEU B 470 24.12 -6.48 -12.62
N SER B 471 23.56 -7.10 -11.59
CA SER B 471 22.16 -6.97 -11.19
C SER B 471 22.12 -6.73 -9.66
N PRO B 472 21.36 -5.73 -9.17
CA PRO B 472 21.21 -5.52 -7.72
C PRO B 472 20.31 -6.56 -7.03
N TYR B 473 19.43 -7.16 -7.83
CA TYR B 473 18.55 -8.22 -7.40
C TYR B 473 17.95 -8.83 -8.69
N THR B 474 17.22 -9.93 -8.51
CA THR B 474 16.30 -10.36 -9.55
C THR B 474 14.92 -10.61 -8.92
N ILE B 475 13.91 -10.00 -9.53
CA ILE B 475 12.53 -10.29 -9.18
C ILE B 475 12.18 -11.49 -10.03
N THR B 476 12.21 -12.66 -9.39
CA THR B 476 12.03 -13.91 -10.07
C THR B 476 10.53 -14.10 -10.43
N PRO B 477 10.27 -14.86 -11.51
CA PRO B 477 8.90 -15.26 -11.85
C PRO B 477 8.16 -15.93 -10.72
N LEU B 478 8.86 -16.77 -9.95
CA LEU B 478 8.25 -17.45 -8.82
C LEU B 478 7.80 -16.46 -7.73
N GLU B 479 8.66 -15.51 -7.40
CA GLU B 479 8.32 -14.46 -6.43
C GLU B 479 7.05 -13.74 -6.84
N ALA B 480 6.97 -13.29 -8.09
CA ALA B 480 5.83 -12.50 -8.58
C ALA B 480 4.55 -13.33 -8.68
N LEU B 481 4.65 -14.58 -9.13
CA LEU B 481 3.50 -15.48 -9.19
C LEU B 481 2.95 -15.78 -7.81
N GLN B 482 3.84 -16.05 -6.86
CA GLN B 482 3.43 -16.32 -5.47
C GLN B 482 2.70 -15.12 -4.87
N LYS B 483 3.19 -13.90 -5.15
CA LYS B 483 2.57 -12.72 -4.58
C LYS B 483 1.10 -12.63 -4.99
N ARG B 484 0.84 -12.90 -6.28
CA ARG B 484 -0.50 -12.91 -6.80
C ARG B 484 -1.32 -14.10 -6.28
N ALA B 485 -0.72 -15.28 -6.21
CA ALA B 485 -1.42 -16.45 -5.61
C ALA B 485 -1.90 -16.17 -4.19
N ILE B 486 -1.05 -15.51 -3.38
CA ILE B 486 -1.40 -15.15 -2.01
C ILE B 486 -2.57 -14.17 -1.97
N GLU B 487 -2.57 -13.18 -2.86
CA GLU B 487 -3.73 -12.28 -3.02
C GLU B 487 -5.04 -13.03 -3.34
N ASP B 488 -4.96 -14.16 -4.04
CA ASP B 488 -6.14 -14.97 -4.38
C ASP B 488 -6.46 -16.08 -3.36
N ASN B 489 -5.79 -16.10 -2.20
CA ASN B 489 -5.91 -17.17 -1.20
C ASN B 489 -5.61 -18.57 -1.79
N ALA B 490 -4.68 -18.62 -2.74
CA ALA B 490 -4.38 -19.83 -3.50
C ALA B 490 -3.14 -20.49 -2.93
N GLU B 491 -2.80 -21.66 -3.46
CA GLU B 491 -1.53 -22.32 -3.15
C GLU B 491 -0.64 -22.45 -4.39
N ILE B 492 0.67 -22.49 -4.16
CA ILE B 492 1.65 -22.46 -5.24
C ILE B 492 2.91 -23.21 -4.83
N ALA B 493 3.40 -24.07 -5.74
CA ALA B 493 4.60 -24.84 -5.50
C ALA B 493 5.45 -24.94 -6.77
N ALA B 494 6.75 -24.67 -6.64
CA ALA B 494 7.68 -24.74 -7.75
C ALA B 494 8.68 -25.89 -7.58
N VAL B 495 8.91 -26.65 -8.65
CA VAL B 495 10.06 -27.55 -8.74
C VAL B 495 11.09 -26.84 -9.59
N VAL B 496 12.18 -26.44 -8.96
CA VAL B 496 13.16 -25.54 -9.57
C VAL B 496 14.58 -26.13 -9.64
N ALA B 497 14.70 -27.44 -9.38
CA ALA B 497 15.96 -28.19 -9.54
C ALA B 497 16.10 -28.66 -10.97
N ASN B 498 17.27 -29.18 -11.29
CA ASN B 498 17.46 -29.87 -12.57
C ASN B 498 16.63 -31.17 -12.50
N SER B 499 15.67 -31.29 -13.41
CA SER B 499 14.69 -32.37 -13.39
C SER B 499 15.27 -33.73 -13.77
N ASN B 500 16.42 -33.73 -14.44
CA ASN B 500 17.08 -34.98 -14.87
C ASN B 500 18.03 -35.52 -13.80
N THR B 501 18.90 -34.67 -13.27
CA THR B 501 19.98 -35.08 -12.36
C THR B 501 19.69 -35.05 -10.85
N THR B 502 18.60 -34.41 -10.42
CA THR B 502 18.29 -34.31 -8.98
C THR B 502 17.38 -35.46 -8.49
N THR B 503 17.79 -36.14 -7.42
CA THR B 503 17.06 -37.31 -6.91
C THR B 503 15.64 -36.92 -6.51
N GLY B 504 14.66 -37.70 -6.97
CA GLY B 504 13.26 -37.44 -6.67
C GLY B 504 12.56 -36.33 -7.45
N ALA B 505 13.28 -35.60 -8.30
CA ALA B 505 12.73 -34.43 -9.00
C ALA B 505 11.60 -34.81 -9.94
N GLU B 506 11.82 -35.86 -10.72
CA GLU B 506 10.79 -36.38 -11.62
C GLU B 506 9.52 -36.84 -10.87
N ASP B 507 9.69 -37.52 -9.74
CA ASP B 507 8.55 -37.96 -8.93
C ASP B 507 7.82 -36.80 -8.26
N ALA B 508 8.55 -35.75 -7.85
CA ALA B 508 7.89 -34.55 -7.31
C ALA B 508 7.01 -33.89 -8.35
N ILE B 509 7.51 -33.82 -9.59
CA ILE B 509 6.77 -33.21 -10.70
C ILE B 509 5.49 -34.01 -10.96
N ALA B 510 5.63 -35.34 -11.07
CA ALA B 510 4.48 -36.22 -11.36
C ALA B 510 3.39 -36.16 -10.29
N ALA B 511 3.79 -35.99 -9.03
CA ALA B 511 2.84 -35.89 -7.91
C ALA B 511 2.17 -34.49 -7.82
N LEU B 512 2.89 -33.45 -8.24
CA LEU B 512 2.40 -32.05 -8.12
C LEU B 512 1.42 -31.62 -9.21
N LEU B 513 1.74 -31.96 -10.45
CA LEU B 513 1.03 -31.42 -11.63
C LEU B 513 -0.44 -31.82 -11.86
N PRO B 514 -0.80 -33.12 -11.70
CA PRO B 514 -2.18 -33.54 -11.98
C PRO B 514 -3.30 -32.71 -11.34
N ASP B 515 -3.11 -32.24 -10.11
CA ASP B 515 -4.16 -31.47 -9.38
C ASP B 515 -4.06 -29.95 -9.57
N ALA B 516 -3.04 -29.47 -10.29
CA ALA B 516 -2.86 -28.04 -10.50
C ALA B 516 -3.86 -27.52 -11.53
N ASP B 517 -4.47 -26.37 -11.24
CA ASP B 517 -5.34 -25.66 -12.18
C ASP B 517 -4.56 -25.12 -13.40
N VAL B 518 -3.31 -24.71 -13.14
CA VAL B 518 -2.42 -24.23 -14.20
C VAL B 518 -0.99 -24.63 -13.84
N THR B 519 -0.22 -25.00 -14.86
CA THR B 519 1.17 -25.35 -14.70
C THR B 519 2.03 -24.46 -15.58
N PHE B 520 2.82 -23.59 -14.95
CA PHE B 520 3.75 -22.74 -15.69
C PHE B 520 5.06 -23.50 -15.85
N VAL B 521 5.61 -23.45 -17.06
CA VAL B 521 6.94 -23.98 -17.32
C VAL B 521 7.82 -22.81 -17.78
N PHE B 522 8.88 -22.57 -17.03
CA PHE B 522 9.85 -21.55 -17.39
C PHE B 522 11.09 -22.19 -18.00
N LEU B 523 11.42 -21.81 -19.23
CA LEU B 523 12.56 -22.34 -19.95
C LEU B 523 13.51 -21.22 -20.32
N ASN B 524 14.78 -21.57 -20.49
CA ASN B 524 15.72 -20.60 -21.02
C ASN B 524 16.72 -21.18 -22.00
N ARG B 525 17.44 -20.28 -22.66
CA ARG B 525 18.54 -20.66 -23.52
C ARG B 525 19.59 -19.54 -23.49
N TYR B 526 20.59 -19.76 -22.67
CA TYR B 526 21.75 -18.91 -22.60
C TYR B 526 22.56 -19.08 -23.88
N SER B 527 23.03 -17.95 -24.42
CA SER B 527 24.08 -17.91 -25.44
C SER B 527 24.99 -16.72 -25.10
N GLU B 528 26.18 -16.68 -25.68
CA GLU B 528 27.20 -15.69 -25.30
C GLU B 528 28.01 -15.15 -26.48
N GLU B 529 28.64 -14.00 -26.27
CA GLU B 529 29.72 -13.51 -27.13
C GLU B 529 30.82 -14.59 -27.20
N GLY B 530 31.43 -14.76 -28.37
CA GLY B 530 32.61 -15.65 -28.54
C GLY B 530 32.34 -17.08 -28.99
N ALA B 531 31.06 -17.40 -29.21
CA ALA B 531 30.64 -18.68 -29.73
C ALA B 531 29.21 -18.54 -30.22
N ASP B 532 28.87 -19.29 -31.26
CA ASP B 532 27.49 -19.34 -31.74
C ASP B 532 26.81 -20.57 -31.14
N ALA B 533 25.50 -20.50 -30.97
CA ALA B 533 24.75 -21.66 -30.51
C ALA B 533 24.92 -22.75 -31.58
N PRO B 534 25.08 -24.03 -31.15
CA PRO B 534 25.17 -25.14 -32.12
C PRO B 534 23.86 -25.47 -32.83
N ASP B 535 22.73 -25.20 -32.17
CA ASP B 535 21.42 -25.52 -32.71
C ASP B 535 20.40 -24.67 -31.95
N PHE B 536 19.11 -24.92 -32.19
CA PHE B 536 18.03 -24.22 -31.49
C PHE B 536 17.62 -24.85 -30.15
N SER B 537 18.36 -25.85 -29.65
CA SER B 537 17.86 -26.63 -28.51
C SER B 537 17.82 -25.78 -27.22
N LEU B 538 16.85 -26.10 -26.36
CA LEU B 538 16.69 -25.37 -25.09
C LEU B 538 17.88 -25.65 -24.16
N GLY B 539 18.20 -24.69 -23.30
CA GLY B 539 19.27 -24.87 -22.32
C GLY B 539 18.85 -25.78 -21.18
N GLY B 540 19.84 -26.24 -20.43
CA GLY B 540 19.64 -27.13 -19.32
C GLY B 540 18.67 -28.27 -19.59
N ASP B 541 17.68 -28.39 -18.71
CA ASP B 541 16.76 -29.53 -18.73
C ASP B 541 15.46 -29.22 -19.45
N GLY B 542 15.43 -28.12 -20.20
CA GLY B 542 14.22 -27.63 -20.87
C GLY B 542 13.36 -28.65 -21.62
N ASP B 543 14.01 -29.53 -22.37
CA ASP B 543 13.29 -30.58 -23.13
C ASP B 543 12.56 -31.55 -22.20
N ASN B 544 13.27 -31.98 -21.16
CA ASN B 544 12.73 -32.91 -20.18
C ASN B 544 11.59 -32.29 -19.37
N LEU B 545 11.75 -31.04 -18.98
CA LEU B 545 10.67 -30.32 -18.28
C LEU B 545 9.38 -30.30 -19.07
N MET B 546 9.50 -30.07 -20.38
CA MET B 546 8.34 -30.03 -21.26
C MET B 546 7.69 -31.41 -21.46
N ASP B 547 8.51 -32.44 -21.65
CA ASP B 547 8.02 -33.84 -21.71
C ASP B 547 7.24 -34.22 -20.46
N LEU B 548 7.78 -33.89 -19.29
CA LEU B 548 7.10 -34.17 -18.02
C LEU B 548 5.83 -33.36 -17.89
N ALA B 549 5.90 -32.08 -18.22
CA ALA B 549 4.76 -31.18 -18.08
C ALA B 549 3.56 -31.62 -18.91
N VAL B 550 3.79 -31.95 -20.18
CA VAL B 550 2.68 -32.37 -21.05
C VAL B 550 2.14 -33.77 -20.70
N THR B 551 2.98 -34.59 -20.06
CA THR B 551 2.57 -35.91 -19.55
C THR B 551 1.54 -35.75 -18.43
N TYR B 552 1.77 -34.83 -17.50
CA TYR B 552 0.99 -34.75 -16.23
C TYR B 552 0.02 -33.58 -16.09
N SER B 553 0.03 -32.64 -17.03
CA SER B 553 -0.89 -31.49 -16.99
C SER B 553 -1.45 -31.14 -18.36
N SER B 554 -2.74 -30.80 -18.39
CA SER B 554 -3.38 -30.34 -19.61
C SER B 554 -3.75 -28.84 -19.59
N ASN B 555 -3.05 -28.08 -18.74
CA ASN B 555 -3.07 -26.61 -18.78
C ASN B 555 -1.67 -26.05 -18.56
N VAL B 556 -0.80 -26.29 -19.54
CA VAL B 556 0.61 -25.90 -19.45
C VAL B 556 0.78 -24.55 -20.15
N VAL B 557 1.28 -23.57 -19.40
CA VAL B 557 1.61 -22.25 -19.94
C VAL B 557 3.13 -22.14 -19.93
N VAL B 558 3.72 -21.93 -21.11
CA VAL B 558 5.17 -21.91 -21.28
C VAL B 558 5.67 -20.46 -21.36
N VAL B 559 6.73 -20.15 -20.62
CA VAL B 559 7.35 -18.82 -20.70
C VAL B 559 8.84 -19.00 -20.98
N ILE B 560 9.31 -18.36 -22.05
CA ILE B 560 10.68 -18.56 -22.51
C ILE B 560 11.52 -17.29 -22.37
N HIS B 561 12.59 -17.38 -21.60
CA HIS B 561 13.58 -16.30 -21.48
C HIS B 561 14.76 -16.73 -22.32
N THR B 562 15.11 -15.93 -23.32
CA THR B 562 16.07 -16.40 -24.31
C THR B 562 16.78 -15.29 -25.07
N THR B 563 17.95 -15.65 -25.61
CA THR B 563 18.74 -14.75 -26.45
C THR B 563 18.40 -14.93 -27.92
N GLY B 564 17.56 -15.91 -28.25
CA GLY B 564 17.10 -16.10 -29.62
C GLY B 564 16.05 -17.19 -29.76
N VAL B 565 15.80 -17.55 -31.01
CA VAL B 565 14.86 -18.61 -31.38
C VAL B 565 15.31 -19.95 -30.79
N VAL B 566 14.34 -20.67 -30.22
CA VAL B 566 14.54 -22.02 -29.69
C VAL B 566 13.59 -23.01 -30.35
N ASP B 567 13.90 -24.30 -30.17
CA ASP B 567 13.17 -25.41 -30.79
C ASP B 567 12.08 -25.89 -29.82
N ILE B 568 10.84 -25.56 -30.12
CA ILE B 568 9.69 -26.03 -29.35
C ILE B 568 8.74 -26.87 -30.20
N GLU B 569 9.27 -27.54 -31.22
CA GLU B 569 8.46 -28.31 -32.19
C GLU B 569 7.76 -29.52 -31.59
N LYS B 570 8.46 -30.23 -30.69
CA LYS B 570 7.86 -31.35 -29.96
C LYS B 570 6.57 -31.02 -29.24
N TRP B 571 6.42 -29.77 -28.77
CA TRP B 571 5.32 -29.39 -27.86
C TRP B 571 4.47 -28.22 -28.31
N ALA B 572 4.87 -27.51 -29.36
CA ALA B 572 4.13 -26.30 -29.78
C ALA B 572 2.68 -26.62 -30.20
N ASP B 573 2.46 -27.76 -30.84
CA ASP B 573 1.13 -28.22 -31.26
C ASP B 573 0.45 -29.19 -30.29
N ASN B 574 1.07 -29.46 -29.15
CA ASN B 574 0.45 -30.30 -28.13
C ASN B 574 -0.65 -29.46 -27.47
N PRO B 575 -1.92 -29.91 -27.51
CA PRO B 575 -2.99 -29.12 -26.92
C PRO B 575 -2.95 -28.99 -25.41
N ASN B 576 -2.10 -29.77 -24.74
CA ASN B 576 -1.87 -29.58 -23.30
C ASN B 576 -1.13 -28.27 -23.02
N VAL B 577 -0.33 -27.80 -23.98
CA VAL B 577 0.32 -26.49 -23.95
C VAL B 577 -0.71 -25.48 -24.39
N THR B 578 -1.33 -24.78 -23.44
CA THR B 578 -2.42 -23.85 -23.76
C THR B 578 -1.94 -22.46 -24.12
N ALA B 579 -0.71 -22.12 -23.72
CA ALA B 579 -0.16 -20.84 -24.10
C ALA B 579 1.35 -20.86 -24.07
N ILE B 580 1.94 -20.11 -25.01
CA ILE B 580 3.38 -19.96 -25.16
C ILE B 580 3.65 -18.46 -25.26
N LEU B 581 4.64 -18.00 -24.48
CA LEU B 581 5.09 -16.61 -24.47
C LEU B 581 6.61 -16.60 -24.50
N VAL B 582 7.18 -15.65 -25.22
CA VAL B 582 8.62 -15.44 -25.22
C VAL B 582 8.83 -14.07 -24.56
N ALA B 583 9.71 -14.03 -23.57
CA ALA B 583 9.95 -12.82 -22.79
C ALA B 583 11.34 -12.23 -23.01
N TYR B 584 12.12 -12.86 -23.90
CA TYR B 584 13.45 -12.38 -24.25
C TYR B 584 14.31 -12.25 -22.97
N LEU B 585 14.97 -11.12 -22.76
CA LEU B 585 15.88 -10.93 -21.62
C LEU B 585 15.41 -9.71 -20.85
N PRO B 586 14.55 -9.88 -19.83
CA PRO B 586 13.87 -8.70 -19.27
C PRO B 586 14.67 -7.83 -18.30
N GLY B 587 15.93 -8.17 -18.04
CA GLY B 587 16.68 -7.46 -17.02
C GLY B 587 16.11 -7.75 -15.64
N GLN B 588 16.43 -6.87 -14.69
CA GLN B 588 16.19 -7.11 -13.27
C GLN B 588 14.72 -7.32 -12.88
N GLU B 589 13.79 -6.68 -13.59
CA GLU B 589 12.36 -6.75 -13.25
C GLU B 589 11.65 -7.88 -14.01
N ALA B 590 12.21 -9.09 -13.99
CA ALA B 590 11.72 -10.22 -14.81
C ALA B 590 10.29 -10.66 -14.46
N GLY B 591 10.07 -10.94 -13.18
CA GLY B 591 8.81 -11.50 -12.71
C GLY B 591 7.66 -10.52 -12.70
N ASN B 592 7.93 -9.30 -12.22
CA ASN B 592 6.89 -8.28 -12.04
C ASN B 592 6.47 -7.62 -13.37
N SER B 593 7.30 -7.72 -14.41
CA SER B 593 6.88 -7.35 -15.77
C SER B 593 5.93 -8.41 -16.38
N LEU B 594 6.18 -9.68 -16.08
CA LEU B 594 5.47 -10.81 -16.66
C LEU B 594 4.07 -11.05 -16.09
N VAL B 595 3.98 -11.18 -14.77
CA VAL B 595 2.74 -11.65 -14.13
C VAL B 595 1.49 -10.78 -14.44
N PRO B 596 1.63 -9.44 -14.52
CA PRO B 596 0.45 -8.60 -14.88
C PRO B 596 -0.11 -8.85 -16.30
N VAL B 597 0.75 -9.34 -17.20
CA VAL B 597 0.31 -9.76 -18.51
C VAL B 597 -0.46 -11.08 -18.40
N LEU B 598 0.10 -12.02 -17.65
CA LEU B 598 -0.50 -13.35 -17.48
C LEU B 598 -1.87 -13.25 -16.86
N TYR B 599 -2.00 -12.36 -15.87
CA TYR B 599 -3.28 -12.17 -15.15
C TYR B 599 -4.23 -11.13 -15.79
N GLY B 600 -3.81 -10.52 -16.91
CA GLY B 600 -4.70 -9.65 -17.68
C GLY B 600 -4.91 -8.24 -17.15
N ASP B 601 -4.01 -7.75 -16.30
CA ASP B 601 -4.00 -6.33 -15.93
C ASP B 601 -3.57 -5.47 -17.14
N VAL B 602 -2.68 -6.03 -17.99
CA VAL B 602 -2.32 -5.41 -19.26
C VAL B 602 -2.29 -6.50 -20.31
N ALA B 603 -2.82 -6.22 -21.49
CA ALA B 603 -2.82 -7.20 -22.57
C ALA B 603 -1.40 -7.30 -23.12
N PRO B 604 -0.97 -8.52 -23.48
CA PRO B 604 0.33 -8.61 -24.14
C PRO B 604 0.31 -7.81 -25.42
N SER B 605 1.47 -7.24 -25.72
CA SER B 605 1.60 -6.22 -26.75
C SER B 605 2.86 -6.32 -27.61
N GLY B 606 3.83 -7.14 -27.24
CA GLY B 606 5.06 -7.27 -28.02
C GLY B 606 4.86 -8.14 -29.24
N LYS B 607 5.81 -8.03 -30.17
CA LYS B 607 5.83 -8.86 -31.37
C LYS B 607 7.25 -9.24 -31.72
N LEU B 608 7.38 -10.37 -32.42
CA LEU B 608 8.69 -10.93 -32.73
C LEU B 608 9.52 -9.97 -33.59
N PRO B 609 10.76 -9.66 -33.16
CA PRO B 609 11.69 -8.84 -33.93
C PRO B 609 12.59 -9.65 -34.87
N TRP B 610 12.35 -10.94 -34.95
CA TRP B 610 12.94 -11.80 -35.97
C TRP B 610 11.97 -12.94 -36.29
N THR B 611 12.32 -13.77 -37.27
CA THR B 611 11.49 -14.87 -37.74
C THR B 611 11.68 -16.12 -36.86
N TRP B 612 10.58 -16.77 -36.50
CA TRP B 612 10.62 -18.05 -35.74
C TRP B 612 10.31 -19.21 -36.70
N GLY B 613 11.36 -19.76 -37.30
CA GLY B 613 11.23 -20.88 -38.22
C GLY B 613 11.14 -22.21 -37.51
N LYS B 614 10.53 -23.19 -38.16
CA LYS B 614 10.32 -24.52 -37.58
C LYS B 614 11.63 -25.30 -37.44
N SER B 615 12.57 -25.01 -38.33
CA SER B 615 13.89 -25.64 -38.30
C SER B 615 14.97 -24.63 -38.68
N ILE B 616 16.14 -24.79 -38.05
CA ILE B 616 17.39 -24.14 -38.48
C ILE B 616 17.68 -24.24 -40.01
N ASP B 617 17.29 -25.37 -40.63
CA ASP B 617 17.48 -25.60 -42.07
C ASP B 617 16.67 -24.65 -42.95
N ASP B 618 15.63 -24.02 -42.40
CA ASP B 618 14.78 -23.05 -43.14
C ASP B 618 15.39 -21.64 -43.30
N TYR B 619 16.55 -21.40 -42.71
CA TYR B 619 17.20 -20.08 -42.73
C TYR B 619 18.25 -19.97 -43.85
N VAL B 620 18.80 -18.75 -44.01
CA VAL B 620 19.94 -18.47 -44.87
C VAL B 620 21.01 -19.56 -44.72
N PRO B 621 21.42 -20.21 -45.83
CA PRO B 621 22.44 -21.27 -45.68
C PRO B 621 23.83 -20.75 -45.36
N ASN B 622 24.63 -21.61 -44.73
CA ASN B 622 25.98 -21.27 -44.26
C ASN B 622 25.97 -20.12 -43.26
N GLY B 623 24.98 -20.15 -42.35
CA GLY B 623 24.79 -19.11 -41.35
C GLY B 623 25.99 -18.93 -40.46
N VAL B 624 26.61 -20.04 -40.07
CA VAL B 624 27.92 -19.99 -39.42
C VAL B 624 28.82 -21.05 -40.05
N VAL B 625 29.99 -20.62 -40.52
CA VAL B 625 30.92 -21.52 -41.18
C VAL B 625 31.97 -21.96 -40.16
N TYR B 626 32.09 -23.28 -40.03
CA TYR B 626 33.10 -23.90 -39.21
C TYR B 626 34.16 -24.52 -40.14
N THR B 627 35.39 -24.04 -40.05
CA THR B 627 36.51 -24.64 -40.75
C THR B 627 37.83 -24.39 -40.03
N ASP B 628 38.78 -25.29 -40.26
CA ASP B 628 40.16 -25.15 -39.76
C ASP B 628 41.08 -24.40 -40.76
N ALA B 629 40.57 -24.04 -41.93
CA ALA B 629 41.38 -23.40 -42.98
C ALA B 629 41.92 -22.06 -42.49
N TYR B 630 43.20 -21.78 -42.78
CA TYR B 630 43.86 -20.57 -42.26
C TYR B 630 43.07 -19.26 -42.52
N SER B 631 42.45 -19.17 -43.69
CA SER B 631 41.69 -17.98 -44.10
C SER B 631 40.23 -18.38 -44.31
N PRO B 632 39.45 -18.41 -43.21
CA PRO B 632 38.06 -18.87 -43.34
C PRO B 632 37.20 -17.85 -44.06
N GLN B 633 36.23 -18.35 -44.82
CA GLN B 633 35.44 -17.53 -45.74
C GLN B 633 33.94 -17.71 -45.47
N SER B 634 33.21 -16.60 -45.48
CA SER B 634 31.74 -16.61 -45.45
C SER B 634 31.27 -15.75 -46.60
N ASN B 635 30.66 -16.38 -47.60
CA ASN B 635 30.21 -15.66 -48.79
C ASN B 635 28.74 -15.32 -48.60
N PHE B 636 28.39 -14.03 -48.65
CA PHE B 636 27.01 -13.59 -48.38
C PHE B 636 26.26 -13.62 -49.72
N THR B 637 26.19 -14.81 -50.31
CA THR B 637 25.65 -15.00 -51.65
C THR B 637 24.14 -14.82 -51.67
N GLU B 638 23.50 -14.96 -50.51
CA GLU B 638 22.09 -14.61 -50.33
C GLU B 638 21.75 -13.15 -50.62
N GLY B 639 22.72 -12.26 -50.46
CA GLY B 639 22.49 -10.85 -50.74
C GLY B 639 21.69 -10.21 -49.62
N VAL B 640 20.68 -9.41 -49.97
CA VAL B 640 19.81 -8.78 -48.96
C VAL B 640 18.85 -9.74 -48.21
N PHE B 641 18.76 -10.99 -48.63
CA PHE B 641 17.71 -11.91 -48.16
C PHE B 641 18.16 -12.63 -46.89
N ILE B 642 18.03 -11.94 -45.77
CA ILE B 642 18.19 -12.52 -44.45
C ILE B 642 16.87 -12.47 -43.68
N ASP B 643 16.78 -13.31 -42.64
CA ASP B 643 15.58 -13.43 -41.81
C ASP B 643 14.32 -13.55 -42.67
N TYR B 644 13.30 -12.69 -42.49
CA TYR B 644 12.01 -12.86 -43.16
C TYR B 644 12.09 -12.67 -44.68
N ARG B 645 13.06 -11.90 -45.17
CA ARG B 645 13.28 -11.71 -46.62
C ARG B 645 13.63 -13.02 -47.31
N TRP B 646 14.51 -13.81 -46.69
CA TRP B 646 14.79 -15.18 -47.12
C TRP B 646 13.52 -16.04 -47.13
N PHE B 647 12.82 -16.04 -45.99
CA PHE B 647 11.61 -16.84 -45.85
C PHE B 647 10.58 -16.47 -46.91
N ASP B 648 10.38 -15.17 -47.13
CA ASP B 648 9.39 -14.71 -48.10
C ASP B 648 9.77 -15.07 -49.54
N LYS B 649 11.05 -14.93 -49.89
CA LYS B 649 11.52 -15.22 -51.24
C LYS B 649 11.47 -16.71 -51.57
N MET B 650 11.90 -17.56 -50.63
CA MET B 650 11.88 -19.01 -50.85
C MET B 650 10.54 -19.70 -50.59
N GLY B 651 9.54 -18.95 -50.12
CA GLY B 651 8.19 -19.50 -49.89
C GLY B 651 8.13 -20.47 -48.72
N ILE B 652 8.93 -20.24 -47.69
CA ILE B 652 8.95 -21.07 -46.48
C ILE B 652 8.10 -20.40 -45.38
N THR B 653 7.10 -21.12 -44.89
CA THR B 653 6.26 -20.65 -43.80
C THR B 653 6.99 -20.83 -42.46
N PRO B 654 7.18 -19.73 -41.69
CA PRO B 654 7.70 -19.92 -40.33
C PRO B 654 6.59 -20.33 -39.38
N ARG B 655 6.98 -20.82 -38.21
CA ARG B 655 5.99 -21.07 -37.18
C ARG B 655 5.32 -19.76 -36.78
N TYR B 656 6.16 -18.77 -36.44
CA TYR B 656 5.72 -17.43 -36.09
C TYR B 656 6.59 -16.46 -36.87
N GLU B 657 5.94 -15.61 -37.67
CA GLU B 657 6.64 -14.73 -38.61
C GLU B 657 7.22 -13.50 -37.93
N PHE B 658 8.08 -12.78 -38.66
CA PHE B 658 8.57 -11.47 -38.26
C PHE B 658 7.38 -10.54 -38.01
N GLY B 659 7.39 -9.88 -36.85
CA GLY B 659 6.32 -8.96 -36.48
C GLY B 659 5.02 -9.60 -35.98
N PHE B 660 5.10 -10.86 -35.55
CA PHE B 660 3.95 -11.59 -35.00
C PHE B 660 3.89 -11.54 -33.47
N GLY B 661 2.71 -11.27 -32.94
CA GLY B 661 2.45 -11.43 -31.53
C GLY B 661 0.97 -11.22 -31.26
N LEU B 662 0.41 -12.10 -30.43
CA LEU B 662 -1.01 -12.05 -30.12
C LEU B 662 -1.30 -10.99 -29.07
N SER B 663 -2.59 -10.69 -28.94
CA SER B 663 -3.12 -9.85 -27.90
C SER B 663 -4.19 -10.66 -27.16
N TYR B 664 -4.89 -10.03 -26.22
CA TYR B 664 -6.12 -10.63 -25.65
C TYR B 664 -7.36 -10.09 -26.34
N THR B 665 -7.14 -9.32 -27.40
CA THR B 665 -8.19 -8.86 -28.27
C THR B 665 -7.73 -8.96 -29.71
N THR B 666 -8.55 -8.48 -30.63
CA THR B 666 -8.17 -8.49 -32.06
C THR B 666 -8.42 -7.12 -32.66
N PHE B 667 -7.63 -6.81 -33.69
CA PHE B 667 -7.66 -5.54 -34.36
C PHE B 667 -8.06 -5.75 -35.80
N THR B 668 -9.03 -4.95 -36.25
CA THR B 668 -9.46 -4.94 -37.65
C THR B 668 -8.94 -3.66 -38.34
N TYR B 669 -8.27 -3.85 -39.48
CA TYR B 669 -7.70 -2.75 -40.28
C TYR B 669 -8.67 -2.23 -41.35
N SER B 670 -8.58 -0.94 -41.66
CA SER B 670 -9.42 -0.34 -42.69
C SER B 670 -8.83 0.97 -43.22
N ASN B 671 -9.29 1.39 -44.40
CA ASN B 671 -9.14 2.77 -44.88
C ASN B 671 -7.68 3.23 -45.09
N LEU B 672 -6.97 2.48 -45.93
CA LEU B 672 -5.58 2.78 -46.30
C LEU B 672 -5.57 4.05 -47.15
N ILE B 673 -4.68 4.98 -46.79
CA ILE B 673 -4.57 6.27 -47.47
C ILE B 673 -3.10 6.61 -47.67
N VAL B 674 -2.74 6.94 -48.91
CA VAL B 674 -1.41 7.44 -49.24
C VAL B 674 -1.62 8.91 -49.53
N ASP B 675 -1.04 9.77 -48.68
CA ASP B 675 -1.15 11.21 -48.81
C ASP B 675 0.18 11.74 -49.37
N HIS B 676 0.19 12.00 -50.67
CA HIS B 676 1.37 12.52 -51.34
C HIS B 676 1.59 14.00 -51.08
N GLY B 677 0.55 14.69 -50.59
CA GLY B 677 0.66 16.07 -50.13
C GLY B 677 1.32 16.23 -48.77
N ARG B 678 1.52 15.12 -48.03
CA ARG B 678 2.11 15.16 -46.70
C ARG B 678 3.61 14.81 -46.72
N TRP B 679 4.38 15.80 -47.16
CA TRP B 679 5.81 15.68 -47.35
C TRP B 679 6.48 16.69 -46.41
N ALA B 680 7.78 16.52 -46.18
CA ALA B 680 8.50 17.39 -45.25
C ALA B 680 10.00 17.26 -45.39
N LYS B 681 10.70 18.38 -45.24
CA LYS B 681 12.14 18.47 -45.40
C LYS B 681 12.83 17.90 -44.16
N ASP B 682 13.91 17.16 -44.38
CA ASP B 682 14.73 16.62 -43.30
C ASP B 682 15.50 17.77 -42.63
N TYR B 683 15.00 18.24 -41.51
CA TYR B 683 15.69 19.20 -40.65
C TYR B 683 16.29 18.54 -39.40
N SER B 684 15.62 17.50 -38.91
CA SER B 684 15.75 16.99 -37.53
C SER B 684 17.11 16.39 -37.13
N SER B 685 17.78 15.70 -38.05
CA SER B 685 19.00 14.93 -37.74
C SER B 685 20.16 15.76 -37.14
N VAL B 686 20.96 15.11 -36.30
CA VAL B 686 22.08 15.75 -35.61
C VAL B 686 23.26 15.93 -36.59
N MET B 687 23.56 14.88 -37.36
CA MET B 687 24.57 14.92 -38.42
C MET B 687 23.98 14.45 -39.75
N GLU B 688 24.65 14.84 -40.83
CA GLU B 688 24.26 14.50 -42.17
C GLU B 688 25.27 13.56 -42.79
N THR B 689 24.77 12.66 -43.62
CA THR B 689 25.61 11.80 -44.45
C THR B 689 25.83 12.53 -45.78
N ALA B 690 26.65 11.96 -46.65
CA ALA B 690 26.85 12.48 -48.01
C ALA B 690 26.52 11.41 -48.99
N GLU B 691 25.45 10.67 -48.72
CA GLU B 691 25.04 9.57 -49.58
C GLU B 691 24.52 10.13 -50.88
N PRO B 692 25.15 9.75 -52.01
CA PRO B 692 24.71 10.30 -53.29
C PRO B 692 23.36 9.73 -53.71
N PHE B 693 22.56 10.51 -54.40
CA PHE B 693 21.28 10.02 -54.90
C PHE B 693 20.81 10.78 -56.12
N ALA B 694 20.05 10.08 -56.97
CA ALA B 694 19.71 10.57 -58.31
C ALA B 694 18.90 11.86 -58.28
N GLU B 695 18.02 12.00 -57.29
CA GLU B 695 17.06 13.09 -57.27
C GLU B 695 17.62 14.39 -56.67
N TRP B 696 18.91 14.41 -56.30
CA TRP B 696 19.52 15.60 -55.66
C TRP B 696 19.47 16.82 -56.58
N ASP B 697 19.11 17.97 -56.01
CA ASP B 697 18.94 19.21 -56.77
C ASP B 697 19.48 20.46 -56.04
N GLY B 698 20.36 20.26 -55.05
CA GLY B 698 20.78 21.33 -54.12
C GLY B 698 19.88 21.47 -52.89
N THR B 699 18.55 21.48 -53.12
CA THR B 699 17.55 21.64 -52.05
C THR B 699 17.49 20.43 -51.11
N ASN B 700 17.40 19.24 -51.69
CA ASN B 700 16.77 18.08 -51.04
C ASN B 700 17.72 17.05 -50.41
N SER B 701 17.14 16.07 -49.74
CA SER B 701 17.85 15.02 -49.04
C SER B 701 17.29 13.65 -49.38
N LEU B 702 18.13 12.63 -49.17
CA LEU B 702 17.70 11.23 -49.25
C LEU B 702 16.70 10.93 -48.12
N TYR B 703 16.78 11.68 -47.01
CA TYR B 703 15.90 11.47 -45.84
C TYR B 703 14.72 12.44 -45.74
N ASP B 704 14.44 13.22 -46.79
CA ASP B 704 13.20 13.99 -46.81
C ASP B 704 12.06 12.98 -46.81
N VAL B 705 10.99 13.29 -46.08
CA VAL B 705 9.79 12.46 -46.18
C VAL B 705 9.00 12.99 -47.40
N ILE B 706 8.74 12.08 -48.35
CA ILE B 706 8.12 12.39 -49.65
C ILE B 706 6.63 12.08 -49.74
N PHE B 707 6.15 11.15 -48.92
CA PHE B 707 4.73 11.05 -48.64
C PHE B 707 4.50 10.39 -47.27
N THR B 708 3.26 10.35 -46.84
CA THR B 708 2.89 9.71 -45.60
C THR B 708 1.67 8.80 -45.87
N VAL B 709 1.71 7.59 -45.33
CA VAL B 709 0.57 6.68 -45.47
C VAL B 709 -0.11 6.52 -44.11
N PHE B 710 -1.44 6.46 -44.18
CA PHE B 710 -2.29 6.36 -43.01
C PHE B 710 -3.16 5.12 -43.12
N ALA B 711 -3.59 4.63 -41.96
CA ALA B 711 -4.59 3.57 -41.86
C ALA B 711 -5.31 3.69 -40.54
N THR B 712 -6.42 2.95 -40.44
CA THR B 712 -7.26 2.93 -39.26
C THR B 712 -7.30 1.50 -38.71
N ILE B 713 -7.18 1.37 -37.39
CA ILE B 713 -7.40 0.13 -36.68
C ILE B 713 -8.58 0.31 -35.77
N THR B 714 -9.39 -0.74 -35.63
CA THR B 714 -10.52 -0.77 -34.71
C THR B 714 -10.36 -2.01 -33.85
N ASN B 715 -10.57 -1.86 -32.54
CA ASN B 715 -10.54 -2.98 -31.60
C ASN B 715 -11.89 -3.70 -31.69
N THR B 716 -11.86 -4.88 -32.31
CA THR B 716 -13.04 -5.66 -32.62
C THR B 716 -13.20 -6.95 -31.77
N GLY B 717 -12.33 -7.13 -30.78
CA GLY B 717 -12.51 -8.14 -29.72
C GLY B 717 -13.20 -7.54 -28.50
N ASN B 718 -12.92 -8.11 -27.32
CA ASN B 718 -13.68 -7.80 -26.10
C ASN B 718 -12.86 -7.28 -24.93
N LEU B 719 -11.63 -6.85 -25.20
CA LEU B 719 -10.77 -6.31 -24.16
C LEU B 719 -9.91 -5.19 -24.73
N THR B 720 -9.56 -4.25 -23.86
CA THR B 720 -8.63 -3.19 -24.21
C THR B 720 -7.27 -3.80 -24.62
N GLY B 721 -6.66 -3.22 -25.64
CA GLY B 721 -5.40 -3.73 -26.15
C GLY B 721 -4.60 -2.69 -26.90
N SER B 722 -3.28 -2.89 -26.91
CA SER B 722 -2.38 -2.11 -27.73
C SER B 722 -2.08 -2.93 -28.98
N GLU B 723 -1.89 -2.26 -30.12
CA GLU B 723 -1.56 -2.93 -31.40
C GLU B 723 -0.37 -2.27 -32.10
N VAL B 724 0.64 -3.05 -32.40
CA VAL B 724 1.72 -2.60 -33.28
C VAL B 724 1.32 -2.80 -34.75
N ALA B 725 1.02 -1.71 -35.43
CA ALA B 725 0.73 -1.74 -36.85
C ALA B 725 2.03 -1.64 -37.60
N GLN B 726 2.11 -2.32 -38.74
CA GLN B 726 3.32 -2.43 -39.54
C GLN B 726 3.05 -2.09 -41.00
N LEU B 727 4.04 -1.51 -41.68
CA LEU B 727 3.92 -1.15 -43.09
C LEU B 727 5.07 -1.75 -43.88
N TYR B 728 4.71 -2.48 -44.94
CA TYR B 728 5.70 -3.12 -45.81
C TYR B 728 5.53 -2.55 -47.20
N ILE B 729 6.64 -2.42 -47.92
CA ILE B 729 6.65 -1.94 -49.30
C ILE B 729 7.43 -2.94 -50.15
N SER B 730 6.84 -3.35 -51.29
CA SER B 730 7.59 -4.07 -52.32
C SER B 730 8.07 -3.06 -53.33
N ILE B 731 9.35 -2.74 -53.26
CA ILE B 731 10.03 -1.86 -54.20
C ILE B 731 10.25 -2.66 -55.49
N PRO B 732 9.85 -2.12 -56.66
CA PRO B 732 10.07 -2.93 -57.87
C PRO B 732 11.54 -3.00 -58.26
N GLY B 733 11.85 -3.98 -59.10
CA GLY B 733 13.21 -4.25 -59.54
C GLY B 733 13.47 -5.72 -59.70
N ASP B 734 14.73 -6.02 -60.02
CA ASP B 734 15.19 -7.39 -60.26
C ASP B 734 15.75 -7.97 -58.96
N ASN B 735 15.37 -9.21 -58.67
CA ASN B 735 15.82 -9.95 -57.47
C ASN B 735 15.58 -9.14 -56.19
N GLN B 736 14.36 -8.62 -56.08
CA GLN B 736 14.01 -7.68 -55.03
C GLN B 736 13.20 -8.43 -53.95
N PRO B 737 13.35 -8.04 -52.68
CA PRO B 737 12.50 -8.67 -51.66
C PRO B 737 11.00 -8.56 -51.94
N VAL B 738 10.26 -9.62 -51.62
CA VAL B 738 8.81 -9.62 -51.72
C VAL B 738 8.18 -8.46 -50.91
N ARG B 739 8.73 -8.20 -49.71
CA ARG B 739 8.25 -7.15 -48.80
C ARG B 739 9.40 -6.63 -47.95
N GLN B 740 9.41 -5.32 -47.74
CA GLN B 740 10.37 -4.70 -46.84
C GLN B 740 9.63 -3.82 -45.85
N LEU B 741 9.93 -3.99 -44.57
CA LEU B 741 9.36 -3.13 -43.53
C LEU B 741 9.83 -1.69 -43.73
N ARG B 742 8.87 -0.77 -43.79
CA ARG B 742 9.17 0.65 -43.87
C ARG B 742 8.37 1.53 -42.88
N GLY B 743 7.72 0.91 -41.91
CA GLY B 743 6.97 1.67 -40.92
C GLY B 743 6.42 0.81 -39.79
N PHE B 744 6.38 1.39 -38.60
CA PHE B 744 5.62 0.82 -37.50
C PHE B 744 5.11 1.90 -36.55
N ASP B 745 3.93 1.65 -35.99
CA ASP B 745 3.28 2.57 -35.09
C ASP B 745 2.48 1.74 -34.09
N LYS B 746 2.79 1.91 -32.80
CA LYS B 746 2.10 1.21 -31.74
C LYS B 746 1.00 2.07 -31.11
N ILE B 747 -0.25 1.69 -31.32
CA ILE B 747 -1.40 2.34 -30.66
C ILE B 747 -1.51 1.75 -29.25
N LYS B 748 -1.67 2.60 -28.24
CA LYS B 748 -1.66 2.20 -26.84
C LYS B 748 -3.09 2.07 -26.27
N ASP B 749 -3.41 0.91 -25.69
CA ASP B 749 -4.60 0.76 -24.84
C ASP B 749 -5.89 1.27 -25.50
N LEU B 750 -6.14 0.73 -26.69
CA LEU B 750 -7.28 1.10 -27.52
C LEU B 750 -8.51 0.39 -26.90
N PRO B 751 -9.51 1.15 -26.43
CA PRO B 751 -10.65 0.46 -25.81
C PRO B 751 -11.50 -0.32 -26.81
N VAL B 752 -12.30 -1.24 -26.29
CA VAL B 752 -13.20 -2.05 -27.11
C VAL B 752 -14.09 -1.14 -27.94
N GLY B 753 -14.15 -1.42 -29.24
CA GLY B 753 -15.00 -0.69 -30.17
C GLY B 753 -14.43 0.62 -30.69
N ASP B 754 -13.36 1.15 -30.08
CA ASP B 754 -12.79 2.43 -30.51
C ASP B 754 -11.86 2.25 -31.70
N SER B 755 -11.61 3.34 -32.40
CA SER B 755 -10.72 3.38 -33.54
C SER B 755 -9.58 4.34 -33.27
N ALA B 756 -8.51 4.15 -34.02
CA ALA B 756 -7.32 5.00 -33.95
C ALA B 756 -6.65 5.03 -35.32
N VAL B 757 -6.09 6.19 -35.64
CA VAL B 757 -5.36 6.38 -36.87
C VAL B 757 -3.86 6.13 -36.63
N VAL B 758 -3.33 5.34 -37.54
CA VAL B 758 -1.97 4.86 -37.52
C VAL B 758 -1.24 5.64 -38.66
N THR B 759 0.02 6.05 -38.43
CA THR B 759 0.71 7.04 -39.30
C THR B 759 2.12 6.57 -39.68
N PHE B 760 2.44 6.62 -40.98
CA PHE B 760 3.73 6.12 -41.49
C PHE B 760 4.39 7.13 -42.45
N PRO B 761 5.34 7.96 -41.93
CA PRO B 761 6.12 8.79 -42.85
C PRO B 761 7.01 7.91 -43.70
N ILE B 762 7.10 8.20 -45.00
CA ILE B 762 7.94 7.46 -45.94
C ILE B 762 9.03 8.38 -46.49
N ARG B 763 10.29 8.06 -46.19
CA ARG B 763 11.40 8.86 -46.68
C ARG B 763 11.71 8.49 -48.11
N ARG B 764 12.46 9.35 -48.81
CA ARG B 764 12.94 9.04 -50.16
C ARG B 764 13.79 7.79 -50.15
N LYS B 765 14.65 7.66 -49.14
CA LYS B 765 15.51 6.47 -48.99
C LYS B 765 14.72 5.17 -48.78
N ASP B 766 13.56 5.29 -48.13
CA ASP B 766 12.67 4.15 -47.90
C ASP B 766 12.04 3.55 -49.14
N VAL B 767 12.18 4.24 -50.28
CA VAL B 767 11.53 3.85 -51.50
C VAL B 767 12.56 3.67 -52.65
N SER B 768 13.84 3.65 -52.29
CA SER B 768 14.95 3.69 -53.24
C SER B 768 15.69 2.37 -53.31
N SER B 769 16.49 2.23 -54.37
CA SER B 769 17.44 1.15 -54.52
C SER B 769 18.84 1.73 -54.70
N TRP B 770 19.85 0.92 -54.38
CA TRP B 770 21.24 1.28 -54.62
C TRP B 770 21.64 0.80 -56.02
N SER B 771 22.10 1.73 -56.86
CA SER B 771 22.63 1.38 -58.18
C SER B 771 24.12 1.11 -58.08
N VAL B 772 24.51 -0.11 -58.47
CA VAL B 772 25.91 -0.51 -58.44
C VAL B 772 26.67 0.23 -59.57
N VAL B 773 26.07 0.25 -60.76
CA VAL B 773 26.67 0.89 -61.93
C VAL B 773 26.95 2.38 -61.66
N ASP B 774 25.90 3.10 -61.28
CA ASP B 774 25.96 4.56 -61.07
C ASP B 774 26.46 5.00 -59.67
N GLN B 775 26.60 4.06 -58.73
CA GLN B 775 27.05 4.34 -57.35
C GLN B 775 26.24 5.44 -56.64
N LEU B 776 24.92 5.28 -56.67
CA LEU B 776 24.01 6.20 -56.01
C LEU B 776 22.64 5.55 -55.75
N TRP B 777 21.90 6.11 -54.80
CA TRP B 777 20.52 5.68 -54.53
C TRP B 777 19.62 6.33 -55.55
N TYR B 778 18.53 5.65 -55.87
CA TYR B 778 17.57 6.18 -56.81
C TYR B 778 16.22 5.54 -56.55
N VAL B 779 15.15 6.27 -56.83
CA VAL B 779 13.81 5.76 -56.70
C VAL B 779 13.47 5.06 -58.00
N PRO B 780 13.44 3.70 -58.01
CA PRO B 780 13.19 3.00 -59.28
C PRO B 780 11.82 3.24 -59.90
N ASN B 781 11.67 2.77 -61.13
CA ASN B 781 10.41 2.86 -61.86
C ASN B 781 9.66 1.55 -61.75
N GLY B 782 8.34 1.65 -61.74
CA GLY B 782 7.47 0.48 -61.68
C GLY B 782 6.42 0.61 -60.60
N ASP B 783 5.88 -0.53 -60.19
CA ASP B 783 4.80 -0.58 -59.21
C ASP B 783 5.31 -0.97 -57.81
N PHE B 784 5.05 -0.08 -56.85
CA PHE B 784 5.37 -0.31 -55.45
C PHE B 784 4.08 -0.76 -54.78
N LEU B 785 4.02 -1.99 -54.28
CA LEU B 785 2.88 -2.38 -53.42
C LEU B 785 3.16 -1.96 -51.97
N ILE B 786 2.26 -1.15 -51.40
CA ILE B 786 2.34 -0.71 -50.02
C ILE B 786 1.33 -1.54 -49.24
N SER B 787 1.82 -2.30 -48.25
CA SER B 787 1.04 -3.26 -47.46
C SER B 787 1.02 -2.87 -45.99
N VAL B 788 -0.15 -2.94 -45.35
CA VAL B 788 -0.28 -2.58 -43.95
C VAL B 788 -1.12 -3.59 -43.16
N GLY B 789 -0.67 -3.92 -41.95
CA GLY B 789 -1.43 -4.79 -41.01
C GLY B 789 -0.63 -5.12 -39.76
N GLY B 790 -1.04 -6.20 -39.08
CA GLY B 790 -0.50 -6.61 -37.77
C GLY B 790 0.76 -7.50 -37.72
N SER B 791 1.22 -7.96 -38.89
CA SER B 791 2.48 -8.73 -38.99
C SER B 791 2.93 -8.82 -40.43
N SER B 792 4.11 -9.40 -40.64
CA SER B 792 4.68 -9.53 -41.98
C SER B 792 3.89 -10.46 -42.91
N ARG B 793 3.01 -11.29 -42.34
CA ARG B 793 2.19 -12.19 -43.13
C ARG B 793 0.71 -12.02 -42.86
N ASP B 794 0.34 -10.92 -42.24
CA ASP B 794 -1.04 -10.59 -41.97
C ASP B 794 -1.19 -9.11 -42.29
N LEU B 795 -1.51 -8.87 -43.56
CA LEU B 795 -1.50 -7.55 -44.18
C LEU B 795 -2.81 -7.39 -44.96
N PRO B 796 -3.91 -7.10 -44.25
CA PRO B 796 -5.21 -6.95 -44.91
C PRO B 796 -5.33 -5.76 -45.86
N LEU B 797 -4.53 -4.72 -45.66
CA LEU B 797 -4.59 -3.52 -46.49
C LEU B 797 -3.42 -3.46 -47.46
N ASN B 798 -3.71 -3.18 -48.73
CA ASN B 798 -2.68 -2.97 -49.74
C ASN B 798 -3.16 -1.97 -50.78
N THR B 799 -2.20 -1.26 -51.38
CA THR B 799 -2.45 -0.32 -52.45
C THR B 799 -1.19 -0.27 -53.30
N THR B 800 -1.32 0.27 -54.50
CA THR B 800 -0.20 0.41 -55.41
C THR B 800 0.17 1.90 -55.57
N TRP B 801 1.48 2.17 -55.61
CA TRP B 801 2.02 3.51 -55.92
C TRP B 801 2.99 3.44 -57.11
N THR B 802 2.77 4.28 -58.11
CA THR B 802 3.58 4.31 -59.35
C THR B 802 4.15 5.73 -59.53
N PRO B 803 5.47 5.93 -59.35
CA PRO B 803 6.04 7.29 -59.39
C PRO B 803 6.12 8.02 -60.77
N HIS B 804 7.29 8.06 -61.41
CA HIS B 804 7.60 9.10 -62.42
C HIS B 804 6.99 8.77 -63.76
N SER C 44 -39.36 4.15 51.33
CA SER C 44 -39.46 4.94 52.60
C SER C 44 -38.82 4.20 53.78
N ASN C 45 -39.30 2.98 54.04
CA ASN C 45 -39.11 2.27 55.34
C ASN C 45 -37.88 1.33 55.36
N SER C 46 -36.79 1.76 56.01
CA SER C 46 -35.59 0.91 56.16
C SER C 46 -35.79 -0.19 57.23
N THR C 47 -36.76 -0.01 58.13
CA THR C 47 -37.14 -1.06 59.09
C THR C 47 -37.84 -2.22 58.36
N GLN C 48 -38.74 -1.89 57.42
CA GLN C 48 -39.34 -2.90 56.53
C GLN C 48 -38.32 -3.42 55.51
N TRP C 49 -37.45 -2.55 55.00
CA TRP C 49 -36.47 -2.92 53.96
C TRP C 49 -35.02 -2.70 54.44
N PRO C 50 -34.50 -3.63 55.29
CA PRO C 50 -33.19 -3.44 55.92
C PRO C 50 -31.96 -3.68 55.05
N ALA C 51 -30.86 -3.11 55.49
CA ALA C 51 -29.59 -3.10 54.77
C ALA C 51 -28.80 -4.39 55.06
N PRO C 52 -28.63 -5.26 54.05
CA PRO C 52 -27.78 -6.41 54.30
C PRO C 52 -26.29 -5.99 54.26
N LEU C 53 -25.49 -6.58 55.16
CA LEU C 53 -24.06 -6.33 55.19
C LEU C 53 -23.41 -7.02 53.99
N ALA C 54 -22.37 -6.40 53.45
CA ALA C 54 -21.57 -6.98 52.36
C ALA C 54 -20.78 -8.15 52.91
N ASN C 55 -20.56 -9.17 52.08
CA ASN C 55 -19.73 -10.32 52.46
C ASN C 55 -18.70 -10.75 51.41
N GLY C 56 -18.59 -10.01 50.30
CA GLY C 56 -17.69 -10.35 49.20
C GLY C 56 -18.26 -11.25 48.12
N GLY C 57 -19.34 -11.99 48.42
CA GLY C 57 -19.96 -12.89 47.45
C GLY C 57 -19.00 -13.94 46.90
N LYS C 58 -19.10 -14.21 45.60
CA LYS C 58 -18.32 -15.26 44.93
C LYS C 58 -16.85 -14.90 44.68
N SER C 59 -16.61 -13.92 43.79
CA SER C 59 -15.25 -13.62 43.29
C SER C 59 -14.46 -12.61 44.14
N TRP C 60 -15.15 -11.75 44.89
CA TRP C 60 -14.47 -10.71 45.66
C TRP C 60 -14.19 -11.08 47.13
N ALA C 61 -14.09 -12.38 47.46
CA ALA C 61 -13.89 -12.81 48.85
C ALA C 61 -12.62 -12.23 49.49
N SER C 62 -11.48 -12.42 48.82
CA SER C 62 -10.22 -11.89 49.32
C SER C 62 -10.17 -10.35 49.34
N ALA C 63 -10.86 -9.73 48.39
CA ALA C 63 -10.94 -8.27 48.32
C ALA C 63 -11.79 -7.73 49.47
N PHE C 64 -12.91 -8.40 49.71
CA PHE C 64 -13.78 -8.07 50.82
C PHE C 64 -13.05 -8.15 52.14
N LYS C 65 -12.26 -9.21 52.32
CA LYS C 65 -11.48 -9.37 53.53
C LYS C 65 -10.50 -8.23 53.76
N LYS C 66 -9.69 -7.91 52.74
CA LYS C 66 -8.82 -6.72 52.80
C LYS C 66 -9.61 -5.44 53.07
N ALA C 67 -10.74 -5.25 52.38
CA ALA C 67 -11.55 -4.04 52.54
C ALA C 67 -12.10 -3.92 53.98
N LYS C 68 -12.60 -5.02 54.52
CA LYS C 68 -13.06 -5.03 55.90
C LYS C 68 -11.92 -4.75 56.90
N ALA C 69 -10.73 -5.31 56.65
CA ALA C 69 -9.57 -5.05 57.51
C ALA C 69 -9.19 -3.57 57.53
N THR C 70 -9.13 -2.93 56.36
CA THR C 70 -8.78 -1.51 56.24
C THR C 70 -9.87 -0.61 56.86
N VAL C 71 -11.13 -0.90 56.55
CA VAL C 71 -12.25 -0.15 57.12
C VAL C 71 -12.30 -0.28 58.66
N THR C 72 -12.01 -1.45 59.19
CA THR C 72 -11.99 -1.66 60.65
C THR C 72 -11.03 -0.70 61.38
N GLU C 73 -9.95 -0.29 60.71
CA GLU C 73 -9.01 0.70 61.24
C GLU C 73 -9.46 2.16 61.07
N MET C 74 -10.53 2.41 60.34
CA MET C 74 -10.91 3.77 59.99
C MET C 74 -11.71 4.46 61.10
N THR C 75 -11.39 5.73 61.33
CA THR C 75 -12.14 6.57 62.28
C THR C 75 -13.37 7.06 61.59
N VAL C 76 -14.31 7.59 62.35
CA VAL C 76 -15.56 8.10 61.76
C VAL C 76 -15.27 9.19 60.71
N GLU C 77 -14.30 10.06 60.97
CA GLU C 77 -13.90 11.12 60.02
C GLU C 77 -13.43 10.49 58.69
N GLU C 78 -12.64 9.43 58.79
CA GLU C 78 -12.13 8.74 57.63
C GLU C 78 -13.25 8.08 56.82
N LEU C 79 -14.24 7.51 57.50
CA LEU C 79 -15.38 6.91 56.82
C LEU C 79 -16.11 7.96 56.00
N ALA C 80 -16.40 9.11 56.62
CA ALA C 80 -17.03 10.23 55.92
C ALA C 80 -16.23 10.74 54.70
N ASN C 81 -14.90 10.63 54.77
CA ASN C 81 -13.99 11.13 53.72
C ASN C 81 -14.05 10.33 52.39
N ILE C 82 -14.01 9.00 52.47
CA ILE C 82 -14.03 8.13 51.27
C ILE C 82 -15.44 7.98 50.66
N THR C 83 -16.44 8.34 51.45
CA THR C 83 -17.83 8.07 51.16
C THR C 83 -18.53 9.34 50.62
N SER C 84 -17.77 10.42 50.41
CA SER C 84 -18.28 11.65 49.81
C SER C 84 -17.20 12.34 48.96
N GLY C 85 -17.64 13.02 47.92
CA GLY C 85 -16.75 13.49 46.88
C GLY C 85 -15.91 14.69 47.26
N VAL C 86 -14.76 14.80 46.61
CA VAL C 86 -13.84 15.92 46.80
C VAL C 86 -13.51 16.58 45.46
N ILE C 87 -12.83 17.73 45.55
CA ILE C 87 -12.46 18.51 44.38
C ILE C 87 -11.33 17.80 43.66
N GLY C 88 -11.49 17.63 42.35
CA GLY C 88 -10.41 17.13 41.53
C GLY C 88 -10.65 17.24 40.04
N LEU C 89 -9.69 16.70 39.29
CA LEU C 89 -9.69 16.78 37.83
C LEU C 89 -10.73 15.85 37.18
N CYS C 90 -11.14 14.81 37.89
CA CYS C 90 -12.04 13.81 37.35
C CYS C 90 -13.48 14.20 37.62
N SER C 91 -14.41 13.57 36.90
CA SER C 91 -15.83 13.90 37.00
C SER C 91 -16.26 13.88 38.46
N GLY C 92 -15.80 12.82 39.14
CA GLY C 92 -15.80 12.72 40.59
C GLY C 92 -14.53 12.15 41.21
N VAL C 93 -14.30 12.45 42.47
CA VAL C 93 -13.13 11.98 43.20
C VAL C 93 -13.54 11.64 44.64
N THR C 94 -13.25 10.43 45.11
CA THR C 94 -13.46 10.10 46.52
C THR C 94 -12.34 10.70 47.36
N GLY C 95 -12.67 11.10 48.57
CA GLY C 95 -11.66 11.56 49.50
C GLY C 95 -10.70 10.44 49.83
N ALA C 96 -9.44 10.81 49.99
CA ALA C 96 -8.41 9.87 50.45
C ALA C 96 -8.64 9.47 51.91
N VAL C 97 -8.06 8.33 52.30
CA VAL C 97 -7.87 8.01 53.69
C VAL C 97 -6.35 8.03 53.87
N THR C 98 -5.82 9.22 54.15
CA THR C 98 -4.40 9.51 53.98
C THR C 98 -3.53 8.72 54.98
N ARG C 99 -4.00 8.63 56.23
CA ARG C 99 -3.32 7.92 57.31
C ARG C 99 -3.00 6.44 56.97
N LEU C 100 -3.94 5.78 56.28
CA LEU C 100 -3.81 4.38 55.84
C LEU C 100 -3.32 4.21 54.40
N GLY C 101 -2.94 5.30 53.73
CA GLY C 101 -2.40 5.24 52.36
C GLY C 101 -3.41 4.83 51.29
N ILE C 102 -4.69 5.07 51.54
CA ILE C 102 -5.71 4.90 50.52
C ILE C 102 -5.79 6.21 49.75
N PRO C 103 -5.45 6.18 48.45
CA PRO C 103 -5.47 7.42 47.71
C PRO C 103 -6.89 7.82 47.32
N GLU C 104 -7.02 9.02 46.78
CA GLU C 104 -8.26 9.43 46.15
C GLU C 104 -8.56 8.51 44.96
N PHE C 105 -9.82 8.18 44.74
CA PHE C 105 -10.22 7.45 43.51
C PHE C 105 -10.83 8.42 42.50
N CYS C 106 -10.29 8.40 41.30
CA CYS C 106 -10.81 9.11 40.13
C CYS C 106 -12.01 8.35 39.56
N LEU C 107 -13.21 8.94 39.66
CA LEU C 107 -14.40 8.45 38.94
C LEU C 107 -14.56 9.30 37.67
N GLN C 108 -14.61 8.67 36.51
CA GLN C 108 -14.60 9.38 35.22
C GLN C 108 -15.69 8.90 34.28
N ASP C 109 -16.40 9.84 33.69
CA ASP C 109 -17.25 9.54 32.54
C ASP C 109 -16.39 9.06 31.38
N GLY C 110 -16.92 8.28 30.43
CA GLY C 110 -18.32 7.83 30.38
C GLY C 110 -18.46 6.59 29.50
N PRO C 111 -19.71 6.26 29.09
CA PRO C 111 -19.94 4.98 28.41
C PRO C 111 -19.34 4.75 27.03
N ILE C 112 -18.62 5.73 26.45
CA ILE C 112 -17.85 5.48 25.22
C ILE C 112 -16.34 5.60 25.44
N GLY C 113 -15.92 5.77 26.68
CA GLY C 113 -14.51 5.94 27.03
C GLY C 113 -14.31 7.21 27.83
N PRO C 114 -13.07 7.47 28.29
CA PRO C 114 -12.85 8.61 29.16
C PRO C 114 -13.16 9.93 28.47
N ARG C 115 -14.05 10.71 29.07
CA ARG C 115 -14.49 12.00 28.54
C ARG C 115 -13.60 13.15 29.02
N GLY C 116 -13.52 14.20 28.19
CA GLY C 116 -12.74 15.41 28.50
C GLY C 116 -11.24 15.25 28.38
N VAL C 117 -10.82 14.24 27.64
CA VAL C 117 -9.46 13.73 27.68
C VAL C 117 -8.88 13.75 26.27
N HIS C 118 -7.71 14.36 26.10
CA HIS C 118 -6.95 14.22 24.84
C HIS C 118 -6.12 12.96 24.87
N GLY C 119 -5.60 12.59 23.69
CA GLY C 119 -4.77 11.40 23.52
C GLY C 119 -5.51 10.09 23.63
N SER C 120 -6.82 10.11 23.40
CA SER C 120 -7.67 8.93 23.44
C SER C 120 -8.42 8.78 22.11
N SER C 121 -9.27 7.75 22.01
CA SER C 121 -10.05 7.46 20.80
C SER C 121 -11.52 7.69 21.07
N GLN C 122 -12.27 8.11 20.06
CA GLN C 122 -13.72 8.25 20.18
C GLN C 122 -14.35 6.94 19.71
N PHE C 123 -14.80 6.14 20.67
CA PHE C 123 -15.45 4.86 20.36
C PHE C 123 -16.89 5.09 19.93
N PRO C 124 -17.49 4.10 19.26
CA PRO C 124 -18.92 4.18 18.99
C PRO C 124 -19.75 4.04 20.27
N ALA C 125 -20.93 4.64 20.25
CA ALA C 125 -21.86 4.57 21.38
C ALA C 125 -22.41 3.17 21.57
N GLY C 126 -23.11 2.94 22.68
CA GLY C 126 -23.67 1.62 22.94
C GLY C 126 -24.74 1.22 21.93
N LEU C 127 -25.52 2.22 21.51
CA LEU C 127 -26.48 2.08 20.43
C LEU C 127 -25.86 1.37 19.23
N THR C 128 -24.67 1.80 18.88
CA THR C 128 -23.95 1.29 17.73
C THR C 128 -23.51 -0.17 17.92
N VAL C 129 -22.90 -0.52 19.07
CA VAL C 129 -22.52 -1.95 19.29
C VAL C 129 -23.72 -2.84 19.32
N ALA C 130 -24.82 -2.35 19.89
CA ALA C 130 -26.07 -3.11 19.95
C ALA C 130 -26.41 -3.56 18.54
N ALA C 131 -26.39 -2.62 17.60
CA ALA C 131 -26.76 -2.91 16.21
C ALA C 131 -25.88 -3.95 15.50
N THR C 132 -24.69 -4.24 16.02
CA THR C 132 -23.87 -5.34 15.47
C THR C 132 -24.42 -6.71 15.81
N TRP C 133 -25.14 -6.82 16.94
CA TRP C 133 -25.61 -8.11 17.49
C TRP C 133 -24.46 -9.12 17.67
N ASP C 134 -23.27 -8.58 17.99
CA ASP C 134 -22.01 -9.31 17.96
C ASP C 134 -21.38 -9.25 19.35
N ARG C 135 -21.50 -10.34 20.11
CA ARG C 135 -20.94 -10.44 21.46
C ARG C 135 -19.45 -10.13 21.57
N THR C 136 -18.66 -10.55 20.58
CA THR C 136 -17.20 -10.37 20.62
C THR C 136 -16.79 -8.88 20.42
N LEU C 137 -17.48 -8.20 19.52
CA LEU C 137 -17.37 -6.74 19.37
C LEU C 137 -17.89 -5.99 20.61
N MET C 138 -19.00 -6.43 21.22
CA MET C 138 -19.45 -5.84 22.48
C MET C 138 -18.37 -5.89 23.57
N TYR C 139 -17.72 -7.05 23.70
CA TYR C 139 -16.65 -7.25 24.68
C TYR C 139 -15.39 -6.45 24.33
N ALA C 140 -14.95 -6.58 23.08
CA ALA C 140 -13.73 -5.92 22.62
C ALA C 140 -13.80 -4.40 22.76
N ARG C 141 -14.95 -3.83 22.42
CA ARG C 141 -15.22 -2.40 22.56
C ARG C 141 -14.98 -1.93 23.99
N ALA C 142 -15.60 -2.63 24.94
CA ALA C 142 -15.45 -2.30 26.36
C ALA C 142 -14.03 -2.57 26.88
N ARG C 143 -13.38 -3.62 26.39
CA ARG C 143 -11.99 -3.91 26.74
C ARG C 143 -11.04 -2.81 26.24
N GLY C 144 -11.28 -2.33 25.01
CA GLY C 144 -10.55 -1.20 24.45
C GLY C 144 -10.77 0.11 25.22
N MET C 145 -12.02 0.40 25.57
CA MET C 145 -12.34 1.54 26.44
C MET C 145 -11.63 1.40 27.77
N GLY C 146 -11.71 0.19 28.32
CA GLY C 146 -11.01 -0.18 29.53
C GLY C 146 -9.54 0.18 29.57
N GLN C 147 -8.74 -0.25 28.59
CA GLN C 147 -7.31 0.10 28.60
C GLN C 147 -7.10 1.60 28.53
N GLU C 148 -7.94 2.33 27.80
CA GLU C 148 -7.77 3.79 27.68
C GLU C 148 -8.16 4.47 28.96
N PHE C 149 -9.24 3.99 29.60
CA PHE C 149 -9.63 4.45 30.94
C PHE C 149 -8.49 4.30 31.92
N HIS C 150 -7.94 3.08 32.03
CA HIS C 150 -6.88 2.78 32.99
C HIS C 150 -5.60 3.56 32.70
N ASP C 151 -5.19 3.56 31.44
CA ASP C 151 -3.94 4.24 31.07
C ASP C 151 -4.04 5.79 31.25
N GLN C 152 -5.27 6.36 31.24
CA GLN C 152 -5.48 7.77 31.58
C GLN C 152 -5.55 8.04 33.10
N GLY C 153 -5.55 6.99 33.92
CA GLY C 153 -5.55 7.13 35.36
C GLY C 153 -6.89 6.99 36.07
N VAL C 154 -7.82 6.25 35.48
CA VAL C 154 -9.16 6.12 36.07
C VAL C 154 -9.30 4.83 36.92
N HIS C 155 -9.78 5.00 38.15
CA HIS C 155 -10.13 3.90 39.05
C HIS C 155 -11.55 3.38 38.77
N LEU C 156 -12.51 4.30 38.63
CA LEU C 156 -13.91 3.95 38.40
C LEU C 156 -14.40 4.61 37.12
N ALA C 157 -14.82 3.79 36.16
CA ALA C 157 -15.46 4.28 34.94
C ALA C 157 -16.95 4.44 35.24
N LEU C 158 -17.51 5.62 34.98
CA LEU C 158 -18.95 5.86 35.09
C LEU C 158 -19.66 5.30 33.86
N ALA C 159 -19.76 3.98 33.86
CA ALA C 159 -20.06 3.19 32.67
C ALA C 159 -20.14 1.73 33.09
N PRO C 160 -20.88 0.88 32.36
CA PRO C 160 -21.70 1.25 31.20
C PRO C 160 -23.12 1.68 31.57
N VAL C 161 -23.92 1.95 30.53
CA VAL C 161 -25.34 2.19 30.74
C VAL C 161 -26.04 0.85 30.54
N THR C 162 -26.56 0.29 31.64
CA THR C 162 -27.04 -1.09 31.68
C THR C 162 -28.52 -1.17 32.06
N GLY C 163 -29.36 -0.49 31.29
CA GLY C 163 -30.83 -0.57 31.44
C GLY C 163 -31.51 0.63 32.08
N GLY C 164 -30.84 1.77 32.14
CA GLY C 164 -31.44 3.03 32.62
C GLY C 164 -30.80 4.26 31.98
N PRO C 165 -31.35 4.82 30.91
CA PRO C 165 -32.59 4.38 30.25
C PRO C 165 -32.49 3.08 29.43
N LEU C 166 -33.54 2.28 29.52
CA LEU C 166 -33.69 1.06 28.73
C LEU C 166 -34.33 1.35 27.36
N GLY C 167 -35.39 2.18 27.33
CA GLY C 167 -36.09 2.51 26.07
C GLY C 167 -37.60 2.64 26.10
N ARG C 168 -38.15 3.18 27.18
CA ARG C 168 -39.60 3.38 27.28
C ARG C 168 -40.06 4.47 26.31
N THR C 169 -39.21 5.49 26.08
CA THR C 169 -39.45 6.53 25.05
C THR C 169 -38.43 6.43 23.93
N PRO C 170 -38.88 6.43 22.66
CA PRO C 170 -37.92 6.55 21.57
C PRO C 170 -37.38 7.97 21.41
N LEU C 171 -37.87 8.93 22.21
CA LEU C 171 -37.43 10.31 22.25
C LEU C 171 -36.42 10.62 23.36
N ASN C 172 -36.00 9.61 24.12
CA ASN C 172 -35.11 9.84 25.26
C ASN C 172 -33.82 10.46 24.75
N GLY C 173 -33.47 11.61 25.30
CA GLY C 173 -32.33 12.37 24.82
C GLY C 173 -31.02 11.62 24.90
N ARG C 174 -30.91 10.74 25.89
CA ARG C 174 -29.70 9.93 26.11
C ARG C 174 -29.86 8.41 25.91
N GLY C 175 -30.94 7.98 25.24
CA GLY C 175 -31.15 6.56 24.93
C GLY C 175 -29.96 5.89 24.22
N TRP C 176 -29.33 6.63 23.31
CA TRP C 176 -28.12 6.21 22.59
C TRP C 176 -26.94 5.70 23.45
N GLU C 177 -26.86 6.12 24.71
CA GLU C 177 -25.81 5.64 25.64
C GLU C 177 -25.95 4.16 26.02
N GLY C 178 -27.18 3.66 26.00
CA GLY C 178 -27.49 2.25 26.26
C GLY C 178 -27.32 1.39 25.01
N THR C 179 -28.07 0.30 24.91
CA THR C 179 -27.87 -0.62 23.81
C THR C 179 -29.20 -0.94 23.15
N PHE C 180 -29.88 -2.00 23.60
CA PHE C 180 -31.13 -2.46 23.00
C PHE C 180 -32.32 -2.01 23.84
N ALA C 181 -33.43 -1.72 23.16
CA ALA C 181 -34.71 -1.48 23.80
C ALA C 181 -35.37 -2.83 24.10
N ASP C 182 -34.67 -3.65 24.89
CA ASP C 182 -35.08 -5.02 25.11
C ASP C 182 -34.31 -5.54 26.32
N PRO C 183 -35.02 -6.09 27.34
CA PRO C 183 -34.31 -6.55 28.54
C PRO C 183 -33.28 -7.66 28.25
N TYR C 184 -33.65 -8.64 27.42
CA TYR C 184 -32.76 -9.76 27.12
C TYR C 184 -31.45 -9.26 26.52
N ALA C 185 -31.56 -8.54 25.40
CA ALA C 185 -30.37 -8.15 24.64
C ALA C 185 -29.53 -7.12 25.39
N CYS C 186 -30.22 -6.19 26.05
CA CYS C 186 -29.55 -5.18 26.86
C CYS C 186 -28.79 -5.86 27.95
N GLY C 187 -29.41 -6.91 28.51
CA GLY C 187 -28.77 -7.76 29.50
C GLY C 187 -27.45 -8.30 29.04
N GLU C 188 -27.45 -8.89 27.85
CA GLU C 188 -26.26 -9.49 27.28
C GLU C 188 -25.17 -8.47 26.99
N ALA C 189 -25.55 -7.36 26.34
CA ALA C 189 -24.61 -6.31 26.05
C ALA C 189 -24.07 -5.71 27.35
N SER C 190 -24.92 -5.63 28.37
CA SER C 190 -24.51 -5.12 29.68
C SER C 190 -23.50 -6.02 30.36
N TYR C 191 -23.73 -7.33 30.30
CA TYR C 191 -22.80 -8.30 30.90
C TYR C 191 -21.41 -8.11 30.30
N LEU C 192 -21.37 -8.13 28.97
CA LEU C 192 -20.12 -8.11 28.22
C LEU C 192 -19.36 -6.79 28.34
N SER C 193 -20.11 -5.68 28.46
CA SER C 193 -19.54 -4.35 28.60
C SER C 193 -18.92 -4.15 29.97
N VAL C 194 -19.64 -4.55 31.00
CA VAL C 194 -19.11 -4.61 32.37
C VAL C 194 -17.82 -5.45 32.40
N LYS C 195 -17.88 -6.64 31.81
CA LYS C 195 -16.76 -7.57 31.84
C LYS C 195 -15.51 -7.04 31.11
N GLY C 196 -15.74 -6.33 30.01
CA GLY C 196 -14.63 -5.75 29.25
C GLY C 196 -13.92 -4.68 30.04
N LEU C 197 -14.70 -3.83 30.70
CA LEU C 197 -14.15 -2.78 31.53
C LEU C 197 -13.36 -3.34 32.72
N THR C 198 -13.95 -4.29 33.45
CA THR C 198 -13.27 -4.86 34.61
C THR C 198 -12.01 -5.65 34.20
N ASP C 199 -12.04 -6.32 33.06
CA ASP C 199 -10.84 -7.07 32.62
C ASP C 199 -9.66 -6.19 32.31
N ALA C 200 -9.92 -4.90 32.08
CA ALA C 200 -8.87 -3.87 31.94
C ALA C 200 -8.34 -3.29 33.24
N GLY C 201 -8.84 -3.77 34.38
CA GLY C 201 -8.49 -3.23 35.67
C GLY C 201 -9.21 -1.94 36.08
N VAL C 202 -10.32 -1.60 35.40
CA VAL C 202 -11.06 -0.41 35.79
C VAL C 202 -12.40 -0.84 36.36
N ALA C 203 -12.69 -0.35 37.56
CA ALA C 203 -13.96 -0.58 38.22
C ALA C 203 -15.07 0.08 37.43
N THR C 204 -16.24 -0.54 37.47
CA THR C 204 -17.41 -0.07 36.75
C THR C 204 -18.45 0.44 37.73
N VAL C 205 -19.13 1.51 37.30
CA VAL C 205 -20.31 2.01 37.97
C VAL C 205 -21.43 1.93 36.93
N SER C 206 -22.19 0.82 36.97
CA SER C 206 -23.25 0.57 36.00
C SER C 206 -24.44 1.46 36.34
N LYS C 207 -24.97 2.15 35.35
CA LYS C 207 -25.92 3.21 35.61
C LYS C 207 -27.06 3.13 34.59
N HIS C 208 -28.20 3.77 34.83
CA HIS C 208 -28.60 4.42 36.06
C HIS C 208 -29.78 3.62 36.66
N TRP C 209 -29.60 3.08 37.87
CA TRP C 209 -30.65 2.31 38.58
C TRP C 209 -31.68 3.30 39.20
N ILE C 210 -32.95 3.29 38.80
CA ILE C 210 -33.60 2.39 37.85
C ILE C 210 -34.92 3.05 37.43
N ALA C 211 -35.44 2.66 36.26
CA ALA C 211 -36.62 3.29 35.64
C ALA C 211 -36.35 4.76 35.34
N TYR C 212 -35.11 5.03 34.91
CA TYR C 212 -34.67 6.37 34.52
C TYR C 212 -34.97 6.46 33.05
N GLU C 213 -36.21 6.85 32.72
CA GLU C 213 -36.76 6.73 31.36
C GLU C 213 -37.20 8.03 30.67
N GLN C 214 -36.90 9.18 31.27
CA GLN C 214 -36.96 10.44 30.54
C GLN C 214 -35.99 11.43 31.15
N GLU C 215 -35.40 12.27 30.29
CA GLU C 215 -34.57 13.38 30.74
C GLU C 215 -35.36 14.53 31.34
N THR C 216 -36.57 14.77 30.82
CA THR C 216 -37.36 15.93 31.22
C THR C 216 -37.77 15.78 32.69
N SER C 217 -37.57 16.85 33.46
CA SER C 217 -37.85 16.89 34.89
C SER C 217 -37.09 15.83 35.71
N ARG C 218 -35.96 15.36 35.20
CA ARG C 218 -35.06 14.55 36.03
C ARG C 218 -34.61 15.35 37.25
N ASN C 219 -34.52 16.67 37.08
CA ASN C 219 -34.33 17.62 38.17
C ASN C 219 -33.29 17.16 39.16
N LEU C 220 -32.04 17.16 38.70
CA LEU C 220 -30.92 16.92 39.58
C LEU C 220 -30.92 18.01 40.65
N TYR C 221 -30.42 17.71 41.83
CA TYR C 221 -30.37 18.68 42.94
C TYR C 221 -29.30 19.77 42.70
N ILE C 222 -29.69 21.05 42.75
CA ILE C 222 -28.76 22.21 42.77
C ILE C 222 -29.19 23.27 43.78
N ASP C 223 -28.21 23.95 44.41
CA ASP C 223 -28.44 25.16 45.25
C ASP C 223 -27.99 26.44 44.51
N ILE C 224 -28.87 27.45 44.47
CA ILE C 224 -28.49 28.81 44.05
C ILE C 224 -27.80 29.45 45.29
N ASP C 225 -28.50 30.30 46.05
CA ASP C 225 -27.95 30.97 47.24
C ASP C 225 -29.00 31.00 48.36
N GLY C 226 -29.22 29.84 49.00
CA GLY C 226 -30.37 29.64 49.90
C GLY C 226 -31.63 29.12 49.19
N VAL C 227 -31.54 28.95 47.87
CA VAL C 227 -32.59 28.36 47.02
C VAL C 227 -32.16 26.91 46.69
N SER C 228 -33.12 26.09 46.25
CA SER C 228 -32.80 24.79 45.65
C SER C 228 -33.82 24.36 44.59
N GLN C 229 -33.55 23.21 43.94
CA GLN C 229 -34.52 22.54 43.05
C GLN C 229 -35.65 21.94 43.89
N ALA C 230 -35.36 21.64 45.16
CA ALA C 230 -36.40 21.27 46.11
C ALA C 230 -37.48 22.34 46.29
N ASP C 231 -37.14 23.61 46.08
CA ASP C 231 -38.12 24.72 46.10
C ASP C 231 -38.90 24.90 44.80
N ILE C 232 -38.45 24.30 43.70
CA ILE C 232 -39.05 24.50 42.38
C ILE C 232 -39.85 23.28 41.92
N GLN C 233 -39.20 22.11 41.89
CA GLN C 233 -39.83 20.90 41.37
C GLN C 233 -39.06 19.64 41.78
N LEU C 234 -39.78 18.66 42.32
CA LEU C 234 -39.22 17.35 42.60
C LEU C 234 -38.94 16.61 41.30
N PRO C 235 -38.05 15.58 41.33
CA PRO C 235 -37.81 14.78 40.12
C PRO C 235 -39.01 13.98 39.68
N ILE C 236 -39.16 13.79 38.37
CA ILE C 236 -40.16 12.89 37.80
C ILE C 236 -40.23 11.56 38.54
N SER C 237 -41.43 11.13 38.90
CA SER C 237 -41.63 9.89 39.65
C SER C 237 -42.08 8.75 38.74
N SER C 238 -41.19 7.78 38.55
CA SER C 238 -41.51 6.55 37.81
C SER C 238 -42.29 5.62 38.74
N ASN C 239 -43.58 5.44 38.45
CA ASN C 239 -44.46 4.60 39.26
C ASN C 239 -44.63 3.21 38.62
N VAL C 240 -43.81 2.27 39.06
CA VAL C 240 -43.59 0.99 38.37
C VAL C 240 -44.15 -0.13 39.21
N ASP C 241 -45.02 -0.96 38.65
CA ASP C 241 -45.53 -2.10 39.43
C ASP C 241 -44.45 -3.17 39.60
N ASP C 242 -44.65 -4.08 40.54
CA ASP C 242 -43.63 -5.02 40.95
C ASP C 242 -43.24 -5.96 39.80
N LEU C 243 -44.22 -6.41 39.02
CA LEU C 243 -43.96 -7.34 37.92
C LEU C 243 -43.15 -6.69 36.79
N THR C 244 -43.47 -5.45 36.46
CA THR C 244 -42.72 -4.71 35.46
C THR C 244 -41.28 -4.48 35.93
N MET C 245 -41.13 -4.06 37.17
CA MET C 245 -39.80 -3.82 37.75
C MET C 245 -38.92 -5.08 37.61
N HIS C 246 -39.47 -6.25 37.92
CA HIS C 246 -38.71 -7.50 37.89
C HIS C 246 -38.42 -8.02 36.48
N GLU C 247 -39.45 -8.11 35.64
CA GLU C 247 -39.30 -8.68 34.29
C GLU C 247 -38.68 -7.74 33.25
N LEU C 248 -38.95 -6.43 33.33
CA LEU C 248 -38.38 -5.47 32.38
C LEU C 248 -37.11 -4.76 32.88
N TYR C 249 -37.21 -3.96 33.93
CA TYR C 249 -36.15 -3.01 34.29
C TYR C 249 -34.95 -3.59 35.09
N MET C 250 -35.23 -4.53 35.99
CA MET C 250 -34.17 -5.19 36.76
C MET C 250 -33.31 -6.13 35.90
N TRP C 251 -33.89 -6.70 34.83
CA TRP C 251 -33.22 -7.74 34.01
C TRP C 251 -31.76 -7.40 33.71
N SER C 252 -31.53 -6.25 33.06
CA SER C 252 -30.17 -5.85 32.65
C SER C 252 -29.23 -5.60 33.82
N PHE C 253 -29.76 -5.06 34.91
CA PHE C 253 -28.97 -4.86 36.13
C PHE C 253 -28.61 -6.16 36.84
N ALA C 254 -29.50 -7.15 36.82
CA ALA C 254 -29.12 -8.49 37.28
C ALA C 254 -27.93 -9.03 36.50
N GLU C 255 -27.93 -8.86 35.16
CA GLU C 255 -26.77 -9.30 34.35
C GLU C 255 -25.50 -8.52 34.69
N ALA C 256 -25.64 -7.21 34.91
CA ALA C 256 -24.48 -6.37 35.24
C ALA C 256 -23.88 -6.77 36.57
N VAL C 257 -24.76 -7.06 37.53
CA VAL C 257 -24.35 -7.59 38.84
C VAL C 257 -23.65 -8.95 38.70
N ARG C 258 -24.14 -9.81 37.81
CA ARG C 258 -23.52 -11.12 37.57
C ARG C 258 -22.15 -11.04 36.90
N ALA C 259 -21.89 -9.94 36.20
CA ALA C 259 -20.68 -9.75 35.41
C ALA C 259 -19.33 -9.37 36.09
N GLY C 260 -19.22 -8.97 37.35
CA GLY C 260 -20.17 -8.25 38.14
C GLY C 260 -19.59 -6.84 38.40
N THR C 261 -20.41 -5.82 38.11
CA THR C 261 -20.06 -4.45 38.34
C THR C 261 -19.59 -4.29 39.73
N ASN C 262 -18.62 -3.41 39.90
CA ASN C 262 -18.09 -3.10 41.21
C ASN C 262 -19.03 -2.13 41.91
N HIS C 263 -19.73 -1.28 41.12
CA HIS C 263 -20.65 -0.28 41.66
C HIS C 263 -21.91 -0.12 40.77
N ILE C 264 -22.93 0.52 41.34
CA ILE C 264 -24.15 0.90 40.61
C ILE C 264 -24.46 2.37 40.89
N MET C 265 -24.85 3.12 39.88
CA MET C 265 -25.29 4.51 40.08
C MET C 265 -26.80 4.58 40.22
N CYS C 266 -27.26 5.20 41.32
CA CYS C 266 -28.69 5.37 41.53
C CYS C 266 -29.10 6.63 40.80
N SER C 267 -30.30 6.62 40.24
CA SER C 267 -30.71 7.60 39.25
C SER C 267 -31.35 8.86 39.85
N TYR C 268 -31.61 9.82 38.96
CA TYR C 268 -32.22 11.09 39.30
C TYR C 268 -33.70 11.02 39.55
N ASN C 269 -34.41 10.17 38.84
CA ASN C 269 -35.86 10.04 39.02
C ASN C 269 -36.19 9.49 40.39
N ARG C 270 -37.40 9.76 40.83
CA ARG C 270 -37.90 9.09 42.02
C ARG C 270 -38.68 7.87 41.51
N ILE C 271 -38.92 6.92 42.40
CA ILE C 271 -39.70 5.70 42.07
C ILE C 271 -40.78 5.65 43.12
N ASN C 272 -42.05 5.60 42.70
CA ASN C 272 -43.18 5.68 43.65
C ASN C 272 -43.01 6.86 44.64
N ASN C 273 -42.65 8.02 44.09
CA ASN C 273 -42.45 9.25 44.87
C ASN C 273 -41.36 9.22 45.95
N THR C 274 -40.38 8.33 45.81
CA THR C 274 -39.21 8.35 46.67
C THR C 274 -37.97 8.36 45.79
N HIS C 275 -37.04 9.26 46.10
CA HIS C 275 -35.80 9.40 45.32
C HIS C 275 -35.13 8.04 45.21
N SER C 276 -34.68 7.67 44.01
CA SER C 276 -34.03 6.36 43.82
C SER C 276 -32.85 6.19 44.75
N CYS C 277 -32.06 7.26 44.96
CA CYS C 277 -30.89 7.23 45.86
C CYS C 277 -31.18 7.18 47.37
N SER C 278 -32.44 7.32 47.76
CA SER C 278 -32.86 7.03 49.13
C SER C 278 -34.10 6.12 49.19
N ASN C 279 -34.26 5.26 48.18
CA ASN C 279 -35.38 4.31 48.08
C ASN C 279 -34.95 2.97 48.66
N ALA C 280 -35.42 2.66 49.86
CA ALA C 280 -35.00 1.46 50.56
C ALA C 280 -35.50 0.19 49.88
N LYS C 281 -36.74 0.21 49.38
CA LYS C 281 -37.25 -0.93 48.61
C LYS C 281 -36.33 -1.18 47.41
N GLY C 282 -35.91 -0.10 46.76
CA GLY C 282 -35.07 -0.17 45.57
C GLY C 282 -33.68 -0.67 45.85
N LEU C 283 -32.98 -0.02 46.79
CA LEU C 283 -31.55 -0.26 47.00
C LEU C 283 -31.28 -1.39 47.99
N ASN C 284 -31.84 -1.27 49.19
CA ASN C 284 -31.58 -2.22 50.28
C ASN C 284 -32.14 -3.59 50.01
N GLN C 285 -33.33 -3.65 49.40
CA GLN C 285 -34.04 -4.90 49.21
C GLN C 285 -33.87 -5.42 47.74
N LEU C 286 -34.41 -4.75 46.73
CA LEU C 286 -34.28 -5.28 45.35
C LEU C 286 -32.82 -5.44 44.89
N LEU C 287 -31.99 -4.40 45.01
CA LEU C 287 -30.59 -4.50 44.58
C LEU C 287 -29.72 -5.28 45.58
N LYS C 288 -29.69 -4.81 46.82
CA LYS C 288 -28.72 -5.35 47.78
C LYS C 288 -29.12 -6.69 48.40
N THR C 289 -30.42 -7.02 48.42
CA THR C 289 -30.90 -8.33 48.92
C THR C 289 -31.23 -9.32 47.79
N GLU C 290 -32.20 -9.00 46.95
CA GLU C 290 -32.61 -9.94 45.89
C GLU C 290 -31.48 -10.12 44.87
N LEU C 291 -30.92 -9.03 44.35
CA LEU C 291 -29.80 -9.15 43.42
C LEU C 291 -28.45 -9.45 44.14
N ASN C 292 -28.44 -9.39 45.47
CA ASN C 292 -27.29 -9.78 46.31
C ASN C 292 -26.05 -8.95 45.96
N PHE C 293 -26.29 -7.66 45.71
CA PHE C 293 -25.26 -6.80 45.17
C PHE C 293 -24.25 -6.49 46.27
N GLN C 294 -22.98 -6.79 46.00
CA GLN C 294 -21.91 -6.67 46.99
C GLN C 294 -21.09 -5.38 46.91
N GLY C 295 -21.35 -4.59 45.87
CA GLY C 295 -20.62 -3.37 45.61
C GLY C 295 -21.30 -2.12 46.13
N GLY C 296 -20.75 -0.98 45.72
CA GLY C 296 -21.23 0.33 46.16
C GLY C 296 -22.32 0.91 45.29
N VAL C 297 -23.24 1.66 45.91
CA VAL C 297 -24.21 2.49 45.20
C VAL C 297 -23.72 3.95 45.26
N VAL C 298 -23.47 4.52 44.08
CA VAL C 298 -22.88 5.84 43.92
C VAL C 298 -24.01 6.75 43.50
N SER C 299 -24.16 7.92 44.12
CA SER C 299 -25.18 8.87 43.65
C SER C 299 -24.83 9.39 42.25
N ASP C 300 -25.86 9.56 41.42
CA ASP C 300 -25.73 10.45 40.27
C ASP C 300 -25.45 11.85 40.87
N TRP C 301 -24.93 12.74 40.04
CA TRP C 301 -24.41 14.01 40.52
C TRP C 301 -25.59 14.94 40.79
N GLY C 302 -25.94 15.06 42.07
CA GLY C 302 -27.20 15.71 42.49
C GLY C 302 -28.34 14.72 42.67
N GLY C 303 -28.03 13.42 42.70
CA GLY C 303 -29.04 12.38 42.86
C GLY C 303 -29.48 12.18 44.30
N GLN C 304 -28.62 12.61 45.24
CA GLN C 304 -28.88 12.58 46.66
C GLN C 304 -29.58 13.88 47.10
N TRP C 305 -30.72 13.71 47.79
CA TRP C 305 -31.56 14.82 48.28
C TRP C 305 -31.67 14.90 49.83
N ASP C 306 -30.99 13.98 50.52
CA ASP C 306 -31.20 13.66 51.94
C ASP C 306 -29.85 13.42 52.56
N SER C 307 -29.75 13.58 53.87
CA SER C 307 -28.62 13.06 54.64
C SER C 307 -28.97 11.70 55.27
N VAL C 308 -30.00 11.70 56.13
CA VAL C 308 -30.37 10.51 56.91
C VAL C 308 -31.07 9.41 56.07
N PRO C 309 -32.14 9.74 55.31
CA PRO C 309 -32.74 8.65 54.49
C PRO C 309 -31.75 7.96 53.51
N ALA C 310 -30.91 8.75 52.84
CA ALA C 310 -29.87 8.19 51.96
C ALA C 310 -28.92 7.24 52.70
N ALA C 311 -28.55 7.59 53.94
CA ALA C 311 -27.65 6.75 54.74
C ALA C 311 -28.30 5.43 55.15
N GLU C 312 -29.58 5.49 55.50
CA GLU C 312 -30.32 4.30 55.94
C GLU C 312 -30.84 3.43 54.79
N ASN C 313 -31.11 4.04 53.63
CA ASN C 313 -31.90 3.38 52.56
C ASN C 313 -31.08 2.90 51.35
N GLY C 314 -29.75 2.97 51.41
CA GLY C 314 -28.91 2.19 50.48
C GLY C 314 -27.77 2.88 49.78
N LEU C 315 -27.70 4.20 49.84
CA LEU C 315 -26.58 4.94 49.22
C LEU C 315 -25.25 4.69 49.92
N ASP C 316 -24.19 4.50 49.15
CA ASP C 316 -22.83 4.34 49.68
C ASP C 316 -21.88 5.50 49.41
N VAL C 317 -22.01 6.16 48.26
CA VAL C 317 -21.13 7.28 47.90
C VAL C 317 -21.91 8.53 47.44
N ALA C 318 -21.62 9.64 48.08
CA ALA C 318 -22.20 10.92 47.75
C ALA C 318 -21.34 11.63 46.71
N MET C 319 -21.86 11.85 45.51
CA MET C 319 -21.16 12.61 44.46
C MET C 319 -22.01 13.80 43.98
N PRO C 320 -21.39 14.95 43.63
CA PRO C 320 -19.92 15.17 43.62
C PRO C 320 -19.29 15.67 44.96
N GLY C 321 -20.10 15.78 46.02
CA GLY C 321 -19.59 16.24 47.30
C GLY C 321 -19.13 17.68 47.21
N LYS C 322 -17.86 17.92 47.51
CA LYS C 322 -17.27 19.27 47.40
C LYS C 322 -17.04 19.74 45.96
N GLY C 323 -17.08 18.82 44.98
CA GLY C 323 -16.97 19.21 43.58
C GLY C 323 -18.16 20.05 43.13
N PHE C 324 -18.02 20.66 41.96
CA PHE C 324 -19.04 21.56 41.41
C PHE C 324 -19.49 22.63 42.42
N LEU C 325 -18.52 23.17 43.17
CA LEU C 325 -18.73 24.24 44.16
C LEU C 325 -19.62 23.87 45.37
N GLY C 326 -19.80 22.58 45.64
CA GLY C 326 -20.79 22.13 46.63
C GLY C 326 -22.23 22.37 46.22
N ALA C 327 -22.44 22.81 44.97
CA ALA C 327 -23.74 23.33 44.52
C ALA C 327 -24.80 22.27 44.37
N LEU C 328 -24.43 21.00 44.15
CA LEU C 328 -25.41 19.93 43.88
C LEU C 328 -25.81 19.19 45.16
N GLY C 329 -25.82 19.90 46.28
CA GLY C 329 -25.95 19.29 47.59
C GLY C 329 -24.61 18.66 48.02
N ASP C 330 -24.45 18.64 49.33
CA ASP C 330 -23.25 18.12 49.96
C ASP C 330 -23.75 17.54 51.29
N PHE C 331 -24.65 16.56 51.17
CA PHE C 331 -25.42 16.07 52.31
C PHE C 331 -24.65 15.21 53.31
N TRP C 332 -23.54 14.60 52.90
CA TRP C 332 -22.72 13.86 53.85
C TRP C 332 -21.47 14.65 54.23
N GLY C 333 -20.27 14.07 54.09
CA GLY C 333 -19.05 14.67 54.63
C GLY C 333 -19.19 15.02 56.10
N ALA C 334 -18.83 16.24 56.46
CA ALA C 334 -18.92 16.71 57.87
C ALA C 334 -20.30 16.49 58.50
N THR C 335 -21.36 16.67 57.70
CA THR C 335 -22.73 16.42 58.14
C THR C 335 -22.93 14.96 58.57
N LEU C 336 -22.35 14.02 57.81
CA LEU C 336 -22.38 12.59 58.18
C LEU C 336 -21.55 12.26 59.43
N VAL C 337 -20.38 12.90 59.58
CA VAL C 337 -19.57 12.78 60.81
C VAL C 337 -20.46 13.14 62.01
N GLU C 338 -21.06 14.33 61.94
CA GLU C 338 -21.96 14.83 62.98
C GLU C 338 -23.10 13.83 63.29
N LEU C 339 -23.75 13.34 62.24
CA LEU C 339 -24.86 12.37 62.38
C LEU C 339 -24.45 11.04 62.97
N ILE C 340 -23.21 10.63 62.77
CA ILE C 340 -22.72 9.41 63.39
C ILE C 340 -22.38 9.74 64.84
N ASN C 341 -21.59 10.79 65.05
CA ASN C 341 -21.12 11.13 66.40
C ASN C 341 -22.25 11.44 67.39
N ASN C 342 -23.39 11.92 66.92
CA ASN C 342 -24.51 12.25 67.83
C ASN C 342 -25.64 11.19 67.89
N GLY C 343 -25.43 10.04 67.23
CA GLY C 343 -26.30 8.87 67.39
C GLY C 343 -27.43 8.65 66.39
N THR C 344 -27.54 9.48 65.35
CA THR C 344 -28.70 9.32 64.44
C THR C 344 -28.41 8.34 63.29
N VAL C 345 -27.16 8.26 62.82
CA VAL C 345 -26.78 7.30 61.78
C VAL C 345 -25.82 6.29 62.38
N SER C 346 -26.06 5.01 62.13
CA SER C 346 -25.23 3.94 62.70
C SER C 346 -23.84 3.93 62.09
N GLU C 347 -22.85 3.81 62.98
CA GLU C 347 -21.45 3.72 62.59
C GLU C 347 -21.18 2.44 61.77
N ASP C 348 -21.71 1.31 62.21
CA ASP C 348 -21.59 0.04 61.48
C ASP C 348 -22.16 0.11 60.05
N LEU C 349 -23.25 0.87 59.93
CA LEU C 349 -23.93 1.06 58.65
C LEU C 349 -23.01 1.80 57.68
N VAL C 350 -22.36 2.85 58.14
CA VAL C 350 -21.44 3.63 57.30
C VAL C 350 -20.16 2.82 57.04
N ARG C 351 -19.79 1.96 57.99
CA ARG C 351 -18.67 1.07 57.77
C ARG C 351 -18.88 0.13 56.59
N ASP C 352 -20.09 -0.42 56.46
CA ASP C 352 -20.46 -1.23 55.29
C ASP C 352 -20.33 -0.47 53.97
N LYS C 353 -20.62 0.82 53.99
CA LYS C 353 -20.53 1.65 52.77
C LYS C 353 -19.10 1.74 52.29
N ALA C 354 -18.19 1.98 53.24
CA ALA C 354 -16.77 2.06 52.95
C ALA C 354 -16.23 0.71 52.44
N VAL C 355 -16.69 -0.39 53.05
CA VAL C 355 -16.29 -1.73 52.63
C VAL C 355 -16.63 -1.95 51.17
N ARG C 356 -17.85 -1.58 50.79
CA ARG C 356 -18.30 -1.70 49.41
C ARG C 356 -17.46 -0.90 48.39
N ILE C 357 -16.99 0.27 48.80
CA ILE C 357 -16.17 1.12 47.95
C ILE C 357 -14.80 0.47 47.74
N LEU C 358 -14.21 0.04 48.85
CA LEU C 358 -12.88 -0.50 48.86
C LEU C 358 -12.76 -1.92 48.29
N THR C 359 -13.86 -2.66 48.20
CA THR C 359 -13.80 -4.02 47.68
C THR C 359 -13.30 -3.96 46.23
N GLY C 360 -13.83 -3.03 45.45
CA GLY C 360 -13.39 -2.82 44.07
C GLY C 360 -11.92 -2.49 43.96
N TYR C 361 -11.45 -1.58 44.81
CA TYR C 361 -10.04 -1.17 44.85
C TYR C 361 -9.12 -2.38 44.94
N TYR C 362 -9.38 -3.21 45.95
CA TYR C 362 -8.54 -4.38 46.20
C TYR C 362 -8.79 -5.51 45.19
N TYR C 363 -10.05 -5.73 44.76
CA TYR C 363 -10.33 -6.80 43.81
C TYR C 363 -9.60 -6.58 42.49
N LEU C 364 -9.64 -5.34 42.01
CA LEU C 364 -8.99 -5.01 40.73
C LEU C 364 -7.49 -4.73 40.84
N GLY C 365 -6.89 -4.93 42.01
CA GLY C 365 -5.45 -4.81 42.17
C GLY C 365 -4.90 -3.41 41.96
N GLN C 366 -5.71 -2.40 42.28
CA GLN C 366 -5.31 -0.98 42.14
C GLN C 366 -4.38 -0.48 43.26
N ASP C 367 -4.20 -1.30 44.29
CA ASP C 367 -3.23 -1.04 45.35
C ASP C 367 -1.82 -1.49 44.93
N THR C 368 -1.71 -2.67 44.31
CA THR C 368 -0.43 -3.21 43.84
C THR C 368 -0.12 -2.90 42.40
N ASN C 369 -1.15 -2.57 41.61
CA ASN C 369 -0.94 -2.07 40.26
C ASN C 369 -1.76 -0.77 40.07
N PRO C 370 -1.32 0.33 40.72
CA PRO C 370 -2.12 1.56 40.65
C PRO C 370 -2.14 2.22 39.28
N PRO C 371 -3.26 2.89 38.94
CA PRO C 371 -3.24 3.62 37.70
C PRO C 371 -2.26 4.79 37.80
N PRO C 372 -1.81 5.31 36.64
CA PRO C 372 -0.96 6.47 36.66
C PRO C 372 -1.78 7.70 37.00
N PRO C 373 -1.12 8.83 37.26
CA PRO C 373 -1.84 10.08 37.58
C PRO C 373 -2.84 10.49 36.50
N PHE C 374 -4.05 10.89 36.91
CA PHE C 374 -5.00 11.48 35.97
C PHE C 374 -4.59 12.92 35.73
N VAL C 375 -4.54 13.33 34.47
CA VAL C 375 -3.80 14.54 34.08
C VAL C 375 -4.63 15.71 33.46
N TYR C 376 -5.89 15.46 33.07
CA TYR C 376 -6.70 16.44 32.34
C TYR C 376 -7.76 17.11 33.20
N ASN C 377 -7.90 18.42 33.09
CA ASN C 377 -9.04 19.10 33.67
C ASN C 377 -10.30 18.82 32.82
N THR C 378 -11.12 17.87 33.27
CA THR C 378 -12.36 17.46 32.59
C THR C 378 -13.63 18.13 33.15
N ILE C 379 -13.50 18.79 34.29
CA ILE C 379 -14.58 19.59 34.88
C ILE C 379 -14.76 20.88 34.07
N GLY C 380 -13.67 21.62 33.90
CA GLY C 380 -13.62 22.84 33.09
C GLY C 380 -13.76 24.09 33.96
N ALA C 381 -13.15 25.18 33.51
CA ALA C 381 -13.28 26.50 34.15
C ALA C 381 -14.61 27.17 33.76
N PRO C 382 -15.22 28.03 34.60
CA PRO C 382 -14.69 28.46 35.90
C PRO C 382 -15.06 27.55 37.09
N THR C 383 -15.86 26.48 36.88
CA THR C 383 -16.14 25.52 37.95
C THR C 383 -14.84 24.95 38.57
N LEU C 384 -13.86 24.64 37.72
CA LEU C 384 -12.51 24.29 38.18
C LEU C 384 -11.45 24.92 37.27
N ASN C 385 -10.61 25.76 37.89
CA ASN C 385 -9.48 26.38 37.23
C ASN C 385 -8.23 25.53 37.53
N ALA C 386 -7.76 24.80 36.54
CA ALA C 386 -6.54 24.00 36.68
C ALA C 386 -6.02 23.67 35.31
N THR C 387 -4.71 23.65 35.16
CA THR C 387 -4.08 23.34 33.89
C THR C 387 -4.19 21.82 33.62
N SER C 388 -3.96 21.44 32.37
CA SER C 388 -4.01 20.06 31.90
C SER C 388 -2.63 19.63 31.41
N GLY C 389 -2.25 18.40 31.72
CA GLY C 389 -1.09 17.77 31.10
C GLY C 389 -1.47 17.14 29.76
N TYR C 390 -0.68 16.17 29.32
CA TYR C 390 -0.92 15.48 28.07
C TYR C 390 -0.43 14.04 28.15
N ARG C 391 -1.24 13.11 27.64
CA ARG C 391 -0.85 11.72 27.50
C ARG C 391 -1.58 11.06 26.33
N ASN C 392 -0.80 10.40 25.48
CA ASN C 392 -1.31 9.70 24.31
C ASN C 392 -1.39 8.24 24.71
N VAL C 393 -2.59 7.73 24.64
CA VAL C 393 -2.94 6.42 25.11
C VAL C 393 -3.54 5.50 24.01
N ARG C 394 -3.64 6.00 22.77
CA ARG C 394 -4.14 5.24 21.62
C ARG C 394 -3.14 4.15 21.24
N LYS C 395 -3.59 2.90 21.29
CA LYS C 395 -2.77 1.74 20.99
C LYS C 395 -3.10 1.20 19.58
N PRO C 396 -2.08 0.61 18.89
CA PRO C 396 -2.15 0.16 17.48
C PRO C 396 -3.51 -0.33 16.92
N GLY C 397 -4.15 -1.31 17.57
CA GLY C 397 -5.36 -1.95 16.99
C GLY C 397 -6.72 -1.30 17.25
N THR C 398 -6.74 -0.17 17.96
CA THR C 398 -7.98 0.46 18.41
C THR C 398 -8.77 1.11 17.29
N ALA C 399 -8.07 1.83 16.41
CA ALA C 399 -8.71 2.40 15.21
C ALA C 399 -9.43 1.36 14.37
N GLU C 400 -8.81 0.19 14.19
CA GLU C 400 -9.38 -0.89 13.38
C GLU C 400 -10.61 -1.53 14.08
N LEU C 401 -10.58 -1.63 15.41
CA LEU C 401 -11.71 -2.13 16.18
C LEU C 401 -12.94 -1.22 16.02
N ILE C 402 -12.70 0.10 16.11
CA ILE C 402 -13.76 1.10 15.93
C ILE C 402 -14.36 1.02 14.53
N LYS C 403 -13.49 1.01 13.53
CA LYS C 403 -13.89 0.80 12.13
C LYS C 403 -14.78 -0.44 12.00
N GLU C 404 -14.34 -1.56 12.55
CA GLU C 404 -15.06 -2.82 12.43
C GLU C 404 -16.43 -2.75 13.09
N ILE C 405 -16.55 -2.06 14.22
CA ILE C 405 -17.85 -1.88 14.88
C ILE C 405 -18.79 -1.12 13.97
N GLY C 406 -18.26 -0.12 13.25
CA GLY C 406 -19.05 0.61 12.26
C GLY C 406 -19.56 -0.25 11.11
N SER C 407 -18.68 -1.05 10.49
CA SER C 407 -19.07 -1.94 9.36
C SER C 407 -20.00 -3.05 9.78
N ALA C 408 -19.86 -3.49 11.03
CA ALA C 408 -20.69 -4.55 11.59
C ALA C 408 -22.09 -4.05 11.97
N SER C 409 -22.21 -2.75 12.24
CA SER C 409 -23.43 -2.15 12.77
C SER C 409 -24.30 -1.46 11.72
N VAL C 410 -23.69 -0.73 10.78
CA VAL C 410 -24.48 -0.01 9.76
C VAL C 410 -25.60 -0.91 9.20
N THR C 411 -26.84 -0.41 9.24
CA THR C 411 -28.03 -1.23 9.02
C THR C 411 -28.76 -0.77 7.75
N LEU C 412 -28.85 -1.66 6.76
CA LEU C 412 -29.55 -1.39 5.50
C LEU C 412 -31.06 -1.56 5.68
N LEU C 413 -31.81 -0.46 5.64
CA LEU C 413 -33.26 -0.46 5.85
C LEU C 413 -34.08 -0.59 4.57
N LYS C 414 -33.51 -0.19 3.45
CA LYS C 414 -34.19 -0.23 2.16
C LYS C 414 -33.14 -0.33 1.07
N ASN C 415 -33.41 -1.17 0.07
CA ASN C 415 -32.54 -1.34 -1.11
C ASN C 415 -33.39 -1.85 -2.26
N THR C 416 -33.66 -0.97 -3.23
CA THR C 416 -34.38 -1.34 -4.45
C THR C 416 -33.43 -1.83 -5.55
N GLY C 417 -32.12 -1.88 -5.27
CA GLY C 417 -31.14 -2.45 -6.21
C GLY C 417 -29.90 -1.62 -6.46
N SER C 418 -29.88 -0.37 -6.01
CA SER C 418 -28.76 0.55 -6.23
C SER C 418 -27.47 0.16 -5.50
N LEU C 419 -27.61 -0.56 -4.38
CA LEU C 419 -26.47 -1.05 -3.60
C LEU C 419 -26.33 -2.59 -3.72
N PRO C 420 -25.11 -3.11 -3.79
CA PRO C 420 -23.86 -2.35 -3.67
C PRO C 420 -23.53 -1.57 -4.93
N LEU C 421 -22.88 -0.43 -4.75
CA LEU C 421 -22.33 0.31 -5.89
C LEU C 421 -21.25 -0.51 -6.57
N LYS C 422 -21.08 -0.26 -7.87
CA LYS C 422 -20.06 -0.91 -8.68
C LYS C 422 -18.91 0.10 -8.83
N HIS C 423 -18.92 0.91 -9.89
CA HIS C 423 -17.84 1.86 -10.20
C HIS C 423 -18.44 3.17 -10.76
N PRO C 424 -19.41 3.76 -10.03
CA PRO C 424 -20.07 4.96 -10.56
C PRO C 424 -19.09 6.10 -10.80
N GLN C 425 -19.25 6.76 -11.93
CA GLN C 425 -18.30 7.77 -12.40
C GLN C 425 -18.62 9.21 -11.97
N ARG C 426 -19.89 9.50 -11.70
CA ARG C 426 -20.28 10.82 -11.25
C ARG C 426 -21.08 10.68 -9.96
N ILE C 427 -20.49 11.15 -8.87
CA ILE C 427 -21.07 11.02 -7.53
C ILE C 427 -21.32 12.41 -6.97
N ALA C 428 -22.51 12.61 -6.39
CA ALA C 428 -22.84 13.84 -5.66
C ALA C 428 -23.12 13.51 -4.19
N VAL C 429 -22.75 14.44 -3.31
CA VAL C 429 -22.92 14.27 -1.88
C VAL C 429 -23.64 15.51 -1.35
N LEU C 430 -24.65 15.27 -0.53
CA LEU C 430 -25.41 16.31 0.12
C LEU C 430 -25.33 16.15 1.62
N GLY C 431 -25.08 17.25 2.31
CA GLY C 431 -25.31 17.32 3.73
C GLY C 431 -24.04 17.56 4.49
N ASN C 432 -24.15 18.45 5.47
CA ASN C 432 -23.04 18.82 6.34
C ASN C 432 -22.49 17.62 7.15
N ASP C 433 -23.37 16.67 7.45
CA ASP C 433 -23.02 15.39 8.08
C ASP C 433 -21.91 14.64 7.34
N ALA C 434 -21.81 14.87 6.02
CA ALA C 434 -20.76 14.29 5.20
C ALA C 434 -19.36 14.77 5.51
N THR C 435 -19.22 15.96 6.11
CA THR C 435 -17.90 16.52 6.37
C THR C 435 -17.71 16.92 7.86
N TYR C 436 -16.66 17.69 8.14
CA TYR C 436 -16.30 18.07 9.50
C TYR C 436 -17.23 19.13 10.12
N ASN C 437 -17.32 19.11 11.44
CA ASN C 437 -17.77 20.29 12.20
C ASN C 437 -16.91 21.45 11.70
N VAL C 438 -17.56 22.56 11.33
CA VAL C 438 -16.84 23.71 10.76
C VAL C 438 -15.92 24.43 11.76
N LEU C 439 -16.14 24.20 13.05
CA LEU C 439 -15.34 24.81 14.10
C LEU C 439 -14.29 23.86 14.68
N GLY C 440 -14.26 22.61 14.21
CA GLY C 440 -13.34 21.58 14.73
C GLY C 440 -14.13 20.43 15.33
N PRO C 441 -13.55 19.21 15.32
CA PRO C 441 -14.37 18.09 15.79
C PRO C 441 -14.79 18.21 17.27
N ASN C 442 -13.97 18.86 18.09
CA ASN C 442 -14.24 19.01 19.52
C ASN C 442 -14.72 20.42 19.91
N ALA C 443 -15.17 21.21 18.93
CA ALA C 443 -15.59 22.60 19.15
C ALA C 443 -16.74 22.76 20.15
N CYS C 444 -17.57 21.73 20.25
CA CYS C 444 -18.73 21.74 21.13
C CYS C 444 -18.37 21.43 22.58
N GLY C 445 -17.07 21.31 22.90
CA GLY C 445 -16.60 21.27 24.29
C GLY C 445 -16.57 19.89 24.90
N LEU C 446 -16.45 19.84 26.23
CA LEU C 446 -16.15 18.62 26.99
C LEU C 446 -17.34 17.70 27.09
N ALA C 447 -18.55 18.21 26.84
CA ALA C 447 -19.73 17.38 26.78
C ALA C 447 -20.38 17.35 25.40
N ASN C 448 -19.67 17.84 24.38
CA ASN C 448 -20.16 17.89 22.99
C ASN C 448 -21.57 18.53 22.89
N SER C 449 -21.80 19.58 23.70
CA SER C 449 -23.13 20.19 23.83
C SER C 449 -23.13 21.73 23.86
N ALA C 450 -21.99 22.36 23.57
CA ALA C 450 -21.81 23.79 23.76
C ALA C 450 -21.75 24.61 22.47
N CYS C 451 -21.89 23.98 21.30
CA CYS C 451 -21.97 24.72 20.03
C CYS C 451 -23.33 25.41 19.92
N ASP C 452 -23.38 26.44 19.08
CA ASP C 452 -24.62 27.18 18.81
C ASP C 452 -25.67 26.23 18.23
N ILE C 453 -26.94 26.53 18.48
CA ILE C 453 -28.08 25.73 17.99
C ILE C 453 -28.11 25.56 16.45
N ASP C 454 -27.57 26.53 15.71
CA ASP C 454 -27.52 26.47 14.23
C ASP C 454 -26.16 25.98 13.66
N ASN C 455 -25.24 25.58 14.52
CA ASN C 455 -23.89 25.23 14.07
C ASN C 455 -23.89 23.96 13.19
N LEU C 456 -23.08 24.01 12.14
CA LEU C 456 -22.82 22.86 11.28
C LEU C 456 -21.80 21.98 11.99
N ASN C 457 -22.33 21.03 12.77
CA ASN C 457 -21.51 20.15 13.63
C ASN C 457 -20.84 19.00 12.87
N GLY C 458 -21.21 18.83 11.60
CA GLY C 458 -20.61 17.83 10.76
C GLY C 458 -21.13 16.46 11.15
N THR C 459 -20.35 15.44 10.84
CA THR C 459 -20.73 14.06 11.07
C THR C 459 -21.05 13.82 12.55
N LEU C 460 -22.26 13.33 12.83
CA LEU C 460 -22.64 12.97 14.19
C LEU C 460 -22.02 11.60 14.53
N THR C 461 -20.80 11.67 15.06
CA THR C 461 -20.05 10.48 15.49
C THR C 461 -20.38 10.05 16.93
N THR C 462 -20.86 10.98 17.75
CA THR C 462 -21.40 10.64 19.09
C THR C 462 -22.52 11.62 19.44
N GLY C 463 -23.15 11.41 20.58
CA GLY C 463 -24.22 12.29 21.05
C GLY C 463 -23.74 13.35 22.03
N GLY C 464 -24.71 14.04 22.61
CA GLY C 464 -24.45 15.14 23.54
C GLY C 464 -24.50 14.76 25.03
N GLY C 465 -23.67 15.40 25.83
CA GLY C 465 -23.66 15.22 27.27
C GLY C 465 -22.49 14.41 27.80
N SER C 466 -22.65 13.95 29.05
CA SER C 466 -21.62 13.25 29.80
C SER C 466 -21.15 11.93 29.19
N GLY C 467 -21.95 11.35 28.29
CA GLY C 467 -21.57 10.11 27.60
C GLY C 467 -20.81 10.27 26.31
N SER C 468 -20.39 11.49 26.00
CA SER C 468 -19.59 11.78 24.81
C SER C 468 -18.11 11.55 25.10
N ALA C 469 -17.28 11.89 24.14
CA ALA C 469 -15.84 11.99 24.33
C ALA C 469 -15.25 12.83 23.22
N LEU C 470 -14.06 13.36 23.46
CA LEU C 470 -13.27 14.02 22.41
C LEU C 470 -12.84 13.02 21.33
N SER C 471 -12.34 13.57 20.22
CA SER C 471 -12.01 12.83 19.04
C SER C 471 -10.68 13.37 18.53
N PRO C 472 -9.70 12.49 18.21
CA PRO C 472 -8.44 12.96 17.66
C PRO C 472 -8.53 13.38 16.18
N TYR C 473 -9.57 12.93 15.48
CA TYR C 473 -9.87 13.33 14.11
C TYR C 473 -11.24 12.78 13.77
N THR C 474 -11.82 13.23 12.67
CA THR C 474 -12.92 12.49 12.07
C THR C 474 -12.61 12.07 10.63
N ILE C 475 -12.90 10.80 10.35
CA ILE C 475 -12.82 10.29 9.01
C ILE C 475 -14.22 10.56 8.49
N THR C 476 -14.33 11.60 7.68
CA THR C 476 -15.62 12.00 7.16
C THR C 476 -16.09 11.04 6.06
N PRO C 477 -17.41 10.87 5.92
CA PRO C 477 -17.94 10.15 4.75
C PRO C 477 -17.43 10.69 3.40
N LEU C 478 -17.34 12.00 3.26
CA LEU C 478 -16.83 12.61 2.03
C LEU C 478 -15.40 12.20 1.73
N GLU C 479 -14.53 12.15 2.74
CA GLU C 479 -13.12 11.78 2.56
C GLU C 479 -13.02 10.36 2.04
N ALA C 480 -13.75 9.45 2.68
CA ALA C 480 -13.72 8.04 2.33
C ALA C 480 -14.32 7.80 0.94
N LEU C 481 -15.45 8.46 0.67
CA LEU C 481 -16.10 8.39 -0.66
C LEU C 481 -15.16 8.87 -1.80
N GLN C 482 -14.48 9.99 -1.55
CA GLN C 482 -13.57 10.54 -2.53
C GLN C 482 -12.37 9.63 -2.76
N LYS C 483 -11.88 8.98 -1.71
CA LYS C 483 -10.77 8.04 -1.86
C LYS C 483 -11.16 6.97 -2.88
N ARG C 484 -12.35 6.40 -2.68
CA ARG C 484 -12.88 5.37 -3.56
C ARG C 484 -13.20 5.86 -4.99
N ALA C 485 -13.77 7.06 -5.09
CA ALA C 485 -14.01 7.67 -6.41
C ALA C 485 -12.72 7.85 -7.21
N ILE C 486 -11.65 8.25 -6.53
CA ILE C 486 -10.34 8.46 -7.16
C ILE C 486 -9.75 7.13 -7.67
N GLU C 487 -9.99 6.03 -6.97
CA GLU C 487 -9.57 4.68 -7.41
C GLU C 487 -10.34 4.26 -8.67
N ASP C 488 -11.59 4.70 -8.78
CA ASP C 488 -12.42 4.48 -9.96
C ASP C 488 -12.28 5.58 -11.03
N ASN C 489 -11.28 6.48 -10.90
CA ASN C 489 -11.05 7.60 -11.83
C ASN C 489 -12.32 8.42 -12.10
N ALA C 490 -13.13 8.57 -11.06
CA ALA C 490 -14.44 9.18 -11.15
C ALA C 490 -14.35 10.62 -10.65
N GLU C 491 -15.46 11.35 -10.77
CA GLU C 491 -15.58 12.68 -10.15
C GLU C 491 -16.58 12.67 -9.01
N ILE C 492 -16.35 13.55 -8.04
CA ILE C 492 -17.22 13.63 -6.86
C ILE C 492 -17.29 15.06 -6.35
N ALA C 493 -18.50 15.49 -5.97
CA ALA C 493 -18.71 16.83 -5.43
C ALA C 493 -19.76 16.80 -4.33
N ALA C 494 -19.53 17.59 -3.27
CA ALA C 494 -20.40 17.62 -2.11
C ALA C 494 -20.93 19.02 -1.90
N VAL C 495 -22.21 19.13 -1.58
CA VAL C 495 -22.77 20.36 -1.08
C VAL C 495 -22.94 20.11 0.41
N VAL C 496 -22.08 20.76 1.21
CA VAL C 496 -22.00 20.55 2.65
C VAL C 496 -22.48 21.74 3.51
N ALA C 497 -23.00 22.78 2.87
CA ALA C 497 -23.52 23.94 3.57
C ALA C 497 -24.98 23.70 3.99
N ASN C 498 -25.54 24.69 4.68
CA ASN C 498 -26.94 24.66 5.10
C ASN C 498 -27.80 25.04 3.89
N SER C 499 -28.40 24.03 3.26
CA SER C 499 -29.16 24.21 2.01
C SER C 499 -30.12 25.39 2.01
N ASN C 500 -30.73 25.67 3.15
CA ASN C 500 -31.74 26.73 3.29
C ASN C 500 -31.16 28.14 3.55
N THR C 501 -30.11 28.27 4.35
CA THR C 501 -29.60 29.60 4.73
C THR C 501 -28.38 30.12 3.97
N THR C 502 -27.73 29.32 3.12
CA THR C 502 -26.55 29.84 2.42
C THR C 502 -26.90 30.18 0.97
N THR C 503 -26.59 31.41 0.57
CA THR C 503 -26.92 31.91 -0.75
C THR C 503 -26.27 31.02 -1.83
N GLY C 504 -27.07 30.62 -2.83
CA GLY C 504 -26.62 29.79 -3.95
C GLY C 504 -26.69 28.27 -3.76
N ALA C 505 -27.00 27.81 -2.54
CA ALA C 505 -26.91 26.41 -2.19
C ALA C 505 -27.94 25.58 -2.93
N GLU C 506 -29.21 25.99 -2.84
CA GLU C 506 -30.29 25.25 -3.51
C GLU C 506 -30.08 25.21 -5.04
N ASP C 507 -29.51 26.26 -5.61
CA ASP C 507 -29.22 26.31 -7.04
C ASP C 507 -28.03 25.44 -7.41
N ALA C 508 -27.01 25.37 -6.54
CA ALA C 508 -25.87 24.48 -6.75
C ALA C 508 -26.28 23.00 -6.71
N ILE C 509 -27.14 22.69 -5.74
CA ILE C 509 -27.75 21.35 -5.59
C ILE C 509 -28.55 20.97 -6.84
N ALA C 510 -29.40 21.88 -7.33
CA ALA C 510 -30.18 21.62 -8.55
C ALA C 510 -29.28 21.45 -9.80
N ALA C 511 -28.14 22.14 -9.83
CA ALA C 511 -27.20 22.06 -10.98
C ALA C 511 -26.36 20.78 -11.00
N LEU C 512 -26.05 20.25 -9.81
CA LEU C 512 -25.17 19.11 -9.64
C LEU C 512 -25.87 17.75 -9.76
N LEU C 513 -27.06 17.63 -9.18
CA LEU C 513 -27.68 16.28 -9.01
C LEU C 513 -28.14 15.55 -10.29
N PRO C 514 -28.77 16.28 -11.23
CA PRO C 514 -29.33 15.63 -12.42
C PRO C 514 -28.38 14.72 -13.19
N ASP C 515 -27.10 15.08 -13.26
CA ASP C 515 -26.08 14.29 -13.98
C ASP C 515 -25.28 13.28 -13.09
N ALA C 516 -25.65 13.16 -11.82
CA ALA C 516 -25.01 12.19 -10.93
C ALA C 516 -25.52 10.77 -11.21
N ASP C 517 -24.61 9.81 -11.24
CA ASP C 517 -24.99 8.37 -11.33
C ASP C 517 -25.57 7.93 -10.00
N VAL C 518 -25.14 8.58 -8.92
CA VAL C 518 -25.66 8.36 -7.58
C VAL C 518 -25.53 9.61 -6.72
N THR C 519 -26.56 9.86 -5.90
CA THR C 519 -26.55 10.97 -4.95
C THR C 519 -26.58 10.44 -3.51
N PHE C 520 -25.56 10.78 -2.74
CA PHE C 520 -25.57 10.45 -1.31
C PHE C 520 -26.11 11.61 -0.52
N VAL C 521 -27.10 11.32 0.32
CA VAL C 521 -27.55 12.30 1.28
C VAL C 521 -27.23 11.83 2.69
N PHE C 522 -26.45 12.64 3.39
CA PHE C 522 -26.07 12.37 4.76
C PHE C 522 -26.89 13.22 5.70
N LEU C 523 -27.62 12.55 6.60
CA LEU C 523 -28.55 13.18 7.54
C LEU C 523 -28.19 12.94 9.02
N ASN C 524 -28.66 13.87 9.84
CA ASN C 524 -28.29 14.05 11.26
C ASN C 524 -29.49 14.13 12.17
N ARG C 525 -29.29 13.75 13.43
CA ARG C 525 -30.22 14.11 14.51
C ARG C 525 -29.49 14.04 15.85
N TYR C 526 -28.90 15.16 16.23
CA TYR C 526 -28.31 15.33 17.54
C TYR C 526 -29.38 15.29 18.62
N SER C 527 -29.10 14.53 19.69
CA SER C 527 -29.79 14.67 20.96
C SER C 527 -28.74 14.60 22.07
N GLU C 528 -29.16 14.78 23.31
CA GLU C 528 -28.23 14.96 24.40
C GLU C 528 -28.87 14.65 25.74
N GLU C 529 -28.02 14.39 26.71
CA GLU C 529 -28.45 14.34 28.11
C GLU C 529 -29.07 15.68 28.54
N GLY C 530 -30.03 15.61 29.46
CA GLY C 530 -30.64 16.81 30.05
C GLY C 530 -31.89 17.30 29.36
N ALA C 531 -32.17 16.82 28.15
CA ALA C 531 -33.40 17.14 27.44
C ALA C 531 -33.81 15.92 26.65
N ASP C 532 -35.08 15.84 26.26
CA ASP C 532 -35.55 14.81 25.33
C ASP C 532 -35.80 15.44 23.98
N ALA C 533 -35.72 14.64 22.91
CA ALA C 533 -36.06 15.12 21.57
C ALA C 533 -37.55 15.48 21.56
N PRO C 534 -37.90 16.64 20.98
CA PRO C 534 -39.31 17.06 20.95
C PRO C 534 -40.20 16.16 20.08
N ASP C 535 -39.60 15.60 19.02
CA ASP C 535 -40.29 14.79 18.04
C ASP C 535 -39.22 14.00 17.26
N PHE C 536 -39.65 13.27 16.24
CA PHE C 536 -38.73 12.51 15.37
C PHE C 536 -38.07 13.33 14.26
N SER C 537 -38.24 14.65 14.24
CA SER C 537 -37.81 15.42 13.08
C SER C 537 -36.28 15.42 12.94
N LEU C 538 -35.82 15.43 11.69
CA LEU C 538 -34.38 15.45 11.37
C LEU C 538 -33.74 16.74 11.87
N GLY C 539 -32.46 16.67 12.25
CA GLY C 539 -31.71 17.84 12.67
C GLY C 539 -31.37 18.74 11.51
N GLY C 540 -31.24 20.04 11.77
CA GLY C 540 -30.75 21.00 10.78
C GLY C 540 -31.64 21.09 9.56
N ASP C 541 -31.03 21.08 8.37
CA ASP C 541 -31.75 21.22 7.10
C ASP C 541 -32.06 19.86 6.43
N GLY C 542 -32.11 18.79 7.22
CA GLY C 542 -32.29 17.44 6.70
C GLY C 542 -33.54 17.25 5.85
N ASP C 543 -34.67 17.80 6.32
CA ASP C 543 -35.94 17.72 5.59
C ASP C 543 -35.79 18.37 4.22
N ASN C 544 -35.14 19.53 4.19
CA ASN C 544 -34.95 20.29 2.96
C ASN C 544 -34.02 19.55 2.00
N LEU C 545 -32.93 18.97 2.51
CA LEU C 545 -32.00 18.22 1.65
C LEU C 545 -32.69 17.09 0.90
N MET C 546 -33.56 16.38 1.61
CA MET C 546 -34.35 15.28 1.02
C MET C 546 -35.32 15.75 -0.05
N ASP C 547 -36.05 16.84 0.23
CA ASP C 547 -36.98 17.43 -0.74
C ASP C 547 -36.27 17.83 -2.02
N LEU C 548 -35.07 18.39 -1.89
CA LEU C 548 -34.26 18.74 -3.05
C LEU C 548 -33.70 17.49 -3.72
N ALA C 549 -33.11 16.59 -2.92
CA ALA C 549 -32.54 15.34 -3.44
C ALA C 549 -33.50 14.54 -4.36
N VAL C 550 -34.71 14.26 -3.88
CA VAL C 550 -35.68 13.47 -4.67
C VAL C 550 -36.28 14.26 -5.84
N THR C 551 -36.14 15.59 -5.85
CA THR C 551 -36.57 16.43 -6.97
C THR C 551 -35.59 16.35 -8.14
N TYR C 552 -34.29 16.28 -7.86
CA TYR C 552 -33.26 16.38 -8.89
C TYR C 552 -32.51 15.08 -9.23
N SER C 553 -32.68 14.03 -8.41
CA SER C 553 -31.98 12.75 -8.60
C SER C 553 -32.98 11.59 -8.45
N SER C 554 -32.85 10.57 -9.30
CA SER C 554 -33.64 9.32 -9.15
C SER C 554 -32.80 8.10 -8.68
N ASN C 555 -31.61 8.37 -8.14
CA ASN C 555 -30.81 7.37 -7.45
C ASN C 555 -30.22 8.01 -6.17
N VAL C 556 -31.08 8.20 -5.19
CA VAL C 556 -30.71 8.79 -3.91
C VAL C 556 -30.45 7.71 -2.86
N VAL C 557 -29.24 7.73 -2.29
CA VAL C 557 -28.86 6.84 -1.21
C VAL C 557 -28.76 7.65 0.09
N VAL C 558 -29.58 7.28 1.09
CA VAL C 558 -29.68 8.01 2.35
C VAL C 558 -28.91 7.29 3.46
N VAL C 559 -28.00 8.01 4.12
CA VAL C 559 -27.27 7.52 5.28
C VAL C 559 -27.51 8.44 6.47
N ILE C 560 -27.91 7.85 7.60
CA ILE C 560 -28.39 8.59 8.75
C ILE C 560 -27.50 8.33 9.96
N HIS C 561 -26.81 9.39 10.42
CA HIS C 561 -26.06 9.35 11.68
C HIS C 561 -26.95 9.92 12.76
N THR C 562 -27.40 9.10 13.71
CA THR C 562 -28.47 9.50 14.61
C THR C 562 -28.35 8.86 15.98
N THR C 563 -28.94 9.53 16.97
CA THR C 563 -29.07 8.99 18.32
C THR C 563 -30.35 8.16 18.54
N GLY C 564 -31.24 8.13 17.55
CA GLY C 564 -32.52 7.47 17.70
C GLY C 564 -33.35 7.47 16.42
N VAL C 565 -34.60 7.03 16.57
CA VAL C 565 -35.52 6.95 15.44
C VAL C 565 -35.80 8.39 14.93
N VAL C 566 -35.76 8.54 13.61
CA VAL C 566 -36.12 9.77 12.93
C VAL C 566 -37.29 9.57 11.97
N ASP C 567 -37.88 10.70 11.60
CA ASP C 567 -39.05 10.75 10.74
C ASP C 567 -38.62 10.96 9.29
N ILE C 568 -38.69 9.88 8.53
CA ILE C 568 -38.43 9.90 7.09
C ILE C 568 -39.65 9.42 6.27
N GLU C 569 -40.85 9.53 6.87
CA GLU C 569 -42.10 9.11 6.21
C GLU C 569 -42.34 9.81 4.88
N LYS C 570 -41.96 11.08 4.78
CA LYS C 570 -42.18 11.84 3.56
C LYS C 570 -41.38 11.31 2.35
N TRP C 571 -40.28 10.58 2.60
CA TRP C 571 -39.39 10.10 1.52
C TRP C 571 -39.14 8.59 1.45
N ALA C 572 -39.36 7.83 2.53
CA ALA C 572 -38.99 6.41 2.56
C ALA C 572 -39.62 5.56 1.44
N ASP C 573 -40.81 5.94 0.98
CA ASP C 573 -41.50 5.25 -0.13
C ASP C 573 -41.36 5.93 -1.49
N ASN C 574 -40.59 7.00 -1.52
CA ASN C 574 -40.29 7.66 -2.77
C ASN C 574 -39.34 6.77 -3.60
N PRO C 575 -39.75 6.36 -4.82
CA PRO C 575 -38.90 5.46 -5.62
C PRO C 575 -37.56 6.07 -6.06
N ASN C 576 -37.40 7.38 -5.93
CA ASN C 576 -36.10 8.02 -6.08
C ASN C 576 -35.11 7.74 -4.94
N VAL C 577 -35.63 7.41 -3.76
CA VAL C 577 -34.80 6.92 -2.66
C VAL C 577 -34.56 5.40 -2.83
N THR C 578 -33.45 5.07 -3.49
CA THR C 578 -33.15 3.66 -3.82
C THR C 578 -32.55 2.89 -2.65
N ALA C 579 -31.91 3.58 -1.71
CA ALA C 579 -31.43 2.91 -0.50
C ALA C 579 -31.32 3.81 0.72
N ILE C 580 -31.54 3.22 1.89
CA ILE C 580 -31.53 3.90 3.19
C ILE C 580 -30.73 3.07 4.20
N LEU C 581 -29.72 3.68 4.80
CA LEU C 581 -28.97 3.04 5.85
C LEU C 581 -28.98 3.93 7.06
N VAL C 582 -28.94 3.30 8.23
CA VAL C 582 -28.72 4.01 9.50
C VAL C 582 -27.37 3.53 10.06
N ALA C 583 -26.45 4.47 10.27
CA ALA C 583 -25.09 4.17 10.78
C ALA C 583 -24.91 4.56 12.26
N TYR C 584 -25.98 5.04 12.89
CA TYR C 584 -26.00 5.35 14.34
C TYR C 584 -24.89 6.36 14.75
N LEU C 585 -24.03 6.00 15.69
CA LEU C 585 -22.98 6.88 16.16
C LEU C 585 -21.65 6.11 16.06
N PRO C 586 -20.97 6.22 14.91
CA PRO C 586 -19.81 5.36 14.62
C PRO C 586 -18.48 5.74 15.25
N GLY C 587 -18.42 6.82 16.00
CA GLY C 587 -17.15 7.25 16.57
C GLY C 587 -16.21 7.79 15.48
N GLN C 588 -14.92 7.81 15.76
CA GLN C 588 -13.97 8.52 14.89
C GLN C 588 -13.88 7.96 13.48
N GLU C 589 -14.09 6.64 13.31
CA GLU C 589 -13.94 6.01 11.99
C GLU C 589 -15.26 5.96 11.18
N ALA C 590 -15.91 7.10 11.04
CA ALA C 590 -17.25 7.14 10.45
C ALA C 590 -17.24 6.78 8.95
N GLY C 591 -16.43 7.49 8.18
CA GLY C 591 -16.41 7.34 6.74
C GLY C 591 -15.84 6.01 6.28
N ASN C 592 -14.71 5.61 6.87
CA ASN C 592 -14.02 4.37 6.48
C ASN C 592 -14.75 3.08 6.93
N SER C 593 -15.63 3.16 7.92
CA SER C 593 -16.46 2.01 8.27
C SER C 593 -17.65 1.81 7.29
N LEU C 594 -18.14 2.93 6.75
CA LEU C 594 -19.32 2.98 5.90
C LEU C 594 -19.08 2.56 4.44
N VAL C 595 -18.04 3.14 3.84
CA VAL C 595 -17.83 3.03 2.41
C VAL C 595 -17.61 1.60 1.90
N PRO C 596 -16.86 0.76 2.65
CA PRO C 596 -16.73 -0.64 2.24
C PRO C 596 -18.07 -1.38 2.15
N VAL C 597 -19.03 -1.02 3.00
CA VAL C 597 -20.38 -1.57 2.92
C VAL C 597 -21.12 -1.02 1.69
N LEU C 598 -21.00 0.27 1.43
CA LEU C 598 -21.67 0.87 0.27
C LEU C 598 -21.20 0.29 -1.07
N TYR C 599 -19.88 0.06 -1.18
CA TYR C 599 -19.27 -0.51 -2.40
C TYR C 599 -19.21 -2.03 -2.44
N GLY C 600 -19.69 -2.70 -1.40
CA GLY C 600 -19.81 -4.16 -1.39
C GLY C 600 -18.55 -4.96 -1.06
N ASP C 601 -17.56 -4.33 -0.43
CA ASP C 601 -16.39 -5.06 0.08
C ASP C 601 -16.83 -6.01 1.20
N VAL C 602 -17.78 -5.56 2.01
CA VAL C 602 -18.56 -6.41 2.91
C VAL C 602 -20.01 -6.04 2.79
N ALA C 603 -20.87 -7.05 2.82
CA ALA C 603 -22.30 -6.86 2.96
C ALA C 603 -22.63 -6.28 4.34
N PRO C 604 -23.69 -5.44 4.43
CA PRO C 604 -24.17 -4.99 5.72
C PRO C 604 -24.76 -6.15 6.53
N SER C 605 -24.53 -6.13 7.84
CA SER C 605 -25.01 -7.17 8.72
C SER C 605 -25.66 -6.66 10.01
N GLY C 606 -25.74 -5.34 10.18
CA GLY C 606 -26.35 -4.78 11.38
C GLY C 606 -27.85 -4.89 11.28
N LYS C 607 -28.52 -4.85 12.43
CA LYS C 607 -29.98 -4.86 12.51
C LYS C 607 -30.45 -3.94 13.63
N LEU C 608 -31.65 -3.40 13.51
CA LEU C 608 -32.12 -2.39 14.45
C LEU C 608 -32.19 -2.93 15.88
N PRO C 609 -31.67 -2.17 16.86
CA PRO C 609 -31.80 -2.51 18.28
C PRO C 609 -33.05 -1.94 18.95
N TRP C 610 -33.88 -1.25 18.18
CA TRP C 610 -35.21 -0.81 18.62
C TRP C 610 -36.20 -0.80 17.47
N THR C 611 -37.46 -0.52 17.77
CA THR C 611 -38.52 -0.47 16.77
C THR C 611 -38.55 0.91 16.11
N TRP C 612 -38.63 0.94 14.78
CA TRP C 612 -38.75 2.16 13.99
C TRP C 612 -40.22 2.31 13.50
N GLY C 613 -41.04 3.00 14.29
CA GLY C 613 -42.44 3.23 13.95
C GLY C 613 -42.62 4.33 12.90
N LYS C 614 -43.76 4.29 12.20
CA LYS C 614 -44.07 5.35 11.22
C LYS C 614 -44.39 6.66 11.92
N SER C 615 -44.97 6.59 13.11
CA SER C 615 -45.32 7.78 13.89
C SER C 615 -44.96 7.61 15.37
N ILE C 616 -44.49 8.70 16.00
CA ILE C 616 -44.37 8.81 17.46
C ILE C 616 -45.65 8.39 18.20
N ASP C 617 -46.81 8.62 17.59
CA ASP C 617 -48.09 8.25 18.20
C ASP C 617 -48.29 6.73 18.32
N ASP C 618 -47.44 5.92 17.67
CA ASP C 618 -47.51 4.45 17.75
C ASP C 618 -46.79 3.83 18.96
N TYR C 619 -46.01 4.61 19.69
CA TYR C 619 -45.23 4.12 20.83
C TYR C 619 -46.03 4.19 22.14
N VAL C 620 -45.46 3.60 23.19
CA VAL C 620 -46.01 3.64 24.56
C VAL C 620 -46.52 5.05 24.88
N PRO C 621 -47.81 5.21 25.27
CA PRO C 621 -48.30 6.57 25.53
C PRO C 621 -47.68 7.20 26.78
N ASN C 622 -47.73 8.53 26.81
CA ASN C 622 -47.09 9.33 27.87
C ASN C 622 -45.62 9.00 28.08
N GLY C 623 -44.90 8.80 26.98
CA GLY C 623 -43.49 8.44 27.02
C GLY C 623 -42.59 9.49 27.67
N VAL C 624 -42.93 10.76 27.49
CA VAL C 624 -42.25 11.85 28.19
C VAL C 624 -43.30 12.84 28.70
N VAL C 625 -43.36 13.00 30.03
CA VAL C 625 -44.38 13.83 30.65
C VAL C 625 -43.87 15.26 30.86
N TYR C 626 -44.72 16.22 30.52
CA TYR C 626 -44.42 17.65 30.61
C TYR C 626 -45.42 18.33 31.57
N THR C 627 -44.92 18.76 32.72
CA THR C 627 -45.76 19.47 33.71
C THR C 627 -44.89 20.42 34.49
N ASP C 628 -45.54 21.47 34.99
CA ASP C 628 -45.00 22.38 35.98
C ASP C 628 -45.41 22.00 37.41
N ALA C 629 -46.11 20.87 37.57
CA ALA C 629 -46.59 20.41 38.88
C ALA C 629 -45.40 20.14 39.79
N TYR C 630 -45.57 20.44 41.07
CA TYR C 630 -44.48 20.32 42.03
C TYR C 630 -43.94 18.88 42.09
N SER C 631 -44.85 17.90 42.01
CA SER C 631 -44.49 16.49 42.11
C SER C 631 -44.87 15.76 40.82
N PRO C 632 -44.02 15.88 39.76
CA PRO C 632 -44.38 15.28 38.46
C PRO C 632 -44.40 13.74 38.49
N GLN C 633 -45.41 13.15 37.85
CA GLN C 633 -45.68 11.70 37.89
C GLN C 633 -45.60 11.10 36.49
N SER C 634 -44.97 9.92 36.38
CA SER C 634 -45.00 9.08 35.17
C SER C 634 -45.45 7.69 35.57
N ASN C 635 -46.74 7.42 35.32
CA ASN C 635 -47.35 6.13 35.60
C ASN C 635 -46.97 5.16 34.49
N PHE C 636 -46.31 4.05 34.84
CA PHE C 636 -45.83 3.04 33.88
C PHE C 636 -46.93 1.97 33.71
N THR C 637 -48.14 2.39 33.31
CA THR C 637 -49.28 1.47 33.23
C THR C 637 -49.24 0.52 32.02
N GLU C 638 -48.41 0.84 31.03
CA GLU C 638 -48.09 -0.11 29.97
C GLU C 638 -47.46 -1.40 30.51
N GLY C 639 -46.83 -1.33 31.68
CA GLY C 639 -46.19 -2.48 32.27
C GLY C 639 -44.91 -2.87 31.50
N VAL C 640 -44.80 -4.15 31.14
CA VAL C 640 -43.64 -4.64 30.40
C VAL C 640 -43.69 -4.28 28.92
N PHE C 641 -44.83 -3.77 28.46
CA PHE C 641 -45.05 -3.52 27.03
C PHE C 641 -44.40 -2.22 26.55
N ILE C 642 -43.07 -2.26 26.36
CA ILE C 642 -42.32 -1.17 25.74
C ILE C 642 -41.70 -1.65 24.45
N ASP C 643 -41.28 -0.68 23.65
CA ASP C 643 -40.72 -0.90 22.33
C ASP C 643 -41.51 -1.95 21.53
N TYR C 644 -40.87 -3.03 21.06
CA TYR C 644 -41.56 -3.95 20.14
C TYR C 644 -42.74 -4.71 20.79
N ARG C 645 -42.69 -4.96 22.10
CA ARG C 645 -43.79 -5.69 22.68
C ARG C 645 -45.05 -4.83 22.80
N TRP C 646 -44.92 -3.50 22.82
CA TRP C 646 -46.10 -2.61 22.65
C TRP C 646 -46.70 -2.73 21.21
N PHE C 647 -45.86 -2.66 20.20
CA PHE C 647 -46.31 -2.79 18.81
C PHE C 647 -46.99 -4.13 18.52
N ASP C 648 -46.40 -5.22 19.04
CA ASP C 648 -46.94 -6.57 18.79
C ASP C 648 -48.28 -6.77 19.51
N LYS C 649 -48.34 -6.37 20.78
CA LYS C 649 -49.57 -6.48 21.57
C LYS C 649 -50.73 -5.64 21.02
N MET C 650 -50.42 -4.42 20.58
CA MET C 650 -51.44 -3.52 20.04
C MET C 650 -51.74 -3.72 18.55
N GLY C 651 -51.08 -4.68 17.90
CA GLY C 651 -51.28 -4.95 16.49
C GLY C 651 -50.88 -3.79 15.58
N ILE C 652 -49.93 -2.99 16.02
CA ILE C 652 -49.44 -1.83 15.27
C ILE C 652 -48.26 -2.30 14.44
N THR C 653 -48.26 -1.97 13.15
CA THR C 653 -47.20 -2.36 12.22
C THR C 653 -46.13 -1.26 12.16
N PRO C 654 -44.87 -1.60 12.49
CA PRO C 654 -43.81 -0.60 12.35
C PRO C 654 -43.35 -0.53 10.90
N ARG C 655 -42.58 0.50 10.57
CA ARG C 655 -41.94 0.60 9.26
C ARG C 655 -40.78 -0.39 9.23
N TYR C 656 -39.88 -0.28 10.23
CA TYR C 656 -38.79 -1.22 10.41
C TYR C 656 -38.88 -1.77 11.81
N GLU C 657 -39.01 -3.10 11.91
CA GLU C 657 -39.23 -3.78 13.19
C GLU C 657 -37.91 -3.97 13.96
N PHE C 658 -38.02 -4.15 15.27
CA PHE C 658 -36.91 -4.56 16.12
C PHE C 658 -36.24 -5.79 15.51
N GLY C 659 -34.92 -5.71 15.36
CA GLY C 659 -34.14 -6.81 14.79
C GLY C 659 -34.16 -6.92 13.27
N PHE C 660 -34.60 -5.87 12.59
CA PHE C 660 -34.60 -5.81 11.13
C PHE C 660 -33.33 -5.16 10.57
N GLY C 661 -32.81 -5.75 9.51
CA GLY C 661 -31.73 -5.19 8.71
C GLY C 661 -31.45 -6.12 7.54
N LEU C 662 -31.30 -5.54 6.35
CA LEU C 662 -31.10 -6.28 5.11
C LEU C 662 -29.60 -6.56 4.89
N SER C 663 -29.31 -7.56 4.07
CA SER C 663 -27.96 -7.88 3.60
C SER C 663 -27.93 -7.63 2.08
N TYR C 664 -26.83 -8.00 1.43
CA TYR C 664 -26.78 -8.10 -0.04
C TYR C 664 -27.09 -9.52 -0.57
N THR C 665 -27.53 -10.40 0.32
CA THR C 665 -27.95 -11.76 -0.01
C THR C 665 -29.15 -12.10 0.87
N THR C 666 -29.65 -13.32 0.79
CA THR C 666 -30.78 -13.73 1.64
C THR C 666 -30.46 -15.05 2.29
N PHE C 667 -31.16 -15.32 3.39
CA PHE C 667 -30.95 -16.53 4.20
C PHE C 667 -32.23 -17.29 4.40
N THR C 668 -32.16 -18.61 4.18
CA THR C 668 -33.29 -19.49 4.41
C THR C 668 -33.06 -20.27 5.69
N TYR C 669 -34.05 -20.26 6.56
CA TYR C 669 -33.99 -20.97 7.85
C TYR C 669 -34.62 -22.37 7.75
N SER C 670 -34.02 -23.36 8.41
CA SER C 670 -34.56 -24.74 8.46
C SER C 670 -34.17 -25.49 9.72
N ASN C 671 -34.87 -26.61 9.95
CA ASN C 671 -34.44 -27.66 10.88
C ASN C 671 -34.31 -27.13 12.31
N LEU C 672 -35.45 -26.70 12.85
CA LEU C 672 -35.52 -26.16 14.21
C LEU C 672 -35.52 -27.32 15.21
N ILE C 673 -34.57 -27.35 16.13
CA ILE C 673 -34.43 -28.46 17.08
C ILE C 673 -34.41 -27.96 18.51
N VAL C 674 -35.20 -28.57 19.39
CA VAL C 674 -35.19 -28.24 20.83
C VAL C 674 -34.59 -29.44 21.58
N ASP C 675 -33.38 -29.23 22.10
CA ASP C 675 -32.61 -30.30 22.72
C ASP C 675 -32.64 -30.11 24.24
N HIS C 676 -33.50 -30.88 24.89
CA HIS C 676 -33.66 -30.90 26.35
C HIS C 676 -32.57 -31.63 27.12
N GLY C 677 -31.70 -32.34 26.39
CA GLY C 677 -30.47 -32.92 26.96
C GLY C 677 -29.25 -32.00 26.93
N ARG C 678 -29.32 -30.88 26.21
CA ARG C 678 -28.23 -29.90 26.21
C ARG C 678 -28.47 -28.86 27.30
N TRP C 679 -28.20 -29.28 28.53
CA TRP C 679 -28.34 -28.43 29.73
C TRP C 679 -26.98 -28.30 30.41
N ALA C 680 -26.85 -27.31 31.28
CA ALA C 680 -25.60 -27.07 32.00
C ALA C 680 -25.83 -26.25 33.27
N LYS C 681 -25.15 -26.61 34.35
CA LYS C 681 -25.08 -25.77 35.56
C LYS C 681 -24.46 -24.42 35.21
N ASP C 682 -25.02 -23.34 35.75
CA ASP C 682 -24.37 -22.04 35.71
C ASP C 682 -23.22 -22.04 36.70
N TYR C 683 -21.99 -22.10 36.19
CA TYR C 683 -20.78 -22.01 37.01
C TYR C 683 -19.91 -20.78 36.70
N SER C 684 -20.15 -20.10 35.57
CA SER C 684 -19.18 -19.14 35.01
C SER C 684 -19.41 -17.64 35.31
N SER C 685 -20.48 -17.30 36.05
CA SER C 685 -20.75 -15.90 36.40
C SER C 685 -19.74 -15.43 37.46
N VAL C 686 -19.37 -14.16 37.41
CA VAL C 686 -18.36 -13.61 38.32
C VAL C 686 -18.96 -13.42 39.72
N MET C 687 -20.22 -13.01 39.78
CA MET C 687 -20.96 -12.86 41.03
C MET C 687 -22.35 -13.49 40.90
N GLU C 688 -22.94 -13.82 42.04
CA GLU C 688 -24.24 -14.47 42.09
C GLU C 688 -25.31 -13.55 42.69
N THR C 689 -26.50 -13.63 42.13
CA THR C 689 -27.67 -12.98 42.72
C THR C 689 -28.25 -13.91 43.80
N ALA C 690 -29.35 -13.50 44.41
CA ALA C 690 -30.09 -14.36 45.32
C ALA C 690 -31.57 -14.32 44.95
N GLU C 691 -31.83 -14.26 43.66
CA GLU C 691 -33.18 -14.21 43.15
C GLU C 691 -33.92 -15.51 43.47
N PRO C 692 -35.04 -15.43 44.24
CA PRO C 692 -35.74 -16.68 44.56
C PRO C 692 -36.54 -17.21 43.37
N PHE C 693 -36.55 -18.54 43.23
CA PHE C 693 -37.27 -19.23 42.18
C PHE C 693 -37.84 -20.52 42.73
N ALA C 694 -39.05 -20.87 42.27
CA ALA C 694 -39.81 -22.00 42.79
C ALA C 694 -39.13 -23.35 42.65
N GLU C 695 -38.34 -23.51 41.58
CA GLU C 695 -37.73 -24.81 41.26
C GLU C 695 -36.40 -25.04 42.02
N TRP C 696 -36.05 -24.12 42.93
CA TRP C 696 -34.81 -24.19 43.69
C TRP C 696 -34.77 -25.38 44.65
N ASP C 697 -33.73 -26.20 44.55
CA ASP C 697 -33.52 -27.38 45.41
C ASP C 697 -32.19 -27.37 46.19
N GLY C 698 -31.63 -26.18 46.40
CA GLY C 698 -30.34 -26.02 47.10
C GLY C 698 -29.07 -26.13 46.28
N THR C 699 -29.13 -26.72 45.08
CA THR C 699 -27.93 -27.06 44.28
C THR C 699 -28.04 -26.49 42.85
N ASN C 700 -28.71 -25.35 42.74
CA ASN C 700 -29.54 -25.01 41.59
C ASN C 700 -29.43 -23.52 41.27
N SER C 701 -29.87 -23.10 40.08
CA SER C 701 -29.85 -21.66 39.75
C SER C 701 -30.83 -21.25 38.66
N LEU C 702 -31.33 -20.02 38.80
CA LEU C 702 -32.09 -19.35 37.74
C LEU C 702 -31.36 -19.26 36.41
N TYR C 703 -30.03 -19.25 36.44
CA TYR C 703 -29.24 -19.06 35.22
C TYR C 703 -28.67 -20.36 34.65
N ASP C 704 -29.02 -21.50 35.26
CA ASP C 704 -28.74 -22.82 34.70
C ASP C 704 -29.37 -22.85 33.31
N VAL C 705 -28.65 -23.38 32.32
CA VAL C 705 -29.27 -23.59 31.00
C VAL C 705 -29.98 -24.93 31.09
N ILE C 706 -31.28 -24.90 30.78
CA ILE C 706 -32.19 -26.05 30.95
C ILE C 706 -32.47 -26.78 29.64
N PHE C 707 -32.37 -26.08 28.51
CA PHE C 707 -32.28 -26.71 27.20
C PHE C 707 -31.59 -25.78 26.22
N THR C 708 -31.22 -26.32 25.06
CA THR C 708 -30.62 -25.50 24.01
C THR C 708 -31.40 -25.74 22.75
N VAL C 709 -31.51 -24.72 21.93
CA VAL C 709 -32.20 -24.84 20.64
C VAL C 709 -31.29 -24.48 19.48
N PHE C 710 -31.51 -25.18 18.38
CA PHE C 710 -30.70 -25.04 17.18
C PHE C 710 -31.56 -24.81 15.96
N ALA C 711 -30.94 -24.22 14.95
CA ALA C 711 -31.53 -24.13 13.63
C ALA C 711 -30.41 -23.93 12.62
N THR C 712 -30.76 -24.04 11.36
CA THR C 712 -29.81 -24.01 10.25
C THR C 712 -30.19 -22.84 9.36
N ILE C 713 -29.20 -22.09 8.89
CA ILE C 713 -29.44 -21.07 7.89
C ILE C 713 -28.62 -21.43 6.68
N THR C 714 -29.19 -21.15 5.50
CA THR C 714 -28.52 -21.38 4.24
C THR C 714 -28.51 -20.09 3.42
N ASN C 715 -27.33 -19.73 2.89
CA ASN C 715 -27.19 -18.55 2.05
C ASN C 715 -27.76 -18.89 0.67
N THR C 716 -29.01 -18.50 0.45
CA THR C 716 -29.76 -18.78 -0.79
C THR C 716 -29.83 -17.60 -1.77
N GLY C 717 -29.03 -16.56 -1.54
CA GLY C 717 -28.87 -15.46 -2.50
C GLY C 717 -27.58 -15.62 -3.26
N ASN C 718 -27.07 -14.53 -3.83
CA ASN C 718 -25.97 -14.60 -4.80
C ASN C 718 -24.65 -13.96 -4.34
N LEU C 719 -24.54 -13.58 -3.06
CA LEU C 719 -23.28 -13.06 -2.47
C LEU C 719 -23.06 -13.59 -1.06
N THR C 720 -21.83 -13.48 -0.60
CA THR C 720 -21.45 -13.82 0.77
C THR C 720 -22.09 -12.80 1.72
N GLY C 721 -22.48 -13.25 2.92
CA GLY C 721 -23.10 -12.37 3.89
C GLY C 721 -23.12 -12.94 5.29
N SER C 722 -23.27 -12.04 6.25
CA SER C 722 -23.39 -12.39 7.65
C SER C 722 -24.84 -12.25 8.04
N GLU C 723 -25.30 -13.11 8.94
CA GLU C 723 -26.69 -13.14 9.37
C GLU C 723 -26.82 -13.22 10.89
N VAL C 724 -27.55 -12.27 11.46
CA VAL C 724 -27.99 -12.28 12.85
C VAL C 724 -29.28 -13.10 12.96
N ALA C 725 -29.14 -14.33 13.44
CA ALA C 725 -30.28 -15.18 13.73
C ALA C 725 -30.79 -14.84 15.12
N GLN C 726 -32.11 -14.74 15.24
CA GLN C 726 -32.78 -14.36 16.49
C GLN C 726 -33.78 -15.45 16.94
N LEU C 727 -33.90 -15.61 18.27
CA LEU C 727 -34.89 -16.50 18.88
C LEU C 727 -35.85 -15.72 19.80
N TYR C 728 -37.15 -15.98 19.64
CA TYR C 728 -38.20 -15.40 20.47
C TYR C 728 -39.03 -16.50 21.12
N ILE C 729 -39.62 -16.19 22.27
CA ILE C 729 -40.46 -17.12 23.02
C ILE C 729 -41.74 -16.45 23.49
N SER C 730 -42.89 -17.09 23.23
CA SER C 730 -44.16 -16.74 23.87
C SER C 730 -44.29 -17.57 25.15
N ILE C 731 -44.02 -16.94 26.28
CA ILE C 731 -44.22 -17.53 27.59
C ILE C 731 -45.70 -17.41 27.91
N PRO C 732 -46.38 -18.50 28.31
CA PRO C 732 -47.83 -18.33 28.57
C PRO C 732 -48.16 -17.49 29.82
N GLY C 733 -49.42 -17.06 29.93
CA GLY C 733 -49.92 -16.34 31.11
C GLY C 733 -50.87 -15.21 30.79
N ASP C 734 -51.36 -14.53 31.83
CA ASP C 734 -52.25 -13.38 31.67
C ASP C 734 -51.43 -12.16 31.24
N ASN C 735 -51.88 -11.50 30.18
CA ASN C 735 -51.32 -10.21 29.76
C ASN C 735 -49.82 -10.32 29.49
N GLN C 736 -49.45 -11.33 28.71
CA GLN C 736 -48.07 -11.65 28.46
C GLN C 736 -47.68 -11.16 27.05
N PRO C 737 -46.42 -10.76 26.86
CA PRO C 737 -46.05 -10.35 25.51
C PRO C 737 -46.25 -11.43 24.45
N VAL C 738 -46.53 -10.99 23.24
CA VAL C 738 -46.68 -11.88 22.09
C VAL C 738 -45.38 -12.67 21.90
N ARG C 739 -44.25 -11.95 21.94
CA ARG C 739 -42.90 -12.52 21.76
C ARG C 739 -41.90 -11.80 22.62
N GLN C 740 -41.02 -12.56 23.27
CA GLN C 740 -39.87 -11.99 24.00
C GLN C 740 -38.59 -12.61 23.42
N LEU C 741 -37.66 -11.75 22.99
CA LEU C 741 -36.35 -12.17 22.50
C LEU C 741 -35.64 -12.91 23.62
N ARG C 742 -35.13 -14.10 23.31
CA ARG C 742 -34.34 -14.91 24.25
C ARG C 742 -33.05 -15.51 23.64
N GLY C 743 -32.64 -15.06 22.45
CA GLY C 743 -31.43 -15.56 21.86
C GLY C 743 -31.00 -14.81 20.62
N PHE C 744 -29.70 -14.72 20.42
CA PHE C 744 -29.18 -14.33 19.12
C PHE C 744 -27.81 -14.91 18.86
N ASP C 745 -27.52 -15.09 17.58
CA ASP C 745 -26.28 -15.69 17.14
C ASP C 745 -26.02 -15.15 15.75
N LYS C 746 -24.86 -14.53 15.59
CA LYS C 746 -24.48 -13.90 14.34
C LYS C 746 -23.49 -14.83 13.63
N ILE C 747 -23.88 -15.36 12.48
CA ILE C 747 -22.99 -16.15 11.64
C ILE C 747 -22.15 -15.20 10.80
N LYS C 748 -20.83 -15.37 10.82
CA LYS C 748 -19.92 -14.50 10.04
C LYS C 748 -19.60 -15.04 8.64
N ASP C 749 -19.91 -14.22 7.63
CA ASP C 749 -19.41 -14.42 6.26
C ASP C 749 -19.75 -15.80 5.67
N LEU C 750 -21.04 -16.09 5.59
CA LEU C 750 -21.54 -17.39 5.14
C LEU C 750 -21.48 -17.41 3.62
N PRO C 751 -20.66 -18.29 3.03
CA PRO C 751 -20.61 -18.30 1.55
C PRO C 751 -21.90 -18.73 0.89
N VAL C 752 -22.07 -18.36 -0.38
CA VAL C 752 -23.26 -18.76 -1.16
C VAL C 752 -23.41 -20.28 -1.17
N GLY C 753 -24.64 -20.75 -0.91
CA GLY C 753 -24.92 -22.18 -0.90
C GLY C 753 -24.58 -22.91 0.40
N ASP C 754 -23.70 -22.33 1.22
CA ASP C 754 -23.28 -23.00 2.44
C ASP C 754 -24.31 -22.81 3.51
N SER C 755 -24.27 -23.72 4.48
CA SER C 755 -25.12 -23.68 5.66
C SER C 755 -24.30 -23.56 6.91
N ALA C 756 -24.95 -23.12 7.97
CA ALA C 756 -24.35 -23.02 9.28
C ALA C 756 -25.43 -23.23 10.33
N VAL C 757 -25.04 -23.85 11.43
CA VAL C 757 -25.97 -24.08 12.52
C VAL C 757 -25.89 -22.92 13.51
N VAL C 758 -27.06 -22.56 14.02
CA VAL C 758 -27.23 -21.42 14.88
C VAL C 758 -27.71 -21.99 16.24
N THR C 759 -27.23 -21.41 17.35
CA THR C 759 -27.30 -22.03 18.68
C THR C 759 -27.81 -21.08 19.79
N PHE C 760 -28.88 -21.47 20.47
CA PHE C 760 -29.52 -20.63 21.49
C PHE C 760 -29.69 -21.34 22.84
N PRO C 761 -28.73 -21.14 23.77
CA PRO C 761 -28.94 -21.67 25.13
C PRO C 761 -30.07 -20.93 25.81
N ILE C 762 -30.90 -21.69 26.52
CA ILE C 762 -32.10 -21.14 27.16
C ILE C 762 -31.96 -21.40 28.65
N ARG C 763 -31.86 -20.31 29.43
CA ARG C 763 -31.80 -20.39 30.88
C ARG C 763 -33.18 -20.54 31.48
N ARG C 764 -33.24 -21.06 32.70
CA ARG C 764 -34.49 -21.13 33.45
C ARG C 764 -35.14 -19.75 33.55
N LYS C 765 -34.33 -18.70 33.78
CA LYS C 765 -34.84 -17.35 33.82
C LYS C 765 -35.51 -16.97 32.52
N ASP C 766 -34.96 -17.47 31.39
CA ASP C 766 -35.43 -17.09 30.04
C ASP C 766 -36.82 -17.57 29.69
N VAL C 767 -37.34 -18.46 30.50
CA VAL C 767 -38.59 -19.13 30.26
C VAL C 767 -39.52 -18.94 31.50
N SER C 768 -39.15 -18.02 32.41
CA SER C 768 -39.86 -17.83 33.69
C SER C 768 -40.67 -16.51 33.75
N SER C 769 -41.53 -16.43 34.76
CA SER C 769 -42.31 -15.22 35.07
C SER C 769 -42.12 -14.89 36.53
N TRP C 770 -42.35 -13.63 36.88
CA TRP C 770 -42.30 -13.19 38.27
C TRP C 770 -43.70 -13.36 38.87
N SER C 771 -43.77 -13.99 40.04
CA SER C 771 -45.02 -14.13 40.79
C SER C 771 -45.13 -13.05 41.86
N VAL C 772 -46.00 -12.09 41.60
CA VAL C 772 -46.24 -11.01 42.55
C VAL C 772 -46.71 -11.58 43.89
N VAL C 773 -47.68 -12.50 43.85
CA VAL C 773 -48.23 -13.15 45.06
C VAL C 773 -47.16 -13.90 45.88
N ASP C 774 -46.41 -14.79 45.24
CA ASP C 774 -45.37 -15.57 45.95
C ASP C 774 -44.00 -14.87 46.10
N GLN C 775 -43.76 -13.81 45.33
CA GLN C 775 -42.47 -13.06 45.35
C GLN C 775 -41.27 -13.93 44.98
N LEU C 776 -41.40 -14.63 43.87
CA LEU C 776 -40.34 -15.45 43.32
C LEU C 776 -40.57 -15.70 41.83
N TRP C 777 -39.50 -16.07 41.12
CA TRP C 777 -39.58 -16.48 39.71
C TRP C 777 -40.11 -17.89 39.62
N TYR C 778 -40.82 -18.19 38.53
CA TYR C 778 -41.33 -19.53 38.30
C TYR C 778 -41.51 -19.79 36.82
N VAL C 779 -41.40 -21.04 36.42
CA VAL C 779 -41.68 -21.45 35.03
C VAL C 779 -43.17 -21.77 34.96
N PRO C 780 -43.95 -20.99 34.18
CA PRO C 780 -45.38 -21.22 34.18
C PRO C 780 -45.78 -22.48 33.40
N ASN C 781 -46.95 -23.01 33.72
CA ASN C 781 -47.52 -24.13 32.97
C ASN C 781 -48.25 -23.58 31.75
N GLY C 782 -48.18 -24.33 30.66
CA GLY C 782 -48.89 -24.00 29.42
C GLY C 782 -47.96 -24.21 28.25
N ASP C 783 -48.32 -23.64 27.11
CA ASP C 783 -47.62 -23.90 25.86
C ASP C 783 -46.73 -22.71 25.51
N PHE C 784 -45.43 -22.98 25.39
CA PHE C 784 -44.44 -21.96 25.03
C PHE C 784 -44.15 -22.13 23.55
N LEU C 785 -44.37 -21.08 22.76
CA LEU C 785 -43.97 -21.10 21.36
C LEU C 785 -42.54 -20.58 21.24
N ILE C 786 -41.69 -21.31 20.53
CA ILE C 786 -40.29 -20.93 20.30
C ILE C 786 -40.10 -20.59 18.82
N SER C 787 -39.87 -19.31 18.51
CA SER C 787 -39.75 -18.87 17.11
C SER C 787 -38.32 -18.45 16.82
N VAL C 788 -37.88 -18.68 15.57
CA VAL C 788 -36.51 -18.36 15.14
C VAL C 788 -36.59 -17.79 13.74
N GLY C 789 -35.73 -16.81 13.47
CA GLY C 789 -35.65 -16.16 12.15
C GLY C 789 -34.82 -14.90 12.15
N GLY C 790 -35.01 -14.07 11.11
CA GLY C 790 -34.15 -12.90 10.84
C GLY C 790 -34.59 -11.55 11.39
N SER C 791 -35.76 -11.50 12.03
CA SER C 791 -36.24 -10.29 12.75
C SER C 791 -37.38 -10.66 13.69
N SER C 792 -37.83 -9.68 14.47
CA SER C 792 -38.96 -9.89 15.37
C SER C 792 -40.29 -10.16 14.64
N ARG C 793 -40.34 -9.86 13.34
CA ARG C 793 -41.51 -10.20 12.51
C ARG C 793 -41.21 -11.06 11.28
N ASP C 794 -40.01 -11.63 11.22
CA ASP C 794 -39.64 -12.57 10.16
C ASP C 794 -39.13 -13.85 10.84
N LEU C 795 -40.05 -14.78 11.05
CA LEU C 795 -39.84 -15.93 11.90
C LEU C 795 -40.38 -17.20 11.23
N PRO C 796 -39.69 -17.68 10.18
CA PRO C 796 -40.11 -18.88 9.45
C PRO C 796 -40.27 -20.14 10.29
N LEU C 797 -39.44 -20.32 11.31
CA LEU C 797 -39.47 -21.52 12.14
C LEU C 797 -40.17 -21.28 13.46
N ASN C 798 -41.02 -22.23 13.87
CA ASN C 798 -41.64 -22.18 15.18
C ASN C 798 -41.90 -23.60 15.70
N THR C 799 -41.97 -23.77 17.01
CA THR C 799 -42.32 -25.06 17.61
C THR C 799 -42.82 -24.85 19.03
N THR C 800 -43.52 -25.83 19.57
CA THR C 800 -44.12 -25.70 20.88
C THR C 800 -43.42 -26.54 21.94
N TRP C 801 -43.12 -25.92 23.08
CA TRP C 801 -42.61 -26.62 24.26
C TRP C 801 -43.64 -26.56 25.39
N THR C 802 -43.93 -27.72 25.99
CA THR C 802 -44.91 -27.86 27.08
C THR C 802 -44.25 -28.57 28.30
N PRO C 803 -43.88 -27.82 29.36
CA PRO C 803 -43.04 -28.39 30.43
C PRO C 803 -43.51 -29.66 31.18
N HIS C 804 -44.61 -29.58 31.93
CA HIS C 804 -44.92 -30.61 32.94
C HIS C 804 -45.53 -31.87 32.33
N SER D 44 -3.59 51.67 -38.31
CA SER D 44 -4.82 52.09 -39.05
C SER D 44 -4.63 52.19 -40.58
N ASN D 45 -3.39 52.49 -41.03
CA ASN D 45 -3.06 52.64 -42.46
C ASN D 45 -2.41 51.37 -43.05
N SER D 46 -3.22 50.57 -43.76
CA SER D 46 -2.73 49.36 -44.47
C SER D 46 -1.85 49.66 -45.71
N THR D 47 -1.91 50.88 -46.23
CA THR D 47 -0.99 51.36 -47.26
C THR D 47 0.42 51.49 -46.70
N GLN D 48 0.54 52.10 -45.53
CA GLN D 48 1.81 52.26 -44.82
C GLN D 48 2.29 50.92 -44.22
N TRP D 49 1.35 50.06 -43.80
CA TRP D 49 1.71 48.72 -43.27
C TRP D 49 0.94 47.60 -43.99
N PRO D 50 1.45 47.15 -45.16
CA PRO D 50 0.71 46.20 -46.01
C PRO D 50 0.64 44.80 -45.42
N ALA D 51 -0.34 44.03 -45.88
CA ALA D 51 -0.57 42.68 -45.38
C ALA D 51 0.23 41.66 -46.19
N PRO D 52 1.40 41.22 -45.69
CA PRO D 52 2.16 40.26 -46.49
C PRO D 52 1.46 38.89 -46.52
N LEU D 53 1.61 38.18 -47.63
CA LEU D 53 0.91 36.92 -47.85
C LEU D 53 1.62 35.79 -47.10
N ALA D 54 0.83 34.86 -46.59
CA ALA D 54 1.39 33.64 -46.02
C ALA D 54 2.16 32.84 -47.08
N ASN D 55 3.27 32.24 -46.66
CA ASN D 55 4.03 31.28 -47.49
C ASN D 55 4.28 29.90 -46.83
N GLY D 56 3.88 29.73 -45.58
CA GLY D 56 4.11 28.46 -44.88
C GLY D 56 5.40 28.40 -44.08
N GLY D 57 6.28 29.39 -44.24
CA GLY D 57 7.55 29.43 -43.52
C GLY D 57 8.35 28.13 -43.54
N LYS D 58 8.89 27.73 -42.40
CA LYS D 58 9.80 26.60 -42.32
C LYS D 58 9.09 25.22 -42.26
N SER D 59 8.30 24.99 -41.22
CA SER D 59 7.73 23.66 -40.96
C SER D 59 6.36 23.40 -41.62
N TRP D 60 5.67 24.47 -42.00
CA TRP D 60 4.31 24.33 -42.52
C TRP D 60 4.25 24.38 -44.06
N ALA D 61 5.35 24.04 -44.72
CA ALA D 61 5.46 24.20 -46.17
C ALA D 61 4.39 23.36 -46.88
N SER D 62 4.27 22.08 -46.52
CA SER D 62 3.31 21.18 -47.17
C SER D 62 1.88 21.47 -46.75
N ALA D 63 1.69 21.88 -45.51
CA ALA D 63 0.38 22.27 -45.01
C ALA D 63 -0.13 23.56 -45.66
N PHE D 64 0.77 24.54 -45.88
CA PHE D 64 0.43 25.77 -46.61
C PHE D 64 -0.04 25.44 -48.02
N LYS D 65 0.76 24.65 -48.73
CA LYS D 65 0.42 24.17 -50.08
C LYS D 65 -0.98 23.55 -50.17
N LYS D 66 -1.33 22.70 -49.20
CA LYS D 66 -2.69 22.11 -49.16
C LYS D 66 -3.75 23.17 -48.92
N ALA D 67 -3.48 24.09 -48.00
CA ALA D 67 -4.39 25.19 -47.66
C ALA D 67 -4.66 26.11 -48.83
N LYS D 68 -3.61 26.46 -49.57
CA LYS D 68 -3.75 27.34 -50.73
C LYS D 68 -4.62 26.67 -51.78
N ALA D 69 -4.33 25.39 -52.05
CA ALA D 69 -5.07 24.62 -53.04
C ALA D 69 -6.54 24.54 -52.65
N THR D 70 -6.81 24.16 -51.40
CA THR D 70 -8.17 24.15 -50.88
C THR D 70 -8.83 25.51 -50.99
N VAL D 71 -8.16 26.55 -50.50
CA VAL D 71 -8.72 27.92 -50.52
C VAL D 71 -8.94 28.48 -51.95
N THR D 72 -8.11 28.04 -52.91
CA THR D 72 -8.27 28.43 -54.32
C THR D 72 -9.63 27.96 -54.85
N GLU D 73 -10.10 26.79 -54.41
CA GLU D 73 -11.44 26.30 -54.79
C GLU D 73 -12.63 27.03 -54.16
N MET D 74 -12.42 27.76 -53.06
CA MET D 74 -13.54 28.31 -52.29
C MET D 74 -14.25 29.46 -53.00
N THR D 75 -15.56 29.52 -52.79
CA THR D 75 -16.35 30.67 -53.18
C THR D 75 -16.21 31.75 -52.11
N VAL D 76 -16.71 32.92 -52.44
CA VAL D 76 -16.77 34.05 -51.51
C VAL D 76 -17.61 33.71 -50.27
N GLU D 77 -18.78 33.07 -50.46
CA GLU D 77 -19.66 32.65 -49.35
C GLU D 77 -18.88 31.72 -48.39
N GLU D 78 -18.06 30.83 -48.96
CA GLU D 78 -17.27 29.87 -48.17
C GLU D 78 -16.14 30.51 -47.37
N LEU D 79 -15.48 31.51 -47.97
CA LEU D 79 -14.46 32.29 -47.28
C LEU D 79 -15.01 33.03 -46.06
N ALA D 80 -16.21 33.58 -46.22
CA ALA D 80 -16.91 34.27 -45.13
C ALA D 80 -17.36 33.29 -44.06
N ASN D 81 -17.60 32.04 -44.46
CA ASN D 81 -18.03 31.01 -43.54
C ASN D 81 -16.89 30.62 -42.60
N ILE D 82 -15.72 30.35 -43.16
CA ILE D 82 -14.59 29.88 -42.35
C ILE D 82 -13.90 31.00 -41.50
N THR D 83 -14.06 32.24 -41.92
CA THR D 83 -13.45 33.39 -41.22
C THR D 83 -14.34 34.04 -40.16
N SER D 84 -15.49 33.44 -39.87
CA SER D 84 -16.42 33.96 -38.86
C SER D 84 -17.11 32.85 -38.08
N GLY D 85 -17.30 33.09 -36.79
CA GLY D 85 -17.76 32.07 -35.87
C GLY D 85 -19.22 31.69 -36.04
N VAL D 86 -19.51 30.43 -35.75
CA VAL D 86 -20.88 29.90 -35.81
C VAL D 86 -21.31 29.41 -34.43
N ILE D 87 -22.58 29.01 -34.29
CA ILE D 87 -23.14 28.55 -33.03
C ILE D 87 -22.65 27.14 -32.81
N GLY D 88 -22.09 26.89 -31.63
CA GLY D 88 -21.70 25.53 -31.27
C GLY D 88 -21.35 25.34 -29.81
N LEU D 89 -21.00 24.10 -29.46
CA LEU D 89 -20.79 23.69 -28.09
C LEU D 89 -19.50 24.26 -27.48
N CYS D 90 -18.56 24.63 -28.34
CA CYS D 90 -17.25 25.11 -27.92
C CYS D 90 -17.25 26.60 -27.69
N SER D 91 -16.21 27.08 -27.02
CA SER D 91 -16.05 28.53 -26.75
C SER D 91 -16.21 29.30 -28.06
N GLY D 92 -15.61 28.74 -29.10
CA GLY D 92 -15.86 29.20 -30.44
C GLY D 92 -15.80 28.14 -31.50
N VAL D 93 -16.46 28.41 -32.63
CA VAL D 93 -16.54 27.43 -33.73
C VAL D 93 -16.41 28.10 -35.11
N THR D 94 -15.40 27.71 -35.89
CA THR D 94 -15.33 28.20 -37.29
C THR D 94 -16.35 27.50 -38.16
N GLY D 95 -17.00 28.25 -39.04
CA GLY D 95 -18.00 27.70 -39.95
C GLY D 95 -17.36 26.70 -40.90
N ALA D 96 -18.12 25.69 -41.29
CA ALA D 96 -17.61 24.65 -42.19
C ALA D 96 -17.48 25.13 -43.63
N VAL D 97 -16.68 24.41 -44.41
CA VAL D 97 -16.70 24.52 -45.86
C VAL D 97 -17.16 23.15 -46.37
N THR D 98 -18.46 22.93 -46.28
CA THR D 98 -18.97 21.56 -46.29
C THR D 98 -18.83 20.91 -47.69
N ARG D 99 -19.00 21.72 -48.73
CA ARG D 99 -18.75 21.30 -50.10
C ARG D 99 -17.34 20.64 -50.29
N LEU D 100 -16.31 21.17 -49.61
CA LEU D 100 -14.94 20.66 -49.73
C LEU D 100 -14.49 19.72 -48.59
N GLY D 101 -15.45 19.20 -47.83
CA GLY D 101 -15.14 18.34 -46.68
C GLY D 101 -14.31 18.97 -45.58
N ILE D 102 -14.41 20.29 -45.42
CA ILE D 102 -13.71 20.98 -44.33
C ILE D 102 -14.73 21.11 -43.23
N PRO D 103 -14.49 20.47 -42.09
CA PRO D 103 -15.47 20.56 -41.02
C PRO D 103 -15.31 21.82 -40.18
N GLU D 104 -16.27 22.01 -39.28
CA GLU D 104 -16.19 23.00 -38.21
C GLU D 104 -14.98 22.71 -37.36
N PHE D 105 -14.28 23.77 -36.94
CA PHE D 105 -13.19 23.64 -35.95
C PHE D 105 -13.70 24.15 -34.61
N CYS D 106 -13.50 23.34 -33.58
CA CYS D 106 -13.80 23.68 -32.20
C CYS D 106 -12.61 24.47 -31.61
N LEU D 107 -12.84 25.74 -31.24
CA LEU D 107 -11.87 26.54 -30.48
C LEU D 107 -12.33 26.58 -29.02
N GLN D 108 -11.48 26.09 -28.11
CA GLN D 108 -11.86 25.86 -26.72
C GLN D 108 -10.86 26.43 -25.73
N ASP D 109 -11.38 27.17 -24.75
CA ASP D 109 -10.61 27.60 -23.59
C ASP D 109 -10.12 26.38 -22.81
N GLY D 110 -9.02 26.47 -22.06
CA GLY D 110 -8.23 27.69 -21.82
C GLY D 110 -6.82 27.32 -21.40
N PRO D 111 -6.04 28.27 -20.85
CA PRO D 111 -4.62 27.97 -20.56
C PRO D 111 -4.29 27.02 -19.39
N ILE D 112 -5.29 26.43 -18.71
CA ILE D 112 -5.05 25.25 -17.85
C ILE D 112 -5.62 23.93 -18.39
N GLY D 113 -6.15 23.95 -19.61
CA GLY D 113 -6.78 22.78 -20.21
C GLY D 113 -8.22 23.09 -20.56
N PRO D 114 -8.93 22.12 -21.16
CA PRO D 114 -10.29 22.34 -21.63
C PRO D 114 -11.23 22.78 -20.52
N ARG D 115 -11.93 23.89 -20.75
CA ARG D 115 -12.86 24.46 -19.80
C ARG D 115 -14.28 24.02 -20.09
N GLY D 116 -15.07 23.91 -19.03
CA GLY D 116 -16.50 23.61 -19.12
C GLY D 116 -16.76 22.17 -19.46
N VAL D 117 -15.77 21.34 -19.20
CA VAL D 117 -15.71 19.96 -19.64
C VAL D 117 -15.60 19.06 -18.41
N HIS D 118 -16.45 18.04 -18.32
CA HIS D 118 -16.27 16.99 -17.30
C HIS D 118 -15.34 15.91 -17.85
N GLY D 119 -14.84 15.06 -16.94
CA GLY D 119 -13.96 13.95 -17.30
C GLY D 119 -12.53 14.35 -17.61
N SER D 120 -12.15 15.56 -17.20
CA SER D 120 -10.80 16.09 -17.40
C SER D 120 -10.17 16.38 -16.06
N SER D 121 -8.91 16.82 -16.09
CA SER D 121 -8.12 17.12 -14.89
C SER D 121 -7.93 18.63 -14.77
N GLN D 122 -7.97 19.16 -13.54
CA GLN D 122 -7.64 20.55 -13.32
C GLN D 122 -6.15 20.73 -13.11
N PHE D 123 -5.47 21.23 -14.13
CA PHE D 123 -4.02 21.46 -14.08
C PHE D 123 -3.67 22.72 -13.29
N PRO D 124 -2.42 22.82 -12.80
CA PRO D 124 -1.94 24.07 -12.19
C PRO D 124 -1.85 25.20 -13.21
N ALA D 125 -2.09 26.42 -12.73
CA ALA D 125 -2.03 27.60 -13.59
C ALA D 125 -0.63 27.83 -14.07
N GLY D 126 -0.50 28.71 -15.07
CA GLY D 126 0.81 29.06 -15.62
C GLY D 126 1.73 29.67 -14.58
N LEU D 127 1.17 30.57 -13.77
CA LEU D 127 1.82 31.11 -12.56
C LEU D 127 2.56 30.03 -11.77
N THR D 128 1.86 28.93 -11.54
CA THR D 128 2.36 27.84 -10.72
C THR D 128 3.52 27.09 -11.42
N VAL D 129 3.39 26.72 -12.71
CA VAL D 129 4.55 26.08 -13.40
C VAL D 129 5.74 27.00 -13.48
N ALA D 130 5.51 28.29 -13.62
CA ALA D 130 6.59 29.27 -13.72
C ALA D 130 7.44 29.17 -12.46
N ALA D 131 6.78 29.13 -11.29
CA ALA D 131 7.48 29.01 -10.00
C ALA D 131 8.31 27.74 -9.83
N THR D 132 8.04 26.70 -10.62
CA THR D 132 8.94 25.54 -10.66
C THR D 132 10.32 25.85 -11.24
N TRP D 133 10.38 26.83 -12.14
CA TRP D 133 11.57 27.10 -12.96
C TRP D 133 12.15 25.84 -13.65
N ASP D 134 11.26 24.94 -14.06
CA ASP D 134 11.63 23.60 -14.52
C ASP D 134 11.06 23.40 -15.94
N ARG D 135 11.94 23.46 -16.93
CA ARG D 135 11.54 23.36 -18.33
C ARG D 135 10.79 22.05 -18.63
N THR D 136 11.28 20.95 -18.06
CA THR D 136 10.64 19.64 -18.22
C THR D 136 9.18 19.65 -17.73
N LEU D 137 8.92 20.32 -16.61
CA LEU D 137 7.56 20.45 -16.09
C LEU D 137 6.70 21.39 -16.92
N MET D 138 7.30 22.47 -17.42
CA MET D 138 6.59 23.38 -18.32
C MET D 138 6.08 22.60 -19.54
N TYR D 139 6.94 21.76 -20.12
CA TYR D 139 6.58 20.96 -21.30
C TYR D 139 5.49 19.92 -20.97
N ALA D 140 5.77 19.06 -20.00
CA ALA D 140 4.90 17.93 -19.66
C ALA D 140 3.48 18.41 -19.29
N ARG D 141 3.41 19.47 -18.48
CA ARG D 141 2.16 20.18 -18.19
C ARG D 141 1.35 20.44 -19.45
N ALA D 142 1.98 21.11 -20.42
CA ALA D 142 1.33 21.49 -21.68
C ALA D 142 0.95 20.29 -22.52
N ARG D 143 1.87 19.31 -22.58
CA ARG D 143 1.62 18.07 -23.31
C ARG D 143 0.43 17.29 -22.74
N GLY D 144 0.27 17.31 -21.43
CA GLY D 144 -0.86 16.65 -20.79
C GLY D 144 -2.17 17.34 -21.07
N MET D 145 -2.14 18.67 -21.05
CA MET D 145 -3.30 19.51 -21.38
C MET D 145 -3.67 19.26 -22.84
N GLY D 146 -2.66 19.10 -23.69
CA GLY D 146 -2.86 18.88 -25.11
C GLY D 146 -3.59 17.59 -25.37
N GLN D 147 -3.11 16.54 -24.71
CA GLN D 147 -3.75 15.21 -24.71
C GLN D 147 -5.21 15.34 -24.31
N GLU D 148 -5.50 16.05 -23.23
CA GLU D 148 -6.91 16.18 -22.80
C GLU D 148 -7.73 17.02 -23.77
N PHE D 149 -7.14 18.09 -24.29
CA PHE D 149 -7.79 18.92 -25.33
C PHE D 149 -8.24 18.05 -26.50
N HIS D 150 -7.26 17.36 -27.08
CA HIS D 150 -7.49 16.53 -28.26
C HIS D 150 -8.54 15.45 -28.03
N ASP D 151 -8.40 14.71 -26.94
CA ASP D 151 -9.32 13.63 -26.64
C ASP D 151 -10.72 14.17 -26.34
N GLN D 152 -10.84 15.43 -25.93
CA GLN D 152 -12.18 16.06 -25.81
C GLN D 152 -12.79 16.52 -27.13
N GLY D 153 -12.00 16.54 -28.19
CA GLY D 153 -12.45 16.92 -29.53
C GLY D 153 -12.08 18.34 -30.01
N VAL D 154 -11.08 18.95 -29.38
CA VAL D 154 -10.74 20.36 -29.65
C VAL D 154 -9.71 20.44 -30.78
N HIS D 155 -9.97 21.32 -31.73
CA HIS D 155 -9.07 21.58 -32.85
C HIS D 155 -8.04 22.65 -32.47
N LEU D 156 -8.53 23.75 -31.88
CA LEU D 156 -7.71 24.88 -31.49
C LEU D 156 -7.87 25.16 -29.99
N ALA D 157 -6.77 25.04 -29.24
CA ALA D 157 -6.77 25.42 -27.81
C ALA D 157 -6.54 26.93 -27.66
N LEU D 158 -7.41 27.61 -26.92
CA LEU D 158 -7.26 29.05 -26.69
C LEU D 158 -6.24 29.26 -25.56
N ALA D 159 -4.96 29.11 -25.92
CA ALA D 159 -3.86 28.98 -24.97
C ALA D 159 -2.57 28.73 -25.76
N PRO D 160 -1.39 28.94 -25.16
CA PRO D 160 -1.21 29.47 -23.83
C PRO D 160 -1.26 30.99 -23.79
N VAL D 161 -1.08 31.55 -22.59
CA VAL D 161 -0.88 32.98 -22.44
C VAL D 161 0.62 33.22 -22.52
N THR D 162 1.03 33.98 -23.54
CA THR D 162 2.44 34.13 -23.90
C THR D 162 2.86 35.60 -23.96
N GLY D 163 2.61 36.31 -22.87
CA GLY D 163 3.09 37.69 -22.69
C GLY D 163 2.05 38.80 -22.85
N GLY D 164 0.80 38.48 -22.55
CA GLY D 164 -0.27 39.46 -22.54
C GLY D 164 -1.43 38.92 -21.71
N PRO D 165 -1.53 39.27 -20.42
CA PRO D 165 -0.64 40.16 -19.69
C PRO D 165 0.69 39.53 -19.26
N LEU D 166 1.71 40.38 -19.12
CA LEU D 166 3.10 39.96 -18.85
C LEU D 166 3.56 39.81 -17.35
N GLY D 167 3.47 40.80 -16.46
CA GLY D 167 2.78 42.04 -16.62
C GLY D 167 3.16 43.23 -15.76
N ARG D 168 2.59 44.35 -16.17
CA ARG D 168 2.92 45.68 -15.71
C ARG D 168 2.31 46.02 -14.32
N THR D 169 1.20 45.37 -13.95
CA THR D 169 0.57 45.53 -12.64
C THR D 169 0.60 44.20 -11.90
N PRO D 170 0.98 44.22 -10.60
CA PRO D 170 0.80 43.02 -9.78
C PRO D 170 -0.65 42.82 -9.33
N LEU D 171 -1.53 43.76 -9.67
CA LEU D 171 -2.99 43.68 -9.43
C LEU D 171 -3.80 43.11 -10.61
N ASN D 172 -3.15 42.77 -11.73
CA ASN D 172 -3.86 42.24 -12.91
C ASN D 172 -4.68 41.02 -12.48
N GLY D 173 -5.98 41.07 -12.71
CA GLY D 173 -6.89 40.02 -12.26
C GLY D 173 -6.67 38.65 -12.87
N ARG D 174 -6.08 38.65 -14.07
CA ARG D 174 -5.76 37.43 -14.80
C ARG D 174 -4.26 37.25 -15.08
N GLY D 175 -3.39 37.94 -14.35
CA GLY D 175 -1.94 37.75 -14.48
C GLY D 175 -1.54 36.29 -14.28
N TRP D 176 -2.23 35.61 -13.37
CA TRP D 176 -2.01 34.20 -13.06
C TRP D 176 -2.05 33.26 -14.25
N GLU D 177 -2.78 33.64 -15.30
CA GLU D 177 -2.89 32.81 -16.51
C GLU D 177 -1.55 32.67 -17.23
N GLY D 178 -0.76 33.76 -17.18
CA GLY D 178 0.58 33.79 -17.73
C GLY D 178 1.56 33.10 -16.79
N THR D 179 2.84 33.44 -16.93
CA THR D 179 3.91 32.77 -16.20
C THR D 179 4.74 33.77 -15.40
N PHE D 180 5.84 34.26 -15.96
CA PHE D 180 6.76 35.15 -15.26
C PHE D 180 6.49 36.60 -15.69
N ALA D 181 6.70 37.53 -14.76
CA ALA D 181 6.73 38.96 -15.06
C ALA D 181 8.12 39.37 -15.58
N ASP D 182 8.57 38.70 -16.63
CA ASP D 182 9.91 38.79 -17.16
C ASP D 182 9.88 38.27 -18.58
N PRO D 183 10.40 39.04 -19.56
CA PRO D 183 10.28 38.62 -20.95
C PRO D 183 11.04 37.34 -21.25
N TYR D 184 12.28 37.23 -20.79
CA TYR D 184 13.11 36.04 -21.04
C TYR D 184 12.44 34.74 -20.52
N ALA D 185 12.03 34.74 -19.25
CA ALA D 185 11.47 33.55 -18.64
C ALA D 185 10.08 33.24 -19.19
N CYS D 186 9.28 34.28 -19.43
CA CYS D 186 7.97 34.11 -20.07
C CYS D 186 8.15 33.55 -21.48
N GLY D 187 9.16 34.04 -22.19
CA GLY D 187 9.50 33.52 -23.50
C GLY D 187 9.84 32.02 -23.51
N GLU D 188 10.66 31.57 -22.56
CA GLU D 188 11.00 30.15 -22.47
C GLU D 188 9.79 29.29 -22.12
N ALA D 189 9.00 29.72 -21.13
CA ALA D 189 7.81 28.99 -20.72
C ALA D 189 6.76 28.98 -21.84
N SER D 190 6.65 30.09 -22.55
CA SER D 190 5.75 30.19 -23.70
C SER D 190 6.17 29.21 -24.79
N TYR D 191 7.46 29.16 -25.07
CA TYR D 191 7.97 28.25 -26.10
C TYR D 191 7.55 26.82 -25.81
N LEU D 192 7.86 26.36 -24.59
CA LEU D 192 7.59 24.99 -24.20
C LEU D 192 6.08 24.71 -24.05
N SER D 193 5.31 25.74 -23.71
CA SER D 193 3.87 25.59 -23.56
C SER D 193 3.21 25.40 -24.92
N VAL D 194 3.67 26.14 -25.92
CA VAL D 194 3.18 25.99 -27.30
C VAL D 194 3.56 24.62 -27.84
N LYS D 195 4.82 24.25 -27.63
CA LYS D 195 5.33 23.00 -28.17
C LYS D 195 4.59 21.81 -27.62
N GLY D 196 4.36 21.81 -26.30
CA GLY D 196 3.60 20.75 -25.63
C GLY D 196 2.19 20.60 -26.17
N LEU D 197 1.51 21.72 -26.40
CA LEU D 197 0.18 21.67 -27.00
C LEU D 197 0.19 21.12 -28.44
N THR D 198 1.05 21.67 -29.29
CA THR D 198 1.09 21.24 -30.70
C THR D 198 1.58 19.80 -30.87
N ASP D 199 2.48 19.35 -30.00
CA ASP D 199 2.95 17.94 -30.01
C ASP D 199 1.85 16.95 -29.69
N ALA D 200 0.78 17.39 -29.02
CA ALA D 200 -0.42 16.57 -28.81
C ALA D 200 -1.44 16.65 -29.97
N GLY D 201 -1.11 17.37 -31.04
CA GLY D 201 -1.98 17.51 -32.19
C GLY D 201 -3.10 18.52 -32.02
N VAL D 202 -2.89 19.52 -31.16
CA VAL D 202 -3.89 20.57 -30.96
C VAL D 202 -3.24 21.91 -31.31
N ALA D 203 -3.89 22.64 -32.20
CA ALA D 203 -3.41 23.94 -32.63
C ALA D 203 -3.54 24.92 -31.47
N THR D 204 -2.61 25.86 -31.39
CA THR D 204 -2.55 26.83 -30.32
C THR D 204 -2.99 28.18 -30.85
N VAL D 205 -3.69 28.92 -30.01
CA VAL D 205 -4.02 30.30 -30.27
C VAL D 205 -3.39 31.07 -29.12
N SER D 206 -2.10 31.36 -29.27
CA SER D 206 -1.32 32.04 -28.22
C SER D 206 -1.89 33.44 -27.99
N LYS D 207 -1.97 33.88 -26.76
CA LYS D 207 -2.72 35.12 -26.45
C LYS D 207 -2.12 35.92 -25.29
N HIS D 208 -2.44 37.20 -25.09
CA HIS D 208 -3.26 38.05 -25.97
C HIS D 208 -2.32 39.13 -26.56
N TRP D 209 -2.22 39.20 -27.88
CA TRP D 209 -1.40 40.22 -28.57
C TRP D 209 -2.15 41.55 -28.57
N ILE D 210 -1.63 42.62 -27.97
CA ILE D 210 -0.37 42.73 -27.22
C ILE D 210 -0.48 44.00 -26.34
N ALA D 211 0.32 44.07 -25.27
CA ALA D 211 0.23 45.17 -24.29
C ALA D 211 -1.14 45.18 -23.57
N TYR D 212 -1.67 43.97 -23.36
CA TYR D 212 -2.95 43.72 -22.68
C TYR D 212 -2.63 43.57 -21.22
N GLU D 213 -2.46 44.72 -20.55
CA GLU D 213 -1.86 44.78 -19.21
C GLU D 213 -2.79 45.34 -18.13
N GLN D 214 -4.09 45.42 -18.41
CA GLN D 214 -5.09 45.58 -17.34
C GLN D 214 -6.44 45.09 -17.82
N GLU D 215 -7.23 44.61 -16.86
CA GLU D 215 -8.59 44.17 -17.13
C GLU D 215 -9.57 45.32 -17.11
N THR D 216 -9.35 46.28 -16.23
CA THR D 216 -10.26 47.40 -16.08
C THR D 216 -10.35 48.19 -17.40
N SER D 217 -11.58 48.46 -17.81
CA SER D 217 -11.87 49.15 -19.07
C SER D 217 -11.32 48.48 -20.33
N ARG D 218 -11.09 47.17 -20.28
CA ARG D 218 -10.75 46.40 -21.48
C ARG D 218 -11.93 46.51 -22.47
N ASN D 219 -13.15 46.62 -21.95
CA ASN D 219 -14.35 46.96 -22.70
C ASN D 219 -14.50 46.16 -23.99
N LEU D 220 -14.74 44.87 -23.84
CA LEU D 220 -15.07 44.02 -24.98
C LEU D 220 -16.28 44.62 -25.68
N TYR D 221 -16.35 44.46 -27.00
CA TYR D 221 -17.53 44.92 -27.75
C TYR D 221 -18.80 44.12 -27.38
N ILE D 222 -19.89 44.82 -27.01
CA ILE D 222 -21.20 44.19 -26.80
C ILE D 222 -22.32 45.12 -27.30
N ASP D 223 -23.25 44.54 -28.06
CA ASP D 223 -24.53 45.16 -28.44
C ASP D 223 -25.57 44.55 -27.51
N ILE D 224 -26.09 45.33 -26.57
CA ILE D 224 -27.05 44.79 -25.60
C ILE D 224 -28.15 45.81 -25.21
N ASP D 225 -29.42 45.39 -25.40
CA ASP D 225 -30.62 46.23 -25.19
C ASP D 225 -30.57 47.57 -25.93
N GLY D 226 -30.17 47.48 -27.22
CA GLY D 226 -30.01 48.64 -28.09
C GLY D 226 -28.64 49.29 -28.04
N VAL D 227 -28.13 49.54 -26.83
CA VAL D 227 -26.91 50.33 -26.63
C VAL D 227 -25.60 49.54 -26.91
N SER D 228 -24.79 50.09 -27.82
CA SER D 228 -23.47 49.56 -28.17
C SER D 228 -22.39 50.04 -27.18
N GLN D 229 -21.39 49.20 -26.89
CA GLN D 229 -20.22 49.65 -26.09
C GLN D 229 -19.55 50.86 -26.76
N ALA D 230 -19.61 50.92 -28.09
CA ALA D 230 -19.12 52.10 -28.83
C ALA D 230 -19.74 53.44 -28.43
N ASP D 231 -20.97 53.40 -27.93
CA ASP D 231 -21.65 54.60 -27.41
C ASP D 231 -21.30 54.98 -25.95
N ILE D 232 -20.58 54.11 -25.22
CA ILE D 232 -20.28 54.35 -23.79
C ILE D 232 -18.80 54.67 -23.54
N GLN D 233 -17.91 53.79 -24.01
CA GLN D 233 -16.48 53.90 -23.71
C GLN D 233 -15.68 52.91 -24.55
N LEU D 234 -14.65 53.41 -25.21
CA LEU D 234 -13.70 52.59 -25.97
C LEU D 234 -12.79 51.79 -25.02
N PRO D 235 -12.02 50.84 -25.54
CA PRO D 235 -11.12 50.11 -24.65
C PRO D 235 -9.96 50.97 -24.14
N ILE D 236 -9.40 50.63 -22.98
CA ILE D 236 -8.14 51.22 -22.53
C ILE D 236 -7.11 51.17 -23.68
N SER D 237 -6.48 52.30 -23.98
CA SER D 237 -5.43 52.35 -24.99
C SER D 237 -4.05 52.30 -24.36
N SER D 238 -3.34 51.22 -24.61
CA SER D 238 -1.95 51.07 -24.21
C SER D 238 -1.07 51.84 -25.17
N ASN D 239 -0.42 52.89 -24.68
CA ASN D 239 0.48 53.71 -25.49
C ASN D 239 1.93 53.37 -25.19
N VAL D 240 2.54 52.68 -26.15
CA VAL D 240 3.79 51.96 -25.97
C VAL D 240 4.80 52.44 -27.00
N ASP D 241 5.96 52.88 -26.53
CA ASP D 241 7.03 53.30 -27.43
C ASP D 241 7.69 52.08 -28.11
N ASP D 242 8.42 52.33 -29.20
CA ASP D 242 8.96 51.26 -30.05
C ASP D 242 10.07 50.42 -29.36
N LEU D 243 10.91 51.02 -28.53
CA LEU D 243 11.92 50.24 -27.79
C LEU D 243 11.26 49.29 -26.77
N THR D 244 10.26 49.80 -26.06
CA THR D 244 9.51 49.01 -25.08
C THR D 244 8.82 47.82 -25.74
N MET D 245 8.15 48.07 -26.86
CA MET D 245 7.40 47.04 -27.57
C MET D 245 8.31 45.90 -28.04
N HIS D 246 9.52 46.23 -28.50
CA HIS D 246 10.47 45.21 -28.99
C HIS D 246 11.15 44.41 -27.89
N GLU D 247 11.67 45.11 -26.89
CA GLU D 247 12.48 44.48 -25.84
C GLU D 247 11.66 43.86 -24.71
N LEU D 248 10.43 44.34 -24.47
CA LEU D 248 9.60 43.84 -23.36
C LEU D 248 8.45 42.97 -23.84
N TYR D 249 7.51 43.55 -24.58
CA TYR D 249 6.23 42.87 -24.81
C TYR D 249 6.26 41.86 -25.95
N MET D 250 7.04 42.13 -27.01
CA MET D 250 7.14 41.22 -28.18
C MET D 250 8.00 39.99 -27.92
N TRP D 251 8.93 40.07 -26.97
CA TRP D 251 9.89 38.99 -26.71
C TRP D 251 9.21 37.62 -26.58
N SER D 252 8.24 37.52 -25.68
CA SER D 252 7.56 36.25 -25.45
C SER D 252 6.79 35.74 -26.67
N PHE D 253 6.21 36.68 -27.43
CA PHE D 253 5.46 36.35 -28.66
C PHE D 253 6.35 35.88 -29.78
N ALA D 254 7.58 36.41 -29.82
CA ALA D 254 8.55 35.93 -30.81
C ALA D 254 8.86 34.45 -30.54
N GLU D 255 8.96 34.09 -29.26
CA GLU D 255 9.22 32.70 -28.88
C GLU D 255 8.03 31.82 -29.25
N ALA D 256 6.82 32.31 -29.00
CA ALA D 256 5.61 31.54 -29.33
C ALA D 256 5.51 31.29 -30.84
N VAL D 257 5.93 32.27 -31.64
CA VAL D 257 5.99 32.11 -33.09
C VAL D 257 7.03 31.06 -33.44
N ARG D 258 8.23 31.18 -32.90
CA ARG D 258 9.28 30.19 -33.16
C ARG D 258 8.93 28.77 -32.71
N ALA D 259 8.18 28.63 -31.61
CA ALA D 259 7.66 27.33 -31.17
C ALA D 259 6.63 26.75 -32.14
N GLY D 260 6.06 27.61 -32.98
CA GLY D 260 5.13 27.19 -34.01
C GLY D 260 3.70 27.39 -33.61
N THR D 261 3.41 28.44 -32.82
CA THR D 261 2.04 28.70 -32.48
C THR D 261 1.30 28.77 -33.81
N ASN D 262 0.16 28.09 -33.88
CA ASN D 262 -0.59 28.03 -35.12
C ASN D 262 -1.39 29.32 -35.36
N HIS D 263 -1.85 29.94 -34.28
CA HIS D 263 -2.61 31.19 -34.33
C HIS D 263 -2.21 32.12 -33.16
N ILE D 264 -2.60 33.38 -33.27
CA ILE D 264 -2.42 34.39 -32.23
C ILE D 264 -3.77 35.02 -32.02
N MET D 265 -4.15 35.24 -30.77
CA MET D 265 -5.35 36.03 -30.44
C MET D 265 -4.96 37.50 -30.24
N CYS D 266 -5.59 38.41 -30.98
CA CYS D 266 -5.43 39.85 -30.73
C CYS D 266 -6.32 40.29 -29.58
N SER D 267 -5.86 41.29 -28.83
CA SER D 267 -6.41 41.63 -27.52
C SER D 267 -7.52 42.67 -27.54
N TYR D 268 -8.14 42.84 -26.38
CA TYR D 268 -9.24 43.79 -26.20
C TYR D 268 -8.82 45.26 -26.20
N ASN D 269 -7.63 45.53 -25.66
CA ASN D 269 -7.11 46.90 -25.58
C ASN D 269 -6.79 47.46 -26.95
N ARG D 270 -6.80 48.79 -27.01
CA ARG D 270 -6.26 49.50 -28.15
C ARG D 270 -4.78 49.68 -27.86
N ILE D 271 -4.04 49.95 -28.92
CA ILE D 271 -2.63 50.28 -28.85
C ILE D 271 -2.54 51.55 -29.67
N ASN D 272 -2.02 52.61 -29.05
CA ASN D 272 -1.97 53.97 -29.66
C ASN D 272 -3.33 54.46 -30.18
N ASN D 273 -4.37 54.24 -29.39
CA ASN D 273 -5.74 54.60 -29.76
C ASN D 273 -6.30 53.91 -31.04
N THR D 274 -5.70 52.77 -31.42
CA THR D 274 -6.22 51.88 -32.44
C THR D 274 -6.37 50.44 -31.89
N HIS D 275 -7.53 49.83 -32.15
CA HIS D 275 -7.86 48.51 -31.57
C HIS D 275 -6.79 47.53 -31.97
N SER D 276 -6.37 46.67 -31.03
CA SER D 276 -5.30 45.73 -31.33
C SER D 276 -5.70 44.87 -32.54
N CYS D 277 -6.95 44.42 -32.54
CA CYS D 277 -7.47 43.54 -33.57
C CYS D 277 -7.64 44.19 -34.95
N SER D 278 -7.55 45.52 -35.04
CA SER D 278 -7.46 46.20 -36.33
C SER D 278 -6.31 47.22 -36.38
N ASN D 279 -5.18 46.84 -35.77
CA ASN D 279 -3.98 47.67 -35.71
C ASN D 279 -2.95 47.16 -36.72
N ALA D 280 -2.73 47.96 -37.77
CA ALA D 280 -1.92 47.54 -38.92
C ALA D 280 -0.45 47.41 -38.57
N LYS D 281 0.08 48.41 -37.86
CA LYS D 281 1.43 48.34 -37.31
C LYS D 281 1.63 47.09 -36.44
N GLY D 282 0.63 46.81 -35.58
CA GLY D 282 0.68 45.63 -34.73
C GLY D 282 0.64 44.30 -35.49
N LEU D 283 -0.39 44.11 -36.32
CA LEU D 283 -0.68 42.82 -36.88
C LEU D 283 0.04 42.61 -38.19
N ASN D 284 -0.06 43.55 -39.11
CA ASN D 284 0.57 43.40 -40.43
C ASN D 284 2.09 43.58 -40.41
N GLN D 285 2.56 44.57 -39.66
CA GLN D 285 4.01 44.87 -39.63
C GLN D 285 4.73 44.04 -38.59
N LEU D 286 4.50 44.33 -37.31
CA LEU D 286 5.27 43.70 -36.24
C LEU D 286 5.08 42.20 -36.21
N LEU D 287 3.83 41.74 -36.20
CA LEU D 287 3.54 40.29 -36.13
C LEU D 287 3.76 39.57 -37.46
N LYS D 288 3.05 39.98 -38.50
CA LYS D 288 3.10 39.26 -39.77
C LYS D 288 4.36 39.51 -40.63
N THR D 289 4.99 40.68 -40.51
CA THR D 289 6.21 40.98 -41.28
C THR D 289 7.47 40.73 -40.42
N GLU D 290 7.65 41.49 -39.35
CA GLU D 290 8.89 41.37 -38.59
C GLU D 290 9.03 39.98 -37.91
N LEU D 291 8.00 39.53 -37.18
CA LEU D 291 8.01 38.19 -36.63
C LEU D 291 7.73 37.08 -37.66
N ASN D 292 7.34 37.45 -38.88
CA ASN D 292 7.16 36.52 -40.01
C ASN D 292 6.08 35.46 -39.70
N PHE D 293 5.07 35.87 -38.92
CA PHE D 293 4.06 34.94 -38.45
C PHE D 293 3.23 34.41 -39.64
N GLN D 294 3.17 33.09 -39.76
CA GLN D 294 2.52 32.44 -40.91
C GLN D 294 1.10 31.95 -40.66
N GLY D 295 0.61 32.15 -39.43
CA GLY D 295 -0.69 31.63 -39.02
C GLY D 295 -1.73 32.70 -38.91
N GLY D 296 -2.81 32.37 -38.20
CA GLY D 296 -4.02 33.20 -38.13
C GLY D 296 -4.07 34.07 -36.90
N VAL D 297 -4.53 35.31 -37.06
CA VAL D 297 -4.87 36.17 -35.96
C VAL D 297 -6.37 35.97 -35.68
N VAL D 298 -6.69 35.52 -34.46
CA VAL D 298 -8.06 35.29 -34.02
C VAL D 298 -8.48 36.45 -33.13
N SER D 299 -9.69 36.94 -33.30
CA SER D 299 -10.14 38.04 -32.47
C SER D 299 -10.47 37.48 -31.10
N ASP D 300 -10.15 38.23 -30.04
CA ASP D 300 -10.74 37.93 -28.73
C ASP D 300 -12.26 38.10 -28.92
N TRP D 301 -13.04 37.63 -27.96
CA TRP D 301 -14.49 37.54 -28.11
C TRP D 301 -15.09 38.93 -27.84
N GLY D 302 -15.25 39.71 -28.90
CA GLY D 302 -15.58 41.13 -28.79
C GLY D 302 -14.38 42.06 -28.91
N GLY D 303 -13.26 41.54 -29.43
CA GLY D 303 -12.08 42.32 -29.74
C GLY D 303 -12.13 42.99 -31.10
N GLN D 304 -12.96 42.47 -32.00
CA GLN D 304 -13.24 43.09 -33.30
C GLN D 304 -14.34 44.17 -33.18
N TRP D 305 -14.02 45.37 -33.64
CA TRP D 305 -14.91 46.54 -33.58
C TRP D 305 -15.38 47.06 -34.97
N ASP D 306 -14.89 46.42 -36.03
CA ASP D 306 -14.83 46.97 -37.39
C ASP D 306 -15.08 45.86 -38.39
N SER D 307 -15.68 46.16 -39.53
CA SER D 307 -15.67 45.24 -40.66
C SER D 307 -14.40 45.49 -41.50
N VAL D 308 -14.27 46.71 -42.02
CA VAL D 308 -13.29 46.99 -43.07
C VAL D 308 -11.85 47.18 -42.56
N PRO D 309 -11.65 48.03 -41.52
CA PRO D 309 -10.29 48.14 -40.99
C PRO D 309 -9.72 46.81 -40.46
N ALA D 310 -10.53 46.03 -39.77
CA ALA D 310 -10.09 44.70 -39.30
C ALA D 310 -9.65 43.81 -40.49
N ALA D 311 -10.42 43.84 -41.57
CA ALA D 311 -10.10 43.07 -42.76
C ALA D 311 -8.80 43.53 -43.40
N GLU D 312 -8.56 44.83 -43.41
CA GLU D 312 -7.36 45.40 -44.01
C GLU D 312 -6.14 45.32 -43.11
N ASN D 313 -6.34 45.44 -41.81
CA ASN D 313 -5.22 45.70 -40.91
C ASN D 313 -4.68 44.46 -40.18
N GLY D 314 -5.10 43.26 -40.58
CA GLY D 314 -4.48 42.02 -40.08
C GLY D 314 -5.34 40.90 -39.50
N LEU D 315 -6.60 41.17 -39.15
CA LEU D 315 -7.45 40.12 -38.57
C LEU D 315 -7.76 39.00 -39.55
N ASP D 316 -7.80 37.76 -39.06
CA ASP D 316 -8.13 36.57 -39.89
C ASP D 316 -9.42 35.85 -39.50
N VAL D 317 -9.76 35.82 -38.20
CA VAL D 317 -10.92 35.06 -37.72
C VAL D 317 -11.78 35.90 -36.77
N ALA D 318 -13.02 36.16 -37.19
CA ALA D 318 -13.99 36.88 -36.36
C ALA D 318 -14.63 35.90 -35.37
N MET D 319 -14.47 36.16 -34.07
CA MET D 319 -15.03 35.31 -33.00
C MET D 319 -15.72 36.16 -31.96
N PRO D 320 -16.87 35.71 -31.41
CA PRO D 320 -17.47 34.41 -31.67
C PRO D 320 -18.46 34.35 -32.85
N GLY D 321 -18.67 35.47 -33.55
CA GLY D 321 -19.53 35.48 -34.73
C GLY D 321 -21.00 35.35 -34.39
N LYS D 322 -21.64 34.34 -34.95
CA LYS D 322 -23.04 34.05 -34.63
C LYS D 322 -23.28 33.56 -33.20
N GLY D 323 -22.24 33.06 -32.54
CA GLY D 323 -22.32 32.65 -31.13
C GLY D 323 -22.50 33.81 -30.18
N PHE D 324 -22.98 33.48 -28.98
CA PHE D 324 -23.29 34.46 -27.93
C PHE D 324 -24.39 35.44 -28.34
N LEU D 325 -25.39 34.91 -29.07
CA LEU D 325 -26.51 35.69 -29.62
C LEU D 325 -26.12 36.79 -30.63
N GLY D 326 -24.90 36.70 -31.20
CA GLY D 326 -24.35 37.77 -32.02
C GLY D 326 -24.09 39.07 -31.28
N ALA D 327 -24.11 39.01 -29.96
CA ALA D 327 -24.12 40.20 -29.12
C ALA D 327 -22.73 40.80 -28.99
N LEU D 328 -21.67 40.01 -29.23
CA LEU D 328 -20.28 40.47 -29.11
C LEU D 328 -19.78 41.10 -30.42
N GLY D 329 -20.71 41.66 -31.21
CA GLY D 329 -20.42 42.10 -32.56
C GLY D 329 -20.41 40.91 -33.50
N ASP D 330 -20.80 41.21 -34.73
CA ASP D 330 -20.87 40.22 -35.79
C ASP D 330 -20.56 40.98 -37.06
N PHE D 331 -19.29 41.37 -37.18
CA PHE D 331 -18.86 42.34 -38.21
C PHE D 331 -18.54 41.76 -39.59
N TRP D 332 -18.20 40.46 -39.66
CA TRP D 332 -17.98 39.80 -40.95
C TRP D 332 -19.18 38.89 -41.29
N GLY D 333 -18.94 37.67 -41.79
CA GLY D 333 -20.04 36.84 -42.28
C GLY D 333 -20.65 37.44 -43.53
N ALA D 334 -21.99 37.46 -43.57
CA ALA D 334 -22.75 38.06 -44.68
C ALA D 334 -22.27 39.47 -45.02
N THR D 335 -21.93 40.27 -44.00
CA THR D 335 -21.37 41.60 -44.21
C THR D 335 -20.05 41.57 -45.02
N LEU D 336 -19.21 40.58 -44.74
CA LEU D 336 -17.96 40.42 -45.49
C LEU D 336 -18.20 39.92 -46.91
N VAL D 337 -19.27 39.16 -47.13
CA VAL D 337 -19.65 38.77 -48.50
C VAL D 337 -19.95 40.04 -49.31
N GLU D 338 -20.87 40.86 -48.80
CA GLU D 338 -21.27 42.14 -49.42
C GLU D 338 -20.07 43.05 -49.67
N LEU D 339 -19.18 43.17 -48.68
CA LEU D 339 -17.99 44.01 -48.80
C LEU D 339 -17.01 43.53 -49.88
N ILE D 340 -16.88 42.21 -50.05
CA ILE D 340 -16.06 41.66 -51.12
C ILE D 340 -16.74 41.87 -52.47
N ASN D 341 -18.04 41.57 -52.53
CA ASN D 341 -18.79 41.57 -53.80
C ASN D 341 -19.01 42.98 -54.38
N ASN D 342 -19.10 44.00 -53.52
CA ASN D 342 -19.14 45.40 -54.00
C ASN D 342 -17.75 46.08 -54.07
N GLY D 343 -16.68 45.29 -54.02
CA GLY D 343 -15.33 45.79 -54.26
C GLY D 343 -14.67 46.62 -53.16
N THR D 344 -15.26 46.66 -51.97
CA THR D 344 -14.70 47.43 -50.84
C THR D 344 -13.51 46.69 -50.22
N VAL D 345 -13.66 45.38 -50.02
CA VAL D 345 -12.60 44.52 -49.47
C VAL D 345 -12.05 43.61 -50.58
N SER D 346 -10.72 43.51 -50.63
CA SER D 346 -10.03 42.65 -51.59
C SER D 346 -10.28 41.16 -51.33
N GLU D 347 -10.77 40.45 -52.35
CA GLU D 347 -10.97 38.99 -52.30
C GLU D 347 -9.70 38.19 -51.99
N ASP D 348 -8.58 38.55 -52.62
CA ASP D 348 -7.29 37.87 -52.39
C ASP D 348 -6.79 38.06 -50.97
N LEU D 349 -7.16 39.18 -50.35
CA LEU D 349 -6.79 39.47 -48.95
C LEU D 349 -7.52 38.48 -48.01
N VAL D 350 -8.81 38.33 -48.23
CA VAL D 350 -9.64 37.39 -47.48
C VAL D 350 -9.21 35.93 -47.72
N ARG D 351 -8.72 35.62 -48.92
CA ARG D 351 -8.18 34.28 -49.20
C ARG D 351 -6.98 33.96 -48.31
N ASP D 352 -6.09 34.94 -48.12
CA ASP D 352 -4.95 34.79 -47.21
C ASP D 352 -5.38 34.50 -45.75
N LYS D 353 -6.54 35.05 -45.36
CA LYS D 353 -7.09 34.77 -44.04
C LYS D 353 -7.43 33.31 -43.96
N ALA D 354 -8.17 32.82 -44.94
CA ALA D 354 -8.58 31.42 -44.97
C ALA D 354 -7.39 30.47 -45.07
N VAL D 355 -6.35 30.86 -45.81
CA VAL D 355 -5.13 30.06 -45.94
C VAL D 355 -4.48 29.88 -44.58
N ARG D 356 -4.29 31.00 -43.88
CA ARG D 356 -3.71 30.96 -42.55
C ARG D 356 -4.51 30.07 -41.59
N ILE D 357 -5.84 30.15 -41.67
CA ILE D 357 -6.71 29.32 -40.84
C ILE D 357 -6.48 27.84 -41.11
N LEU D 358 -6.49 27.49 -42.39
CA LEU D 358 -6.39 26.10 -42.81
C LEU D 358 -4.99 25.50 -42.65
N THR D 359 -3.95 26.32 -42.56
CA THR D 359 -2.59 25.76 -42.46
C THR D 359 -2.43 24.84 -41.24
N GLY D 360 -2.90 25.30 -40.08
CA GLY D 360 -2.87 24.51 -38.84
C GLY D 360 -3.58 23.16 -38.96
N TYR D 361 -4.77 23.20 -39.57
CA TYR D 361 -5.57 22.00 -39.85
C TYR D 361 -4.75 20.90 -40.52
N TYR D 362 -4.07 21.28 -41.61
CA TYR D 362 -3.26 20.31 -42.37
C TYR D 362 -1.93 20.01 -41.70
N TYR D 363 -1.30 20.99 -41.04
CA TYR D 363 0.00 20.75 -40.41
C TYR D 363 -0.12 19.73 -39.27
N LEU D 364 -1.15 19.86 -38.45
CA LEU D 364 -1.36 18.94 -37.34
C LEU D 364 -2.05 17.63 -37.72
N GLY D 365 -2.41 17.46 -38.99
CA GLY D 365 -2.99 16.22 -39.48
C GLY D 365 -4.43 16.00 -39.07
N GLN D 366 -5.19 17.09 -38.94
CA GLN D 366 -6.57 17.00 -38.50
C GLN D 366 -7.52 16.57 -39.63
N ASP D 367 -7.04 16.60 -40.88
CA ASP D 367 -7.78 16.01 -42.02
C ASP D 367 -7.75 14.48 -41.98
N THR D 368 -6.56 13.90 -41.84
CA THR D 368 -6.40 12.45 -41.89
C THR D 368 -6.51 11.78 -40.51
N ASN D 369 -6.29 12.54 -39.44
CA ASN D 369 -6.52 12.07 -38.06
C ASN D 369 -7.44 13.05 -37.31
N PRO D 370 -8.73 13.13 -37.69
CA PRO D 370 -9.59 14.10 -37.04
C PRO D 370 -9.79 13.82 -35.54
N PRO D 371 -9.92 14.87 -34.73
CA PRO D 371 -10.27 14.63 -33.35
C PRO D 371 -11.72 14.16 -33.23
N PRO D 372 -12.05 13.49 -32.12
CA PRO D 372 -13.40 12.99 -31.93
C PRO D 372 -14.39 14.14 -31.75
N PRO D 373 -15.70 13.83 -31.80
CA PRO D 373 -16.68 14.88 -31.54
C PRO D 373 -16.56 15.49 -30.13
N PHE D 374 -16.80 16.81 -30.05
CA PHE D 374 -16.85 17.55 -28.80
C PHE D 374 -18.30 17.49 -28.33
N VAL D 375 -18.44 17.26 -27.03
CA VAL D 375 -19.64 16.68 -26.46
C VAL D 375 -20.30 17.50 -25.32
N TYR D 376 -19.58 18.47 -24.76
CA TYR D 376 -20.09 19.27 -23.63
C TYR D 376 -20.52 20.67 -24.07
N ASN D 377 -21.71 21.09 -23.63
CA ASN D 377 -22.13 22.48 -23.75
C ASN D 377 -21.28 23.36 -22.79
N THR D 378 -20.24 24.00 -23.34
CA THR D 378 -19.39 24.88 -22.53
C THR D 378 -19.81 26.34 -22.54
N ILE D 379 -20.81 26.69 -23.36
CA ILE D 379 -21.37 28.04 -23.40
C ILE D 379 -22.30 28.31 -22.21
N GLY D 380 -23.30 27.43 -22.05
CA GLY D 380 -24.24 27.47 -20.94
C GLY D 380 -25.57 28.08 -21.31
N ALA D 381 -26.64 27.53 -20.75
CA ALA D 381 -28.00 28.06 -20.93
C ALA D 381 -28.13 29.37 -20.13
N PRO D 382 -28.94 30.34 -20.58
CA PRO D 382 -29.77 30.27 -21.79
C PRO D 382 -29.10 30.72 -23.11
N THR D 383 -27.82 31.08 -23.07
CA THR D 383 -27.10 31.51 -24.27
C THR D 383 -27.09 30.37 -25.33
N LEU D 384 -26.75 29.16 -24.89
CA LEU D 384 -26.93 27.96 -25.71
C LEU D 384 -27.72 26.93 -24.93
N ASN D 385 -28.87 26.55 -25.49
CA ASN D 385 -29.71 25.50 -24.95
C ASN D 385 -29.34 24.25 -25.70
N ALA D 386 -28.60 23.37 -25.04
CA ALA D 386 -28.17 22.11 -25.63
C ALA D 386 -27.65 21.19 -24.53
N THR D 387 -27.93 19.91 -24.70
CA THR D 387 -27.51 18.88 -23.76
C THR D 387 -26.04 18.56 -23.96
N SER D 388 -25.45 18.03 -22.89
CA SER D 388 -24.09 17.52 -22.88
C SER D 388 -24.10 16.00 -22.79
N GLY D 389 -23.19 15.37 -23.52
CA GLY D 389 -22.83 13.97 -23.27
C GLY D 389 -21.78 13.89 -22.18
N TYR D 390 -20.95 12.85 -22.25
CA TYR D 390 -19.93 12.60 -21.25
C TYR D 390 -18.78 11.78 -21.82
N ARG D 391 -17.56 12.19 -21.52
CA ARG D 391 -16.36 11.42 -21.85
C ARG D 391 -15.28 11.64 -20.79
N ASN D 392 -14.65 10.53 -20.36
CA ASN D 392 -13.53 10.53 -19.42
C ASN D 392 -12.23 10.45 -20.20
N VAL D 393 -11.40 11.47 -20.00
CA VAL D 393 -10.17 11.71 -20.74
C VAL D 393 -8.90 11.62 -19.83
N ARG D 394 -9.10 11.51 -18.52
CA ARG D 394 -8.01 11.44 -17.56
C ARG D 394 -7.18 10.16 -17.73
N LYS D 395 -5.88 10.31 -17.90
CA LYS D 395 -4.99 9.20 -18.16
C LYS D 395 -4.13 8.94 -16.93
N PRO D 396 -3.57 7.72 -16.82
CA PRO D 396 -2.58 7.46 -15.76
C PRO D 396 -1.40 8.39 -15.90
N GLY D 397 -0.86 8.79 -14.76
CA GLY D 397 0.27 9.71 -14.73
C GLY D 397 -0.07 11.20 -14.68
N THR D 398 -1.30 11.57 -15.01
CA THR D 398 -1.69 12.99 -15.06
C THR D 398 -1.82 13.60 -13.65
N ALA D 399 -2.53 12.92 -12.76
CA ALA D 399 -2.62 13.34 -11.34
C ALA D 399 -1.25 13.49 -10.69
N GLU D 400 -0.35 12.55 -10.98
CA GLU D 400 1.01 12.55 -10.41
C GLU D 400 1.86 13.71 -10.95
N LEU D 401 1.63 14.08 -12.21
CA LEU D 401 2.28 15.23 -12.82
C LEU D 401 1.78 16.52 -12.16
N ILE D 402 0.48 16.61 -11.93
CA ILE D 402 -0.11 17.77 -11.26
C ILE D 402 0.46 17.92 -9.84
N LYS D 403 0.53 16.82 -9.11
CA LYS D 403 1.17 16.77 -7.79
C LYS D 403 2.62 17.22 -7.88
N GLU D 404 3.39 16.67 -8.83
CA GLU D 404 4.81 17.04 -9.00
C GLU D 404 5.00 18.53 -9.30
N ILE D 405 4.06 19.12 -10.04
CA ILE D 405 4.11 20.54 -10.34
C ILE D 405 3.88 21.38 -9.08
N GLY D 406 2.92 20.97 -8.25
CA GLY D 406 2.72 21.59 -6.96
C GLY D 406 3.94 21.52 -6.05
N SER D 407 4.48 20.33 -5.91
CA SER D 407 5.64 20.10 -5.07
C SER D 407 6.93 20.76 -5.60
N ALA D 408 7.02 20.92 -6.91
CA ALA D 408 8.15 21.63 -7.52
C ALA D 408 8.00 23.16 -7.46
N SER D 409 6.78 23.65 -7.25
CA SER D 409 6.46 25.09 -7.27
C SER D 409 6.36 25.78 -5.90
N VAL D 410 5.76 25.10 -4.93
CA VAL D 410 5.47 25.71 -3.62
C VAL D 410 6.75 26.39 -3.09
N THR D 411 6.63 27.69 -2.79
CA THR D 411 7.80 28.54 -2.54
C THR D 411 7.88 28.94 -1.07
N LEU D 412 9.01 28.63 -0.45
CA LEU D 412 9.24 28.92 0.97
C LEU D 412 9.82 30.31 1.12
N LEU D 413 9.05 31.21 1.71
CA LEU D 413 9.46 32.61 1.85
C LEU D 413 10.11 32.92 3.21
N LYS D 414 9.63 32.30 4.29
CA LYS D 414 10.19 32.48 5.65
C LYS D 414 10.33 31.13 6.34
N ASN D 415 11.39 30.96 7.12
CA ASN D 415 11.58 29.73 7.91
C ASN D 415 12.59 29.99 9.04
N THR D 416 12.07 30.28 10.23
CA THR D 416 12.90 30.48 11.42
C THR D 416 13.28 29.16 12.12
N GLY D 417 12.88 28.02 11.54
CA GLY D 417 13.28 26.69 12.02
C GLY D 417 12.14 25.73 12.38
N SER D 418 10.88 26.17 12.22
CA SER D 418 9.73 25.28 12.38
C SER D 418 9.63 24.21 11.28
N LEU D 419 10.20 24.46 10.10
CA LEU D 419 10.13 23.49 8.97
C LEU D 419 11.51 22.93 8.66
N PRO D 420 11.62 21.67 8.21
CA PRO D 420 10.53 20.72 8.07
C PRO D 420 9.97 20.24 9.40
N LEU D 421 8.70 19.82 9.37
CA LEU D 421 8.07 19.23 10.52
C LEU D 421 8.70 17.86 10.82
N LYS D 422 8.71 17.50 12.10
CA LYS D 422 9.14 16.17 12.54
C LYS D 422 7.88 15.32 12.63
N HIS D 423 7.31 15.19 13.84
CA HIS D 423 6.16 14.32 14.07
C HIS D 423 5.24 14.99 15.08
N PRO D 424 4.72 16.21 14.77
CA PRO D 424 3.86 16.94 15.72
C PRO D 424 2.62 16.15 16.15
N GLN D 425 2.28 16.25 17.44
CA GLN D 425 1.21 15.44 18.02
C GLN D 425 -0.14 16.17 18.16
N ARG D 426 -0.13 17.51 18.14
CA ARG D 426 -1.35 18.30 18.31
C ARG D 426 -1.31 19.43 17.27
N ILE D 427 -2.13 19.28 16.22
CA ILE D 427 -2.03 20.09 15.00
C ILE D 427 -3.33 20.87 14.87
N ALA D 428 -3.25 22.19 14.75
CA ALA D 428 -4.43 23.00 14.44
C ALA D 428 -4.35 23.52 13.00
N VAL D 429 -5.50 23.72 12.38
CA VAL D 429 -5.61 24.18 11.00
C VAL D 429 -6.64 25.30 10.96
N LEU D 430 -6.28 26.42 10.35
CA LEU D 430 -7.18 27.57 10.26
C LEU D 430 -7.45 27.90 8.80
N GLY D 431 -8.72 28.20 8.50
CA GLY D 431 -9.09 28.83 7.25
C GLY D 431 -9.94 27.93 6.36
N ASN D 432 -10.99 28.51 5.80
CA ASN D 432 -11.78 27.92 4.73
C ASN D 432 -10.93 27.34 3.60
N ASP D 433 -9.82 28.02 3.27
CA ASP D 433 -8.87 27.56 2.23
C ASP D 433 -8.31 26.13 2.44
N ALA D 434 -8.30 25.67 3.70
CA ALA D 434 -7.86 24.31 4.04
C ALA D 434 -8.79 23.17 3.59
N THR D 435 -10.04 23.48 3.26
CA THR D 435 -11.03 22.44 2.90
C THR D 435 -11.82 22.80 1.64
N TYR D 436 -12.89 22.05 1.38
CA TYR D 436 -13.68 22.19 0.16
C TYR D 436 -14.54 23.46 0.12
N ASN D 437 -14.75 23.98 -1.10
CA ASN D 437 -15.86 24.88 -1.41
C ASN D 437 -17.12 24.26 -0.79
N VAL D 438 -17.89 25.09 -0.10
CA VAL D 438 -18.99 24.57 0.70
C VAL D 438 -20.21 24.15 -0.18
N LEU D 439 -20.21 24.59 -1.44
CA LEU D 439 -21.24 24.19 -2.40
C LEU D 439 -20.74 23.15 -3.42
N GLY D 440 -19.47 22.75 -3.30
CA GLY D 440 -18.85 21.80 -4.23
C GLY D 440 -17.78 22.48 -5.06
N PRO D 441 -16.72 21.72 -5.47
CA PRO D 441 -15.58 22.31 -6.20
C PRO D 441 -15.94 23.11 -7.47
N ASN D 442 -17.02 22.72 -8.16
CA ASN D 442 -17.44 23.38 -9.40
C ASN D 442 -18.66 24.31 -9.23
N ALA D 443 -19.05 24.59 -7.98
CA ALA D 443 -20.23 25.39 -7.70
C ALA D 443 -20.22 26.78 -8.35
N CYS D 444 -19.04 27.37 -8.50
CA CYS D 444 -18.91 28.69 -9.12
C CYS D 444 -19.08 28.72 -10.65
N GLY D 445 -19.41 27.59 -11.27
CA GLY D 445 -19.83 27.53 -12.67
C GLY D 445 -18.74 27.23 -13.69
N LEU D 446 -19.10 27.41 -14.94
CA LEU D 446 -18.23 27.10 -16.08
C LEU D 446 -16.98 27.98 -16.17
N ALA D 447 -16.99 29.12 -15.48
CA ALA D 447 -15.86 30.04 -15.45
C ALA D 447 -15.34 30.33 -14.05
N ASN D 448 -15.71 29.50 -13.06
CA ASN D 448 -15.26 29.61 -11.68
C ASN D 448 -15.43 31.02 -11.11
N SER D 449 -16.56 31.65 -11.44
CA SER D 449 -16.78 33.07 -11.14
C SER D 449 -18.20 33.48 -10.75
N ALA D 450 -19.12 32.51 -10.64
CA ALA D 450 -20.55 32.79 -10.39
C ALA D 450 -21.01 32.56 -8.94
N CYS D 451 -20.10 32.16 -8.04
CA CYS D 451 -20.44 32.07 -6.61
C CYS D 451 -20.60 33.46 -6.01
N ASP D 452 -21.44 33.54 -4.99
CA ASP D 452 -21.65 34.78 -4.26
C ASP D 452 -20.33 35.37 -3.73
N ILE D 453 -20.24 36.71 -3.74
CA ILE D 453 -19.14 37.50 -3.14
C ILE D 453 -18.59 36.97 -1.79
N ASP D 454 -19.47 36.50 -0.91
CA ASP D 454 -19.09 36.03 0.44
C ASP D 454 -18.93 34.50 0.56
N ASN D 455 -19.08 33.76 -0.53
CA ASN D 455 -19.05 32.30 -0.45
C ASN D 455 -17.69 31.77 -0.01
N LEU D 456 -17.73 30.72 0.79
CA LEU D 456 -16.52 30.00 1.17
C LEU D 456 -16.19 29.03 0.04
N ASN D 457 -15.26 29.46 -0.82
CA ASN D 457 -14.89 28.73 -2.03
C ASN D 457 -13.87 27.61 -1.80
N GLY D 458 -13.51 27.38 -0.53
CA GLY D 458 -12.46 26.41 -0.19
C GLY D 458 -11.13 26.73 -0.82
N THR D 459 -10.35 25.68 -1.09
CA THR D 459 -8.99 25.84 -1.60
C THR D 459 -8.95 26.50 -2.99
N LEU D 460 -8.10 27.53 -3.11
CA LEU D 460 -7.99 28.25 -4.36
C LEU D 460 -7.06 27.47 -5.25
N THR D 461 -7.65 26.57 -6.05
CA THR D 461 -6.88 25.70 -6.94
C THR D 461 -6.67 26.35 -8.32
N THR D 462 -7.57 27.28 -8.66
CA THR D 462 -7.44 28.06 -9.89
C THR D 462 -8.10 29.41 -9.73
N GLY D 463 -7.85 30.32 -10.66
CA GLY D 463 -8.47 31.66 -10.62
C GLY D 463 -9.78 31.70 -11.39
N GLY D 464 -10.28 32.90 -11.60
CA GLY D 464 -11.60 33.12 -12.19
C GLY D 464 -11.55 33.50 -13.65
N GLY D 465 -12.57 33.06 -14.40
CA GLY D 465 -12.72 33.41 -15.82
C GLY D 465 -12.43 32.30 -16.82
N SER D 466 -12.11 32.71 -18.04
CA SER D 466 -11.92 31.80 -19.17
C SER D 466 -10.75 30.83 -19.02
N GLY D 467 -9.76 31.22 -18.22
CA GLY D 467 -8.64 30.35 -17.88
C GLY D 467 -8.82 29.34 -16.76
N SER D 468 -10.02 29.25 -16.18
CA SER D 468 -10.32 28.24 -15.16
C SER D 468 -10.63 26.91 -15.83
N ALA D 469 -10.87 25.89 -15.00
CA ALA D 469 -11.40 24.63 -15.48
C ALA D 469 -12.07 23.87 -14.33
N LEU D 470 -12.99 22.97 -14.70
CA LEU D 470 -13.68 22.10 -13.74
C LEU D 470 -12.70 21.15 -13.08
N SER D 471 -13.16 20.49 -12.03
CA SER D 471 -12.32 19.66 -11.17
C SER D 471 -13.07 18.38 -10.85
N PRO D 472 -12.43 17.21 -11.05
CA PRO D 472 -13.08 15.97 -10.66
C PRO D 472 -13.15 15.78 -9.13
N TYR D 473 -12.23 16.44 -8.42
CA TYR D 473 -12.18 16.42 -6.97
C TYR D 473 -11.17 17.48 -6.55
N THR D 474 -11.08 17.78 -5.26
CA THR D 474 -9.93 18.54 -4.76
C THR D 474 -9.34 17.77 -3.59
N ILE D 475 -8.01 17.60 -3.63
CA ILE D 475 -7.27 17.05 -2.52
C ILE D 475 -7.01 18.26 -1.64
N THR D 476 -7.78 18.40 -0.57
CA THR D 476 -7.67 19.55 0.31
C THR D 476 -6.44 19.47 1.22
N PRO D 477 -5.89 20.63 1.59
CA PRO D 477 -4.81 20.63 2.57
C PRO D 477 -5.15 19.89 3.87
N LEU D 478 -6.40 20.00 4.35
CA LEU D 478 -6.83 19.30 5.56
C LEU D 478 -6.86 17.77 5.39
N GLU D 479 -7.29 17.29 4.23
CA GLU D 479 -7.28 15.86 3.96
C GLU D 479 -5.84 15.35 4.05
N ALA D 480 -4.93 16.04 3.36
CA ALA D 480 -3.53 15.63 3.31
C ALA D 480 -2.86 15.66 4.67
N LEU D 481 -3.10 16.72 5.42
CA LEU D 481 -2.50 16.89 6.75
C LEU D 481 -3.02 15.86 7.74
N GLN D 482 -4.31 15.55 7.68
CA GLN D 482 -4.92 14.49 8.53
C GLN D 482 -4.34 13.11 8.28
N LYS D 483 -4.17 12.75 7.02
CA LYS D 483 -3.57 11.47 6.64
C LYS D 483 -2.21 11.30 7.33
N ARG D 484 -1.41 12.35 7.26
CA ARG D 484 -0.10 12.36 7.91
C ARG D 484 -0.19 12.41 9.44
N ALA D 485 -1.13 13.19 9.99
CA ALA D 485 -1.39 13.17 11.43
C ALA D 485 -1.71 11.76 11.94
N ILE D 486 -2.60 11.05 11.24
CA ILE D 486 -3.00 9.69 11.59
C ILE D 486 -1.81 8.71 11.58
N GLU D 487 -0.90 8.85 10.61
CA GLU D 487 0.34 8.05 10.56
C GLU D 487 1.25 8.26 11.79
N ASP D 488 1.25 9.47 12.33
CA ASP D 488 2.03 9.81 13.53
C ASP D 488 1.28 9.59 14.85
N ASN D 489 0.08 8.99 14.81
CA ASN D 489 -0.82 8.83 15.98
C ASN D 489 -1.14 10.17 16.68
N ALA D 490 -1.24 11.23 15.87
CA ALA D 490 -1.48 12.59 16.34
C ALA D 490 -2.96 12.93 16.32
N GLU D 491 -3.30 14.09 16.86
CA GLU D 491 -4.66 14.62 16.73
C GLU D 491 -4.62 15.90 15.87
N ILE D 492 -5.70 16.18 15.17
CA ILE D 492 -5.77 17.32 14.26
C ILE D 492 -7.20 17.87 14.21
N ALA D 493 -7.30 19.21 14.16
CA ALA D 493 -8.57 19.92 14.22
C ALA D 493 -8.47 21.22 13.43
N ALA D 494 -9.49 21.48 12.60
CA ALA D 494 -9.52 22.63 11.72
C ALA D 494 -10.70 23.53 12.05
N VAL D 495 -10.47 24.85 12.08
CA VAL D 495 -11.57 25.83 12.05
C VAL D 495 -11.62 26.39 10.63
N VAL D 496 -12.68 26.01 9.92
CA VAL D 496 -12.83 26.27 8.48
C VAL D 496 -14.03 27.17 8.17
N ALA D 497 -14.68 27.73 9.19
CA ALA D 497 -15.75 28.71 8.98
C ALA D 497 -15.15 30.09 8.68
N ASN D 498 -16.02 31.05 8.40
CA ASN D 498 -15.62 32.45 8.38
C ASN D 498 -15.47 32.87 9.83
N SER D 499 -14.27 33.27 10.22
CA SER D 499 -13.95 33.52 11.62
C SER D 499 -14.65 34.78 12.21
N ASN D 500 -15.09 35.69 11.34
CA ASN D 500 -15.77 36.93 11.75
C ASN D 500 -17.30 36.74 11.86
N THR D 501 -17.91 36.12 10.85
CA THR D 501 -19.38 36.04 10.73
C THR D 501 -20.04 34.79 11.34
N THR D 502 -19.27 33.72 11.61
CA THR D 502 -19.85 32.50 12.18
C THR D 502 -19.76 32.49 13.71
N THR D 503 -20.91 32.30 14.37
CA THR D 503 -20.97 32.40 15.83
C THR D 503 -20.20 31.25 16.50
N GLY D 504 -19.37 31.58 17.48
CA GLY D 504 -18.48 30.62 18.14
C GLY D 504 -17.07 30.50 17.56
N ALA D 505 -16.84 31.03 16.36
CA ALA D 505 -15.62 30.71 15.62
C ALA D 505 -14.37 31.25 16.30
N GLU D 506 -14.37 32.55 16.60
CA GLU D 506 -13.30 33.19 17.35
C GLU D 506 -12.98 32.48 18.68
N ASP D 507 -14.02 32.16 19.46
CA ASP D 507 -13.84 31.41 20.72
C ASP D 507 -13.27 30.00 20.49
N ALA D 508 -13.71 29.33 19.44
CA ALA D 508 -13.18 28.01 19.08
C ALA D 508 -11.69 28.09 18.79
N ILE D 509 -11.30 29.09 18.00
CA ILE D 509 -9.90 29.34 17.65
C ILE D 509 -9.09 29.68 18.88
N ALA D 510 -9.65 30.51 19.76
CA ALA D 510 -8.98 30.91 20.99
C ALA D 510 -8.70 29.70 21.90
N ALA D 511 -9.65 28.78 21.99
CA ALA D 511 -9.52 27.57 22.80
C ALA D 511 -8.62 26.50 22.18
N LEU D 512 -8.59 26.41 20.85
CA LEU D 512 -7.88 25.32 20.14
C LEU D 512 -6.37 25.55 20.03
N LEU D 513 -5.99 26.78 19.69
CA LEU D 513 -4.59 27.12 19.36
C LEU D 513 -3.50 26.99 20.45
N PRO D 514 -3.78 27.44 21.69
CA PRO D 514 -2.69 27.46 22.74
C PRO D 514 -1.96 26.12 22.95
N ASP D 515 -2.69 25.02 22.93
CA ASP D 515 -2.12 23.68 23.11
C ASP D 515 -1.49 23.03 21.88
N ALA D 516 -1.71 23.62 20.70
CA ALA D 516 -1.25 23.01 19.45
C ALA D 516 0.26 23.17 19.27
N ASP D 517 0.91 22.09 18.84
CA ASP D 517 2.34 22.08 18.56
C ASP D 517 2.69 22.92 17.34
N VAL D 518 1.75 22.94 16.40
CA VAL D 518 1.86 23.72 15.19
C VAL D 518 0.47 24.12 14.74
N THR D 519 0.35 25.37 14.31
CA THR D 519 -0.89 25.89 13.79
C THR D 519 -0.63 26.26 12.34
N PHE D 520 -1.38 25.62 11.45
CA PHE D 520 -1.37 25.98 10.06
C PHE D 520 -2.49 26.96 9.79
N VAL D 521 -2.16 28.05 9.12
CA VAL D 521 -3.16 28.96 8.60
C VAL D 521 -3.09 28.95 7.08
N PHE D 522 -4.22 28.66 6.46
CA PHE D 522 -4.36 28.63 5.02
C PHE D 522 -5.07 29.91 4.57
N LEU D 523 -4.41 30.66 3.68
CA LEU D 523 -4.92 31.95 3.18
C LEU D 523 -5.19 31.92 1.67
N ASN D 524 -6.12 32.78 1.26
CA ASN D 524 -6.73 32.83 -0.08
C ASN D 524 -6.61 34.20 -0.68
N ARG D 525 -6.54 34.28 -2.01
CA ARG D 525 -6.86 35.54 -2.72
C ARG D 525 -7.34 35.29 -4.16
N TYR D 526 -8.65 35.07 -4.27
CA TYR D 526 -9.35 35.01 -5.55
C TYR D 526 -9.19 36.32 -6.34
N SER D 527 -8.92 36.20 -7.64
CA SER D 527 -9.14 37.28 -8.62
C SER D 527 -9.60 36.61 -9.94
N GLU D 528 -9.94 37.43 -10.93
CA GLU D 528 -10.56 36.93 -12.16
C GLU D 528 -10.33 37.81 -13.37
N GLU D 529 -10.55 37.22 -14.54
CA GLU D 529 -10.79 37.94 -15.78
C GLU D 529 -11.85 39.04 -15.58
N GLY D 530 -11.62 40.20 -16.18
CA GLY D 530 -12.64 41.27 -16.27
C GLY D 530 -12.70 42.25 -15.11
N ALA D 531 -11.80 42.08 -14.16
CA ALA D 531 -11.63 43.01 -13.06
C ALA D 531 -10.21 42.89 -12.59
N ASP D 532 -9.68 43.95 -11.99
CA ASP D 532 -8.35 43.89 -11.36
C ASP D 532 -8.54 43.89 -9.87
N ALA D 533 -7.50 43.46 -9.16
CA ALA D 533 -7.51 43.47 -7.71
C ALA D 533 -7.47 44.93 -7.27
N PRO D 534 -8.31 45.31 -6.29
CA PRO D 534 -8.36 46.70 -5.87
C PRO D 534 -7.12 47.09 -5.08
N ASP D 535 -6.50 46.10 -4.43
CA ASP D 535 -5.31 46.29 -3.63
C ASP D 535 -4.70 44.90 -3.35
N PHE D 536 -3.69 44.84 -2.50
CA PHE D 536 -3.05 43.59 -2.14
C PHE D 536 -3.76 42.79 -1.02
N SER D 537 -4.94 43.20 -0.58
CA SER D 537 -5.51 42.64 0.63
C SER D 537 -5.98 41.18 0.43
N LEU D 538 -5.81 40.38 1.48
CA LEU D 538 -6.16 38.95 1.47
C LEU D 538 -7.67 38.77 1.27
N GLY D 539 -8.02 37.62 0.73
CA GLY D 539 -9.41 37.26 0.51
C GLY D 539 -10.10 36.84 1.78
N GLY D 540 -11.42 36.98 1.79
CA GLY D 540 -12.26 36.54 2.89
C GLY D 540 -11.80 37.11 4.22
N ASP D 541 -11.75 36.24 5.23
CA ASP D 541 -11.38 36.62 6.59
C ASP D 541 -9.87 36.45 6.88
N GLY D 542 -9.02 36.40 5.85
CA GLY D 542 -7.58 36.19 6.02
C GLY D 542 -6.93 37.07 7.07
N ASP D 543 -7.17 38.38 6.97
CA ASP D 543 -6.59 39.33 7.93
C ASP D 543 -6.96 38.97 9.37
N ASN D 544 -8.23 38.63 9.59
CA ASN D 544 -8.70 38.22 10.91
C ASN D 544 -8.10 36.88 11.35
N LEU D 545 -7.98 35.90 10.44
CA LEU D 545 -7.36 34.59 10.79
C LEU D 545 -5.93 34.76 11.32
N MET D 546 -5.14 35.57 10.61
CA MET D 546 -3.77 35.90 11.02
C MET D 546 -3.66 36.67 12.33
N ASP D 547 -4.54 37.66 12.53
CA ASP D 547 -4.57 38.38 13.82
C ASP D 547 -4.79 37.43 14.98
N LEU D 548 -5.84 36.61 14.88
CA LEU D 548 -6.15 35.60 15.92
C LEU D 548 -5.01 34.58 16.07
N ALA D 549 -4.45 34.13 14.94
CA ALA D 549 -3.43 33.08 14.93
C ALA D 549 -2.22 33.47 15.77
N VAL D 550 -1.69 34.66 15.51
CA VAL D 550 -0.49 35.13 16.22
C VAL D 550 -0.78 35.58 17.67
N THR D 551 -2.04 35.82 18.01
CA THR D 551 -2.46 36.06 19.40
C THR D 551 -2.39 34.78 20.24
N TYR D 552 -2.81 33.65 19.67
CA TYR D 552 -2.95 32.41 20.45
C TYR D 552 -1.92 31.29 20.19
N SER D 553 -1.00 31.49 19.26
CA SER D 553 0.00 30.46 18.95
C SER D 553 1.33 31.11 18.55
N SER D 554 2.44 30.48 18.92
CA SER D 554 3.77 30.97 18.56
C SER D 554 4.56 30.00 17.67
N ASN D 555 3.85 29.08 17.02
CA ASN D 555 4.38 28.29 15.92
C ASN D 555 3.33 28.29 14.79
N VAL D 556 3.19 29.45 14.14
CA VAL D 556 2.27 29.62 13.03
C VAL D 556 2.99 29.38 11.69
N VAL D 557 2.46 28.42 10.92
CA VAL D 557 2.95 28.14 9.57
C VAL D 557 1.85 28.57 8.60
N VAL D 558 2.18 29.53 7.74
CA VAL D 558 1.25 30.14 6.80
C VAL D 558 1.46 29.64 5.37
N VAL D 559 0.37 29.25 4.72
CA VAL D 559 0.37 28.79 3.34
C VAL D 559 -0.65 29.61 2.56
N ILE D 560 -0.26 30.16 1.42
CA ILE D 560 -1.09 31.08 0.68
C ILE D 560 -1.39 30.49 -0.68
N HIS D 561 -2.67 30.40 -1.00
CA HIS D 561 -3.13 30.05 -2.33
C HIS D 561 -3.65 31.32 -2.97
N THR D 562 -3.08 31.71 -4.11
CA THR D 562 -3.33 33.04 -4.62
C THR D 562 -3.02 33.21 -6.09
N THR D 563 -3.70 34.20 -6.69
CA THR D 563 -3.44 34.60 -8.07
C THR D 563 -2.31 35.62 -8.23
N GLY D 564 -1.78 36.14 -7.11
CA GLY D 564 -0.72 37.14 -7.15
C GLY D 564 -0.26 37.57 -5.77
N VAL D 565 0.54 38.63 -5.75
CA VAL D 565 1.09 39.19 -4.51
C VAL D 565 -0.02 39.66 -3.56
N VAL D 566 0.19 39.37 -2.27
CA VAL D 566 -0.72 39.80 -1.21
C VAL D 566 0.01 40.53 -0.08
N ASP D 567 -0.78 41.28 0.70
CA ASP D 567 -0.30 42.10 1.80
C ASP D 567 -0.21 41.24 3.07
N ILE D 568 1.03 40.90 3.46
CA ILE D 568 1.31 40.15 4.69
C ILE D 568 2.25 40.94 5.64
N GLU D 569 2.27 42.26 5.47
CA GLU D 569 3.17 43.13 6.22
C GLU D 569 2.87 43.18 7.71
N LYS D 570 1.61 43.01 8.07
CA LYS D 570 1.19 43.04 9.46
C LYS D 570 1.68 41.85 10.30
N TRP D 571 2.14 40.77 9.65
CA TRP D 571 2.53 39.54 10.33
C TRP D 571 3.87 38.92 9.88
N ALA D 572 4.30 39.17 8.64
CA ALA D 572 5.60 38.69 8.13
C ALA D 572 6.76 38.73 9.14
N ASP D 573 6.90 39.83 9.86
CA ASP D 573 7.99 40.00 10.86
C ASP D 573 7.60 39.65 12.29
N ASN D 574 6.37 39.19 12.50
CA ASN D 574 5.92 38.68 13.80
C ASN D 574 6.61 37.35 14.03
N PRO D 575 7.40 37.22 15.12
CA PRO D 575 8.10 35.94 15.37
C PRO D 575 7.18 34.71 15.60
N ASN D 576 5.92 34.93 15.95
CA ASN D 576 4.97 33.83 16.06
C ASN D 576 4.66 33.17 14.70
N VAL D 577 4.87 33.89 13.60
CA VAL D 577 4.85 33.30 12.25
C VAL D 577 6.24 32.73 11.97
N THR D 578 6.39 31.43 12.13
CA THR D 578 7.69 30.76 11.96
C THR D 578 7.96 30.32 10.54
N ALA D 579 6.93 30.16 9.71
CA ALA D 579 7.14 29.87 8.29
C ALA D 579 6.02 30.40 7.43
N ILE D 580 6.40 30.81 6.22
CA ILE D 580 5.47 31.31 5.21
C ILE D 580 5.78 30.64 3.87
N LEU D 581 4.75 30.09 3.21
CA LEU D 581 4.89 29.53 1.87
C LEU D 581 3.82 30.08 0.96
N VAL D 582 4.17 30.26 -0.32
CA VAL D 582 3.19 30.59 -1.37
C VAL D 582 3.08 29.38 -2.32
N ALA D 583 1.86 28.86 -2.49
CA ALA D 583 1.57 27.65 -3.28
C ALA D 583 0.88 27.93 -4.60
N TYR D 584 0.55 29.20 -4.84
CA TYR D 584 -0.04 29.70 -6.08
C TYR D 584 -1.40 29.02 -6.35
N LEU D 585 -1.62 28.49 -7.56
CA LEU D 585 -2.86 27.83 -7.95
C LEU D 585 -2.48 26.43 -8.42
N PRO D 586 -2.44 25.45 -7.47
CA PRO D 586 -1.84 24.13 -7.76
C PRO D 586 -2.77 23.13 -8.43
N GLY D 587 -4.03 23.49 -8.69
CA GLY D 587 -4.96 22.57 -9.30
C GLY D 587 -5.50 21.53 -8.33
N GLN D 588 -5.97 20.42 -8.89
CA GLN D 588 -6.70 19.41 -8.12
C GLN D 588 -5.88 18.75 -6.99
N GLU D 589 -4.57 18.65 -7.17
CA GLU D 589 -3.70 17.96 -6.21
C GLU D 589 -3.11 18.93 -5.17
N ALA D 590 -3.95 19.77 -4.58
CA ALA D 590 -3.47 20.87 -3.73
C ALA D 590 -2.79 20.37 -2.45
N GLY D 591 -3.49 19.53 -1.70
CA GLY D 591 -3.00 19.06 -0.42
C GLY D 591 -1.84 18.09 -0.50
N ASN D 592 -1.96 17.08 -1.37
CA ASN D 592 -0.93 16.03 -1.49
C ASN D 592 0.38 16.52 -2.09
N SER D 593 0.36 17.64 -2.82
CA SER D 593 1.60 18.28 -3.30
C SER D 593 2.34 19.03 -2.18
N LEU D 594 1.58 19.65 -1.29
CA LEU D 594 2.12 20.55 -0.26
C LEU D 594 2.67 19.82 0.95
N VAL D 595 1.92 18.84 1.45
CA VAL D 595 2.26 18.18 2.70
C VAL D 595 3.63 17.49 2.71
N PRO D 596 4.01 16.78 1.63
CA PRO D 596 5.34 16.16 1.60
C PRO D 596 6.47 17.16 1.74
N VAL D 597 6.23 18.39 1.28
CA VAL D 597 7.21 19.47 1.44
C VAL D 597 7.25 19.95 2.89
N LEU D 598 6.07 20.17 3.47
CA LEU D 598 5.98 20.59 4.88
C LEU D 598 6.72 19.65 5.82
N TYR D 599 6.55 18.35 5.57
CA TYR D 599 7.07 17.30 6.44
C TYR D 599 8.47 16.82 6.07
N GLY D 600 9.04 17.38 4.99
CA GLY D 600 10.43 17.15 4.63
C GLY D 600 10.76 15.95 3.74
N ASP D 601 9.74 15.39 3.10
CA ASP D 601 9.94 14.31 2.13
C ASP D 601 10.72 14.83 0.92
N VAL D 602 10.33 16.01 0.44
CA VAL D 602 11.16 16.79 -0.50
C VAL D 602 11.34 18.19 0.03
N ALA D 603 12.50 18.79 -0.26
CA ALA D 603 12.74 20.17 0.13
C ALA D 603 12.00 21.08 -0.86
N PRO D 604 11.46 22.22 -0.39
CA PRO D 604 10.87 23.17 -1.37
C PRO D 604 11.96 23.72 -2.28
N SER D 605 11.64 23.85 -3.56
CA SER D 605 12.60 24.29 -4.56
C SER D 605 12.04 25.32 -5.54
N GLY D 606 10.83 25.81 -5.28
CA GLY D 606 10.23 26.85 -6.09
C GLY D 606 10.75 28.23 -5.74
N LYS D 607 10.61 29.15 -6.68
CA LYS D 607 11.08 30.53 -6.51
C LYS D 607 10.11 31.48 -7.21
N LEU D 608 9.98 32.69 -6.64
CA LEU D 608 8.97 33.66 -7.12
C LEU D 608 9.19 34.02 -8.61
N PRO D 609 8.11 33.95 -9.42
CA PRO D 609 8.16 34.39 -10.82
C PRO D 609 7.82 35.87 -11.01
N TRP D 610 7.63 36.59 -9.91
CA TRP D 610 7.50 38.05 -9.91
C TRP D 610 7.99 38.65 -8.58
N THR D 611 7.99 39.97 -8.46
CA THR D 611 8.48 40.67 -7.28
C THR D 611 7.38 40.77 -6.23
N TRP D 612 7.74 40.68 -4.95
CA TRP D 612 6.79 40.81 -3.82
C TRP D 612 7.17 42.06 -3.01
N GLY D 613 6.66 43.21 -3.44
CA GLY D 613 6.96 44.49 -2.79
C GLY D 613 6.18 44.64 -1.50
N LYS D 614 6.69 45.46 -0.59
CA LYS D 614 6.03 45.71 0.70
C LYS D 614 4.73 46.52 0.52
N SER D 615 4.66 47.32 -0.52
CA SER D 615 3.50 48.15 -0.75
C SER D 615 3.23 48.28 -2.24
N ILE D 616 1.94 48.25 -2.60
CA ILE D 616 1.48 48.52 -3.99
C ILE D 616 2.07 49.82 -4.59
N ASP D 617 2.27 50.81 -3.73
CA ASP D 617 2.85 52.10 -4.10
C ASP D 617 4.33 52.06 -4.51
N ASP D 618 5.01 50.91 -4.31
CA ASP D 618 6.39 50.69 -4.75
C ASP D 618 6.52 50.27 -6.22
N TYR D 619 5.40 49.87 -6.82
CA TYR D 619 5.40 49.35 -8.19
C TYR D 619 5.35 50.46 -9.22
N VAL D 620 5.46 50.06 -10.49
CA VAL D 620 5.27 50.96 -11.63
C VAL D 620 4.04 51.84 -11.40
N PRO D 621 4.20 53.19 -11.49
CA PRO D 621 3.07 54.12 -11.40
C PRO D 621 1.97 53.89 -12.46
N ASN D 622 0.72 54.10 -12.07
CA ASN D 622 -0.46 53.95 -12.92
C ASN D 622 -0.58 52.56 -13.56
N GLY D 623 -0.47 51.54 -12.71
CA GLY D 623 -0.52 50.15 -13.16
C GLY D 623 -1.90 49.77 -13.65
N VAL D 624 -2.93 50.33 -13.03
CA VAL D 624 -4.29 50.21 -13.53
C VAL D 624 -4.95 51.58 -13.50
N VAL D 625 -5.41 52.04 -14.68
CA VAL D 625 -6.03 53.36 -14.80
C VAL D 625 -7.54 53.20 -14.72
N TYR D 626 -8.13 54.06 -13.87
CA TYR D 626 -9.56 54.18 -13.66
C TYR D 626 -10.09 55.53 -14.19
N THR D 627 -10.86 55.51 -15.29
CA THR D 627 -11.59 56.69 -15.79
C THR D 627 -12.97 56.33 -16.32
N ASP D 628 -13.87 57.31 -16.35
CA ASP D 628 -15.13 57.24 -17.12
C ASP D 628 -15.03 57.91 -18.50
N ALA D 629 -13.87 58.53 -18.79
CA ALA D 629 -13.57 59.15 -20.07
C ALA D 629 -13.84 58.23 -21.25
N TYR D 630 -14.41 58.78 -22.32
CA TYR D 630 -14.73 58.00 -23.52
C TYR D 630 -13.53 57.26 -24.12
N SER D 631 -12.34 57.85 -24.01
CA SER D 631 -11.13 57.23 -24.59
C SER D 631 -10.04 57.06 -23.51
N PRO D 632 -10.13 55.99 -22.68
CA PRO D 632 -9.15 55.83 -21.60
C PRO D 632 -7.75 55.57 -22.15
N GLN D 633 -6.74 56.18 -21.53
CA GLN D 633 -5.36 56.09 -21.97
C GLN D 633 -4.54 55.46 -20.84
N SER D 634 -3.62 54.56 -21.21
CA SER D 634 -2.60 54.05 -20.28
C SER D 634 -1.23 54.20 -20.94
N ASN D 635 -0.43 55.13 -20.44
CA ASN D 635 0.82 55.51 -21.10
C ASN D 635 1.96 54.79 -20.46
N PHE D 636 2.67 53.95 -21.23
CA PHE D 636 3.72 53.08 -20.67
C PHE D 636 5.04 53.86 -20.65
N THR D 637 5.05 54.97 -19.91
CA THR D 637 6.20 55.87 -19.85
C THR D 637 7.34 55.26 -19.04
N GLU D 638 7.04 54.29 -18.18
CA GLU D 638 8.09 53.48 -17.53
C GLU D 638 8.98 52.68 -18.50
N GLY D 639 8.60 52.58 -19.79
CA GLY D 639 9.42 51.85 -20.76
C GLY D 639 9.52 50.38 -20.41
N VAL D 640 10.74 49.84 -20.47
CA VAL D 640 10.98 48.42 -20.13
C VAL D 640 10.97 48.08 -18.63
N PHE D 641 10.84 49.09 -17.78
CA PHE D 641 11.02 48.90 -16.34
C PHE D 641 9.73 48.47 -15.66
N ILE D 642 9.41 47.19 -15.78
CA ILE D 642 8.32 46.57 -15.04
C ILE D 642 8.89 45.55 -14.08
N ASP D 643 8.09 45.23 -13.05
CA ASP D 643 8.46 44.26 -12.04
C ASP D 643 9.89 44.51 -11.53
N TYR D 644 10.79 43.51 -11.54
CA TYR D 644 12.11 43.67 -10.90
C TYR D 644 12.99 44.73 -11.57
N ARG D 645 12.80 44.96 -12.87
CA ARG D 645 13.53 46.01 -13.57
C ARG D 645 13.22 47.37 -12.94
N TRP D 646 11.96 47.60 -12.59
CA TRP D 646 11.56 48.83 -11.89
C TRP D 646 12.19 48.96 -10.51
N PHE D 647 12.04 47.93 -9.68
CA PHE D 647 12.60 47.93 -8.31
C PHE D 647 14.11 48.16 -8.31
N ASP D 648 14.80 47.52 -9.25
CA ASP D 648 16.28 47.60 -9.36
C ASP D 648 16.74 49.00 -9.73
N LYS D 649 16.10 49.60 -10.74
CA LYS D 649 16.46 50.92 -11.25
C LYS D 649 16.25 52.02 -10.22
N MET D 650 15.11 51.98 -9.53
CA MET D 650 14.73 53.01 -8.57
C MET D 650 15.28 52.79 -7.16
N GLY D 651 16.09 51.75 -6.94
CA GLY D 651 16.65 51.46 -5.62
C GLY D 651 15.61 51.02 -4.61
N ILE D 652 14.54 50.35 -5.06
CA ILE D 652 13.46 49.95 -4.16
C ILE D 652 13.70 48.51 -3.73
N THR D 653 13.65 48.27 -2.42
CA THR D 653 13.89 46.95 -1.84
C THR D 653 12.55 46.24 -1.67
N PRO D 654 12.34 45.14 -2.43
CA PRO D 654 11.12 44.38 -2.25
C PRO D 654 11.25 43.51 -1.03
N ARG D 655 10.12 43.03 -0.53
CA ARG D 655 10.15 42.09 0.59
C ARG D 655 10.84 40.79 0.16
N TYR D 656 10.34 40.21 -0.94
CA TYR D 656 10.95 39.05 -1.59
C TYR D 656 11.15 39.39 -3.08
N GLU D 657 12.37 39.25 -3.55
CA GLU D 657 12.74 39.67 -4.87
C GLU D 657 12.36 38.59 -5.87
N PHE D 658 12.31 38.99 -7.15
CA PHE D 658 12.16 38.08 -8.28
C PHE D 658 13.19 36.95 -8.26
N GLY D 659 12.69 35.72 -8.39
CA GLY D 659 13.50 34.51 -8.31
C GLY D 659 14.01 34.18 -6.93
N PHE D 660 13.28 34.57 -5.88
CA PHE D 660 13.62 34.21 -4.51
C PHE D 660 12.78 33.01 -4.07
N GLY D 661 13.44 32.03 -3.47
CA GLY D 661 12.79 30.95 -2.74
C GLY D 661 13.80 30.21 -1.91
N LEU D 662 13.43 29.89 -0.68
CA LEU D 662 14.30 29.17 0.26
C LEU D 662 14.21 27.65 0.06
N SER D 663 15.27 26.94 0.45
CA SER D 663 15.27 25.47 0.52
C SER D 663 15.28 25.05 2.01
N TYR D 664 15.45 23.75 2.26
CA TYR D 664 15.82 23.26 3.61
C TYR D 664 17.33 23.09 3.77
N THR D 665 18.09 23.50 2.76
CA THR D 665 19.54 23.55 2.79
C THR D 665 20.01 24.88 2.15
N THR D 666 21.31 25.00 1.86
CA THR D 666 21.86 26.19 1.20
C THR D 666 22.88 25.76 0.17
N PHE D 667 23.15 26.66 -0.77
CA PHE D 667 24.04 26.38 -1.89
C PHE D 667 25.08 27.45 -2.04
N THR D 668 26.31 27.02 -2.35
CA THR D 668 27.42 27.93 -2.57
C THR D 668 27.81 27.84 -4.03
N TYR D 669 27.91 29.03 -4.65
CA TYR D 669 28.26 29.18 -6.04
C TYR D 669 29.76 29.42 -6.17
N SER D 670 30.36 28.87 -7.23
CA SER D 670 31.78 29.01 -7.51
C SER D 670 32.06 28.83 -8.99
N ASN D 671 33.26 29.22 -9.39
CA ASN D 671 33.87 28.84 -10.68
C ASN D 671 33.06 29.27 -11.91
N LEU D 672 32.85 30.58 -12.03
CA LEU D 672 32.11 31.18 -13.15
C LEU D 672 32.98 31.10 -14.41
N ILE D 673 32.42 30.57 -15.50
CA ILE D 673 33.18 30.38 -16.74
C ILE D 673 32.35 30.84 -17.92
N VAL D 674 32.92 31.73 -18.74
CA VAL D 674 32.30 32.21 -19.96
C VAL D 674 33.05 31.55 -21.09
N ASP D 675 32.34 30.73 -21.87
CA ASP D 675 32.97 29.93 -22.89
C ASP D 675 32.57 30.42 -24.28
N HIS D 676 33.44 31.25 -24.84
CA HIS D 676 33.25 31.82 -26.19
C HIS D 676 33.42 30.79 -27.27
N GLY D 677 34.15 29.71 -26.98
CA GLY D 677 34.23 28.56 -27.88
C GLY D 677 32.93 27.77 -28.04
N ARG D 678 31.98 27.93 -27.09
CA ARG D 678 30.76 27.10 -27.03
C ARG D 678 29.57 27.78 -27.73
N TRP D 679 29.60 27.74 -29.05
CA TRP D 679 28.61 28.40 -29.90
C TRP D 679 27.91 27.37 -30.78
N ALA D 680 26.79 27.76 -31.34
CA ALA D 680 25.97 26.84 -32.13
C ALA D 680 24.99 27.57 -33.03
N LYS D 681 24.98 27.19 -34.31
CA LYS D 681 23.91 27.60 -35.21
C LYS D 681 22.58 27.07 -34.66
N ASP D 682 21.52 27.85 -34.82
CA ASP D 682 20.16 27.45 -34.43
C ASP D 682 19.47 26.67 -35.58
N TYR D 683 19.27 25.38 -35.39
CA TYR D 683 18.42 24.54 -36.30
C TYR D 683 17.14 24.02 -35.62
N SER D 684 16.99 24.27 -34.33
CA SER D 684 15.94 23.65 -33.52
C SER D 684 14.52 24.15 -33.81
N SER D 685 14.37 25.45 -34.06
CA SER D 685 13.04 26.10 -34.04
C SER D 685 12.10 25.55 -35.10
N VAL D 686 10.81 25.55 -34.79
CA VAL D 686 9.78 25.04 -35.68
C VAL D 686 9.56 26.06 -36.80
N MET D 687 9.49 27.35 -36.43
CA MET D 687 9.31 28.45 -37.39
C MET D 687 10.35 29.54 -37.16
N GLU D 688 10.57 30.36 -38.18
CA GLU D 688 11.55 31.43 -38.10
C GLU D 688 10.89 32.78 -38.17
N THR D 689 11.44 33.74 -37.44
CA THR D 689 11.07 35.15 -37.59
C THR D 689 11.86 35.81 -38.73
N ALA D 690 11.51 37.05 -39.05
CA ALA D 690 12.31 37.90 -39.96
C ALA D 690 12.79 39.16 -39.21
N GLU D 691 13.21 38.98 -37.96
CA GLU D 691 13.71 40.07 -37.13
C GLU D 691 15.07 40.53 -37.66
N PRO D 692 15.19 41.81 -38.05
CA PRO D 692 16.45 42.25 -38.63
C PRO D 692 17.46 42.54 -37.55
N PHE D 693 18.72 42.22 -37.84
CA PHE D 693 19.80 42.50 -36.92
C PHE D 693 21.11 42.84 -37.65
N ALA D 694 21.92 43.65 -36.99
CA ALA D 694 23.11 44.27 -37.62
C ALA D 694 24.14 43.26 -38.11
N GLU D 695 24.28 42.15 -37.39
CA GLU D 695 25.34 41.17 -37.64
C GLU D 695 24.88 40.10 -38.65
N TRP D 696 23.69 40.26 -39.24
CA TRP D 696 23.19 39.32 -40.25
C TRP D 696 24.10 39.29 -41.46
N ASP D 697 24.44 38.09 -41.92
CA ASP D 697 25.30 37.89 -43.08
C ASP D 697 24.72 36.94 -44.13
N GLY D 698 23.43 36.64 -44.03
CA GLY D 698 22.76 35.75 -44.98
C GLY D 698 22.65 34.28 -44.59
N THR D 699 23.53 33.80 -43.71
CA THR D 699 23.46 32.42 -43.15
C THR D 699 23.01 32.35 -41.68
N ASN D 700 23.48 33.29 -40.86
CA ASN D 700 23.31 33.28 -39.39
C ASN D 700 21.91 33.75 -38.91
N SER D 701 21.73 33.83 -37.58
CA SER D 701 20.44 34.08 -36.96
C SER D 701 20.57 34.89 -35.68
N LEU D 702 19.53 35.64 -35.37
CA LEU D 702 19.44 36.38 -34.10
C LEU D 702 19.42 35.41 -32.88
N TYR D 703 19.04 34.16 -33.13
CA TYR D 703 18.89 33.10 -32.10
C TYR D 703 20.00 32.04 -32.09
N ASP D 704 21.08 32.26 -32.84
CA ASP D 704 22.30 31.45 -32.67
C ASP D 704 22.88 31.67 -31.29
N VAL D 705 23.36 30.59 -30.65
CA VAL D 705 24.04 30.74 -29.36
C VAL D 705 25.48 31.09 -29.68
N ILE D 706 25.94 32.17 -29.07
CA ILE D 706 27.25 32.78 -29.37
C ILE D 706 28.29 32.48 -28.32
N PHE D 707 27.83 32.24 -27.10
CA PHE D 707 28.66 31.64 -26.08
C PHE D 707 27.77 30.97 -25.02
N THR D 708 28.40 30.18 -24.15
CA THR D 708 27.73 29.46 -23.09
C THR D 708 28.50 29.75 -21.81
N VAL D 709 27.78 29.99 -20.72
CA VAL D 709 28.42 30.28 -19.44
C VAL D 709 28.08 29.18 -18.46
N PHE D 710 29.04 28.85 -17.61
CA PHE D 710 28.90 27.79 -16.63
C PHE D 710 29.27 28.29 -15.25
N ALA D 711 28.64 27.68 -14.27
CA ALA D 711 29.06 27.83 -12.89
C ALA D 711 28.78 26.52 -12.16
N THR D 712 29.34 26.43 -10.96
CA THR D 712 29.20 25.28 -10.12
C THR D 712 28.41 25.67 -8.87
N ILE D 713 27.49 24.79 -8.47
CA ILE D 713 26.85 24.90 -7.16
C ILE D 713 27.29 23.72 -6.33
N THR D 714 27.48 23.96 -5.04
CA THR D 714 27.77 22.92 -4.08
C THR D 714 26.70 22.98 -3.00
N ASN D 715 26.21 21.83 -2.55
CA ASN D 715 25.26 21.75 -1.43
C ASN D 715 26.02 21.88 -0.10
N THR D 716 25.77 23.00 0.56
CA THR D 716 26.58 23.51 1.66
C THR D 716 25.83 23.49 3.04
N GLY D 717 24.64 22.86 3.09
CA GLY D 717 23.86 22.67 4.33
C GLY D 717 23.67 21.20 4.73
N ASN D 718 22.59 20.91 5.47
CA ASN D 718 22.37 19.61 6.18
C ASN D 718 21.54 18.59 5.43
N LEU D 719 20.96 18.97 4.31
CA LEU D 719 19.92 18.16 3.65
C LEU D 719 20.04 18.23 2.14
N THR D 720 19.55 17.19 1.48
CA THR D 720 19.39 17.15 0.02
C THR D 720 18.40 18.24 -0.43
N GLY D 721 18.68 18.85 -1.58
CA GLY D 721 17.81 19.88 -2.11
C GLY D 721 18.07 20.20 -3.56
N SER D 722 17.01 20.59 -4.27
CA SER D 722 17.13 21.13 -5.62
C SER D 722 17.34 22.65 -5.55
N GLU D 723 17.99 23.20 -6.58
CA GLU D 723 18.33 24.63 -6.66
C GLU D 723 18.18 25.18 -8.09
N VAL D 724 17.37 26.24 -8.20
CA VAL D 724 17.25 27.01 -9.42
C VAL D 724 18.37 28.04 -9.48
N ALA D 725 19.39 27.78 -10.30
CA ALA D 725 20.41 28.78 -10.59
C ALA D 725 19.90 29.72 -11.68
N GLN D 726 20.14 31.03 -11.48
CA GLN D 726 19.72 32.10 -12.42
C GLN D 726 20.93 32.87 -12.94
N LEU D 727 20.91 33.21 -14.22
CA LEU D 727 21.94 34.05 -14.81
C LEU D 727 21.29 35.36 -15.21
N TYR D 728 21.98 36.46 -14.92
CA TYR D 728 21.52 37.81 -15.28
C TYR D 728 22.60 38.56 -16.05
N ILE D 729 22.21 39.34 -17.06
CA ILE D 729 23.16 40.15 -17.82
C ILE D 729 22.81 41.62 -17.70
N SER D 730 23.82 42.46 -17.47
CA SER D 730 23.67 43.92 -17.59
C SER D 730 24.15 44.34 -18.99
N ILE D 731 23.21 44.66 -19.85
CA ILE D 731 23.53 45.13 -21.21
C ILE D 731 23.80 46.63 -21.14
N PRO D 732 24.93 47.11 -21.69
CA PRO D 732 25.22 48.55 -21.54
C PRO D 732 24.39 49.46 -22.44
N GLY D 733 24.47 50.76 -22.16
CA GLY D 733 23.75 51.78 -22.93
C GLY D 733 22.88 52.66 -22.06
N ASP D 734 22.20 53.61 -22.72
CA ASP D 734 21.42 54.64 -22.03
C ASP D 734 20.17 54.01 -21.46
N ASN D 735 19.86 54.32 -20.22
CA ASN D 735 18.59 53.94 -19.59
C ASN D 735 18.28 52.44 -19.75
N GLN D 736 19.27 51.62 -19.39
CA GLN D 736 19.16 50.17 -19.46
C GLN D 736 18.83 49.58 -18.09
N PRO D 737 18.15 48.42 -18.08
CA PRO D 737 17.99 47.73 -16.81
C PRO D 737 19.33 47.38 -16.15
N VAL D 738 19.38 47.54 -14.83
CA VAL D 738 20.52 47.12 -14.01
C VAL D 738 20.91 45.68 -14.37
N ARG D 739 19.91 44.82 -14.52
CA ARG D 739 20.15 43.44 -14.92
C ARG D 739 18.89 42.82 -15.54
N GLN D 740 19.11 41.87 -16.42
CA GLN D 740 18.03 41.17 -17.11
C GLN D 740 18.33 39.68 -17.05
N LEU D 741 17.32 38.90 -16.63
CA LEU D 741 17.42 37.43 -16.65
C LEU D 741 17.68 36.94 -18.07
N ARG D 742 18.73 36.14 -18.21
CA ARG D 742 19.06 35.48 -19.49
C ARG D 742 19.41 33.99 -19.35
N GLY D 743 19.13 33.40 -18.20
CA GLY D 743 19.30 31.96 -18.03
C GLY D 743 18.72 31.44 -16.74
N PHE D 744 18.33 30.19 -16.74
CA PHE D 744 18.04 29.45 -15.53
C PHE D 744 18.25 27.94 -15.74
N ASP D 745 18.69 27.26 -14.69
CA ASP D 745 18.97 25.82 -14.73
C ASP D 745 18.68 25.29 -13.33
N LYS D 746 17.76 24.31 -13.23
CA LYS D 746 17.39 23.72 -11.94
C LYS D 746 18.09 22.37 -11.77
N ILE D 747 18.99 22.33 -10.80
CA ILE D 747 19.68 21.11 -10.40
C ILE D 747 18.75 20.34 -9.46
N LYS D 748 18.52 19.06 -9.76
CA LYS D 748 17.61 18.23 -8.97
C LYS D 748 18.32 17.45 -7.87
N ASP D 749 17.80 17.57 -6.65
CA ASP D 749 18.14 16.64 -5.57
C ASP D 749 19.65 16.48 -5.34
N LEU D 750 20.33 17.61 -5.18
CA LEU D 750 21.78 17.63 -4.96
C LEU D 750 22.09 17.11 -3.55
N PRO D 751 22.82 16.00 -3.43
CA PRO D 751 23.13 15.54 -2.08
C PRO D 751 24.13 16.44 -1.34
N VAL D 752 24.12 16.32 -0.01
CA VAL D 752 24.98 17.09 0.89
C VAL D 752 26.44 16.94 0.47
N GLY D 753 27.11 18.08 0.30
CA GLY D 753 28.50 18.11 -0.13
C GLY D 753 28.76 17.85 -1.61
N ASP D 754 27.76 17.44 -2.38
CA ASP D 754 27.97 17.18 -3.81
C ASP D 754 27.93 18.49 -4.59
N SER D 755 28.43 18.43 -5.81
CA SER D 755 28.56 19.60 -6.69
C SER D 755 27.96 19.28 -8.04
N ALA D 756 27.35 20.29 -8.66
CA ALA D 756 26.85 20.14 -10.02
C ALA D 756 27.11 21.39 -10.86
N VAL D 757 27.32 21.18 -12.16
CA VAL D 757 27.54 22.27 -13.11
C VAL D 757 26.20 22.76 -13.68
N VAL D 758 26.02 24.07 -13.60
CA VAL D 758 24.84 24.73 -14.12
C VAL D 758 25.26 25.34 -15.49
N THR D 759 24.38 25.27 -16.49
CA THR D 759 24.73 25.60 -17.88
C THR D 759 23.77 26.65 -18.48
N PHE D 760 24.33 27.71 -19.06
CA PHE D 760 23.56 28.85 -19.57
C PHE D 760 23.96 29.22 -21.01
N PRO D 761 23.26 28.67 -22.03
CA PRO D 761 23.55 29.09 -23.41
C PRO D 761 23.04 30.49 -23.69
N ILE D 762 23.87 31.35 -24.30
CA ILE D 762 23.49 32.75 -24.57
C ILE D 762 23.35 33.00 -26.10
N ARG D 763 22.14 33.40 -26.51
CA ARG D 763 21.85 33.72 -27.90
C ARG D 763 22.28 35.15 -28.20
N ARG D 764 22.45 35.45 -29.49
CA ARG D 764 22.74 36.82 -29.94
C ARG D 764 21.68 37.80 -29.44
N LYS D 765 20.40 37.41 -29.52
CA LYS D 765 19.28 38.24 -29.02
C LYS D 765 19.38 38.54 -27.53
N ASP D 766 19.86 37.58 -26.75
CA ASP D 766 20.01 37.75 -25.29
C ASP D 766 21.02 38.82 -24.87
N VAL D 767 21.83 39.25 -25.82
CA VAL D 767 22.91 40.19 -25.59
C VAL D 767 22.66 41.49 -26.39
N SER D 768 21.47 41.62 -26.99
CA SER D 768 21.18 42.67 -27.96
C SER D 768 20.25 43.77 -27.43
N SER D 769 20.16 44.83 -28.22
CA SER D 769 19.27 45.96 -27.98
C SER D 769 18.57 46.27 -29.29
N TRP D 770 17.42 46.93 -29.20
CA TRP D 770 16.68 47.38 -30.36
C TRP D 770 17.07 48.83 -30.60
N SER D 771 17.52 49.11 -31.83
CA SER D 771 17.75 50.47 -32.29
C SER D 771 16.46 51.00 -32.92
N VAL D 772 15.89 52.05 -32.32
CA VAL D 772 14.72 52.72 -32.85
C VAL D 772 15.11 53.41 -34.16
N VAL D 773 16.28 54.05 -34.16
CA VAL D 773 16.81 54.80 -35.32
C VAL D 773 16.97 53.89 -36.52
N ASP D 774 17.72 52.79 -36.36
CA ASP D 774 17.99 51.82 -37.45
C ASP D 774 16.90 50.73 -37.66
N GLN D 775 15.96 50.59 -36.71
CA GLN D 775 14.91 49.56 -36.76
C GLN D 775 15.49 48.15 -36.98
N LEU D 776 16.34 47.74 -36.04
CA LEU D 776 16.98 46.42 -36.04
C LEU D 776 17.61 46.12 -34.67
N TRP D 777 17.81 44.83 -34.39
CA TRP D 777 18.57 44.39 -33.21
C TRP D 777 20.08 44.53 -33.44
N TYR D 778 20.81 44.88 -32.40
CA TYR D 778 22.27 44.95 -32.48
C TYR D 778 22.88 44.64 -31.13
N VAL D 779 24.09 44.11 -31.15
CA VAL D 779 24.87 43.89 -29.91
C VAL D 779 25.65 45.18 -29.63
N PRO D 780 25.30 45.90 -28.56
CA PRO D 780 25.96 47.18 -28.35
C PRO D 780 27.42 47.02 -27.90
N ASN D 781 28.13 48.15 -27.85
CA ASN D 781 29.50 48.18 -27.33
C ASN D 781 29.57 48.64 -25.88
N GLY D 782 30.61 48.17 -25.19
CA GLY D 782 30.85 48.49 -23.78
C GLY D 782 31.04 47.23 -22.98
N ASP D 783 30.80 47.33 -21.68
CA ASP D 783 30.96 46.22 -20.74
C ASP D 783 29.60 45.56 -20.40
N PHE D 784 29.54 44.24 -20.56
CA PHE D 784 28.39 43.43 -20.13
C PHE D 784 28.71 42.74 -18.80
N LEU D 785 27.97 43.04 -17.74
CA LEU D 785 28.19 42.33 -16.47
C LEU D 785 27.32 41.07 -16.46
N ILE D 786 27.98 39.90 -16.39
CA ILE D 786 27.30 38.61 -16.30
C ILE D 786 27.33 38.14 -14.85
N SER D 787 26.16 37.98 -14.23
CA SER D 787 26.08 37.58 -12.84
C SER D 787 25.20 36.34 -12.65
N VAL D 788 25.62 35.47 -11.72
CA VAL D 788 24.96 34.19 -11.49
C VAL D 788 24.73 33.98 -9.99
N GLY D 789 23.56 33.45 -9.66
CA GLY D 789 23.25 33.11 -8.27
C GLY D 789 21.83 32.60 -8.11
N GLY D 790 21.40 32.51 -6.86
CA GLY D 790 20.12 31.94 -6.49
C GLY D 790 18.91 32.86 -6.47
N SER D 791 19.12 34.17 -6.75
CA SER D 791 18.00 35.11 -6.97
C SER D 791 18.43 36.36 -7.74
N SER D 792 17.49 37.25 -8.03
CA SER D 792 17.80 38.54 -8.67
C SER D 792 18.64 39.47 -7.80
N ARG D 793 18.68 39.26 -6.49
CA ARG D 793 19.54 40.05 -5.60
C ARG D 793 20.49 39.22 -4.73
N ASP D 794 20.71 37.96 -5.12
CA ASP D 794 21.64 37.08 -4.43
C ASP D 794 22.53 36.43 -5.49
N LEU D 795 23.55 37.15 -5.89
CA LEU D 795 24.39 36.80 -7.03
C LEU D 795 25.87 36.82 -6.62
N PRO D 796 26.35 35.71 -6.02
CA PRO D 796 27.74 35.69 -5.57
C PRO D 796 28.78 35.73 -6.69
N LEU D 797 28.41 35.39 -7.92
CA LEU D 797 29.37 35.35 -9.01
C LEU D 797 29.11 36.44 -10.04
N ASN D 798 30.18 37.08 -10.51
CA ASN D 798 30.07 38.03 -11.60
C ASN D 798 31.38 38.08 -12.41
N THR D 799 31.25 38.44 -13.69
CA THR D 799 32.41 38.75 -14.54
C THR D 799 31.96 39.63 -15.71
N THR D 800 32.92 40.33 -16.30
CA THR D 800 32.67 41.29 -17.36
C THR D 800 33.07 40.74 -18.73
N TRP D 801 32.16 40.86 -19.70
CA TRP D 801 32.44 40.54 -21.10
C TRP D 801 32.37 41.82 -21.95
N THR D 802 33.43 42.07 -22.72
CA THR D 802 33.54 43.21 -23.63
C THR D 802 33.82 42.68 -25.04
N PRO D 803 32.81 42.68 -25.94
CA PRO D 803 33.05 42.19 -27.31
C PRO D 803 33.97 43.09 -28.13
N HIS D 804 34.43 42.57 -29.26
CA HIS D 804 35.28 43.29 -30.24
C HIS D 804 36.68 43.62 -29.70
#